data_8DEJ
#
_entry.id   8DEJ
#
_cell.length_a   1.00
_cell.length_b   1.00
_cell.length_c   1.00
_cell.angle_alpha   90.00
_cell.angle_beta   90.00
_cell.angle_gamma   90.00
#
_symmetry.space_group_name_H-M   'P 1'
#
loop_
_entity.id
_entity.type
_entity.pdbx_description
1 polymer 'pre-crRNA processing endonuclease'
2 polymer 'CRISPR-associated protein, TM1801 family'
3 polymer 'CRISPR-associated protein, CT1133 family'
4 polymer 'CRISPR-associated protein, CT1133 family'
5 polymer 'RNA (47-MER)'
6 polymer 'DNA (40-MER)'
7 polymer 'DNA (48-MER)'
#
loop_
_entity_poly.entity_id
_entity_poly.type
_entity_poly.pdbx_seq_one_letter_code
_entity_poly.pdbx_strand_id
1 'polypeptide(L)'
;MTHGAVKTYGIRLRVWGDYACFTRPEMKVERVSYDVMPPSAARGILEAIHWKPAIRWIVDRIHVLRPIVFDNVRRNEVSS
KIPKPNPATAMRDRKPLYFLVDDGSNRQQRAATLLRNVDYVIEAHFELTDKAGAEDNAGKHLDIFRRRARAGQSFQQPCL
GCREFPASFELLEGDVPLSCYAGEKRDLGYMLLDIDFERDMTPLFFKAVMEDDVITPPSRTSPEVRA
;
A
2 'polypeptide(L)'
;MTAIANRYEFVLLFDVENGNPNGDPDAGNMPRIDPETGHGLVTDVCLKRKIRNHVALTKEGAERFNIYIQEKAILNETHE
RAYTACDLKPEPKKLPKKVEDAKRVTDWMCTNFYDIRTFGAVMTTEVNCGQVRGPVQMAFARSVEPVVPQEVSITRMAVT
TKAEAEKQQGDNRTMGRKHIVPYGLYVAHGFISAPLAEKTGFSDEDLTLFWDALVNMFEHDRSAARGLMSSRKLIVFKHQ
NRLGNAPAHKLFDLVKVSRAEGSSGPARSFADYAVTVGQAPEGVEVKEML
;
B,C,D,E,F,G,H
3 'polypeptide(L)'
;MILQALHGYYQRMSADPDAGMPPYGTSMENISFALVLDAKGTLRGIEDLREQEGKKLRPRKMLVPIAEKKGNGIKPNFLW
ENTSYILGVDAKGKQERTDKCHAAFIAHIKAYCDTADQDLAAVLQFLEHGEKDLSAFPVSEEVIGSNIVFRIEGEPGFVH
ERPAARQAWANCLNRREQGLCGQCLITGERQKPIAQLHPSIKGGRDGVRGAQAVASIVSFNNTAFESYGKEQSINAPVSQ
EAAFSYVTALNYLLNPSNRQKVTIADATVVFWAERSSPAEDIFAGMFDPPSTTAKPESSNGTPPEDSEEGSQPDTARDDP
HAAARMHDLLVAIRSGKRATDIMPDMDESVRFHVLGLSPNAARLSVRFWEVDTVGHMLDKVGRHYRELEIIPQFNNEQEF
PSLSTLLRQTAVLNKTENISPVLAGGLFRAMLTGGPYPQSLLPAVLGRIRAEHARPEDKSRYRLEVVTYYRAALIKAYLI
RNRKLEVPVSLDPARTDRPYLLGRLFAVLEKAQEDAVPGANATIKDRYLASASANPGQVFHMLLKNASNHTAKLRKDPER
KGSAIHYEIMMQEIIDNISDFPVTMSSDEQGLFMIGYYHQRKALFTKKNKEN
;
I
4 'polypeptide(L)'
;VSLDPARTDRPYLLGRLFAVLEKAQEDAVPGANATIKDRYLASASANPGQVFHMLLKNASNHTAKLRKDPERKGSAIHYE
IMMQEIIDNISDFPVTMSSDEQGLFMIGYYHQRKALFTKKNKEN
;
J,K
5 'polyribonucleotide' GGAUUGAAACGCCAUGCUCAGGCUGGCGAGUGGGCGCCACUCUCCAA L
6 'polydeoxyribonucleotide'
;(DC)(DT)(DG)(DG)(DA)(DG)(DG)(DA)(DG)(DT)(DT)(DT)(DT)(DC)(DG)(DC)(DC)(DA)(DT)(DG)
(DC)(DT)(DC)(DA)(DG)(DA)(DC)(DT)(DG)(DG)(DC)(DG)(DA)(DG)(DT)(DT)(DC)(DG)(DC)(DG)
;
M
7 'polydeoxyribonucleotide/polyribonucleotide hybrid'
;(DA)(DA)(DG)(DA)(DG)(DT)(DG)(DG)(DC)(DG)(DC)(DG)(DC)(DA)(DC)(DT)(DC)(DG)(DC)(DC)
(DA)(DG)(DC)(DC)(DT)G(DA)(DG)C(DA)(DT)(DG)(DG)(DC)(DG)(DA)(DA)(DA)(DA)(DC)(DT)
(DC)(DC)(DT)(DC)(DC)(DA)(DG)
;
N
#
# COMPACT_ATOMS: atom_id res chain seq x y z
N THR A 8 47.60 -66.01 26.03
CA THR A 8 48.25 -66.70 27.19
C THR A 8 47.32 -66.66 28.39
N TYR A 9 47.35 -65.55 29.12
CA TYR A 9 46.51 -65.36 30.27
C TYR A 9 46.32 -63.86 30.48
N GLY A 10 45.29 -63.52 31.25
CA GLY A 10 44.88 -62.13 31.38
C GLY A 10 43.89 -61.76 30.29
N ILE A 11 43.23 -60.63 30.50
CA ILE A 11 42.08 -60.24 29.70
C ILE A 11 42.22 -58.80 29.24
N ARG A 12 41.53 -58.47 28.16
CA ARG A 12 41.40 -57.11 27.67
C ARG A 12 39.94 -56.72 27.66
N LEU A 13 39.61 -55.62 28.33
CA LEU A 13 38.23 -55.16 28.46
C LEU A 13 38.16 -53.69 28.09
N ARG A 14 37.05 -53.30 27.48
CA ARG A 14 36.85 -51.93 27.03
C ARG A 14 35.65 -51.32 27.76
N VAL A 15 35.76 -50.04 28.10
CA VAL A 15 34.74 -49.34 28.86
C VAL A 15 34.66 -47.91 28.35
N TRP A 16 33.46 -47.33 28.39
CA TRP A 16 33.26 -45.97 27.92
C TRP A 16 32.01 -45.39 28.54
N GLY A 17 31.90 -44.07 28.48
CA GLY A 17 30.78 -43.37 29.08
C GLY A 17 30.89 -41.89 28.80
N ASP A 18 29.96 -41.13 29.38
CA ASP A 18 29.89 -39.70 29.14
C ASP A 18 30.40 -38.86 30.31
N TYR A 19 30.34 -39.38 31.53
CA TYR A 19 30.76 -38.64 32.70
C TYR A 19 31.65 -39.52 33.56
N ALA A 20 32.56 -38.89 34.30
CA ALA A 20 33.42 -39.62 35.21
C ALA A 20 34.01 -38.63 36.21
N CYS A 21 34.38 -39.15 37.38
CA CYS A 21 34.95 -38.30 38.42
C CYS A 21 35.80 -39.18 39.34
N PHE A 22 37.12 -39.03 39.25
CA PHE A 22 38.07 -39.71 40.11
C PHE A 22 38.71 -38.62 40.98
N THR A 23 38.10 -38.36 42.13
CA THR A 23 38.48 -37.21 42.92
C THR A 23 39.90 -37.34 43.45
N ARG A 24 40.64 -36.24 43.42
CA ARG A 24 41.97 -36.21 43.98
C ARG A 24 41.87 -36.17 45.51
N PRO A 25 42.71 -36.89 46.23
CA PRO A 25 42.55 -36.93 47.70
C PRO A 25 42.61 -35.56 48.36
N GLU A 26 43.43 -34.65 47.85
CA GLU A 26 43.70 -33.40 48.53
C GLU A 26 42.74 -32.28 48.14
N MET A 27 41.74 -32.55 47.32
CA MET A 27 40.75 -31.55 46.93
C MET A 27 39.37 -32.20 47.01
N LYS A 28 39.16 -32.95 48.08
CA LYS A 28 38.00 -33.81 48.22
C LYS A 28 36.72 -33.02 48.47
N VAL A 29 36.77 -32.00 49.33
CA VAL A 29 35.55 -31.26 49.66
C VAL A 29 34.99 -30.57 48.42
N GLU A 30 35.87 -29.93 47.63
CA GLU A 30 35.50 -29.39 46.33
C GLU A 30 36.09 -30.31 45.27
N ARG A 31 35.26 -31.21 44.78
CA ARG A 31 35.77 -32.33 43.97
C ARG A 31 36.52 -31.83 42.75
N VAL A 32 37.72 -32.39 42.54
CA VAL A 32 38.49 -32.20 41.33
C VAL A 32 39.04 -33.56 40.93
N SER A 33 38.94 -33.90 39.65
CA SER A 33 39.24 -35.24 39.19
C SER A 33 40.64 -35.34 38.63
N TYR A 34 41.21 -36.54 38.72
CA TYR A 34 42.48 -36.81 38.06
C TYR A 34 42.30 -36.68 36.55
N ASP A 35 43.43 -36.78 35.83
CA ASP A 35 43.37 -36.75 34.37
C ASP A 35 43.01 -38.10 33.78
N VAL A 36 43.32 -39.19 34.50
CA VAL A 36 43.02 -40.53 34.03
C VAL A 36 42.68 -41.41 35.22
N MET A 37 42.00 -42.51 34.95
CA MET A 37 41.53 -43.37 36.01
C MET A 37 42.71 -44.00 36.74
N PRO A 38 42.78 -43.89 38.06
CA PRO A 38 43.86 -44.55 38.79
C PRO A 38 43.62 -46.04 38.88
N PRO A 39 44.66 -46.83 39.21
CA PRO A 39 44.47 -48.28 39.27
C PRO A 39 43.41 -48.73 40.24
N SER A 40 43.17 -47.99 41.32
CA SER A 40 42.19 -48.42 42.31
C SER A 40 40.79 -48.51 41.70
N ALA A 41 40.43 -47.54 40.87
CA ALA A 41 39.13 -47.61 40.22
C ALA A 41 39.03 -48.83 39.31
N ALA A 42 40.11 -49.14 38.58
CA ALA A 42 40.09 -50.34 37.75
C ALA A 42 39.90 -51.59 38.60
N ARG A 43 40.60 -51.66 39.74
CA ARG A 43 40.35 -52.72 40.70
C ARG A 43 38.86 -52.80 41.05
N GLY A 44 38.27 -51.65 41.34
CA GLY A 44 36.87 -51.64 41.76
C GLY A 44 35.95 -52.17 40.68
N ILE A 45 36.14 -51.73 39.44
CA ILE A 45 35.22 -52.10 38.38
C ILE A 45 35.25 -53.60 38.11
N LEU A 46 36.44 -54.18 38.03
CA LEU A 46 36.54 -55.59 37.70
C LEU A 46 35.84 -56.45 38.73
N GLU A 47 35.99 -56.11 40.01
CA GLU A 47 35.33 -56.89 41.05
C GLU A 47 33.82 -56.83 40.94
N ALA A 48 33.28 -55.87 40.19
CA ALA A 48 31.84 -55.76 40.05
C ALA A 48 31.25 -56.82 39.13
N ILE A 49 32.08 -57.48 38.32
CA ILE A 49 31.59 -58.52 37.43
C ILE A 49 31.70 -59.90 38.07
N HIS A 50 32.87 -60.23 38.60
CA HIS A 50 33.04 -61.49 39.31
C HIS A 50 34.19 -61.36 40.28
N TRP A 51 33.97 -61.83 41.50
CA TRP A 51 35.01 -61.85 42.52
C TRP A 51 34.60 -62.80 43.63
N LYS A 52 35.58 -63.48 44.20
CA LYS A 52 35.36 -64.35 45.34
C LYS A 52 36.51 -64.14 46.32
N PRO A 53 36.33 -64.49 47.58
CA PRO A 53 37.41 -64.27 48.54
C PRO A 53 38.69 -65.02 48.21
N ALA A 54 38.63 -66.01 47.32
CA ALA A 54 39.75 -66.90 47.12
C ALA A 54 40.76 -66.41 46.10
N ILE A 55 40.58 -65.22 45.51
CA ILE A 55 41.43 -64.75 44.43
C ILE A 55 41.71 -63.27 44.57
N ARG A 56 42.62 -62.78 43.73
CA ARG A 56 43.04 -61.38 43.71
C ARG A 56 43.06 -60.87 42.28
N TRP A 57 42.88 -59.55 42.13
CA TRP A 57 43.00 -58.89 40.84
C TRP A 57 44.34 -58.16 40.77
N ILE A 58 45.02 -58.29 39.64
CA ILE A 58 46.29 -57.60 39.40
C ILE A 58 46.15 -56.81 38.11
N VAL A 59 46.37 -55.50 38.19
CA VAL A 59 46.25 -54.60 37.05
C VAL A 59 47.64 -54.43 36.43
N ASP A 60 47.68 -54.35 35.10
CA ASP A 60 48.94 -54.27 34.38
C ASP A 60 49.07 -52.99 33.56
N ARG A 61 48.03 -52.60 32.84
CA ARG A 61 48.13 -51.46 31.93
C ARG A 61 46.77 -50.82 31.75
N ILE A 62 46.79 -49.61 31.21
CA ILE A 62 45.59 -48.87 30.83
C ILE A 62 45.89 -48.11 29.55
N HIS A 63 44.92 -48.05 28.65
CA HIS A 63 45.04 -47.32 27.40
C HIS A 63 44.05 -46.17 27.38
N VAL A 64 44.51 -44.99 26.99
CA VAL A 64 43.67 -43.80 26.88
C VAL A 64 43.45 -43.54 25.40
N LEU A 65 42.19 -43.40 25.01
CA LEU A 65 41.82 -43.35 23.59
C LEU A 65 41.12 -42.06 23.19
N ARG A 66 41.01 -41.09 24.08
CA ARG A 66 40.28 -39.86 23.79
C ARG A 66 41.03 -38.68 24.38
N PRO A 67 40.77 -37.47 23.88
CA PRO A 67 41.39 -36.28 24.48
C PRO A 67 40.81 -35.97 25.85
N ILE A 68 41.40 -34.98 26.51
CA ILE A 68 40.99 -34.61 27.86
C ILE A 68 40.10 -33.37 27.79
N VAL A 69 39.00 -33.40 28.55
CA VAL A 69 38.05 -32.28 28.60
C VAL A 69 37.53 -32.16 30.03
N PHE A 70 37.07 -30.96 30.38
CA PHE A 70 36.58 -30.68 31.72
C PHE A 70 35.27 -29.91 31.68
N ASP A 71 34.53 -29.99 32.78
CA ASP A 71 33.30 -29.24 32.94
C ASP A 71 32.98 -29.14 34.42
N ASN A 72 32.09 -28.20 34.77
CA ASN A 72 31.82 -27.86 36.16
C ASN A 72 30.34 -28.09 36.49
N VAL A 73 30.09 -28.48 37.74
CA VAL A 73 28.74 -28.72 38.24
C VAL A 73 28.71 -28.45 39.73
N ARG A 74 27.56 -27.99 40.21
CA ARG A 74 27.37 -27.63 41.61
C ARG A 74 26.07 -28.24 42.12
N ARG A 75 26.04 -28.60 43.40
CA ARG A 75 24.91 -29.33 43.95
C ARG A 75 24.77 -29.05 45.44
N ASN A 76 23.59 -29.37 45.96
CA ASN A 76 23.30 -29.28 47.39
C ASN A 76 23.61 -30.62 48.04
N GLU A 77 24.15 -30.59 49.26
CA GLU A 77 24.49 -31.82 49.95
C GLU A 77 24.31 -31.72 51.45
N VAL A 78 24.66 -32.79 52.17
CA VAL A 78 24.39 -32.91 53.60
C VAL A 78 25.70 -32.78 54.35
N SER A 79 25.61 -32.48 55.65
CA SER A 79 26.81 -32.16 56.41
C SER A 79 27.33 -33.32 57.23
N SER A 80 26.46 -34.25 57.64
CA SER A 80 26.88 -35.27 58.59
C SER A 80 26.12 -36.57 58.35
N LYS A 81 26.65 -37.64 58.92
CA LYS A 81 26.08 -38.97 58.81
C LYS A 81 25.07 -39.23 59.94
N ILE A 82 24.49 -40.42 59.94
CA ILE A 82 23.44 -40.76 60.91
C ILE A 82 24.03 -41.57 62.06
N PRO A 83 23.46 -41.47 63.26
CA PRO A 83 24.00 -42.24 64.38
C PRO A 83 23.31 -43.59 64.57
N LYS A 84 23.96 -44.43 65.35
CA LYS A 84 23.42 -45.77 65.62
C LYS A 84 22.29 -45.68 66.64
N PRO A 85 21.17 -46.38 66.42
CA PRO A 85 20.09 -46.36 67.39
C PRO A 85 20.18 -47.53 68.36
N ASN A 86 19.26 -47.52 69.33
CA ASN A 86 19.06 -48.64 70.24
C ASN A 86 17.68 -49.23 70.00
N PRO A 87 17.55 -50.38 69.33
CA PRO A 87 16.20 -50.88 69.01
C PRO A 87 15.32 -51.06 70.23
N ALA A 88 15.87 -51.53 71.35
CA ALA A 88 15.04 -51.85 72.51
C ALA A 88 14.27 -50.62 72.99
N THR A 89 15.00 -49.60 73.46
CA THR A 89 14.33 -48.43 74.00
C THR A 89 13.47 -47.74 72.96
N ALA A 90 13.91 -47.76 71.70
CA ALA A 90 13.19 -47.05 70.66
C ALA A 90 11.73 -47.48 70.56
N MET A 91 11.46 -48.77 70.49
CA MET A 91 10.08 -49.24 70.40
C MET A 91 9.35 -49.18 71.73
N ARG A 92 10.05 -49.45 72.83
CA ARG A 92 9.39 -49.52 74.13
C ARG A 92 8.81 -48.17 74.52
N ASP A 93 9.22 -47.10 73.87
CA ASP A 93 8.52 -45.82 73.93
C ASP A 93 8.58 -45.20 72.54
N ARG A 94 7.42 -45.09 71.90
CA ARG A 94 7.38 -44.63 70.51
C ARG A 94 8.08 -43.28 70.39
N LYS A 95 9.05 -43.19 69.49
CA LYS A 95 9.81 -41.98 69.28
C LYS A 95 10.21 -41.88 67.81
N PRO A 96 10.03 -40.72 67.18
CA PRO A 96 10.43 -40.59 65.78
C PRO A 96 11.94 -40.44 65.66
N LEU A 97 12.49 -40.97 64.57
CA LEU A 97 13.91 -40.84 64.24
C LEU A 97 14.02 -40.36 62.81
N TYR A 98 14.95 -39.44 62.57
CA TYR A 98 15.08 -38.85 61.24
C TYR A 98 16.26 -37.89 61.24
N PHE A 99 16.65 -37.49 60.03
CA PHE A 99 17.62 -36.43 59.83
C PHE A 99 16.95 -35.33 59.00
N LEU A 100 17.06 -34.09 59.45
CA LEU A 100 16.33 -32.97 58.85
C LEU A 100 17.29 -32.25 57.92
N VAL A 101 17.13 -32.50 56.62
CA VAL A 101 18.09 -32.01 55.63
C VAL A 101 18.10 -30.49 55.58
N ASP A 102 16.92 -29.88 55.55
CA ASP A 102 16.81 -28.45 55.27
C ASP A 102 17.22 -27.56 56.42
N ASP A 103 17.49 -28.12 57.59
CA ASP A 103 17.60 -27.33 58.81
C ASP A 103 18.98 -26.69 58.94
N GLY A 104 19.03 -25.38 58.78
CA GLY A 104 20.22 -24.63 59.16
C GLY A 104 21.47 -25.13 58.47
N SER A 105 22.53 -25.29 59.28
CA SER A 105 23.84 -25.64 58.74
C SER A 105 23.89 -27.04 58.15
N ASN A 106 22.86 -27.86 58.36
CA ASN A 106 22.88 -29.21 57.80
C ASN A 106 23.07 -29.17 56.29
N ARG A 107 22.62 -28.11 55.64
CA ARG A 107 22.75 -28.00 54.20
C ARG A 107 24.15 -27.51 53.84
N GLN A 108 24.80 -28.22 52.91
CA GLN A 108 26.12 -27.86 52.43
C GLN A 108 26.14 -27.90 50.92
N GLN A 109 26.76 -26.91 50.31
CA GLN A 109 26.84 -26.80 48.86
C GLN A 109 28.27 -27.07 48.42
N ARG A 110 28.42 -27.93 47.41
CA ARG A 110 29.73 -28.37 46.95
C ARG A 110 29.80 -28.27 45.44
N ALA A 111 30.88 -27.71 44.94
CA ALA A 111 31.14 -27.64 43.51
C ALA A 111 31.97 -28.84 43.08
N ALA A 112 32.05 -29.04 41.77
CA ALA A 112 32.79 -30.17 41.23
C ALA A 112 33.22 -29.87 39.81
N THR A 113 34.34 -30.47 39.41
CA THR A 113 34.83 -30.43 38.04
C THR A 113 35.15 -31.85 37.62
N LEU A 114 34.74 -32.21 36.40
CA LEU A 114 34.72 -33.61 36.00
C LEU A 114 34.96 -33.76 34.51
N LEU A 115 35.38 -34.95 34.11
CA LEU A 115 35.61 -35.26 32.72
C LEU A 115 34.30 -35.47 31.99
N ARG A 116 34.32 -35.32 30.66
CA ARG A 116 33.09 -35.31 29.88
C ARG A 116 33.03 -36.35 28.76
N ASN A 117 34.12 -37.07 28.48
CA ASN A 117 34.06 -38.12 27.49
C ASN A 117 35.28 -39.01 27.67
N VAL A 118 35.06 -40.31 27.86
CA VAL A 118 36.12 -41.21 28.27
C VAL A 118 36.03 -42.50 27.47
N ASP A 119 37.15 -43.22 27.45
CA ASP A 119 37.22 -44.55 26.85
C ASP A 119 38.54 -45.16 27.28
N TYR A 120 38.53 -46.44 27.65
CA TYR A 120 39.73 -47.08 28.18
C TYR A 120 39.75 -48.55 27.81
N VAL A 121 40.95 -49.13 27.94
CA VAL A 121 41.15 -50.56 27.78
C VAL A 121 42.02 -51.03 28.94
N ILE A 122 41.66 -52.15 29.55
CA ILE A 122 42.26 -52.60 30.80
C ILE A 122 42.87 -53.98 30.58
N GLU A 123 44.06 -54.19 31.15
CA GLU A 123 44.79 -55.45 31.06
C GLU A 123 45.10 -55.93 32.48
N ALA A 124 44.70 -57.15 32.80
CA ALA A 124 44.82 -57.65 34.16
C ALA A 124 44.87 -59.17 34.13
N HIS A 125 45.12 -59.75 35.30
CA HIS A 125 45.17 -61.19 35.45
C HIS A 125 44.92 -61.55 36.91
N PHE A 126 44.58 -62.82 37.13
CA PHE A 126 44.19 -63.27 38.46
C PHE A 126 45.40 -63.74 39.27
N GLU A 127 45.12 -64.02 40.54
CA GLU A 127 46.11 -64.53 41.48
C GLU A 127 45.37 -65.19 42.63
N LEU A 128 46.00 -66.19 43.23
CA LEU A 128 45.32 -67.00 44.24
C LEU A 128 45.51 -66.41 45.63
N THR A 129 44.40 -66.26 46.34
CA THR A 129 44.43 -65.84 47.74
C THR A 129 44.89 -66.98 48.63
N ASP A 130 45.44 -66.62 49.79
CA ASP A 130 45.92 -67.64 50.71
C ASP A 130 44.80 -68.52 51.23
N LYS A 131 43.65 -67.93 51.55
CA LYS A 131 42.53 -68.69 52.10
C LYS A 131 41.84 -69.56 51.06
N ALA A 132 42.27 -69.51 49.81
CA ALA A 132 41.60 -70.27 48.76
C ALA A 132 41.66 -71.76 49.06
N GLY A 133 40.57 -72.45 48.71
CA GLY A 133 40.54 -73.89 48.85
C GLY A 133 41.44 -74.57 47.82
N ALA A 134 41.85 -75.80 48.15
CA ALA A 134 42.77 -76.53 47.27
C ALA A 134 42.16 -76.76 45.89
N GLU A 135 40.85 -76.98 45.81
CA GLU A 135 40.20 -77.24 44.53
C GLU A 135 40.24 -76.02 43.61
N ASP A 136 40.42 -74.83 44.16
CA ASP A 136 40.35 -73.62 43.36
C ASP A 136 41.45 -73.57 42.32
N ASN A 137 41.07 -73.18 41.10
CA ASN A 137 42.03 -72.95 40.02
C ASN A 137 41.71 -71.62 39.36
N ALA A 138 42.75 -70.85 39.07
CA ALA A 138 42.54 -69.54 38.47
C ALA A 138 41.85 -69.65 37.12
N GLY A 139 42.22 -70.65 36.33
CA GLY A 139 41.64 -70.77 34.99
C GLY A 139 40.14 -70.92 35.01
N LYS A 140 39.62 -71.65 36.00
CA LYS A 140 38.17 -71.83 36.08
C LYS A 140 37.47 -70.49 36.27
N HIS A 141 37.96 -69.70 37.22
CA HIS A 141 37.36 -68.39 37.45
C HIS A 141 37.54 -67.50 36.23
N LEU A 142 38.67 -67.61 35.54
CA LEU A 142 38.87 -66.81 34.34
C LEU A 142 37.84 -67.16 33.27
N ASP A 143 37.58 -68.45 33.08
CA ASP A 143 36.57 -68.86 32.11
C ASP A 143 35.19 -68.39 32.52
N ILE A 144 34.86 -68.49 33.80
CA ILE A 144 33.59 -67.95 34.28
C ILE A 144 33.49 -66.48 33.96
N PHE A 145 34.58 -65.74 34.18
CA PHE A 145 34.59 -64.31 33.91
C PHE A 145 34.35 -64.04 32.44
N ARG A 146 35.00 -64.80 31.56
CA ARG A 146 34.81 -64.60 30.13
C ARG A 146 33.36 -64.88 29.73
N ARG A 147 32.79 -65.96 30.27
CA ARG A 147 31.39 -66.24 30.00
C ARG A 147 30.51 -65.06 30.39
N ARG A 148 30.68 -64.59 31.62
CA ARG A 148 29.85 -63.49 32.10
C ARG A 148 30.01 -62.27 31.23
N ALA A 149 31.26 -61.93 30.88
CA ALA A 149 31.50 -60.74 30.07
C ALA A 149 30.83 -60.85 28.71
N ARG A 150 30.96 -62.01 28.06
CA ARG A 150 30.33 -62.18 26.76
C ARG A 150 28.82 -62.07 26.87
N ALA A 151 28.25 -62.69 27.90
CA ALA A 151 26.80 -62.64 28.07
C ALA A 151 26.32 -61.28 28.52
N GLY A 152 27.21 -60.39 28.94
CA GLY A 152 26.79 -59.12 29.49
C GLY A 152 26.20 -59.23 30.87
N GLN A 153 26.53 -60.27 31.61
CA GLN A 153 26.01 -60.50 32.95
C GLN A 153 26.96 -59.90 33.97
N SER A 154 26.44 -59.51 35.13
CA SER A 154 27.25 -58.88 36.14
C SER A 154 26.58 -59.00 37.50
N PHE A 155 27.41 -58.93 38.54
CA PHE A 155 26.88 -58.85 39.90
C PHE A 155 26.15 -57.54 40.14
N GLN A 156 26.64 -56.45 39.55
CA GLN A 156 26.00 -55.15 39.68
C GLN A 156 26.50 -54.26 38.54
N GLN A 157 25.82 -53.15 38.35
CA GLN A 157 26.21 -52.22 37.29
C GLN A 157 27.52 -51.53 37.66
N PRO A 158 28.51 -51.50 36.77
CA PRO A 158 29.73 -50.76 37.06
C PRO A 158 29.51 -49.25 37.02
N CYS A 159 30.44 -48.53 37.65
CA CYS A 159 30.39 -47.08 37.73
C CYS A 159 31.77 -46.49 37.51
N LEU A 160 31.80 -45.25 37.01
CA LEU A 160 33.05 -44.54 36.77
C LEU A 160 33.41 -43.64 37.96
N GLY A 161 33.53 -44.28 39.12
CA GLY A 161 33.89 -43.60 40.35
C GLY A 161 32.71 -43.29 41.27
N CYS A 162 31.60 -42.83 40.70
CA CYS A 162 30.41 -42.51 41.48
C CYS A 162 29.21 -43.23 40.89
N ARG A 163 28.31 -43.66 41.76
CA ARG A 163 27.22 -44.53 41.33
C ARG A 163 26.37 -43.88 40.25
N GLU A 164 26.25 -42.56 40.26
CA GLU A 164 25.42 -41.87 39.29
C GLU A 164 26.07 -41.75 37.92
N PHE A 165 27.14 -42.49 37.65
CA PHE A 165 27.84 -42.47 36.38
C PHE A 165 27.97 -43.90 35.88
N PRO A 166 26.93 -44.44 35.24
CA PRO A 166 27.01 -45.79 34.71
C PRO A 166 28.00 -45.89 33.57
N ALA A 167 28.57 -47.08 33.40
CA ALA A 167 29.61 -47.33 32.42
C ALA A 167 29.21 -48.48 31.51
N SER A 168 29.34 -48.27 30.21
CA SER A 168 29.14 -49.34 29.25
C SER A 168 30.48 -50.01 28.95
N PHE A 169 30.45 -51.34 28.80
CA PHE A 169 31.68 -52.10 28.71
C PHE A 169 31.55 -53.17 27.64
N GLU A 170 32.70 -53.68 27.22
CA GLU A 170 32.76 -54.72 26.20
C GLU A 170 34.05 -55.51 26.36
N LEU A 171 34.04 -56.72 25.81
CA LEU A 171 35.21 -57.59 25.83
C LEU A 171 35.88 -57.57 24.47
N LEU A 172 37.21 -57.51 24.47
CA LEU A 172 37.99 -57.39 23.25
C LEU A 172 38.65 -58.71 22.89
N GLU A 173 38.77 -58.95 21.59
CA GLU A 173 39.46 -60.13 21.07
C GLU A 173 40.37 -59.74 19.91
N GLY A 174 41.04 -58.60 20.01
CA GLY A 174 41.87 -58.11 18.94
C GLY A 174 42.96 -57.21 19.45
N ASP A 175 43.49 -56.39 18.55
CA ASP A 175 44.61 -55.51 18.87
C ASP A 175 44.11 -54.17 19.36
N VAL A 176 44.98 -53.48 20.10
CA VAL A 176 44.63 -52.15 20.64
C VAL A 176 44.65 -51.13 19.51
N PRO A 177 43.55 -50.43 19.23
CA PRO A 177 43.58 -49.39 18.21
C PRO A 177 44.43 -48.21 18.64
N LEU A 178 44.77 -47.37 17.66
CA LEU A 178 45.57 -46.19 17.95
C LEU A 178 44.75 -45.19 18.76
N SER A 179 45.45 -44.22 19.33
CA SER A 179 44.85 -43.30 20.29
C SER A 179 45.36 -41.88 20.02
N CYS A 180 44.72 -40.92 20.69
CA CYS A 180 45.00 -39.52 20.43
C CYS A 180 46.47 -39.17 20.67
N TYR A 181 46.97 -39.53 21.86
CA TYR A 181 48.34 -39.19 22.25
C TYR A 181 49.29 -40.36 22.04
N ALA A 182 49.06 -41.15 20.98
CA ALA A 182 49.94 -42.27 20.71
C ALA A 182 51.36 -41.81 20.43
N GLY A 183 51.52 -40.62 19.86
CA GLY A 183 52.81 -40.07 19.53
C GLY A 183 53.36 -39.04 20.49
N GLU A 184 52.84 -38.99 21.72
CA GLU A 184 53.23 -37.97 22.68
C GLU A 184 53.68 -38.61 23.99
N LYS A 185 54.44 -37.86 24.76
CA LYS A 185 54.80 -38.19 26.12
C LYS A 185 54.41 -37.03 27.02
N ARG A 186 53.73 -37.34 28.12
CA ARG A 186 53.21 -36.30 29.00
C ARG A 186 53.36 -36.75 30.44
N ASP A 187 53.68 -35.79 31.32
CA ASP A 187 53.93 -36.07 32.72
C ASP A 187 52.70 -35.71 33.54
N LEU A 188 52.47 -36.49 34.61
CA LEU A 188 51.32 -36.29 35.47
C LEU A 188 51.69 -36.09 36.93
N GLY A 189 52.92 -36.41 37.32
CA GLY A 189 53.28 -36.31 38.72
C GLY A 189 52.80 -37.51 39.52
N TYR A 190 52.91 -37.38 40.84
CA TYR A 190 52.51 -38.46 41.73
C TYR A 190 50.98 -38.60 41.75
N MET A 191 50.52 -39.83 41.92
CA MET A 191 49.09 -40.08 42.06
C MET A 191 48.89 -41.34 42.87
N LEU A 192 47.66 -41.51 43.36
CA LEU A 192 47.33 -42.62 44.24
C LEU A 192 47.51 -43.95 43.52
N LEU A 193 48.05 -44.94 44.23
CA LEU A 193 48.21 -46.29 43.69
C LEU A 193 47.14 -47.21 44.25
N ASP A 194 47.07 -47.33 45.57
CA ASP A 194 46.12 -48.22 46.22
C ASP A 194 46.18 -47.98 47.72
N ILE A 195 45.25 -48.62 48.44
CA ILE A 195 45.13 -48.47 49.89
C ILE A 195 45.50 -49.79 50.54
N ASP A 196 46.31 -49.71 51.60
CA ASP A 196 46.68 -50.89 52.37
C ASP A 196 45.70 -51.04 53.51
N PHE A 197 44.79 -52.01 53.39
CA PHE A 197 43.83 -52.27 54.46
C PHE A 197 44.48 -52.92 55.66
N GLU A 198 45.52 -53.72 55.46
CA GLU A 198 46.20 -54.36 56.58
C GLU A 198 46.82 -53.32 57.51
N ARG A 199 47.45 -52.30 56.93
CA ARG A 199 48.04 -51.22 57.71
C ARG A 199 46.99 -50.15 58.00
N ASP A 200 45.91 -50.60 58.63
CA ASP A 200 44.81 -49.73 59.04
C ASP A 200 44.49 -48.69 57.98
N MET A 201 44.28 -49.17 56.75
CA MET A 201 43.87 -48.31 55.64
C MET A 201 44.88 -47.19 55.40
N THR A 202 46.12 -47.56 55.09
CA THR A 202 47.14 -46.57 54.78
C THR A 202 47.34 -46.47 53.27
N PRO A 203 47.38 -45.28 52.70
CA PRO A 203 47.51 -45.16 51.24
C PRO A 203 48.94 -45.32 50.76
N LEU A 204 49.08 -45.43 49.43
CA LEU A 204 50.36 -45.54 48.77
C LEU A 204 50.35 -44.65 47.53
N PHE A 205 51.53 -44.25 47.07
CA PHE A 205 51.65 -43.39 45.90
C PHE A 205 52.76 -43.87 44.99
N PHE A 206 52.74 -43.38 43.75
CA PHE A 206 53.75 -43.70 42.77
C PHE A 206 53.78 -42.59 41.73
N LYS A 207 54.86 -42.56 40.96
CA LYS A 207 55.08 -41.52 39.96
C LYS A 207 54.52 -41.99 38.63
N ALA A 208 53.67 -41.16 38.02
CA ALA A 208 52.96 -41.53 36.81
C ALA A 208 53.42 -40.69 35.63
N VAL A 209 53.79 -41.35 34.54
CA VAL A 209 54.17 -40.69 33.31
C VAL A 209 53.43 -41.37 32.16
N MET A 210 52.66 -40.60 31.41
CA MET A 210 51.90 -41.12 30.29
C MET A 210 52.70 -40.95 29.01
N GLU A 211 52.93 -42.06 28.31
CA GLU A 211 53.61 -42.03 27.03
C GLU A 211 52.93 -43.03 26.11
N ASP A 212 52.72 -42.61 24.86
CA ASP A 212 52.10 -43.48 23.86
C ASP A 212 50.74 -43.97 24.34
N ASP A 213 50.06 -43.14 25.13
CA ASP A 213 48.71 -43.41 25.63
C ASP A 213 48.64 -44.68 26.47
N VAL A 214 49.75 -45.12 27.04
CA VAL A 214 49.76 -46.33 27.87
C VAL A 214 50.45 -46.01 29.19
N ILE A 215 50.01 -46.69 30.25
CA ILE A 215 50.52 -46.49 31.60
C ILE A 215 50.86 -47.85 32.19
N THR A 216 51.95 -47.90 32.95
CA THR A 216 52.44 -49.16 33.54
C THR A 216 52.80 -48.92 34.99
N PRO A 217 51.83 -48.93 35.89
CA PRO A 217 52.13 -48.72 37.31
C PRO A 217 52.91 -49.90 37.87
N PRO A 218 53.69 -49.68 38.93
CA PRO A 218 54.36 -50.80 39.58
C PRO A 218 53.37 -51.67 40.33
N SER A 219 53.83 -52.87 40.68
CA SER A 219 52.96 -53.83 41.36
C SER A 219 52.64 -53.33 42.76
N ARG A 220 51.34 -53.28 43.07
CA ARG A 220 50.90 -52.77 44.38
C ARG A 220 51.12 -53.78 45.49
N THR A 221 51.30 -55.06 45.16
CA THR A 221 51.58 -56.05 46.19
C THR A 221 53.06 -56.14 46.55
N SER A 222 53.93 -55.53 45.76
CA SER A 222 55.35 -55.65 46.00
C SER A 222 55.72 -55.03 47.34
N PRO A 223 56.51 -55.73 48.17
CA PRO A 223 56.86 -55.16 49.48
C PRO A 223 57.61 -53.85 49.39
N GLU A 224 58.50 -53.69 48.41
CA GLU A 224 59.24 -52.45 48.28
C GLU A 224 58.33 -51.27 47.96
N VAL A 225 57.19 -51.52 47.32
CA VAL A 225 56.20 -50.46 47.15
C VAL A 225 55.56 -50.10 48.49
N ARG A 226 55.36 -51.10 49.35
CA ARG A 226 54.75 -50.84 50.65
C ARG A 226 55.60 -49.92 51.51
N ALA A 227 56.93 -49.97 51.33
CA ALA A 227 57.82 -49.12 52.11
C ALA A 227 57.50 -47.65 51.92
N MET B 1 15.80 -63.81 53.90
CA MET B 1 14.59 -63.00 53.59
C MET B 1 14.34 -62.90 52.09
N THR B 2 13.07 -62.94 51.71
CA THR B 2 12.70 -62.99 50.30
C THR B 2 13.14 -61.73 49.57
N ALA B 3 13.40 -61.89 48.28
CA ALA B 3 13.82 -60.79 47.44
C ALA B 3 13.43 -61.08 46.01
N ILE B 4 13.46 -60.03 45.19
CA ILE B 4 13.16 -60.16 43.76
C ILE B 4 14.09 -61.19 43.16
N ALA B 5 13.69 -61.79 42.05
CA ALA B 5 14.45 -62.90 41.47
C ALA B 5 15.05 -62.57 40.11
N ASN B 6 14.76 -61.40 39.54
CA ASN B 6 15.19 -61.08 38.18
C ASN B 6 15.79 -59.69 38.15
N ARG B 7 16.75 -59.52 37.25
CA ARG B 7 17.31 -58.20 37.00
C ARG B 7 16.31 -57.35 36.23
N TYR B 8 16.34 -56.05 36.44
CA TYR B 8 15.37 -55.14 35.85
C TYR B 8 16.07 -53.91 35.31
N GLU B 9 15.44 -53.29 34.31
CA GLU B 9 15.84 -51.98 33.81
C GLU B 9 14.59 -51.28 33.29
N PHE B 10 14.66 -49.96 33.19
CA PHE B 10 13.49 -49.20 32.83
C PHE B 10 13.89 -47.87 32.21
N VAL B 11 12.93 -47.24 31.54
CA VAL B 11 13.11 -45.93 30.92
C VAL B 11 11.87 -45.11 31.19
N LEU B 12 12.05 -43.83 31.46
CA LEU B 12 10.96 -42.92 31.79
C LEU B 12 11.04 -41.67 30.92
N LEU B 13 9.89 -41.14 30.54
CA LEU B 13 9.81 -39.93 29.74
C LEU B 13 8.85 -38.95 30.39
N PHE B 14 9.25 -37.69 30.44
CA PHE B 14 8.44 -36.63 31.03
C PHE B 14 8.82 -35.31 30.40
N ASP B 15 7.95 -34.32 30.55
CA ASP B 15 8.12 -33.04 29.89
C ASP B 15 7.68 -31.92 30.81
N VAL B 16 8.12 -30.71 30.48
CA VAL B 16 7.79 -29.51 31.24
C VAL B 16 7.29 -28.47 30.27
N GLU B 17 6.53 -27.51 30.78
CA GLU B 17 5.96 -26.43 29.95
C GLU B 17 5.92 -25.15 30.75
N ASN B 18 6.62 -24.13 30.27
CA ASN B 18 6.65 -22.82 30.92
C ASN B 18 6.99 -22.95 32.40
N GLY B 19 8.08 -23.67 32.68
CA GLY B 19 8.50 -23.88 34.05
C GLY B 19 9.99 -24.06 34.13
N ASN B 20 10.48 -24.18 35.36
CA ASN B 20 11.89 -24.36 35.62
C ASN B 20 12.09 -25.72 36.28
N PRO B 21 12.46 -26.76 35.52
CA PRO B 21 12.48 -28.11 36.10
C PRO B 21 13.51 -28.29 37.20
N ASN B 22 14.67 -27.63 37.08
CA ASN B 22 15.72 -27.80 38.08
C ASN B 22 16.68 -26.63 37.96
N GLY B 23 16.76 -25.82 39.01
CA GLY B 23 17.56 -24.60 38.96
C GLY B 23 19.04 -24.88 39.17
N ASP B 24 19.85 -23.91 38.76
CA ASP B 24 21.29 -24.02 38.91
C ASP B 24 21.77 -23.15 40.06
N PRO B 25 22.35 -23.71 41.13
CA PRO B 25 22.85 -22.87 42.22
C PRO B 25 23.97 -21.94 41.81
N ASP B 26 24.65 -22.21 40.70
CA ASP B 26 25.86 -21.49 40.36
C ASP B 26 25.62 -20.24 39.53
N ALA B 27 24.59 -20.23 38.67
CA ALA B 27 24.34 -19.11 37.76
C ALA B 27 22.95 -18.56 38.05
N GLY B 28 22.88 -17.64 39.00
CA GLY B 28 21.60 -17.11 39.42
C GLY B 28 20.66 -18.26 39.72
N ASN B 29 19.65 -18.45 38.88
CA ASN B 29 18.86 -19.66 38.95
C ASN B 29 18.51 -20.13 37.54
N MET B 30 19.44 -19.99 36.60
CA MET B 30 19.23 -20.52 35.27
C MET B 30 19.01 -22.01 35.34
N PRO B 31 18.11 -22.56 34.52
CA PRO B 31 18.03 -24.01 34.38
C PRO B 31 19.34 -24.54 33.81
N ARG B 32 19.75 -25.71 34.29
CA ARG B 32 21.00 -26.30 33.84
C ARG B 32 20.93 -26.62 32.36
N ILE B 33 22.04 -26.43 31.66
CA ILE B 33 22.17 -26.81 30.26
C ILE B 33 23.57 -27.33 30.02
N ASP B 34 23.68 -28.29 29.12
CA ASP B 34 24.96 -28.87 28.77
C ASP B 34 25.64 -28.01 27.71
N PRO B 35 26.80 -27.43 28.01
CA PRO B 35 27.42 -26.52 27.02
C PRO B 35 27.81 -27.21 25.73
N GLU B 36 27.97 -28.53 25.73
CA GLU B 36 28.44 -29.21 24.53
C GLU B 36 27.36 -29.31 23.46
N THR B 37 26.10 -29.47 23.84
CA THR B 37 25.04 -29.70 22.87
C THR B 37 23.87 -28.73 22.99
N GLY B 38 23.79 -27.92 24.04
CA GLY B 38 22.59 -27.13 24.25
C GLY B 38 21.42 -27.93 24.76
N HIS B 39 21.64 -29.16 25.19
CA HIS B 39 20.57 -29.99 25.72
C HIS B 39 20.37 -29.72 27.20
N GLY B 40 19.13 -29.85 27.65
CA GLY B 40 18.84 -29.66 29.05
C GLY B 40 19.39 -30.80 29.90
N LEU B 41 19.49 -30.54 31.20
CA LEU B 41 20.05 -31.51 32.13
C LEU B 41 19.30 -31.44 33.45
N VAL B 42 19.03 -32.61 34.03
CA VAL B 42 18.38 -32.71 35.33
C VAL B 42 19.13 -33.73 36.16
N THR B 43 19.34 -33.43 37.43
CA THR B 43 20.08 -34.32 38.32
C THR B 43 19.15 -35.34 38.95
N ASP B 44 19.74 -36.46 39.39
CA ASP B 44 18.95 -37.57 39.90
C ASP B 44 18.44 -37.31 41.31
N VAL B 45 19.24 -36.64 42.13
CA VAL B 45 18.86 -36.44 43.53
C VAL B 45 17.49 -35.76 43.60
N CYS B 46 17.17 -34.91 42.64
CA CYS B 46 15.84 -34.31 42.61
C CYS B 46 14.76 -35.38 42.49
N LEU B 47 14.96 -36.34 41.59
CA LEU B 47 13.97 -37.40 41.42
C LEU B 47 13.86 -38.26 42.67
N LYS B 48 15.00 -38.56 43.30
CA LYS B 48 14.96 -39.33 44.52
C LYS B 48 14.18 -38.60 45.60
N ARG B 49 14.39 -37.29 45.71
CA ARG B 49 13.65 -36.48 46.67
C ARG B 49 12.15 -36.57 46.40
N LYS B 50 11.76 -36.47 45.12
CA LYS B 50 10.35 -36.55 44.78
C LYS B 50 9.76 -37.90 45.16
N ILE B 51 10.49 -38.98 44.90
CA ILE B 51 9.99 -40.31 45.24
C ILE B 51 9.80 -40.43 46.74
N ARG B 52 10.80 -39.99 47.51
CA ARG B 52 10.67 -40.01 48.96
C ARG B 52 9.41 -39.30 49.40
N ASN B 53 9.20 -38.09 48.88
CA ASN B 53 8.05 -37.29 49.30
C ASN B 53 6.75 -38.00 48.97
N HIS B 54 6.65 -38.58 47.78
CA HIS B 54 5.40 -39.24 47.40
C HIS B 54 5.11 -40.40 48.32
N VAL B 55 6.12 -41.22 48.62
CA VAL B 55 5.88 -42.35 49.51
C VAL B 55 5.43 -41.86 50.88
N ALA B 56 6.12 -40.84 51.40
CA ALA B 56 5.75 -40.32 52.71
C ALA B 56 4.30 -39.86 52.72
N LEU B 57 3.89 -39.13 51.68
CA LEU B 57 2.53 -38.62 51.63
C LEU B 57 1.52 -39.77 51.56
N THR B 58 1.83 -40.80 50.77
CA THR B 58 0.84 -41.84 50.54
C THR B 58 0.68 -42.76 51.74
N LYS B 59 1.77 -43.37 52.21
CA LYS B 59 1.63 -44.43 53.20
C LYS B 59 1.25 -43.93 54.58
N GLU B 60 1.71 -42.76 55.00
CA GLU B 60 1.33 -42.20 56.29
C GLU B 60 1.76 -43.08 57.45
N GLY B 61 3.03 -43.46 57.44
CA GLY B 61 3.62 -44.13 58.58
C GLY B 61 3.08 -45.51 58.90
N ALA B 62 2.86 -46.35 57.89
CA ALA B 62 2.60 -47.75 58.17
C ALA B 62 3.79 -48.37 58.89
N GLU B 63 3.63 -49.60 59.35
CA GLU B 63 4.64 -50.20 60.21
C GLU B 63 6.02 -50.21 59.54
N ARG B 64 6.11 -50.74 58.33
CA ARG B 64 7.40 -50.95 57.67
C ARG B 64 7.62 -49.99 56.52
N PHE B 65 7.13 -48.76 56.63
CA PHE B 65 7.24 -47.80 55.54
C PHE B 65 7.58 -46.40 56.06
N ASN B 66 8.33 -46.32 57.15
CA ASN B 66 8.80 -45.03 57.60
C ASN B 66 9.95 -44.56 56.72
N ILE B 67 10.12 -43.23 56.66
CA ILE B 67 11.16 -42.61 55.85
C ILE B 67 12.07 -41.80 56.77
N TYR B 68 13.37 -41.98 56.63
CA TYR B 68 14.30 -41.42 57.60
C TYR B 68 14.68 -39.98 57.26
N ILE B 69 14.98 -39.70 55.99
CA ILE B 69 15.47 -38.38 55.57
C ILE B 69 14.26 -37.52 55.24
N GLN B 70 14.10 -36.44 55.99
CA GLN B 70 12.94 -35.56 55.87
C GLN B 70 13.43 -34.14 55.58
N GLU B 71 12.51 -33.32 55.07
CA GLU B 71 12.82 -31.94 54.71
C GLU B 71 11.73 -31.01 55.22
N LYS B 72 11.35 -31.18 56.49
CA LYS B 72 10.37 -30.32 57.14
C LYS B 72 8.96 -30.49 56.57
N ALA B 73 8.68 -31.65 55.99
CA ALA B 73 7.32 -32.11 55.76
C ALA B 73 6.86 -33.07 56.84
N ILE B 74 7.62 -33.17 57.93
CA ILE B 74 7.32 -34.12 58.99
C ILE B 74 5.98 -33.79 59.64
N LEU B 75 5.35 -34.81 60.23
CA LEU B 75 4.11 -34.65 60.96
C LEU B 75 4.17 -35.50 62.23
N ASN B 76 3.31 -35.17 63.19
CA ASN B 76 3.30 -35.82 64.49
C ASN B 76 2.14 -36.83 64.53
N GLU B 77 2.48 -38.11 64.62
CA GLU B 77 1.50 -39.18 64.73
C GLU B 77 2.16 -40.37 65.39
N THR B 78 1.34 -41.36 65.75
CA THR B 78 1.85 -42.54 66.44
C THR B 78 2.61 -43.43 65.46
N HIS B 79 3.85 -43.75 65.81
CA HIS B 79 4.65 -44.62 64.97
C HIS B 79 4.59 -46.06 65.47
N GLU B 80 5.08 -46.98 64.64
CA GLU B 80 5.12 -48.39 64.98
C GLU B 80 6.50 -48.95 64.68
N ARG B 81 6.90 -49.94 65.47
CA ARG B 81 8.18 -50.59 65.32
C ARG B 81 7.99 -52.09 65.36
N ALA B 82 8.44 -52.78 64.32
CA ALA B 82 8.50 -54.23 64.37
C ALA B 82 9.89 -54.68 64.79
N TYR B 83 9.95 -55.54 65.80
CA TYR B 83 11.21 -55.96 66.37
C TYR B 83 11.96 -56.87 65.40
N THR B 84 13.27 -56.94 65.59
CA THR B 84 14.13 -57.77 64.76
C THR B 84 15.27 -58.37 65.58
N ASP B 101 27.38 -58.13 67.38
CA ASP B 101 26.01 -58.35 66.94
C ASP B 101 25.36 -57.05 66.48
N ALA B 102 26.18 -56.13 65.98
CA ALA B 102 25.64 -54.91 65.39
C ALA B 102 24.70 -55.23 64.24
N LYS B 103 24.87 -56.40 63.60
CA LYS B 103 23.97 -56.78 62.53
C LYS B 103 22.53 -56.74 62.99
N ARG B 104 22.28 -57.02 64.27
CA ARG B 104 20.92 -56.94 64.79
C ARG B 104 20.33 -55.56 64.54
N VAL B 105 21.06 -54.52 64.92
CA VAL B 105 20.54 -53.16 64.78
C VAL B 105 20.37 -52.83 63.30
N THR B 106 21.34 -53.21 62.48
CA THR B 106 21.26 -52.92 61.05
C THR B 106 20.01 -53.54 60.44
N ASP B 107 19.77 -54.82 60.71
CA ASP B 107 18.58 -55.46 60.19
C ASP B 107 17.32 -54.83 60.75
N TRP B 108 17.32 -54.51 62.05
CA TRP B 108 16.14 -53.93 62.66
C TRP B 108 15.74 -52.65 61.96
N MET B 109 16.69 -51.76 61.71
CA MET B 109 16.34 -50.49 61.08
C MET B 109 16.13 -50.65 59.58
N CYS B 110 16.79 -51.61 58.94
CA CYS B 110 16.50 -51.89 57.54
C CYS B 110 15.11 -52.47 57.37
N THR B 111 14.62 -53.19 58.39
CA THR B 111 13.34 -53.87 58.28
C THR B 111 12.15 -52.93 58.38
N ASN B 112 12.36 -51.68 58.80
CA ASN B 112 11.24 -50.76 58.97
C ASN B 112 11.53 -49.35 58.47
N PHE B 113 12.46 -49.18 57.55
CA PHE B 113 12.67 -47.90 56.88
C PHE B 113 12.79 -48.16 55.38
N TYR B 114 11.81 -47.67 54.61
CA TYR B 114 11.75 -48.00 53.20
C TYR B 114 12.92 -47.42 52.43
N ASP B 115 13.22 -46.14 52.63
CA ASP B 115 14.27 -45.52 51.84
C ASP B 115 15.62 -46.15 52.14
N ILE B 116 15.89 -46.50 53.39
CA ILE B 116 17.12 -47.20 53.72
C ILE B 116 17.15 -48.56 53.03
N ARG B 117 16.02 -49.26 53.08
CA ARG B 117 15.93 -50.58 52.45
C ARG B 117 16.11 -50.52 50.94
N THR B 118 15.91 -49.35 50.33
CA THR B 118 15.92 -49.22 48.88
C THR B 118 17.21 -48.61 48.35
N PHE B 119 17.72 -47.56 48.99
CA PHE B 119 18.89 -46.84 48.52
C PHE B 119 20.15 -47.13 49.33
N GLY B 120 20.02 -47.46 50.61
CA GLY B 120 21.18 -47.66 51.46
C GLY B 120 21.61 -46.37 52.12
N ALA B 121 22.55 -46.49 53.05
CA ALA B 121 23.00 -45.35 53.82
C ALA B 121 24.40 -45.61 54.36
N VAL B 122 24.99 -44.55 54.93
CA VAL B 122 26.28 -44.61 55.57
C VAL B 122 26.10 -44.16 57.02
N MET B 123 26.78 -44.85 57.93
CA MET B 123 26.46 -44.77 59.36
C MET B 123 27.66 -44.27 60.13
N THR B 124 27.38 -43.55 61.24
CA THR B 124 28.45 -42.81 61.91
C THR B 124 29.56 -43.72 62.39
N THR B 125 29.23 -44.90 62.90
CA THR B 125 30.22 -45.81 63.45
C THR B 125 30.10 -47.15 62.75
N GLU B 126 31.24 -47.76 62.45
CA GLU B 126 31.26 -49.02 61.74
C GLU B 126 32.62 -49.68 62.00
N VAL B 127 32.75 -50.92 61.54
CA VAL B 127 33.96 -51.70 61.70
C VAL B 127 34.60 -51.86 60.32
N ASN B 128 35.85 -51.44 60.20
CA ASN B 128 36.56 -51.47 58.93
C ASN B 128 35.68 -50.93 57.81
N CYS B 129 35.50 -51.71 56.74
CA CYS B 129 34.70 -51.29 55.59
C CYS B 129 33.51 -52.23 55.45
N GLY B 130 32.30 -51.67 55.56
CA GLY B 130 31.07 -52.40 55.31
C GLY B 130 30.01 -51.46 54.80
N GLN B 131 29.40 -51.78 53.67
CA GLN B 131 28.56 -50.83 52.94
C GLN B 131 27.12 -51.32 52.92
N VAL B 132 26.19 -50.41 53.22
CA VAL B 132 24.77 -50.65 52.99
C VAL B 132 24.41 -50.01 51.65
N ARG B 133 24.51 -50.78 50.57
CA ARG B 133 24.51 -50.17 49.25
C ARG B 133 23.11 -49.97 48.70
N GLY B 134 22.25 -50.98 48.78
CA GLY B 134 20.90 -50.87 48.24
C GLY B 134 20.88 -51.19 46.76
N PRO B 135 19.77 -51.78 46.28
CA PRO B 135 19.77 -52.35 44.93
C PRO B 135 19.36 -51.40 43.82
N VAL B 136 19.01 -50.16 44.09
CA VAL B 136 18.45 -49.26 43.09
C VAL B 136 19.49 -48.22 42.71
N GLN B 137 19.52 -47.84 41.42
CA GLN B 137 20.49 -46.90 40.89
C GLN B 137 19.90 -46.20 39.69
N MET B 138 20.33 -44.96 39.45
CA MET B 138 19.85 -44.20 38.31
C MET B 138 20.79 -43.03 38.04
N ALA B 139 20.76 -42.55 36.80
CA ALA B 139 21.71 -41.55 36.32
C ALA B 139 20.98 -40.25 35.96
N PHE B 140 21.74 -39.29 35.44
CA PHE B 140 21.16 -38.00 35.05
C PHE B 140 20.16 -38.18 33.91
N ALA B 141 19.40 -37.12 33.66
CA ALA B 141 18.44 -37.07 32.58
C ALA B 141 18.76 -35.91 31.66
N ARG B 142 18.60 -36.11 30.35
CA ARG B 142 18.93 -35.09 29.37
C ARG B 142 17.82 -34.98 28.34
N SER B 143 17.70 -33.80 27.76
CA SER B 143 16.66 -33.56 26.77
C SER B 143 16.95 -34.31 25.48
N VAL B 144 15.93 -34.39 24.62
CA VAL B 144 16.10 -35.05 23.34
C VAL B 144 16.66 -34.10 22.29
N GLU B 145 16.50 -32.79 22.46
CA GLU B 145 16.98 -31.83 21.49
C GLU B 145 17.16 -30.49 22.20
N PRO B 146 17.85 -29.54 21.57
CA PRO B 146 18.25 -28.32 22.29
C PRO B 146 17.06 -27.53 22.79
N VAL B 147 17.28 -26.79 23.87
CA VAL B 147 16.28 -25.93 24.48
C VAL B 147 16.88 -24.54 24.65
N VAL B 148 16.02 -23.55 24.79
CA VAL B 148 16.43 -22.16 24.93
C VAL B 148 15.62 -21.54 26.06
N PRO B 149 16.23 -21.21 27.20
CA PRO B 149 15.47 -20.57 28.29
C PRO B 149 15.18 -19.11 27.97
N GLN B 150 14.29 -18.54 28.78
CA GLN B 150 13.89 -17.14 28.63
C GLN B 150 13.99 -16.44 29.97
N GLU B 151 14.13 -15.11 29.91
CA GLU B 151 14.28 -14.28 31.09
C GLU B 151 13.03 -13.43 31.25
N VAL B 152 12.61 -13.20 32.49
CA VAL B 152 11.39 -12.46 32.80
C VAL B 152 11.70 -11.50 33.93
N SER B 153 11.18 -10.28 33.83
CA SER B 153 11.35 -9.26 34.85
C SER B 153 10.01 -9.00 35.54
N ILE B 154 10.04 -8.80 36.86
CA ILE B 154 8.84 -8.63 37.65
C ILE B 154 9.07 -7.53 38.68
N THR B 155 7.98 -7.09 39.29
CA THR B 155 7.99 -5.98 40.22
C THR B 155 7.17 -6.32 41.46
N ARG B 156 7.34 -5.52 42.50
CA ARG B 156 6.57 -5.68 43.72
C ARG B 156 6.19 -4.31 44.27
N MET B 157 5.09 -4.27 45.02
CA MET B 157 4.53 -3.02 45.53
C MET B 157 5.16 -2.57 46.84
N ALA B 158 5.98 -3.38 47.50
CA ALA B 158 6.41 -3.05 48.85
C ALA B 158 7.88 -3.37 49.03
N VAL B 159 8.42 -2.94 50.16
CA VAL B 159 9.80 -3.20 50.54
C VAL B 159 9.82 -3.81 51.93
N THR B 160 10.92 -4.47 52.27
CA THR B 160 10.98 -5.25 53.50
C THR B 160 11.56 -4.46 54.66
N THR B 161 12.81 -4.03 54.56
CA THR B 161 13.50 -3.42 55.68
C THR B 161 13.13 -1.94 55.81
N LYS B 162 13.24 -1.44 57.04
CA LYS B 162 12.99 -0.03 57.29
C LYS B 162 14.14 0.84 56.80
N ALA B 163 15.36 0.31 56.77
CA ALA B 163 16.50 1.10 56.36
C ALA B 163 16.34 1.58 54.93
N GLU B 164 15.86 0.72 54.05
CA GLU B 164 15.74 1.06 52.63
C GLU B 164 14.58 1.99 52.35
N ALA B 165 13.85 2.44 53.37
CA ALA B 165 12.75 3.39 53.17
C ALA B 165 13.36 4.75 52.84
N GLU B 166 13.33 5.11 51.56
CA GLU B 166 13.92 6.37 51.11
C GLU B 166 13.11 6.93 49.94
N ASP B 171 7.47 5.46 46.59
CA ASP B 171 8.52 5.56 47.60
C ASP B 171 9.10 4.19 47.90
N ASN B 172 8.27 3.15 47.81
CA ASN B 172 8.66 1.79 48.12
C ASN B 172 8.37 0.91 46.91
N ARG B 173 9.39 0.22 46.42
CA ARG B 173 9.22 -0.66 45.27
C ARG B 173 10.53 -1.37 45.00
N THR B 174 10.47 -2.41 44.17
CA THR B 174 11.64 -3.20 43.85
C THR B 174 11.32 -4.11 42.66
N MET B 175 12.36 -4.73 42.12
CA MET B 175 12.22 -5.65 41.00
C MET B 175 12.70 -7.05 41.37
N GLY B 176 12.65 -7.94 40.38
CA GLY B 176 13.07 -9.32 40.53
C GLY B 176 13.18 -9.93 39.15
N ARG B 177 13.47 -11.23 39.12
CA ARG B 177 13.69 -11.92 37.86
C ARG B 177 13.20 -13.36 37.94
N LYS B 178 12.93 -13.94 36.77
CA LYS B 178 12.51 -15.32 36.66
C LYS B 178 13.09 -15.93 35.39
N HIS B 179 13.18 -17.25 35.38
CA HIS B 179 13.71 -18.00 34.26
C HIS B 179 12.81 -19.19 33.99
N ILE B 180 12.54 -19.45 32.70
CA ILE B 180 11.63 -20.51 32.31
C ILE B 180 12.12 -21.18 31.05
N VAL B 181 11.53 -22.33 30.75
CA VAL B 181 11.79 -23.10 29.54
C VAL B 181 10.49 -23.24 28.78
N PRO B 182 10.43 -22.92 27.50
CA PRO B 182 9.14 -23.02 26.79
C PRO B 182 8.58 -24.42 26.77
N TYR B 183 9.37 -25.40 26.34
CA TYR B 183 8.92 -26.79 26.31
C TYR B 183 10.13 -27.69 26.21
N GLY B 184 10.00 -28.89 26.75
CA GLY B 184 11.09 -29.84 26.70
C GLY B 184 10.67 -31.24 27.08
N LEU B 185 11.34 -32.24 26.51
CA LEU B 185 11.08 -33.64 26.79
C LEU B 185 12.36 -34.29 27.27
N TYR B 186 12.26 -35.12 28.30
CA TYR B 186 13.43 -35.66 28.98
C TYR B 186 13.35 -37.17 29.08
N VAL B 187 14.52 -37.80 29.20
CA VAL B 187 14.64 -39.25 29.26
C VAL B 187 15.54 -39.63 30.42
N ALA B 188 15.28 -40.78 31.03
CA ALA B 188 16.05 -41.26 32.15
C ALA B 188 16.27 -42.77 32.05
N HIS B 189 17.33 -43.24 32.70
CA HIS B 189 17.64 -44.66 32.76
C HIS B 189 17.81 -45.09 34.21
N GLY B 190 17.65 -46.38 34.46
CA GLY B 190 17.82 -46.91 35.81
C GLY B 190 18.09 -48.39 35.77
N PHE B 191 18.57 -48.91 36.90
CA PHE B 191 18.93 -50.31 37.02
C PHE B 191 18.52 -50.83 38.39
N ILE B 192 18.34 -52.14 38.48
CA ILE B 192 18.03 -52.82 39.73
C ILE B 192 18.84 -54.11 39.78
N SER B 193 19.42 -54.40 40.95
CA SER B 193 20.32 -55.52 41.12
C SER B 193 19.74 -56.50 42.12
N ALA B 194 19.40 -57.70 41.64
CA ALA B 194 18.78 -58.70 42.50
C ALA B 194 19.71 -59.14 43.62
N PRO B 195 20.97 -59.45 43.34
CA PRO B 195 21.85 -59.91 44.43
C PRO B 195 21.93 -58.94 45.58
N LEU B 196 21.98 -57.63 45.30
CA LEU B 196 21.99 -56.66 46.37
C LEU B 196 20.69 -56.70 47.16
N ALA B 197 19.55 -56.81 46.46
CA ALA B 197 18.28 -56.94 47.18
C ALA B 197 18.30 -58.14 48.09
N GLU B 198 18.98 -59.21 47.69
CA GLU B 198 19.07 -60.39 48.53
C GLU B 198 19.77 -60.11 49.84
N LYS B 199 20.48 -58.99 49.93
CA LYS B 199 21.15 -58.59 51.17
C LYS B 199 20.39 -57.52 51.93
N THR B 200 19.21 -57.11 51.47
CA THR B 200 18.46 -56.05 52.12
C THR B 200 16.98 -56.32 52.29
N GLY B 201 16.41 -57.34 51.63
CA GLY B 201 15.01 -57.64 51.82
C GLY B 201 14.06 -56.88 50.91
N PHE B 202 14.57 -56.26 49.86
CA PHE B 202 13.72 -55.58 48.90
C PHE B 202 12.88 -56.64 48.16
N SER B 203 11.56 -56.53 48.28
CA SER B 203 10.65 -57.57 47.81
C SER B 203 9.67 -56.98 46.80
N ASP B 204 8.70 -57.81 46.40
CA ASP B 204 7.84 -57.48 45.26
C ASP B 204 6.91 -56.30 45.56
N GLU B 205 6.21 -56.33 46.68
CA GLU B 205 5.31 -55.24 47.01
C GLU B 205 6.04 -53.90 46.94
N ASP B 206 7.30 -53.89 47.37
CA ASP B 206 8.10 -52.69 47.25
C ASP B 206 8.25 -52.29 45.79
N LEU B 207 8.46 -53.27 44.91
CA LEU B 207 8.62 -52.95 43.49
C LEU B 207 7.34 -52.38 42.90
N THR B 208 6.19 -52.94 43.26
CA THR B 208 4.93 -52.38 42.78
C THR B 208 4.73 -50.96 43.27
N LEU B 209 5.00 -50.73 44.56
CA LEU B 209 4.93 -49.38 45.09
C LEU B 209 5.86 -48.46 44.33
N PHE B 210 7.04 -48.97 43.95
CA PHE B 210 8.01 -48.16 43.22
C PHE B 210 7.47 -47.77 41.85
N TRP B 211 6.86 -48.72 41.13
CA TRP B 211 6.25 -48.39 39.86
C TRP B 211 5.19 -47.31 40.03
N ASP B 212 4.33 -47.47 41.05
CA ASP B 212 3.28 -46.49 41.28
C ASP B 212 3.88 -45.11 41.56
N ALA B 213 4.91 -45.06 42.39
CA ALA B 213 5.56 -43.80 42.70
C ALA B 213 6.08 -43.13 41.45
N LEU B 214 6.79 -43.89 40.61
CA LEU B 214 7.30 -43.32 39.37
C LEU B 214 6.16 -42.77 38.52
N VAL B 215 5.05 -43.48 38.46
CA VAL B 215 3.95 -43.03 37.63
C VAL B 215 3.37 -41.71 38.16
N ASN B 216 3.22 -41.60 39.47
CA ASN B 216 2.47 -40.49 40.07
C ASN B 216 3.33 -39.47 40.80
N MET B 217 4.60 -39.31 40.43
CA MET B 217 5.47 -38.40 41.17
C MET B 217 4.96 -36.96 41.19
N PHE B 218 4.67 -36.41 40.02
CA PHE B 218 4.55 -34.96 39.88
C PHE B 218 3.22 -34.41 40.36
N GLU B 219 2.23 -35.27 40.62
CA GLU B 219 0.90 -34.76 40.94
C GLU B 219 0.88 -33.94 42.21
N HIS B 220 1.82 -34.17 43.12
CA HIS B 220 1.84 -33.47 44.40
C HIS B 220 2.90 -32.37 44.45
N ASP B 221 3.54 -32.05 43.33
CA ASP B 221 4.72 -31.20 43.30
C ASP B 221 4.44 -29.78 42.84
N ARG B 222 3.18 -29.38 42.73
CA ARG B 222 2.88 -28.05 42.22
C ARG B 222 3.52 -26.98 43.10
N SER B 223 4.06 -25.95 42.45
CA SER B 223 4.67 -24.82 43.16
C SER B 223 4.63 -23.61 42.24
N ALA B 224 5.21 -22.52 42.71
CA ALA B 224 5.15 -21.27 41.95
C ALA B 224 6.12 -21.25 40.79
N ALA B 225 7.09 -22.17 40.75
CA ALA B 225 8.16 -22.09 39.76
C ALA B 225 8.10 -23.21 38.73
N ARG B 226 7.58 -24.36 39.07
CA ARG B 226 7.69 -25.53 38.19
C ARG B 226 6.65 -25.57 37.09
N GLY B 227 5.62 -24.73 37.16
CA GLY B 227 4.60 -24.79 36.13
C GLY B 227 3.96 -26.15 36.07
N LEU B 228 3.78 -26.66 34.86
CA LEU B 228 3.09 -27.91 34.63
C LEU B 228 4.07 -28.97 34.13
N MET B 229 4.11 -30.11 34.82
CA MET B 229 4.98 -31.22 34.44
C MET B 229 4.19 -32.52 34.57
N SER B 230 4.48 -33.47 33.68
CA SER B 230 3.77 -34.73 33.68
C SER B 230 4.64 -35.81 33.05
N SER B 231 4.42 -37.04 33.48
CA SER B 231 5.07 -38.20 32.88
C SER B 231 4.23 -38.74 31.74
N ARG B 232 4.88 -39.38 30.78
CA ARG B 232 4.20 -39.79 29.56
C ARG B 232 4.31 -41.27 29.26
N LYS B 233 5.47 -41.87 29.50
CA LYS B 233 5.66 -43.27 29.13
C LYS B 233 6.58 -43.94 30.14
N LEU B 234 6.50 -45.27 30.19
CA LEU B 234 7.33 -46.06 31.09
C LEU B 234 7.47 -47.46 30.51
N ILE B 235 8.69 -47.83 30.14
CA ILE B 235 8.99 -49.15 29.57
C ILE B 235 9.86 -49.90 30.58
N VAL B 236 9.57 -51.18 30.76
CA VAL B 236 10.25 -52.01 31.74
C VAL B 236 10.76 -53.25 31.04
N PHE B 237 12.02 -53.61 31.31
CA PHE B 237 12.62 -54.84 30.82
C PHE B 237 12.81 -55.79 31.99
N LYS B 238 12.35 -57.03 31.84
CA LYS B 238 12.48 -58.04 32.88
C LYS B 238 13.32 -59.19 32.34
N HIS B 239 14.46 -59.42 32.99
CA HIS B 239 15.36 -60.49 32.57
C HIS B 239 14.90 -61.82 33.11
N GLN B 240 15.31 -62.89 32.43
CA GLN B 240 14.94 -64.23 32.85
C GLN B 240 15.87 -64.74 33.95
N ASN B 241 17.16 -64.45 33.85
CA ASN B 241 18.14 -64.99 34.78
C ASN B 241 18.19 -64.17 36.06
N ARG B 242 18.77 -64.75 37.10
CA ARG B 242 19.09 -63.98 38.29
C ARG B 242 20.07 -62.88 37.96
N LEU B 243 21.09 -63.20 37.15
CA LEU B 243 21.92 -62.19 36.53
C LEU B 243 21.26 -61.78 35.22
N GLY B 244 21.97 -61.05 34.38
CA GLY B 244 21.41 -60.56 33.14
C GLY B 244 21.30 -61.63 32.08
N ASN B 245 20.78 -61.21 30.92
CA ASN B 245 20.74 -62.05 29.74
C ASN B 245 21.17 -61.35 28.46
N ALA B 246 21.36 -60.03 28.50
CA ALA B 246 21.84 -59.29 27.33
C ALA B 246 22.45 -57.99 27.82
N PRO B 247 23.35 -57.39 27.04
CA PRO B 247 23.95 -56.12 27.46
C PRO B 247 22.90 -55.03 27.57
N ALA B 248 23.05 -54.19 28.60
CA ALA B 248 22.05 -53.16 28.85
C ALA B 248 22.04 -52.11 27.75
N HIS B 249 23.21 -51.58 27.40
CA HIS B 249 23.26 -50.44 26.49
C HIS B 249 22.59 -50.74 25.16
N LYS B 250 22.58 -52.01 24.75
CA LYS B 250 21.90 -52.37 23.51
C LYS B 250 20.39 -52.30 23.69
N LEU B 251 19.89 -52.66 24.86
CA LEU B 251 18.45 -52.60 25.10
C LEU B 251 17.94 -51.17 24.99
N PHE B 252 18.67 -50.22 25.56
CA PHE B 252 18.24 -48.83 25.49
C PHE B 252 18.11 -48.34 24.06
N ASP B 253 18.80 -48.98 23.11
CA ASP B 253 18.71 -48.58 21.72
C ASP B 253 17.36 -48.92 21.09
N LEU B 254 16.64 -49.89 21.65
CA LEU B 254 15.36 -50.26 21.06
C LEU B 254 14.39 -49.10 21.07
N VAL B 255 14.34 -48.34 22.15
CA VAL B 255 13.45 -47.19 22.24
C VAL B 255 13.96 -46.10 21.31
N LYS B 256 13.07 -45.55 20.50
CA LYS B 256 13.43 -44.51 19.56
C LYS B 256 12.34 -43.43 19.57
N VAL B 257 12.77 -42.18 19.55
CA VAL B 257 11.87 -41.04 19.57
C VAL B 257 12.28 -40.07 18.47
N SER B 258 11.31 -39.62 17.69
CA SER B 258 11.57 -38.70 16.60
C SER B 258 10.34 -37.82 16.39
N ARG B 259 10.56 -36.71 15.72
CA ARG B 259 9.49 -35.73 15.51
C ARG B 259 8.48 -36.26 14.50
N ALA B 260 7.21 -36.00 14.77
CA ALA B 260 6.16 -36.42 13.85
C ALA B 260 6.37 -35.79 12.49
N GLU B 261 5.73 -36.37 11.47
CA GLU B 261 5.94 -35.91 10.11
C GLU B 261 5.39 -34.51 9.88
N GLY B 262 4.18 -34.23 10.37
CA GLY B 262 3.58 -32.93 10.17
C GLY B 262 4.18 -31.81 11.00
N SER B 263 4.95 -32.15 12.03
CA SER B 263 5.50 -31.13 12.92
C SER B 263 6.60 -30.35 12.22
N SER B 264 6.62 -29.04 12.46
CA SER B 264 7.62 -28.17 11.88
C SER B 264 7.93 -27.05 12.86
N GLY B 265 9.15 -26.52 12.77
CA GLY B 265 9.58 -25.47 13.67
C GLY B 265 9.81 -26.01 15.06
N PRO B 266 9.98 -25.12 16.03
CA PRO B 266 10.21 -25.57 17.41
C PRO B 266 9.05 -26.40 17.92
N ALA B 267 9.37 -27.44 18.68
CA ALA B 267 8.34 -28.27 19.27
C ALA B 267 7.69 -27.55 20.44
N ARG B 268 6.38 -27.75 20.59
CA ARG B 268 5.63 -27.11 21.66
C ARG B 268 4.64 -28.02 22.36
N SER B 269 4.53 -29.29 21.98
CA SER B 269 3.61 -30.19 22.66
C SER B 269 4.05 -31.62 22.40
N PHE B 270 3.54 -32.52 23.24
CA PHE B 270 3.89 -33.93 23.09
C PHE B 270 3.45 -34.50 21.75
N ALA B 271 2.48 -33.85 21.10
CA ALA B 271 1.99 -34.36 19.83
C ALA B 271 3.01 -34.23 18.71
N ASP B 272 4.09 -33.49 18.94
CA ASP B 272 5.07 -33.26 17.87
C ASP B 272 6.09 -34.38 17.76
N TYR B 273 5.99 -35.43 18.57
CA TYR B 273 6.96 -36.51 18.56
C TYR B 273 6.25 -37.84 18.36
N ALA B 274 7.01 -38.81 17.85
CA ALA B 274 6.57 -40.18 17.74
C ALA B 274 7.61 -41.09 18.39
N VAL B 275 7.14 -42.03 19.20
CA VAL B 275 8.02 -42.91 19.96
C VAL B 275 7.67 -44.35 19.63
N THR B 276 8.68 -45.16 19.39
CA THR B 276 8.49 -46.55 19.01
C THR B 276 9.50 -47.41 19.76
N VAL B 277 9.15 -48.69 19.89
CA VAL B 277 10.00 -49.68 20.58
C VAL B 277 10.17 -50.87 19.67
N GLY B 278 11.38 -51.41 19.63
CA GLY B 278 11.67 -52.57 18.82
C GLY B 278 11.28 -53.86 19.51
N GLN B 279 11.90 -54.95 19.07
CA GLN B 279 11.68 -56.27 19.64
C GLN B 279 12.94 -56.71 20.38
N ALA B 280 12.78 -57.08 21.64
CA ALA B 280 13.91 -57.44 22.47
C ALA B 280 14.33 -58.89 22.26
N PRO B 281 15.55 -59.26 22.65
CA PRO B 281 15.97 -60.65 22.53
C PRO B 281 15.07 -61.58 23.32
N GLU B 282 15.35 -62.88 23.17
CA GLU B 282 14.47 -63.90 23.75
C GLU B 282 14.45 -63.87 25.28
N GLY B 283 15.60 -63.61 25.90
CA GLY B 283 15.72 -63.81 27.33
C GLY B 283 15.07 -62.75 28.18
N VAL B 284 14.57 -61.68 27.59
CA VAL B 284 14.01 -60.56 28.33
C VAL B 284 12.61 -60.28 27.83
N GLU B 285 11.78 -59.77 28.73
CA GLU B 285 10.40 -59.44 28.43
C GLU B 285 10.23 -57.92 28.51
N VAL B 286 9.43 -57.37 27.62
CA VAL B 286 9.21 -55.92 27.54
C VAL B 286 7.79 -55.63 27.97
N LYS B 287 7.63 -54.70 28.91
CA LYS B 287 6.34 -54.32 29.45
C LYS B 287 6.18 -52.81 29.34
N GLU B 288 4.91 -52.38 29.34
CA GLU B 288 4.59 -50.97 29.22
C GLU B 288 3.55 -50.58 30.26
N MET B 289 4.01 -49.94 31.33
CA MET B 289 3.09 -49.34 32.30
C MET B 289 2.48 -48.05 31.79
N LEU B 290 3.13 -47.40 30.83
CA LEU B 290 2.58 -46.22 30.18
C LEU B 290 3.10 -46.13 28.75
N MET C 1 -11.21 -23.53 61.12
CA MET C 1 -11.35 -23.28 59.65
C MET C 1 -11.22 -24.60 58.90
N THR C 2 -12.30 -25.38 58.89
CA THR C 2 -12.26 -26.73 58.36
C THR C 2 -11.78 -26.71 56.92
N ALA C 3 -10.88 -27.62 56.60
CA ALA C 3 -10.29 -27.66 55.27
C ALA C 3 -11.20 -28.40 54.29
N ILE C 4 -10.98 -28.12 53.01
CA ILE C 4 -11.68 -28.81 51.94
C ILE C 4 -11.25 -30.27 51.94
N ALA C 5 -11.98 -31.13 51.24
CA ALA C 5 -11.71 -32.56 51.23
C ALA C 5 -11.72 -33.19 49.84
N ASN C 6 -11.28 -32.46 48.82
CA ASN C 6 -11.20 -32.99 47.47
C ASN C 6 -10.16 -32.22 46.68
N ARG C 7 -9.76 -32.81 45.56
CA ARG C 7 -8.83 -32.15 44.65
C ARG C 7 -9.61 -31.46 43.53
N TYR C 8 -9.19 -30.25 43.18
CA TYR C 8 -9.88 -29.44 42.19
C TYR C 8 -8.91 -29.00 41.11
N GLU C 9 -9.44 -28.81 39.90
CA GLU C 9 -8.71 -28.19 38.81
C GLU C 9 -9.69 -27.48 37.91
N PHE C 10 -9.22 -26.45 37.21
CA PHE C 10 -10.12 -25.57 36.48
C PHE C 10 -9.41 -24.95 35.29
N VAL C 11 -10.20 -24.37 34.40
CA VAL C 11 -9.71 -23.68 33.21
C VAL C 11 -10.47 -22.38 33.06
N LEU C 12 -9.80 -21.36 32.50
CA LEU C 12 -10.38 -20.03 32.37
C LEU C 12 -10.03 -19.44 31.01
N LEU C 13 -10.95 -18.64 30.47
CA LEU C 13 -10.76 -17.94 29.21
C LEU C 13 -11.09 -16.48 29.37
N PHE C 14 -10.35 -15.61 28.68
CA PHE C 14 -10.65 -14.19 28.72
C PHE C 14 -10.10 -13.52 27.47
N ASP C 15 -10.62 -12.33 27.18
CA ASP C 15 -10.37 -11.61 25.94
C ASP C 15 -9.59 -10.33 26.19
N VAL C 16 -9.17 -9.71 25.10
CA VAL C 16 -8.61 -8.37 25.11
C VAL C 16 -8.88 -7.75 23.76
N GLU C 17 -9.01 -6.43 23.72
CA GLU C 17 -9.34 -5.73 22.49
C GLU C 17 -8.78 -4.32 22.53
N ASN C 18 -7.88 -4.00 21.61
CA ASN C 18 -7.27 -2.68 21.53
C ASN C 18 -6.72 -2.24 22.88
N GLY C 19 -5.86 -3.07 23.44
CA GLY C 19 -5.28 -2.75 24.74
C GLY C 19 -3.98 -3.48 24.93
N ASN C 20 -3.35 -3.21 26.07
CA ASN C 20 -2.10 -3.85 26.45
C ASN C 20 -2.33 -4.70 27.69
N PRO C 21 -2.46 -6.01 27.58
CA PRO C 21 -2.82 -6.82 28.75
C PRO C 21 -1.76 -6.80 29.83
N ASN C 22 -0.48 -6.90 29.46
CA ASN C 22 0.59 -6.93 30.44
C ASN C 22 1.87 -6.45 29.76
N GLY C 23 2.38 -5.30 30.21
CA GLY C 23 3.53 -4.70 29.55
C GLY C 23 4.83 -5.29 30.04
N ASP C 24 5.86 -5.14 29.21
CA ASP C 24 7.17 -5.69 29.51
C ASP C 24 8.08 -4.61 30.08
N PRO C 25 8.60 -4.77 31.29
CA PRO C 25 9.46 -3.70 31.85
C PRO C 25 10.72 -3.43 31.07
N ASP C 26 11.20 -4.38 30.26
CA ASP C 26 12.47 -4.23 29.58
C ASP C 26 12.34 -3.65 28.18
N ALA C 27 11.60 -4.32 27.30
CA ALA C 27 11.48 -3.89 25.91
C ALA C 27 10.51 -2.71 25.83
N GLY C 28 10.99 -1.56 26.30
CA GLY C 28 10.14 -0.39 26.36
C GLY C 28 8.92 -0.71 27.19
N ASN C 29 7.78 -0.85 26.53
CA ASN C 29 6.59 -1.36 27.19
C ASN C 29 5.84 -2.32 26.29
N MET C 30 6.55 -3.01 25.40
CA MET C 30 5.90 -3.93 24.49
C MET C 30 5.18 -5.02 25.29
N PRO C 31 4.06 -5.53 24.79
CA PRO C 31 3.45 -6.69 25.43
C PRO C 31 4.39 -7.88 25.38
N ARG C 32 4.35 -8.70 26.43
CA ARG C 32 5.17 -9.89 26.48
C ARG C 32 4.78 -10.84 25.35
N ILE C 33 5.76 -11.47 24.73
CA ILE C 33 5.52 -12.45 23.67
C ILE C 33 6.63 -13.49 23.67
N ASP C 34 6.38 -14.59 22.97
CA ASP C 34 7.39 -15.61 22.74
C ASP C 34 8.14 -15.28 21.46
N PRO C 35 9.43 -14.97 21.55
CA PRO C 35 10.15 -14.54 20.33
C PRO C 35 10.18 -15.59 19.24
N GLU C 36 10.09 -16.87 19.58
CA GLU C 36 10.21 -17.91 18.57
C GLU C 36 8.96 -18.06 17.71
N THR C 37 7.78 -17.87 18.29
CA THR C 37 6.53 -18.14 17.58
C THR C 37 5.55 -16.98 17.54
N GLY C 38 5.71 -15.94 18.37
CA GLY C 38 4.80 -14.82 18.32
C GLY C 38 3.54 -14.98 19.13
N HIS C 39 3.45 -15.99 19.98
CA HIS C 39 2.30 -16.13 20.86
C HIS C 39 2.44 -15.20 22.06
N GLY C 40 1.30 -14.74 22.57
CA GLY C 40 1.29 -13.85 23.70
C GLY C 40 1.41 -14.56 25.02
N LEU C 41 1.73 -13.79 26.07
CA LEU C 41 1.93 -14.33 27.40
C LEU C 41 1.43 -13.35 28.45
N VAL C 42 1.09 -13.89 29.62
CA VAL C 42 0.71 -13.09 30.77
C VAL C 42 1.20 -13.80 32.02
N THR C 43 1.96 -13.10 32.85
CA THR C 43 2.51 -13.71 34.05
C THR C 43 1.41 -13.96 35.06
N ASP C 44 1.49 -15.11 35.74
CA ASP C 44 0.50 -15.43 36.76
C ASP C 44 0.50 -14.39 37.87
N VAL C 45 1.66 -13.78 38.13
CA VAL C 45 1.74 -12.77 39.19
C VAL C 45 0.76 -11.65 38.92
N CYS C 46 0.51 -11.35 37.65
CA CYS C 46 -0.41 -10.27 37.31
C CYS C 46 -1.82 -10.57 37.82
N LEU C 47 -2.29 -11.80 37.65
CA LEU C 47 -3.65 -12.13 38.02
C LEU C 47 -3.85 -12.09 39.53
N LYS C 48 -2.93 -12.69 40.29
CA LYS C 48 -3.07 -12.71 41.73
C LYS C 48 -3.25 -11.30 42.28
N ARG C 49 -2.58 -10.33 41.67
CA ARG C 49 -2.77 -8.94 42.10
C ARG C 49 -4.21 -8.51 41.92
N LYS C 50 -4.81 -8.87 40.79
CA LYS C 50 -6.21 -8.51 40.55
C LYS C 50 -7.13 -9.17 41.56
N ILE C 51 -6.87 -10.44 41.89
CA ILE C 51 -7.70 -11.12 42.87
C ILE C 51 -7.57 -10.45 44.22
N ARG C 52 -6.34 -10.09 44.60
CA ARG C 52 -6.14 -9.40 45.87
C ARG C 52 -6.93 -8.10 45.91
N ASN C 53 -6.86 -7.34 44.82
CA ASN C 53 -7.59 -6.08 44.76
C ASN C 53 -9.09 -6.30 44.91
N HIS C 54 -9.62 -7.30 44.21
CA HIS C 54 -11.06 -7.56 44.30
C HIS C 54 -11.47 -7.92 45.71
N VAL C 55 -10.69 -8.77 46.37
CA VAL C 55 -11.02 -9.16 47.74
C VAL C 55 -10.99 -7.93 48.65
N ALA C 56 -9.94 -7.12 48.52
CA ALA C 56 -9.85 -5.93 49.36
C ALA C 56 -11.04 -5.01 49.13
N LEU C 57 -11.43 -4.83 47.87
CA LEU C 57 -12.55 -3.96 47.56
C LEU C 57 -13.85 -4.50 48.16
N THR C 58 -14.14 -5.78 47.96
CA THR C 58 -15.42 -6.32 48.35
C THR C 58 -15.57 -6.52 49.86
N LYS C 59 -14.50 -6.92 50.56
CA LYS C 59 -14.61 -7.17 51.99
C LYS C 59 -14.31 -5.94 52.83
N GLU C 60 -13.53 -5.00 52.33
CA GLU C 60 -13.30 -3.73 53.01
C GLU C 60 -12.73 -3.94 54.41
N GLY C 61 -11.63 -4.68 54.48
CA GLY C 61 -10.90 -4.79 55.73
C GLY C 61 -11.63 -5.51 56.84
N ALA C 62 -12.55 -6.41 56.51
CA ALA C 62 -13.21 -7.19 57.54
C ALA C 62 -12.19 -8.06 58.27
N GLU C 63 -12.47 -8.32 59.55
CA GLU C 63 -11.54 -9.09 60.36
C GLU C 63 -11.35 -10.48 59.76
N ARG C 64 -10.12 -10.97 59.84
CA ARG C 64 -9.67 -12.21 59.21
C ARG C 64 -9.73 -12.15 57.70
N PHE C 65 -9.74 -10.96 57.11
CA PHE C 65 -9.75 -10.79 55.66
C PHE C 65 -8.80 -9.67 55.25
N ASN C 66 -7.72 -9.49 55.99
CA ASN C 66 -6.70 -8.54 55.58
C ASN C 66 -5.83 -9.15 54.50
N ILE C 67 -5.05 -8.29 53.84
CA ILE C 67 -4.13 -8.71 52.80
C ILE C 67 -2.73 -8.29 53.20
N TYR C 68 -1.77 -9.19 53.03
CA TYR C 68 -0.42 -9.03 53.54
C TYR C 68 0.43 -8.13 52.66
N ILE C 69 0.38 -8.33 51.34
CA ILE C 69 1.14 -7.51 50.42
C ILE C 69 0.31 -6.28 50.09
N GLN C 70 0.37 -5.27 50.94
CA GLN C 70 -0.40 -4.07 50.76
C GLN C 70 0.43 -3.00 50.07
N GLU C 71 -0.25 -1.99 49.53
CA GLU C 71 0.43 -0.94 48.79
C GLU C 71 1.49 -0.26 49.64
N LYS C 72 2.72 -0.24 49.12
CA LYS C 72 3.86 0.46 49.74
C LYS C 72 3.87 0.29 51.25
N ALA C 73 3.84 -0.95 51.71
CA ALA C 73 4.00 -1.24 53.12
C ALA C 73 5.44 -1.66 53.42
N ILE C 74 5.74 -1.81 54.70
CA ILE C 74 7.03 -2.31 55.17
C ILE C 74 6.78 -3.63 55.86
N LEU C 75 7.32 -4.70 55.28
CA LEU C 75 6.94 -6.05 55.73
C LEU C 75 7.46 -6.34 57.13
N ASN C 76 8.71 -5.98 57.42
CA ASN C 76 9.27 -6.34 58.71
C ASN C 76 8.42 -5.83 59.86
N GLU C 77 7.78 -4.67 59.70
CA GLU C 77 6.91 -4.17 60.75
C GLU C 77 5.74 -5.11 60.98
N THR C 78 5.16 -5.64 59.90
CA THR C 78 4.05 -6.56 60.04
C THR C 78 4.46 -7.81 60.80
N HIS C 79 5.65 -8.34 60.48
CA HIS C 79 6.12 -9.53 61.19
C HIS C 79 6.20 -9.26 62.68
N GLU C 80 6.72 -8.10 63.07
CA GLU C 80 6.90 -7.80 64.48
C GLU C 80 5.59 -7.82 65.24
N ARG C 81 4.48 -7.54 64.55
CA ARG C 81 3.19 -7.55 65.21
C ARG C 81 2.87 -8.94 65.76
N ALA C 82 3.20 -9.98 65.01
CA ALA C 82 2.92 -11.34 65.47
C ALA C 82 3.62 -11.61 66.79
N TYR C 83 4.88 -11.22 66.91
CA TYR C 83 5.58 -11.39 68.17
C TYR C 83 4.90 -10.60 69.28
N THR C 84 4.46 -9.38 68.97
CA THR C 84 3.75 -8.59 69.98
C THR C 84 2.47 -9.28 70.42
N ALA C 85 1.69 -9.77 69.45
CA ALA C 85 0.42 -10.41 69.80
C ALA C 85 0.65 -11.66 70.64
N CYS C 86 1.50 -12.57 70.16
CA CYS C 86 1.82 -13.76 70.94
C CYS C 86 2.69 -13.44 72.15
N ASP C 87 3.23 -12.23 72.23
CA ASP C 87 3.93 -11.74 73.42
C ASP C 87 5.19 -12.55 73.72
N LEU C 88 6.11 -12.56 72.76
CA LEU C 88 7.44 -13.07 72.98
C LEU C 88 8.42 -12.28 72.12
N LYS C 89 9.67 -12.23 72.58
CA LYS C 89 10.66 -11.36 71.94
C LYS C 89 11.15 -11.96 70.64
N PRO C 90 11.44 -11.14 69.63
CA PRO C 90 12.06 -11.66 68.42
C PRO C 90 13.58 -11.68 68.53
N GLU C 91 14.20 -12.32 67.54
CA GLU C 91 15.65 -12.40 67.45
C GLU C 91 16.08 -12.13 66.02
N PRO C 92 17.30 -11.64 65.83
CA PRO C 92 17.74 -11.32 64.46
C PRO C 92 17.90 -12.59 63.63
N LYS C 93 17.07 -12.70 62.59
CA LYS C 93 17.14 -13.81 61.64
C LYS C 93 17.05 -15.16 62.33
N LYS C 94 16.17 -15.29 63.31
CA LYS C 94 15.99 -16.55 64.02
C LYS C 94 14.56 -16.67 64.50
N LEU C 95 14.13 -17.91 64.71
CA LEU C 95 12.80 -18.18 65.23
C LEU C 95 12.88 -18.56 66.70
N PRO C 96 11.82 -18.34 67.46
CA PRO C 96 11.84 -18.70 68.88
C PRO C 96 12.02 -20.20 69.05
N LYS C 97 12.72 -20.58 70.11
CA LYS C 97 12.84 -21.99 70.46
C LYS C 97 11.48 -22.52 70.90
N LYS C 98 11.27 -23.82 70.69
CA LYS C 98 9.93 -24.39 70.72
C LYS C 98 9.26 -24.28 72.08
N VAL C 99 9.94 -23.70 73.08
CA VAL C 99 9.30 -23.50 74.37
C VAL C 99 8.00 -22.71 74.21
N GLU C 100 8.03 -21.63 73.43
CA GLU C 100 6.83 -20.99 72.91
C GLU C 100 6.91 -21.18 71.40
N ASP C 101 6.40 -22.33 70.94
CA ASP C 101 6.61 -22.75 69.57
C ASP C 101 6.34 -21.59 68.60
N ALA C 102 7.15 -21.54 67.55
CA ALA C 102 6.91 -20.59 66.48
C ALA C 102 5.57 -20.85 65.82
N LYS C 103 5.00 -22.03 66.02
CA LYS C 103 3.68 -22.31 65.49
C LYS C 103 2.66 -21.30 66.00
N ARG C 104 2.89 -20.74 67.20
CA ARG C 104 1.99 -19.71 67.71
C ARG C 104 1.89 -18.54 66.73
N VAL C 105 3.04 -17.96 66.37
CA VAL C 105 3.02 -16.82 65.46
C VAL C 105 2.60 -17.25 64.08
N THR C 106 3.01 -18.44 63.65
CA THR C 106 2.61 -18.91 62.32
C THR C 106 1.10 -18.99 62.21
N ASP C 107 0.44 -19.59 63.19
CA ASP C 107 -1.02 -19.67 63.19
C ASP C 107 -1.62 -18.27 63.29
N TRP C 108 -1.06 -17.43 64.15
CA TRP C 108 -1.62 -16.10 64.31
C TRP C 108 -1.63 -15.34 63.00
N MET C 109 -0.61 -15.52 62.16
CA MET C 109 -0.66 -14.88 60.84
C MET C 109 -1.57 -15.60 59.87
N CYS C 110 -1.45 -16.93 59.77
CA CYS C 110 -2.29 -17.66 58.84
C CYS C 110 -3.77 -17.45 59.15
N THR C 111 -4.10 -17.19 60.41
CA THR C 111 -5.49 -17.09 60.82
C THR C 111 -6.16 -15.82 60.33
N ASN C 112 -5.41 -14.74 60.13
CA ASN C 112 -6.04 -13.45 59.84
C ASN C 112 -5.43 -12.73 58.65
N PHE C 113 -4.87 -13.44 57.68
CA PHE C 113 -4.48 -12.88 56.40
C PHE C 113 -4.94 -13.80 55.29
N TYR C 114 -5.83 -13.31 54.44
CA TYR C 114 -6.42 -14.16 53.43
C TYR C 114 -5.40 -14.58 52.38
N ASP C 115 -4.61 -13.63 51.87
CA ASP C 115 -3.70 -13.94 50.79
C ASP C 115 -2.59 -14.89 51.25
N ILE C 116 -2.11 -14.73 52.49
CA ILE C 116 -1.15 -15.70 53.01
C ILE C 116 -1.79 -17.08 53.10
N ARG C 117 -3.02 -17.13 53.61
CA ARG C 117 -3.70 -18.40 53.76
C ARG C 117 -3.95 -19.08 52.42
N THR C 118 -4.01 -18.31 51.34
CA THR C 118 -4.38 -18.86 50.03
C THR C 118 -3.18 -19.16 49.15
N PHE C 119 -2.18 -18.27 49.12
CA PHE C 119 -1.04 -18.39 48.23
C PHE C 119 0.26 -18.68 48.94
N GLY C 120 0.37 -18.40 50.24
CA GLY C 120 1.62 -18.59 50.94
C GLY C 120 2.54 -17.40 50.75
N ALA C 121 3.69 -17.45 51.42
CA ALA C 121 4.62 -16.34 51.38
C ALA C 121 5.98 -16.77 51.91
N VAL C 122 6.97 -15.91 51.67
CA VAL C 122 8.32 -16.10 52.16
C VAL C 122 8.57 -15.03 53.21
N MET C 123 8.84 -15.45 54.45
CA MET C 123 8.91 -14.51 55.57
C MET C 123 10.11 -14.79 56.48
N THR C 124 11.20 -15.31 55.95
CA THR C 124 12.41 -15.52 56.73
C THR C 124 13.36 -14.34 56.64
N THR C 125 12.88 -13.14 56.91
CA THR C 125 13.70 -11.94 56.82
C THR C 125 14.38 -11.69 58.16
N GLU C 126 14.94 -10.49 58.34
CA GLU C 126 15.67 -10.20 59.57
C GLU C 126 14.84 -10.54 60.80
N VAL C 127 13.54 -10.26 60.76
CA VAL C 127 12.59 -10.74 61.75
C VAL C 127 11.92 -11.97 61.17
N ASN C 128 12.29 -13.14 61.65
CA ASN C 128 11.96 -14.41 61.01
C ASN C 128 10.62 -14.91 61.51
N CYS C 129 9.82 -15.44 60.59
CA CYS C 129 8.51 -15.99 60.92
C CYS C 129 8.17 -17.25 60.12
N GLY C 130 9.14 -17.83 59.41
CA GLY C 130 8.89 -19.10 58.74
C GLY C 130 8.47 -18.93 57.28
N GLN C 131 7.92 -20.02 56.72
CA GLN C 131 7.55 -20.08 55.32
C GLN C 131 6.22 -20.81 55.18
N VAL C 132 5.55 -20.56 54.05
CA VAL C 132 4.29 -21.23 53.72
C VAL C 132 4.29 -21.50 52.22
N ARG C 133 3.60 -22.57 51.81
CA ARG C 133 3.64 -22.97 50.41
C ARG C 133 2.38 -22.61 49.63
N GLY C 134 1.21 -22.64 50.26
CA GLY C 134 0.00 -22.18 49.61
C GLY C 134 -0.69 -23.27 48.83
N PRO C 135 -1.98 -23.49 49.09
CA PRO C 135 -2.68 -24.61 48.45
C PRO C 135 -3.22 -24.30 47.06
N VAL C 136 -3.05 -23.09 46.55
CA VAL C 136 -3.59 -22.70 45.25
C VAL C 136 -2.43 -22.25 44.35
N GLN C 137 -2.40 -22.78 43.14
CA GLN C 137 -1.34 -22.48 42.19
C GLN C 137 -1.93 -22.31 40.80
N MET C 138 -1.23 -21.58 39.95
CA MET C 138 -1.66 -21.37 38.58
C MET C 138 -0.45 -21.03 37.73
N ALA C 139 -0.54 -21.33 36.44
CA ALA C 139 0.60 -21.23 35.54
C ALA C 139 0.44 -20.03 34.59
N PHE C 140 1.42 -19.86 33.72
CA PHE C 140 1.38 -18.77 32.75
C PHE C 140 0.23 -18.96 31.78
N ALA C 141 -0.37 -17.85 31.36
CA ALA C 141 -1.39 -17.89 30.34
C ALA C 141 -0.76 -17.69 28.96
N ARG C 142 -1.35 -18.33 27.96
CA ARG C 142 -0.86 -18.22 26.60
C ARG C 142 -2.04 -18.07 25.65
N SER C 143 -1.79 -17.39 24.54
CA SER C 143 -2.83 -17.17 23.55
C SER C 143 -2.91 -18.34 22.58
N VAL C 144 -4.11 -18.61 22.09
CA VAL C 144 -4.31 -19.72 21.16
C VAL C 144 -3.61 -19.48 19.84
N GLU C 145 -3.57 -18.24 19.37
CA GLU C 145 -3.04 -17.91 18.06
C GLU C 145 -2.02 -16.78 18.20
N PRO C 146 -1.07 -16.68 17.27
CA PRO C 146 -0.10 -15.59 17.36
C PRO C 146 -0.77 -14.24 17.24
N VAL C 147 -0.18 -13.25 17.90
CA VAL C 147 -0.71 -11.90 17.93
C VAL C 147 0.27 -10.97 17.22
N VAL C 148 -0.23 -9.82 16.81
CA VAL C 148 0.57 -8.85 16.05
C VAL C 148 0.46 -7.48 16.69
N PRO C 149 1.26 -7.17 17.70
CA PRO C 149 1.17 -5.85 18.31
C PRO C 149 1.57 -4.76 17.32
N GLN C 150 0.97 -3.58 17.50
CA GLN C 150 1.27 -2.43 16.67
C GLN C 150 1.42 -1.21 17.55
N GLU C 151 2.15 -0.22 17.05
CA GLU C 151 2.57 0.93 17.83
C GLU C 151 1.87 2.19 17.35
N VAL C 152 1.60 3.10 18.28
CA VAL C 152 0.86 4.33 18.02
C VAL C 152 1.69 5.49 18.52
N SER C 153 1.67 6.59 17.76
CA SER C 153 2.40 7.80 18.11
C SER C 153 1.43 8.91 18.45
N ILE C 154 1.75 9.68 19.49
CA ILE C 154 0.87 10.74 19.98
C ILE C 154 1.71 11.95 20.35
N THR C 155 1.02 13.06 20.58
CA THR C 155 1.66 14.34 20.87
C THR C 155 0.98 15.00 22.05
N ARG C 156 1.72 15.86 22.74
CA ARG C 156 1.17 16.66 23.82
C ARG C 156 1.61 18.11 23.64
N MET C 157 0.72 19.03 23.98
CA MET C 157 0.97 20.46 23.76
C MET C 157 1.49 21.16 25.01
N ALA C 158 2.27 20.48 25.83
CA ALA C 158 2.83 21.08 27.04
C ALA C 158 4.16 20.42 27.34
N VAL C 159 4.96 21.09 28.16
CA VAL C 159 6.27 20.59 28.55
C VAL C 159 6.35 20.62 30.07
N THR C 160 7.22 19.77 30.61
CA THR C 160 7.24 19.58 32.06
C THR C 160 8.27 20.46 32.75
N THR C 161 9.55 20.31 32.39
CA THR C 161 10.63 20.82 33.24
C THR C 161 11.59 21.66 32.39
N LYS C 162 11.32 22.97 32.37
CA LYS C 162 12.29 23.98 31.92
C LYS C 162 13.08 23.51 30.70
N ALA C 163 12.37 23.03 29.69
CA ALA C 163 12.98 22.71 28.40
C ALA C 163 13.25 24.04 27.71
N GLU C 164 14.29 24.72 28.17
CA GLU C 164 14.61 26.05 27.67
C GLU C 164 15.07 26.03 26.21
N ALA C 165 15.50 24.86 25.71
CA ALA C 165 15.96 24.80 24.33
C ALA C 165 14.90 25.26 23.35
N GLU C 166 13.63 25.15 23.71
CA GLU C 166 12.55 25.60 22.85
C GLU C 166 12.61 27.12 22.68
N ASP C 171 6.68 25.62 26.58
CA ASP C 171 6.66 26.61 25.50
C ASP C 171 6.52 25.95 24.15
N ASN C 172 6.61 24.63 24.10
CA ASN C 172 6.57 23.93 22.83
C ASN C 172 6.04 22.52 23.04
N ARG C 173 6.23 21.69 22.03
CA ARG C 173 5.53 20.43 21.92
C ARG C 173 6.28 19.31 22.64
N THR C 174 5.78 18.10 22.46
CA THR C 174 6.42 16.88 22.95
C THR C 174 5.61 15.71 22.43
N MET C 175 6.28 14.58 22.26
CA MET C 175 5.65 13.41 21.67
C MET C 175 6.00 12.16 22.47
N GLY C 176 5.16 11.14 22.32
CA GLY C 176 5.37 9.83 22.91
C GLY C 176 4.68 8.80 22.05
N ARG C 177 4.81 7.54 22.44
CA ARG C 177 4.22 6.46 21.68
C ARG C 177 3.72 5.37 22.61
N LYS C 178 2.76 4.58 22.12
CA LYS C 178 2.11 3.54 22.90
C LYS C 178 1.83 2.35 22.01
N HIS C 179 1.64 1.19 22.64
CA HIS C 179 1.51 -0.09 21.95
C HIS C 179 0.22 -0.77 22.36
N ILE C 180 -0.37 -1.52 21.44
CA ILE C 180 -1.66 -2.16 21.67
C ILE C 180 -1.72 -3.49 20.94
N VAL C 181 -2.68 -4.32 21.35
CA VAL C 181 -2.97 -5.58 20.68
C VAL C 181 -4.37 -5.48 20.09
N PRO C 182 -4.53 -5.65 18.78
CA PRO C 182 -5.89 -5.55 18.22
C PRO C 182 -6.89 -6.48 18.87
N TYR C 183 -6.58 -7.77 18.95
CA TYR C 183 -7.47 -8.73 19.58
C TYR C 183 -6.68 -9.99 19.93
N GLY C 184 -7.12 -10.67 20.98
CA GLY C 184 -6.47 -11.89 21.41
C GLY C 184 -7.30 -12.69 22.39
N LEU C 185 -7.04 -13.99 22.47
CA LEU C 185 -7.76 -14.89 23.36
C LEU C 185 -6.76 -15.74 24.12
N TYR C 186 -6.98 -15.91 25.41
CA TYR C 186 -6.00 -16.52 26.31
C TYR C 186 -6.62 -17.65 27.11
N VAL C 187 -5.76 -18.55 27.58
CA VAL C 187 -6.17 -19.70 28.36
C VAL C 187 -5.26 -19.81 29.59
N ALA C 188 -5.80 -20.38 30.67
CA ALA C 188 -5.06 -20.51 31.92
C ALA C 188 -5.45 -21.80 32.62
N HIS C 189 -4.53 -22.29 33.46
CA HIS C 189 -4.74 -23.51 34.23
C HIS C 189 -4.43 -23.26 35.69
N GLY C 190 -5.00 -24.09 36.56
CA GLY C 190 -4.76 -23.96 37.99
C GLY C 190 -5.07 -25.25 38.71
N PHE C 191 -4.63 -25.32 39.96
CA PHE C 191 -4.79 -26.51 40.78
C PHE C 191 -5.10 -26.12 42.22
N ILE C 192 -5.68 -27.07 42.95
CA ILE C 192 -5.91 -26.95 44.38
C ILE C 192 -5.68 -28.32 45.01
N SER C 193 -5.02 -28.34 46.16
CA SER C 193 -4.67 -29.59 46.83
C SER C 193 -5.24 -29.58 48.25
N ALA C 194 -5.71 -30.74 48.69
CA ALA C 194 -6.32 -30.87 50.01
C ALA C 194 -5.27 -30.96 51.11
N PRO C 195 -4.22 -31.78 50.94
CA PRO C 195 -3.24 -31.92 52.03
C PRO C 195 -2.63 -30.60 52.46
N LEU C 196 -2.29 -29.73 51.51
CA LEU C 196 -1.77 -28.42 51.88
C LEU C 196 -2.84 -27.59 52.55
N ALA C 197 -4.07 -27.66 52.07
CA ALA C 197 -5.14 -26.89 52.69
C ALA C 197 -5.29 -27.24 54.15
N GLU C 198 -5.18 -28.53 54.49
CA GLU C 198 -5.35 -28.94 55.87
C GLU C 198 -4.32 -28.30 56.80
N LYS C 199 -3.20 -27.83 56.27
CA LYS C 199 -2.20 -27.17 57.10
C LYS C 199 -2.53 -25.71 57.37
N THR C 200 -3.46 -25.12 56.63
CA THR C 200 -3.76 -23.71 56.76
C THR C 200 -5.23 -23.41 57.03
N GLY C 201 -6.12 -24.39 56.89
CA GLY C 201 -7.53 -24.16 57.16
C GLY C 201 -8.30 -23.56 56.02
N PHE C 202 -7.78 -23.59 54.79
CA PHE C 202 -8.53 -23.10 53.66
C PHE C 202 -9.88 -23.80 53.58
N SER C 203 -10.95 -23.05 53.78
CA SER C 203 -12.28 -23.60 53.93
C SER C 203 -13.12 -23.36 52.70
N ASP C 204 -14.39 -23.78 52.78
CA ASP C 204 -15.27 -23.75 51.61
C ASP C 204 -15.70 -22.34 51.27
N GLU C 205 -16.08 -21.55 52.27
CA GLU C 205 -16.50 -20.18 51.99
C GLU C 205 -15.40 -19.42 51.26
N ASP C 206 -14.15 -19.69 51.63
CA ASP C 206 -13.03 -19.11 50.89
C ASP C 206 -13.08 -19.53 49.43
N LEU C 207 -13.41 -20.78 49.18
CA LEU C 207 -13.47 -21.27 47.80
C LEU C 207 -14.57 -20.57 47.02
N THR C 208 -15.73 -20.38 47.64
CA THR C 208 -16.82 -19.67 46.96
C THR C 208 -16.41 -18.24 46.65
N LEU C 209 -15.82 -17.56 47.63
CA LEU C 209 -15.32 -16.21 47.38
C LEU C 209 -14.32 -16.21 46.24
N PHE C 210 -13.47 -17.25 46.16
CA PHE C 210 -12.49 -17.34 45.09
C PHE C 210 -13.16 -17.48 43.73
N TRP C 211 -14.19 -18.33 43.65
CA TRP C 211 -14.92 -18.43 42.39
C TRP C 211 -15.50 -17.08 41.99
N ASP C 212 -16.11 -16.38 42.95
CA ASP C 212 -16.70 -15.09 42.63
C ASP C 212 -15.65 -14.12 42.14
N ALA C 213 -14.48 -14.09 42.78
CA ALA C 213 -13.42 -13.19 42.36
C ALA C 213 -12.98 -13.51 40.94
N LEU C 214 -12.84 -14.80 40.62
CA LEU C 214 -12.48 -15.16 39.25
C LEU C 214 -13.52 -14.66 38.26
N VAL C 215 -14.80 -14.82 38.59
CA VAL C 215 -15.83 -14.47 37.62
C VAL C 215 -15.90 -12.96 37.41
N ASN C 216 -15.77 -12.17 38.49
CA ASN C 216 -15.95 -10.73 38.40
C ASN C 216 -14.65 -9.94 38.37
N MET C 217 -13.53 -10.58 38.10
CA MET C 217 -12.23 -9.96 38.32
C MET C 217 -12.05 -8.65 37.57
N PHE C 218 -12.29 -8.65 36.26
CA PHE C 218 -11.85 -7.55 35.41
C PHE C 218 -12.75 -6.32 35.47
N GLU C 219 -13.96 -6.44 36.01
CA GLU C 219 -14.91 -5.34 35.92
C GLU C 219 -14.46 -4.11 36.69
N HIS C 220 -13.49 -4.22 37.57
CA HIS C 220 -13.03 -3.10 38.37
C HIS C 220 -11.65 -2.60 37.97
N ASP C 221 -11.13 -3.05 36.83
CA ASP C 221 -9.73 -2.81 36.47
C ASP C 221 -9.57 -1.86 35.28
N ARG C 222 -10.57 -1.05 34.97
CA ARG C 222 -10.46 -0.17 33.82
C ARG C 222 -9.34 0.84 34.01
N SER C 223 -8.64 1.13 32.92
CA SER C 223 -7.57 2.12 32.93
C SER C 223 -7.37 2.61 31.51
N ALA C 224 -6.50 3.62 31.38
CA ALA C 224 -6.28 4.23 30.08
C ALA C 224 -5.53 3.32 29.12
N ALA C 225 -4.93 2.24 29.61
CA ALA C 225 -4.10 1.39 28.78
C ALA C 225 -4.68 0.01 28.52
N ARG C 226 -5.55 -0.48 29.40
CA ARG C 226 -6.01 -1.85 29.28
C ARG C 226 -7.05 -2.06 28.20
N GLY C 227 -7.70 -1.00 27.74
CA GLY C 227 -8.79 -1.18 26.79
C GLY C 227 -9.92 -1.96 27.44
N LEU C 228 -10.50 -2.88 26.68
CA LEU C 228 -11.62 -3.69 27.14
C LEU C 228 -11.19 -5.14 27.27
N MET C 229 -11.39 -5.71 28.46
CA MET C 229 -11.08 -7.11 28.72
C MET C 229 -12.22 -7.73 29.51
N SER C 230 -12.46 -9.01 29.29
CA SER C 230 -13.58 -9.69 29.92
C SER C 230 -13.32 -11.19 29.96
N SER C 231 -14.02 -11.86 30.86
CA SER C 231 -13.94 -13.31 30.98
C SER C 231 -15.11 -13.96 30.25
N ARG C 232 -14.88 -15.18 29.78
CA ARG C 232 -15.84 -15.83 28.89
C ARG C 232 -16.29 -17.20 29.35
N LYS C 233 -15.39 -18.02 29.90
CA LYS C 233 -15.74 -19.40 30.24
C LYS C 233 -15.02 -19.80 31.51
N LEU C 234 -15.57 -20.80 32.20
CA LEU C 234 -14.95 -21.33 33.40
C LEU C 234 -15.47 -22.75 33.62
N ILE C 235 -14.56 -23.72 33.62
CA ILE C 235 -14.91 -25.12 33.78
C ILE C 235 -14.13 -25.67 34.98
N VAL C 236 -14.83 -26.39 35.85
CA VAL C 236 -14.25 -26.90 37.10
C VAL C 236 -14.38 -28.41 37.11
N PHE C 237 -13.28 -29.08 37.39
CA PHE C 237 -13.25 -30.54 37.57
C PHE C 237 -13.06 -30.82 39.04
N LYS C 238 -13.91 -31.66 39.61
CA LYS C 238 -13.86 -32.01 41.02
C LYS C 238 -13.65 -33.50 41.17
N HIS C 239 -12.64 -33.90 41.93
CA HIS C 239 -12.39 -35.31 42.18
C HIS C 239 -13.26 -35.82 43.32
N GLN C 240 -13.46 -37.13 43.34
CA GLN C 240 -14.38 -37.75 44.29
C GLN C 240 -13.71 -38.20 45.58
N ASN C 241 -12.42 -37.96 45.75
CA ASN C 241 -11.73 -38.40 46.95
C ASN C 241 -10.53 -37.50 47.20
N ARG C 242 -9.90 -37.71 48.36
CA ARG C 242 -8.86 -36.80 48.81
C ARG C 242 -7.70 -36.71 47.83
N LEU C 243 -7.43 -37.78 47.08
CA LEU C 243 -6.38 -37.79 46.07
C LEU C 243 -7.02 -38.13 44.74
N GLY C 244 -6.56 -37.49 43.67
CA GLY C 244 -7.24 -37.54 42.40
C GLY C 244 -7.44 -38.96 41.89
N ASN C 245 -8.14 -39.04 40.76
CA ASN C 245 -8.43 -40.29 40.09
C ASN C 245 -8.04 -40.29 38.63
N ALA C 246 -7.29 -39.30 38.16
CA ALA C 246 -6.84 -39.26 36.78
C ALA C 246 -5.73 -38.24 36.66
N PRO C 247 -4.83 -38.40 35.68
CA PRO C 247 -3.79 -37.38 35.47
C PRO C 247 -4.38 -36.08 34.98
N ALA C 248 -3.74 -34.97 35.35
CA ALA C 248 -4.27 -33.66 34.98
C ALA C 248 -4.28 -33.47 33.47
N HIS C 249 -3.18 -33.80 32.81
CA HIS C 249 -3.08 -33.51 31.38
C HIS C 249 -4.22 -34.15 30.60
N LYS C 250 -4.70 -35.31 31.04
CA LYS C 250 -5.84 -35.93 30.38
C LYS C 250 -7.08 -35.06 30.49
N LEU C 251 -7.33 -34.47 31.66
CA LEU C 251 -8.50 -33.64 31.84
C LEU C 251 -8.45 -32.41 30.96
N PHE C 252 -7.33 -31.69 30.96
CA PHE C 252 -7.24 -30.47 30.17
C PHE C 252 -7.46 -30.74 28.69
N ASP C 253 -7.16 -31.96 28.23
CA ASP C 253 -7.37 -32.30 26.84
C ASP C 253 -8.84 -32.28 26.45
N LEU C 254 -9.75 -32.41 27.42
CA LEU C 254 -11.17 -32.50 27.11
C LEU C 254 -11.72 -31.18 26.57
N VAL C 255 -11.00 -30.08 26.73
CA VAL C 255 -11.46 -28.77 26.28
C VAL C 255 -10.69 -28.41 25.03
N LYS C 256 -11.41 -28.10 23.96
CA LYS C 256 -10.80 -27.80 22.67
C LYS C 256 -11.37 -26.51 22.11
N VAL C 257 -10.51 -25.68 21.53
CA VAL C 257 -10.89 -24.41 20.96
C VAL C 257 -10.44 -24.39 19.50
N SER C 258 -11.35 -24.03 18.61
CA SER C 258 -11.05 -23.99 17.19
C SER C 258 -11.84 -22.86 16.55
N ARG C 259 -11.36 -22.43 15.39
CA ARG C 259 -12.00 -21.31 14.71
C ARG C 259 -13.32 -21.75 14.09
N ALA C 260 -14.31 -20.87 14.15
CA ALA C 260 -15.59 -21.13 13.52
C ALA C 260 -15.38 -21.39 12.03
N GLU C 261 -16.09 -22.39 11.51
CA GLU C 261 -15.88 -22.80 10.13
C GLU C 261 -16.08 -21.65 9.15
N GLY C 262 -17.01 -20.73 9.44
CA GLY C 262 -17.28 -19.65 8.50
C GLY C 262 -16.29 -18.52 8.56
N SER C 263 -15.65 -18.30 9.70
CA SER C 263 -14.73 -17.19 9.84
C SER C 263 -13.51 -17.38 8.94
N SER C 264 -12.98 -16.25 8.44
CA SER C 264 -11.79 -16.27 7.62
C SER C 264 -11.00 -15.01 7.89
N GLY C 265 -9.70 -15.05 7.61
CA GLY C 265 -8.82 -13.95 7.89
C GLY C 265 -8.57 -13.84 9.38
N PRO C 266 -7.96 -12.74 9.80
CA PRO C 266 -7.65 -12.58 11.23
C PRO C 266 -8.91 -12.53 12.07
N ALA C 267 -8.81 -13.06 13.29
CA ALA C 267 -9.91 -13.03 14.22
C ALA C 267 -10.06 -11.64 14.81
N ARG C 268 -11.32 -11.24 15.04
CA ARG C 268 -11.59 -9.94 15.62
C ARG C 268 -12.72 -9.94 16.64
N SER C 269 -13.28 -11.09 17.00
CA SER C 269 -14.29 -11.14 18.04
C SER C 269 -14.41 -12.58 18.51
N PHE C 270 -15.00 -12.73 19.70
CA PHE C 270 -15.15 -14.06 20.27
C PHE C 270 -16.00 -14.95 19.40
N ALA C 271 -16.82 -14.38 18.53
CA ALA C 271 -17.67 -15.17 17.66
C ALA C 271 -16.89 -15.94 16.61
N ASP C 272 -15.60 -15.64 16.44
CA ASP C 272 -14.81 -16.33 15.43
C ASP C 272 -14.29 -17.69 15.90
N TYR C 273 -14.52 -18.06 17.16
CA TYR C 273 -14.02 -19.30 17.71
C TYR C 273 -15.17 -20.18 18.15
N ALA C 274 -14.87 -21.46 18.31
CA ALA C 274 -15.82 -22.44 18.82
C ALA C 274 -15.17 -23.23 19.95
N VAL C 275 -15.97 -23.52 20.98
CA VAL C 275 -15.49 -24.20 22.18
C VAL C 275 -16.31 -25.46 22.38
N THR C 276 -15.64 -26.51 22.87
CA THR C 276 -16.29 -27.79 23.08
C THR C 276 -15.68 -28.47 24.29
N VAL C 277 -16.52 -29.20 25.03
CA VAL C 277 -16.10 -29.90 26.23
C VAL C 277 -16.43 -31.38 26.05
N GLY C 278 -15.47 -32.23 26.38
CA GLY C 278 -15.63 -33.66 26.21
C GLY C 278 -16.33 -34.30 27.39
N GLN C 279 -16.16 -35.62 27.50
CA GLN C 279 -16.79 -36.42 28.55
C GLN C 279 -15.73 -36.90 29.52
N ALA C 280 -15.97 -36.67 30.81
CA ALA C 280 -14.97 -36.94 31.82
C ALA C 280 -15.03 -38.41 32.27
N PRO C 281 -13.94 -38.92 32.85
CA PRO C 281 -13.96 -40.28 33.40
C PRO C 281 -14.95 -40.41 34.54
N GLU C 282 -15.05 -41.64 35.05
CA GLU C 282 -16.04 -41.94 36.08
C GLU C 282 -15.73 -41.20 37.39
N GLY C 283 -14.46 -41.08 37.75
CA GLY C 283 -14.08 -40.60 39.05
C GLY C 283 -14.11 -39.09 39.21
N VAL C 284 -14.47 -38.35 38.16
CA VAL C 284 -14.47 -36.90 38.19
C VAL C 284 -15.80 -36.41 37.65
N GLU C 285 -16.25 -35.27 38.20
CA GLU C 285 -17.47 -34.62 37.75
C GLU C 285 -17.12 -33.25 37.20
N VAL C 286 -17.73 -32.91 36.07
CA VAL C 286 -17.50 -31.65 35.38
C VAL C 286 -18.70 -30.75 35.61
N LYS C 287 -18.46 -29.61 36.26
CA LYS C 287 -19.48 -28.59 36.44
C LYS C 287 -19.00 -27.32 35.76
N GLU C 288 -19.92 -26.66 35.04
CA GLU C 288 -19.53 -25.60 34.12
C GLU C 288 -20.27 -24.29 34.29
N MET C 289 -21.53 -24.29 34.73
CA MET C 289 -22.36 -23.09 34.62
C MET C 289 -21.64 -21.83 35.08
N LEU C 290 -20.60 -21.95 35.90
CA LEU C 290 -19.82 -20.79 36.32
C LEU C 290 -19.52 -19.90 35.12
N MET D 1 -17.14 16.89 48.68
CA MET D 1 -17.43 16.69 47.24
C MET D 1 -18.20 15.38 47.03
N THR D 2 -19.50 15.44 47.27
CA THR D 2 -20.34 14.24 47.29
C THR D 2 -20.20 13.49 45.98
N ALA D 3 -19.83 12.21 46.07
CA ALA D 3 -19.61 11.42 44.88
C ALA D 3 -20.91 10.77 44.41
N ILE D 4 -20.89 10.32 43.16
CA ILE D 4 -22.00 9.57 42.60
C ILE D 4 -22.10 8.22 43.31
N ALA D 5 -23.22 7.52 43.13
CA ALA D 5 -23.44 6.26 43.81
C ALA D 5 -23.98 5.18 42.89
N ASN D 6 -23.52 5.13 41.64
CA ASN D 6 -23.96 4.11 40.70
C ASN D 6 -22.86 3.88 39.67
N ARG D 7 -22.98 2.79 38.94
CA ARG D 7 -22.07 2.51 37.83
C ARG D 7 -22.77 2.81 36.51
N TYR D 8 -21.98 3.32 35.55
CA TYR D 8 -22.52 3.76 34.27
C TYR D 8 -21.74 3.16 33.11
N GLU D 9 -22.45 2.95 32.01
CA GLU D 9 -21.87 2.64 30.71
C GLU D 9 -22.61 3.47 29.66
N PHE D 10 -21.94 3.74 28.55
CA PHE D 10 -22.56 4.56 27.52
C PHE D 10 -21.91 4.30 26.17
N VAL D 11 -22.63 4.67 25.12
CA VAL D 11 -22.20 4.50 23.74
C VAL D 11 -22.48 5.78 22.98
N LEU D 12 -21.59 6.14 22.06
CA LEU D 12 -21.71 7.37 21.28
C LEU D 12 -21.46 7.07 19.81
N LEU D 13 -22.14 7.80 18.94
CA LEU D 13 -22.03 7.63 17.50
C LEU D 13 -21.79 8.98 16.84
N PHE D 14 -20.95 8.99 15.81
CA PHE D 14 -20.66 10.21 15.07
C PHE D 14 -20.07 9.83 13.73
N ASP D 15 -20.10 10.77 12.79
CA ASP D 15 -19.65 10.52 11.42
C ASP D 15 -18.99 11.76 10.86
N VAL D 16 -18.32 11.58 9.73
CA VAL D 16 -17.56 12.65 9.09
C VAL D 16 -17.89 12.64 7.60
N GLU D 17 -17.67 13.79 6.95
CA GLU D 17 -17.87 13.95 5.53
C GLU D 17 -16.73 14.77 4.95
N ASN D 18 -16.05 14.21 3.95
CA ASN D 18 -15.00 14.92 3.23
C ASN D 18 -14.02 15.59 4.19
N GLY D 19 -13.33 14.78 4.98
CA GLY D 19 -12.39 15.33 5.93
C GLY D 19 -11.46 14.27 6.45
N ASN D 20 -10.54 14.70 7.32
CA ASN D 20 -9.59 13.82 7.97
C ASN D 20 -9.83 13.85 9.46
N PRO D 21 -10.53 12.88 10.03
CA PRO D 21 -10.87 12.97 11.46
C PRO D 21 -9.65 12.94 12.37
N ASN D 22 -8.60 12.23 11.98
CA ASN D 22 -7.43 12.14 12.82
C ASN D 22 -6.23 11.64 12.02
N GLY D 23 -5.21 12.47 11.87
CA GLY D 23 -4.07 12.11 11.04
C GLY D 23 -3.07 11.26 11.79
N ASP D 24 -2.21 10.58 11.03
CA ASP D 24 -1.19 9.72 11.60
C ASP D 24 0.17 10.36 11.43
N PRO D 25 0.83 10.80 12.50
CA PRO D 25 2.13 11.49 12.33
C PRO D 25 3.23 10.60 11.77
N ASP D 26 3.11 9.28 11.82
CA ASP D 26 4.18 8.39 11.42
C ASP D 26 4.03 7.85 10.01
N ALA D 27 2.95 8.21 9.30
CA ALA D 27 2.77 7.82 7.91
C ALA D 27 2.20 9.02 7.17
N GLY D 28 3.10 9.85 6.64
CA GLY D 28 2.67 11.09 6.04
C GLY D 28 1.70 11.80 6.96
N ASN D 29 0.45 11.93 6.51
CA ASN D 29 -0.60 12.40 7.41
C ASN D 29 -1.91 11.67 7.15
N MET D 30 -1.84 10.42 6.73
CA MET D 30 -3.05 9.67 6.43
C MET D 30 -3.90 9.46 7.68
N PRO D 31 -5.20 9.25 7.51
CA PRO D 31 -6.02 8.86 8.65
C PRO D 31 -5.56 7.53 9.21
N ARG D 32 -5.66 7.39 10.53
CA ARG D 32 -5.32 6.14 11.17
C ARG D 32 -6.25 5.04 10.69
N ILE D 33 -5.70 3.85 10.48
CA ILE D 33 -6.47 2.69 10.04
C ILE D 33 -5.92 1.44 10.71
N ASP D 34 -6.70 0.38 10.62
CA ASP D 34 -6.21 -0.95 10.98
C ASP D 34 -5.58 -1.58 9.76
N PRO D 35 -4.27 -1.85 9.75
CA PRO D 35 -3.62 -2.30 8.52
C PRO D 35 -4.13 -3.63 8.00
N GLU D 36 -4.82 -4.42 8.82
CA GLU D 36 -5.23 -5.76 8.40
C GLU D 36 -6.64 -5.82 7.83
N THR D 37 -7.50 -4.85 8.15
CA THR D 37 -8.88 -4.91 7.70
C THR D 37 -9.41 -3.62 7.11
N GLY D 38 -8.70 -2.50 7.21
CA GLY D 38 -9.15 -1.27 6.59
C GLY D 38 -10.16 -0.49 7.40
N HIS D 39 -10.45 -0.89 8.63
CA HIS D 39 -11.33 -0.10 9.47
C HIS D 39 -10.58 1.09 10.05
N GLY D 40 -11.28 2.22 10.16
CA GLY D 40 -10.65 3.41 10.69
C GLY D 40 -10.54 3.38 12.20
N LEU D 41 -9.70 4.26 12.73
CA LEU D 41 -9.47 4.36 14.16
C LEU D 41 -9.30 5.82 14.57
N VAL D 42 -9.70 6.12 15.80
CA VAL D 42 -9.52 7.44 16.39
C VAL D 42 -9.10 7.25 17.84
N THR D 43 -8.01 7.90 18.23
CA THR D 43 -7.53 7.79 19.60
C THR D 43 -8.44 8.56 20.55
N ASP D 44 -8.57 8.03 21.76
CA ASP D 44 -9.42 8.66 22.76
C ASP D 44 -8.89 10.04 23.15
N VAL D 45 -7.57 10.21 23.23
CA VAL D 45 -7.00 11.48 23.64
C VAL D 45 -7.54 12.62 22.80
N CYS D 46 -7.87 12.37 21.54
CA CYS D 46 -8.45 13.42 20.71
C CYS D 46 -9.79 13.88 21.30
N LEU D 47 -10.65 12.93 21.64
CA LEU D 47 -11.94 13.28 22.23
C LEU D 47 -11.76 13.97 23.58
N LYS D 48 -10.81 13.51 24.37
CA LYS D 48 -10.55 14.16 25.65
C LYS D 48 -10.13 15.60 25.44
N ARG D 49 -9.27 15.86 24.46
CA ARG D 49 -8.85 17.22 24.15
C ARG D 49 -10.06 18.06 23.77
N LYS D 50 -10.94 17.52 22.93
CA LYS D 50 -12.11 18.28 22.52
C LYS D 50 -12.99 18.63 23.72
N ILE D 51 -13.19 17.66 24.62
CA ILE D 51 -14.01 17.92 25.81
C ILE D 51 -13.38 18.99 26.67
N ARG D 52 -12.07 18.92 26.86
CA ARG D 52 -11.38 19.94 27.65
C ARG D 52 -11.58 21.31 27.03
N ASN D 53 -11.43 21.41 25.71
CA ASN D 53 -11.61 22.70 25.05
C ASN D 53 -13.02 23.23 25.27
N HIS D 54 -14.02 22.36 25.12
CA HIS D 54 -15.39 22.82 25.29
C HIS D 54 -15.63 23.32 26.71
N VAL D 55 -15.12 22.60 27.70
CA VAL D 55 -15.32 23.00 29.09
C VAL D 55 -14.66 24.35 29.33
N ALA D 56 -13.43 24.51 28.86
CA ALA D 56 -12.75 25.79 29.05
C ALA D 56 -13.51 26.92 28.41
N LEU D 57 -14.03 26.69 27.21
CA LEU D 57 -14.77 27.73 26.50
C LEU D 57 -16.03 28.11 27.25
N THR D 58 -16.78 27.12 27.73
CA THR D 58 -18.08 27.39 28.32
C THR D 58 -17.99 27.95 29.74
N LYS D 59 -17.01 27.52 30.53
CA LYS D 59 -16.92 27.97 31.92
C LYS D 59 -16.08 29.23 32.10
N GLU D 60 -15.00 29.37 31.34
CA GLU D 60 -14.20 30.59 31.35
C GLU D 60 -13.53 30.82 32.71
N GLY D 61 -12.81 29.80 33.19
CA GLY D 61 -11.98 29.96 34.36
C GLY D 61 -12.72 30.18 35.67
N ALA D 62 -13.99 29.77 35.75
CA ALA D 62 -14.71 29.89 37.00
C ALA D 62 -14.00 29.14 38.11
N GLU D 63 -14.35 29.46 39.35
CA GLU D 63 -13.72 28.82 40.48
C GLU D 63 -13.95 27.32 40.44
N ARG D 64 -12.90 26.56 40.75
CA ARG D 64 -12.93 25.10 40.78
C ARG D 64 -13.20 24.49 39.42
N PHE D 65 -12.95 25.21 38.34
CA PHE D 65 -13.09 24.67 37.00
C PHE D 65 -11.89 25.06 36.12
N ASN D 66 -10.75 25.33 36.74
CA ASN D 66 -9.53 25.53 35.98
C ASN D 66 -9.19 24.25 35.25
N ILE D 67 -8.77 24.38 34.00
CA ILE D 67 -8.66 23.25 33.09
C ILE D 67 -7.25 22.66 33.08
N TYR D 68 -6.42 23.02 34.05
CA TYR D 68 -5.04 22.55 34.05
C TYR D 68 -4.40 22.95 32.74
N ILE D 69 -4.46 24.25 32.43
CA ILE D 69 -4.25 24.77 31.09
C ILE D 69 -3.04 24.10 30.46
N GLN D 70 -3.24 23.57 29.26
CA GLN D 70 -2.23 22.69 28.68
C GLN D 70 -1.47 23.39 27.55
N GLU D 71 -2.10 24.36 26.90
CA GLU D 71 -1.46 25.00 25.76
C GLU D 71 -0.25 25.81 26.22
N LYS D 72 0.94 25.30 25.93
CA LYS D 72 2.22 25.97 26.18
C LYS D 72 2.52 26.17 27.65
N ALA D 73 1.92 25.38 28.54
CA ALA D 73 2.16 25.55 29.97
C ALA D 73 3.39 24.76 30.40
N ILE D 74 3.88 25.10 31.59
CA ILE D 74 4.94 24.35 32.26
C ILE D 74 4.36 23.81 33.56
N LEU D 75 4.38 22.48 33.70
CA LEU D 75 3.60 21.85 34.75
C LEU D 75 4.22 22.04 36.13
N ASN D 76 5.54 21.89 36.23
CA ASN D 76 6.19 22.02 37.52
C ASN D 76 5.88 23.37 38.16
N GLU D 77 5.76 24.42 37.35
CA GLU D 77 5.36 25.72 37.85
C GLU D 77 3.94 25.72 38.38
N THR D 78 3.12 24.76 38.00
CA THR D 78 1.79 24.63 38.60
C THR D 78 1.85 23.83 39.89
N HIS D 79 2.66 22.77 39.91
CA HIS D 79 2.80 21.98 41.13
C HIS D 79 3.36 22.82 42.27
N GLU D 80 4.36 23.66 41.97
CA GLU D 80 4.91 24.51 43.01
C GLU D 80 3.85 25.41 43.61
N ARG D 81 2.82 25.75 42.84
CA ARG D 81 1.74 26.55 43.40
C ARG D 81 1.00 25.78 44.50
N ALA D 82 0.73 24.50 44.27
CA ALA D 82 0.13 23.69 45.32
C ALA D 82 1.04 23.61 46.53
N TYR D 83 2.34 23.41 46.28
CA TYR D 83 3.28 23.29 47.40
C TYR D 83 3.29 24.56 48.24
N THR D 84 3.30 25.72 47.59
CA THR D 84 3.33 26.98 48.31
C THR D 84 2.00 27.27 49.00
N ALA D 85 0.89 26.94 48.37
CA ALA D 85 -0.41 27.20 48.97
C ALA D 85 -0.56 26.45 50.28
N CYS D 86 -0.14 25.18 50.32
CA CYS D 86 -0.14 24.43 51.56
C CYS D 86 0.99 24.84 52.49
N ASP D 87 1.82 25.80 52.09
CA ASP D 87 2.90 26.33 52.91
C ASP D 87 4.05 25.35 53.07
N LEU D 88 4.12 24.34 52.21
CA LEU D 88 5.20 23.36 52.27
C LEU D 88 6.33 23.76 51.33
N LYS D 89 7.51 23.20 51.57
CA LYS D 89 8.67 23.41 50.73
C LYS D 89 8.97 22.16 49.93
N PRO D 90 8.87 22.19 48.60
CA PRO D 90 9.02 20.95 47.84
C PRO D 90 10.41 20.36 47.98
N GLU D 91 10.46 19.03 48.01
CA GLU D 91 11.71 18.29 48.04
C GLU D 91 12.22 18.06 46.62
N PRO D 92 13.51 17.70 46.47
CA PRO D 92 14.06 17.58 45.12
C PRO D 92 13.30 16.64 44.20
N LYS D 93 12.89 15.47 44.69
CA LYS D 93 12.11 14.55 43.86
C LYS D 93 11.03 13.78 44.62
N LYS D 94 10.70 14.17 45.85
CA LYS D 94 9.84 13.36 46.69
C LYS D 94 8.70 14.18 47.27
N LEU D 95 7.59 13.49 47.55
CA LEU D 95 6.52 14.10 48.33
C LEU D 95 7.02 14.38 49.74
N PRO D 96 6.40 15.31 50.45
CA PRO D 96 6.79 15.54 51.84
C PRO D 96 6.66 14.24 52.63
N LYS D 97 7.71 13.91 53.39
CA LYS D 97 7.70 12.69 54.18
C LYS D 97 6.96 12.93 55.50
N LYS D 98 5.70 13.32 55.34
CA LYS D 98 4.79 13.54 56.46
C LYS D 98 3.39 13.38 55.88
N VAL D 99 2.69 12.31 56.29
CA VAL D 99 1.52 11.84 55.55
C VAL D 99 0.48 12.94 55.38
N GLU D 100 0.18 13.69 56.44
CA GLU D 100 -0.92 14.64 56.36
C GLU D 100 -0.68 15.68 55.27
N ASP D 101 0.48 16.34 55.31
CA ASP D 101 0.76 17.35 54.30
C ASP D 101 0.98 16.74 52.93
N ALA D 102 1.36 15.46 52.88
CA ALA D 102 1.57 14.80 51.59
C ALA D 102 0.27 14.77 50.79
N LYS D 103 -0.85 14.46 51.45
CA LYS D 103 -2.12 14.40 50.75
C LYS D 103 -2.76 15.77 50.60
N ARG D 104 -2.40 16.74 51.44
CA ARG D 104 -3.01 18.05 51.36
C ARG D 104 -2.77 18.70 50.01
N VAL D 105 -1.55 18.61 49.49
CA VAL D 105 -1.27 19.16 48.17
C VAL D 105 -2.10 18.43 47.12
N THR D 106 -2.15 17.11 47.20
CA THR D 106 -2.92 16.34 46.23
C THR D 106 -4.41 16.69 46.31
N ASP D 107 -4.93 16.84 47.52
CA ASP D 107 -6.33 17.23 47.67
C ASP D 107 -6.57 18.61 47.07
N TRP D 108 -5.61 19.52 47.25
CA TRP D 108 -5.74 20.86 46.69
C TRP D 108 -5.81 20.79 45.17
N MET D 109 -4.89 20.07 44.55
CA MET D 109 -4.94 19.87 43.10
C MET D 109 -6.29 19.30 42.68
N CYS D 110 -6.71 18.21 43.32
CA CYS D 110 -7.97 17.58 42.92
C CYS D 110 -9.14 18.54 43.03
N THR D 111 -9.14 19.37 44.07
CA THR D 111 -10.23 20.31 44.24
C THR D 111 -10.25 21.34 43.12
N ASN D 112 -9.11 21.94 42.82
CA ASN D 112 -9.14 23.10 41.93
C ASN D 112 -9.38 22.72 40.47
N PHE D 113 -8.73 21.67 39.98
CA PHE D 113 -8.69 21.39 38.56
C PHE D 113 -9.77 20.37 38.20
N TYR D 114 -10.60 20.72 37.22
CA TYR D 114 -11.68 19.83 36.81
C TYR D 114 -11.15 18.60 36.07
N ASP D 115 -10.26 18.81 35.11
CA ASP D 115 -9.78 17.70 34.30
C ASP D 115 -9.00 16.71 35.13
N ILE D 116 -8.28 17.17 36.16
CA ILE D 116 -7.64 16.25 37.07
C ILE D 116 -8.69 15.46 37.84
N ARG D 117 -9.74 16.15 38.29
CA ARG D 117 -10.79 15.50 39.05
C ARG D 117 -11.51 14.44 38.22
N THR D 118 -11.48 14.57 36.90
CA THR D 118 -12.25 13.69 36.03
C THR D 118 -11.42 12.58 35.40
N PHE D 119 -10.26 12.92 34.83
CA PHE D 119 -9.45 11.97 34.09
C PHE D 119 -8.20 11.51 34.83
N GLY D 120 -7.73 12.27 35.81
CA GLY D 120 -6.51 11.92 36.51
C GLY D 120 -5.27 12.40 35.77
N ALA D 121 -4.12 12.10 36.34
CA ALA D 121 -2.86 12.53 35.74
C ALA D 121 -1.70 11.90 36.52
N VAL D 122 -0.49 12.16 36.04
CA VAL D 122 0.73 11.73 36.71
C VAL D 122 1.52 12.98 37.08
N MET D 123 1.93 13.07 38.35
CA MET D 123 2.59 14.27 38.86
C MET D 123 3.84 13.94 39.63
N THR D 124 4.43 12.77 39.43
CA THR D 124 5.68 12.41 40.09
C THR D 124 6.90 12.97 39.38
N THR D 125 6.92 14.27 39.13
CA THR D 125 8.06 14.91 38.50
C THR D 125 9.01 15.42 39.58
N GLU D 126 9.95 16.28 39.19
CA GLU D 126 10.95 16.76 40.16
C GLU D 126 10.28 17.30 41.41
N VAL D 127 9.21 18.07 41.25
CA VAL D 127 8.33 18.41 42.37
C VAL D 127 7.14 17.48 42.31
N ASN D 128 6.87 16.81 43.43
CA ASN D 128 6.00 15.63 43.44
C ASN D 128 4.68 15.97 44.12
N CYS D 129 3.58 15.55 43.50
CA CYS D 129 2.25 15.70 44.08
C CYS D 129 1.46 14.40 44.11
N GLY D 130 2.02 13.31 43.56
CA GLY D 130 1.38 12.01 43.63
C GLY D 130 0.82 11.53 42.30
N GLN D 131 -0.12 10.58 42.36
CA GLN D 131 -0.77 10.03 41.18
C GLN D 131 -2.27 10.02 41.37
N VAL D 132 -2.99 9.89 40.27
CA VAL D 132 -4.45 9.79 40.27
C VAL D 132 -4.85 8.88 39.12
N ARG D 133 -5.98 8.18 39.29
CA ARG D 133 -6.39 7.19 38.29
C ARG D 133 -7.53 7.66 37.40
N GLY D 134 -8.48 8.40 37.93
CA GLY D 134 -9.51 8.99 37.10
C GLY D 134 -10.74 8.11 36.95
N PRO D 135 -11.89 8.57 37.44
CA PRO D 135 -13.11 7.75 37.32
C PRO D 135 -13.52 7.43 35.90
N VAL D 136 -13.28 8.33 34.94
CA VAL D 136 -13.85 8.21 33.60
C VAL D 136 -12.79 7.65 32.66
N GLN D 137 -13.18 6.69 31.83
CA GLN D 137 -12.29 6.08 30.87
C GLN D 137 -13.02 5.88 29.55
N MET D 138 -12.27 5.82 28.46
CA MET D 138 -12.82 5.60 27.13
C MET D 138 -11.89 4.71 26.33
N ALA D 139 -12.45 4.05 25.32
CA ALA D 139 -11.68 3.18 24.45
C ALA D 139 -11.57 3.78 23.05
N PHE D 140 -10.78 3.12 22.20
CA PHE D 140 -10.61 3.59 20.84
C PHE D 140 -11.92 3.51 20.07
N ALA D 141 -12.12 4.45 19.16
CA ALA D 141 -13.29 4.46 18.31
C ALA D 141 -12.98 3.76 16.99
N ARG D 142 -13.93 2.95 16.55
CA ARG D 142 -13.73 2.10 15.37
C ARG D 142 -14.90 2.26 14.43
N SER D 143 -14.63 2.25 13.13
CA SER D 143 -15.68 2.41 12.15
C SER D 143 -16.44 1.09 11.95
N VAL D 144 -17.63 1.21 11.38
CA VAL D 144 -18.46 0.02 11.15
C VAL D 144 -18.10 -0.69 9.86
N GLU D 145 -17.46 -0.02 8.92
CA GLU D 145 -17.08 -0.63 7.66
C GLU D 145 -15.74 -0.10 7.18
N PRO D 146 -15.07 -0.80 6.26
CA PRO D 146 -13.81 -0.27 5.73
C PRO D 146 -14.02 1.07 5.05
N VAL D 147 -13.00 1.90 5.11
CA VAL D 147 -13.03 3.23 4.49
C VAL D 147 -11.98 3.27 3.39
N VAL D 148 -12.20 4.15 2.42
CA VAL D 148 -11.35 4.23 1.24
C VAL D 148 -10.85 5.66 1.08
N PRO D 149 -9.71 6.02 1.65
CA PRO D 149 -9.23 7.41 1.56
C PRO D 149 -8.95 7.81 0.12
N GLN D 150 -9.16 9.10 -0.15
CA GLN D 150 -8.84 9.69 -1.44
C GLN D 150 -7.75 10.74 -1.25
N GLU D 151 -6.89 10.86 -2.24
CA GLU D 151 -5.77 11.79 -2.20
C GLU D 151 -5.92 12.81 -3.32
N VAL D 152 -5.83 14.10 -2.97
CA VAL D 152 -6.10 15.19 -3.90
C VAL D 152 -4.88 16.08 -3.98
N SER D 153 -4.64 16.63 -5.17
CA SER D 153 -3.46 17.44 -5.45
C SER D 153 -3.83 18.91 -5.45
N ILE D 154 -2.87 19.75 -5.03
CA ILE D 154 -3.09 21.18 -4.84
C ILE D 154 -1.93 21.95 -5.44
N THR D 155 -2.17 23.22 -5.76
CA THR D 155 -1.15 24.11 -6.29
C THR D 155 -1.11 25.38 -5.47
N ARG D 156 -0.18 26.27 -5.83
CA ARG D 156 0.03 27.50 -5.08
C ARG D 156 0.68 28.53 -5.98
N MET D 157 0.54 29.80 -5.62
CA MET D 157 1.01 30.91 -6.45
C MET D 157 2.37 31.45 -6.04
N ALA D 158 2.95 31.00 -4.93
CA ALA D 158 4.15 31.65 -4.42
C ALA D 158 5.12 30.63 -3.85
N VAL D 159 6.31 31.11 -3.48
CA VAL D 159 7.34 30.32 -2.84
C VAL D 159 7.71 30.98 -1.52
N THR D 160 8.26 30.19 -0.61
CA THR D 160 8.52 30.72 0.73
C THR D 160 9.93 31.28 0.87
N THR D 161 10.88 30.75 0.09
CA THR D 161 12.30 31.03 0.33
C THR D 161 12.97 31.34 -1.00
N LYS D 162 14.30 31.39 -0.98
CA LYS D 162 15.07 31.72 -2.17
C LYS D 162 15.25 30.49 -3.06
N ALA D 163 14.23 30.19 -3.85
CA ALA D 163 14.27 29.13 -4.84
C ALA D 163 14.37 29.75 -6.22
N GLU D 164 15.29 29.25 -7.03
CA GLU D 164 15.55 29.79 -8.36
C GLU D 164 14.79 29.02 -9.44
N ALA D 165 13.47 28.97 -9.29
CA ALA D 165 12.65 28.50 -10.40
C ALA D 165 12.73 29.47 -11.57
N GLU D 166 12.75 30.76 -11.28
CA GLU D 166 12.83 31.78 -12.32
C GLU D 166 14.25 32.28 -12.45
N ASP D 171 4.17 33.15 -12.01
CA ASP D 171 4.13 31.79 -12.55
C ASP D 171 3.71 30.79 -11.49
N ASN D 172 3.36 29.58 -11.92
CA ASN D 172 3.10 28.50 -10.99
C ASN D 172 4.39 28.12 -10.25
N ARG D 173 4.27 27.86 -8.96
CA ARG D 173 5.48 27.80 -8.13
C ARG D 173 5.55 26.59 -7.20
N THR D 174 4.41 25.98 -6.86
CA THR D 174 4.45 24.90 -5.88
C THR D 174 3.25 23.99 -6.06
N MET D 175 3.33 22.81 -5.45
CA MET D 175 2.24 21.84 -5.46
C MET D 175 2.16 21.17 -4.10
N GLY D 176 0.95 20.76 -3.72
CA GLY D 176 0.70 20.18 -2.41
C GLY D 176 -0.08 18.88 -2.46
N ARG D 177 -0.64 18.47 -1.32
CA ARG D 177 -1.38 17.21 -1.25
C ARG D 177 -2.35 17.23 -0.07
N LYS D 178 -3.37 16.39 -0.16
CA LYS D 178 -4.35 16.22 0.90
C LYS D 178 -4.86 14.78 0.91
N HIS D 179 -5.40 14.39 2.06
CA HIS D 179 -6.10 13.11 2.20
C HIS D 179 -7.43 13.36 2.89
N ILE D 180 -8.48 12.71 2.40
CA ILE D 180 -9.82 12.90 2.92
C ILE D 180 -10.57 11.59 2.87
N VAL D 181 -11.60 11.47 3.70
CA VAL D 181 -12.47 10.31 3.74
C VAL D 181 -13.85 10.73 3.25
N PRO D 182 -14.36 10.16 2.17
CA PRO D 182 -15.66 10.60 1.66
C PRO D 182 -16.77 10.47 2.68
N TYR D 183 -16.77 9.40 3.47
CA TYR D 183 -17.78 9.23 4.51
C TYR D 183 -17.40 8.06 5.41
N GLY D 184 -17.85 8.13 6.65
CA GLY D 184 -17.61 7.06 7.61
C GLY D 184 -18.37 7.25 8.89
N LEU D 185 -18.65 6.16 9.60
CA LEU D 185 -19.42 6.19 10.84
C LEU D 185 -18.65 5.42 11.91
N TYR D 186 -18.60 5.98 13.11
CA TYR D 186 -17.74 5.47 14.18
C TYR D 186 -18.55 5.20 15.44
N VAL D 187 -17.99 4.37 16.32
CA VAL D 187 -18.63 3.96 17.56
C VAL D 187 -17.61 4.04 18.69
N ALA D 188 -18.07 4.43 19.87
CA ALA D 188 -17.20 4.58 21.04
C ALA D 188 -17.88 4.01 22.27
N HIS D 189 -17.06 3.50 23.20
CA HIS D 189 -17.53 2.97 24.47
C HIS D 189 -16.92 3.77 25.61
N GLY D 190 -17.44 3.56 26.81
CA GLY D 190 -16.89 4.25 27.98
C GLY D 190 -17.43 3.66 29.26
N PHE D 191 -16.79 4.03 30.37
CA PHE D 191 -17.15 3.52 31.68
C PHE D 191 -17.00 4.62 32.72
N ILE D 192 -17.71 4.46 33.83
CA ILE D 192 -17.58 5.34 34.99
C ILE D 192 -17.61 4.47 36.24
N SER D 193 -16.73 4.77 37.18
CA SER D 193 -16.53 3.97 38.39
C SER D 193 -16.91 4.79 39.61
N ALA D 194 -17.70 4.21 40.51
CA ALA D 194 -18.13 4.95 41.69
C ALA D 194 -17.05 4.97 42.77
N PRO D 195 -16.38 3.87 43.09
CA PRO D 195 -15.37 3.91 44.16
C PRO D 195 -14.30 4.96 43.94
N LEU D 196 -13.83 5.14 42.71
CA LEU D 196 -12.82 6.16 42.45
C LEU D 196 -13.38 7.56 42.63
N ALA D 197 -14.59 7.79 42.13
CA ALA D 197 -15.24 9.07 42.35
C ALA D 197 -15.33 9.37 43.83
N GLU D 198 -15.56 8.36 44.66
CA GLU D 198 -15.58 8.58 46.10
C GLU D 198 -14.23 9.04 46.62
N LYS D 199 -13.16 8.82 45.87
CA LYS D 199 -11.85 9.29 46.28
C LYS D 199 -11.53 10.67 45.75
N THR D 200 -11.90 10.97 44.49
CA THR D 200 -11.58 12.28 43.92
C THR D 200 -12.67 13.31 44.19
N GLY D 201 -13.89 12.89 44.51
CA GLY D 201 -14.98 13.82 44.72
C GLY D 201 -15.79 14.16 43.51
N PHE D 202 -15.63 13.41 42.42
CA PHE D 202 -16.42 13.66 41.21
C PHE D 202 -17.90 13.61 41.56
N SER D 203 -18.62 14.69 41.23
CA SER D 203 -19.98 14.89 41.70
C SER D 203 -20.96 14.93 40.53
N ASP D 204 -22.23 15.08 40.86
CA ASP D 204 -23.29 14.96 39.86
C ASP D 204 -23.29 16.11 38.87
N GLU D 205 -23.19 17.35 39.36
CA GLU D 205 -23.18 18.48 38.44
C GLU D 205 -22.07 18.32 37.41
N ASP D 206 -20.94 17.75 37.82
CA ASP D 206 -19.89 17.43 36.85
C ASP D 206 -20.39 16.44 35.83
N LEU D 207 -21.21 15.47 36.26
CA LEU D 207 -21.77 14.50 35.31
C LEU D 207 -22.67 15.19 34.30
N THR D 208 -23.50 16.13 34.76
CA THR D 208 -24.36 16.86 33.84
C THR D 208 -23.54 17.65 32.84
N LEU D 209 -22.52 18.35 33.33
CA LEU D 209 -21.64 19.10 32.42
C LEU D 209 -20.98 18.16 31.43
N PHE D 210 -20.62 16.95 31.87
CA PHE D 210 -20.00 15.98 30.99
C PHE D 210 -20.94 15.55 29.88
N TRP D 211 -22.21 15.27 30.23
CA TRP D 211 -23.19 14.94 29.20
C TRP D 211 -23.31 16.07 28.19
N ASP D 212 -23.40 17.30 28.69
CA ASP D 212 -23.53 18.44 27.78
C ASP D 212 -22.35 18.53 26.83
N ALA D 213 -21.14 18.39 27.37
CA ALA D 213 -19.94 18.46 26.54
C ALA D 213 -19.96 17.38 25.48
N LEU D 214 -20.33 16.15 25.85
CA LEU D 214 -20.40 15.09 24.87
C LEU D 214 -21.38 15.44 23.75
N VAL D 215 -22.54 15.99 24.11
CA VAL D 215 -23.54 16.30 23.09
C VAL D 215 -23.02 17.38 22.16
N ASN D 216 -22.42 18.44 22.71
CA ASN D 216 -22.02 19.60 21.91
C ASN D 216 -20.53 19.67 21.65
N MET D 217 -19.88 18.54 21.40
CA MET D 217 -18.42 18.51 21.34
C MET D 217 -17.89 19.23 20.10
N PHE D 218 -18.45 18.90 18.93
CA PHE D 218 -17.82 19.30 17.67
C PHE D 218 -18.20 20.70 17.21
N GLU D 219 -19.15 21.35 17.87
CA GLU D 219 -19.68 22.60 17.34
C GLU D 219 -18.61 23.67 17.24
N HIS D 220 -17.61 23.63 18.11
CA HIS D 220 -16.59 24.66 18.18
C HIS D 220 -15.27 24.22 17.55
N ASP D 221 -15.25 23.12 16.81
CA ASP D 221 -14.03 22.51 16.33
C ASP D 221 -13.84 22.64 14.83
N ARG D 222 -14.55 23.56 14.19
CA ARG D 222 -14.43 23.71 12.74
C ARG D 222 -13.00 24.08 12.36
N SER D 223 -12.53 23.52 11.24
CA SER D 223 -11.18 23.76 10.78
C SER D 223 -11.10 23.47 9.30
N ALA D 224 -9.98 23.87 8.70
CA ALA D 224 -9.81 23.71 7.26
C ALA D 224 -9.82 22.24 6.86
N ALA D 225 -9.18 21.37 7.63
CA ALA D 225 -9.06 19.97 7.27
C ALA D 225 -10.15 19.10 7.87
N ARG D 226 -10.84 19.56 8.91
CA ARG D 226 -11.81 18.71 9.59
C ARG D 226 -12.98 18.33 8.70
N GLY D 227 -13.46 19.26 7.87
CA GLY D 227 -14.70 18.99 7.18
C GLY D 227 -15.88 19.16 8.13
N LEU D 228 -16.92 18.38 7.91
CA LEU D 228 -18.13 18.43 8.72
C LEU D 228 -18.26 17.16 9.55
N MET D 229 -18.38 17.33 10.86
CA MET D 229 -18.54 16.21 11.78
C MET D 229 -19.60 16.56 12.81
N SER D 230 -20.36 15.55 13.23
CA SER D 230 -21.43 15.78 14.19
C SER D 230 -21.76 14.46 14.89
N SER D 231 -22.47 14.57 15.99
CA SER D 231 -22.91 13.40 16.76
C SER D 231 -24.36 13.08 16.43
N ARG D 232 -24.71 11.81 16.62
CA ARG D 232 -26.01 11.33 16.19
C ARG D 232 -26.81 10.62 17.28
N LYS D 233 -26.14 9.87 18.15
CA LYS D 233 -26.85 9.04 19.13
C LYS D 233 -26.05 8.96 20.42
N LEU D 234 -26.76 8.72 21.52
CA LEU D 234 -26.15 8.57 22.83
C LEU D 234 -27.05 7.71 23.70
N ILE D 235 -26.52 6.61 24.20
CA ILE D 235 -27.25 5.68 25.05
C ILE D 235 -26.49 5.50 26.35
N VAL D 236 -27.22 5.52 27.46
CA VAL D 236 -26.63 5.44 28.80
C VAL D 236 -27.28 4.29 29.55
N PHE D 237 -26.46 3.45 30.17
CA PHE D 237 -26.94 2.38 31.05
C PHE D 237 -26.55 2.73 32.48
N LYS D 238 -27.53 2.71 33.38
CA LYS D 238 -27.32 3.06 34.78
C LYS D 238 -27.65 1.86 35.64
N HIS D 239 -26.65 1.36 36.36
CA HIS D 239 -26.85 0.23 37.26
C HIS D 239 -27.60 0.69 38.50
N GLN D 240 -28.18 -0.26 39.22
CA GLN D 240 -29.06 0.05 40.34
C GLN D 240 -28.38 -0.03 41.69
N ASN D 241 -27.06 -0.26 41.75
CA ASN D 241 -26.35 -0.30 43.01
C ASN D 241 -24.89 0.08 42.76
N ARG D 242 -24.14 0.19 43.85
CA ARG D 242 -22.77 0.69 43.75
C ARG D 242 -21.87 -0.20 42.90
N LEU D 243 -22.24 -1.47 42.74
CA LEU D 243 -21.49 -2.39 41.90
C LEU D 243 -22.44 -2.99 40.87
N GLY D 244 -21.93 -3.21 39.66
CA GLY D 244 -22.79 -3.58 38.56
C GLY D 244 -23.64 -4.80 38.85
N ASN D 245 -24.62 -5.01 37.98
CA ASN D 245 -25.50 -6.16 38.03
C ASN D 245 -25.39 -7.05 36.80
N ALA D 246 -24.51 -6.73 35.87
CA ALA D 246 -24.32 -7.53 34.67
C ALA D 246 -22.97 -7.20 34.05
N PRO D 247 -22.43 -8.10 33.24
CA PRO D 247 -21.18 -7.77 32.54
C PRO D 247 -21.42 -6.73 31.45
N ALA D 248 -20.40 -5.91 31.21
CA ALA D 248 -20.54 -4.84 30.23
C ALA D 248 -20.74 -5.39 28.82
N HIS D 249 -19.97 -6.42 28.45
CA HIS D 249 -20.02 -6.89 27.08
C HIS D 249 -21.42 -7.34 26.70
N LYS D 250 -22.19 -7.86 27.66
CA LYS D 250 -23.58 -8.18 27.38
C LYS D 250 -24.37 -6.93 27.04
N LEU D 251 -24.15 -5.85 27.80
CA LEU D 251 -24.88 -4.62 27.54
C LEU D 251 -24.54 -4.06 26.16
N PHE D 252 -23.25 -4.00 25.83
CA PHE D 252 -22.86 -3.44 24.55
C PHE D 252 -23.48 -4.20 23.38
N ASP D 253 -23.87 -5.45 23.61
CA ASP D 253 -24.45 -6.25 22.53
C ASP D 253 -25.89 -5.87 22.23
N LEU D 254 -26.57 -5.16 23.13
CA LEU D 254 -27.96 -4.80 22.88
C LEU D 254 -28.10 -3.76 21.77
N VAL D 255 -27.01 -3.13 21.37
CA VAL D 255 -27.03 -2.11 20.33
C VAL D 255 -26.51 -2.72 19.04
N LYS D 256 -27.28 -2.59 17.96
CA LYS D 256 -26.92 -3.17 16.68
C LYS D 256 -27.13 -2.15 15.58
N VAL D 257 -26.22 -2.15 14.61
CA VAL D 257 -26.25 -1.22 13.49
C VAL D 257 -26.07 -2.00 12.20
N SER D 258 -26.86 -1.66 11.19
CA SER D 258 -26.80 -2.35 9.91
C SER D 258 -27.40 -1.46 8.84
N ARG D 259 -27.17 -1.84 7.59
CA ARG D 259 -27.67 -1.05 6.46
C ARG D 259 -29.19 -1.02 6.46
N ALA D 260 -29.73 0.10 6.00
CA ALA D 260 -31.16 0.19 5.77
C ALA D 260 -31.54 -0.65 4.56
N GLU D 261 -32.83 -0.60 4.21
CA GLU D 261 -33.32 -1.40 3.08
C GLU D 261 -32.67 -0.98 1.78
N GLY D 262 -32.58 0.33 1.53
CA GLY D 262 -31.95 0.83 0.33
C GLY D 262 -30.45 0.94 0.47
N SER D 263 -29.77 -0.21 0.58
CA SER D 263 -28.32 -0.18 0.74
C SER D 263 -27.65 0.55 -0.41
N SER D 264 -27.96 0.15 -1.64
CA SER D 264 -27.49 0.85 -2.84
C SER D 264 -25.99 1.06 -2.81
N GLY D 265 -25.26 0.02 -2.40
CA GLY D 265 -23.81 0.06 -2.41
C GLY D 265 -23.25 1.11 -1.47
N PRO D 266 -22.46 2.05 -1.99
CA PRO D 266 -21.73 2.96 -1.10
C PRO D 266 -22.68 3.74 -0.19
N ALA D 267 -22.27 3.92 1.06
CA ALA D 267 -23.02 4.74 1.98
C ALA D 267 -22.52 6.17 1.93
N ARG D 268 -23.45 7.13 1.92
CA ARG D 268 -23.08 8.53 1.84
C ARG D 268 -23.90 9.42 2.76
N SER D 269 -24.73 8.86 3.63
CA SER D 269 -25.49 9.66 4.58
C SER D 269 -25.91 8.77 5.73
N PHE D 270 -26.25 9.40 6.85
CA PHE D 270 -26.69 8.65 8.01
C PHE D 270 -27.97 7.89 7.73
N ALA D 271 -28.71 8.27 6.70
CA ALA D 271 -29.96 7.59 6.38
C ALA D 271 -29.72 6.19 5.83
N ASP D 272 -28.48 5.86 5.48
CA ASP D 272 -28.20 4.55 4.89
C ASP D 272 -28.07 3.45 5.92
N TYR D 273 -28.12 3.77 7.21
CA TYR D 273 -27.98 2.78 8.26
C TYR D 273 -29.23 2.76 9.13
N ALA D 274 -29.39 1.67 9.87
CA ALA D 274 -30.47 1.51 10.83
C ALA D 274 -29.89 1.11 12.18
N VAL D 275 -30.43 1.70 13.24
CA VAL D 275 -29.94 1.48 14.60
C VAL D 275 -31.09 0.99 15.46
N THR D 276 -30.80 0.03 16.33
CA THR D 276 -31.81 -0.53 17.20
C THR D 276 -31.19 -0.88 18.55
N VAL D 277 -32.02 -0.88 19.58
CA VAL D 277 -31.60 -1.19 20.94
C VAL D 277 -32.52 -2.26 21.50
N GLY D 278 -31.94 -3.23 22.22
CA GLY D 278 -32.70 -4.31 22.79
C GLY D 278 -33.31 -3.95 24.12
N GLN D 279 -33.57 -4.98 24.92
CA GLN D 279 -34.18 -4.84 26.23
C GLN D 279 -33.16 -5.22 27.29
N ALA D 280 -32.99 -4.34 28.29
CA ALA D 280 -31.93 -4.51 29.27
C ALA D 280 -32.36 -5.42 30.41
N PRO D 281 -31.41 -6.06 31.09
CA PRO D 281 -31.76 -6.87 32.26
C PRO D 281 -32.41 -6.03 33.34
N GLU D 282 -33.19 -6.70 34.20
CA GLU D 282 -33.96 -6.01 35.23
C GLU D 282 -33.08 -5.13 36.11
N GLY D 283 -31.83 -5.52 36.33
CA GLY D 283 -30.97 -4.79 37.24
C GLY D 283 -30.36 -3.53 36.67
N VAL D 284 -30.66 -3.20 35.42
CA VAL D 284 -30.05 -2.07 34.72
C VAL D 284 -31.14 -1.19 34.14
N GLU D 285 -30.93 0.11 34.18
CA GLU D 285 -31.84 1.07 33.59
C GLU D 285 -31.21 1.63 32.31
N VAL D 286 -31.98 1.65 31.24
CA VAL D 286 -31.51 2.14 29.94
C VAL D 286 -32.31 3.37 29.56
N LYS D 287 -31.61 4.48 29.34
CA LYS D 287 -32.22 5.72 28.90
C LYS D 287 -31.47 6.21 27.68
N GLU D 288 -32.22 6.57 26.64
CA GLU D 288 -31.60 6.86 25.36
C GLU D 288 -31.97 8.22 24.79
N MET D 289 -32.89 8.97 25.42
CA MET D 289 -33.32 10.22 24.81
C MET D 289 -32.19 11.22 24.66
N LEU D 290 -31.09 11.06 25.38
CA LEU D 290 -29.97 11.98 25.22
C LEU D 290 -29.53 11.99 23.76
N MET E 1 -10.61 47.72 17.07
CA MET E 1 -11.56 47.18 16.04
C MET E 1 -12.47 46.14 16.70
N THR E 2 -13.77 46.41 16.71
CA THR E 2 -14.70 45.54 17.42
C THR E 2 -14.94 44.25 16.66
N ALA E 3 -15.04 43.15 17.40
CA ALA E 3 -15.34 41.87 16.80
C ALA E 3 -16.84 41.65 16.73
N ILE E 4 -17.25 40.74 15.87
CA ILE E 4 -18.66 40.38 15.72
C ILE E 4 -19.14 39.75 17.01
N ALA E 5 -20.46 39.63 17.16
CA ALA E 5 -21.04 39.15 18.41
C ALA E 5 -22.12 38.09 18.20
N ASN E 6 -22.08 37.34 17.10
CA ASN E 6 -23.05 36.28 16.87
C ASN E 6 -22.43 35.20 15.99
N ARG E 7 -22.98 34.00 16.08
CA ARG E 7 -22.52 32.89 15.26
C ARG E 7 -23.38 32.77 14.01
N TYR E 8 -22.75 32.34 12.91
CA TYR E 8 -23.40 32.34 11.62
C TYR E 8 -23.18 31.01 10.90
N GLU E 9 -24.10 30.72 9.98
CA GLU E 9 -23.93 29.68 8.97
C GLU E 9 -24.64 30.14 7.71
N PHE E 10 -24.19 29.65 6.56
CA PHE E 10 -24.71 30.12 5.30
C PHE E 10 -24.60 29.03 4.25
N VAL E 11 -25.37 29.20 3.18
CA VAL E 11 -25.39 28.26 2.06
C VAL E 11 -25.36 29.07 0.77
N LEU E 12 -24.71 28.52 -0.26
CA LEU E 12 -24.56 29.20 -1.53
C LEU E 12 -24.84 28.24 -2.67
N LEU E 13 -25.43 28.75 -3.75
CA LEU E 13 -25.72 27.97 -4.94
C LEU E 13 -25.17 28.67 -6.17
N PHE E 14 -24.59 27.88 -7.07
CA PHE E 14 -24.06 28.41 -8.32
C PHE E 14 -24.01 27.29 -9.34
N ASP E 15 -23.86 27.66 -10.61
CA ASP E 15 -23.92 26.70 -11.71
C ASP E 15 -22.99 27.16 -12.83
N VAL E 16 -22.81 26.27 -13.80
CA VAL E 16 -21.91 26.49 -14.92
C VAL E 16 -22.53 25.93 -16.19
N GLU E 17 -22.15 26.50 -17.32
CA GLU E 17 -22.62 26.05 -18.64
C GLU E 17 -21.45 25.96 -19.60
N ASN E 18 -21.27 24.80 -20.21
CA ASN E 18 -20.22 24.60 -21.21
C ASN E 18 -18.88 25.16 -20.73
N GLY E 19 -18.36 24.56 -19.66
CA GLY E 19 -17.10 25.01 -19.12
C GLY E 19 -16.54 23.99 -18.14
N ASN E 20 -15.32 24.25 -17.70
CA ASN E 20 -14.66 23.39 -16.73
C ASN E 20 -14.54 24.13 -15.41
N PRO E 21 -15.37 23.84 -14.42
CA PRO E 21 -15.34 24.66 -13.20
C PRO E 21 -14.02 24.55 -12.44
N ASN E 22 -13.55 23.34 -12.19
CA ASN E 22 -12.26 23.17 -11.53
C ASN E 22 -11.65 21.82 -11.88
N GLY E 23 -10.68 21.83 -12.79
CA GLY E 23 -10.00 20.59 -13.16
C GLY E 23 -8.81 20.36 -12.26
N ASP E 24 -8.66 19.11 -11.81
CA ASP E 24 -7.58 18.83 -10.88
C ASP E 24 -6.40 18.23 -11.60
N PRO E 25 -5.18 18.63 -11.23
CA PRO E 25 -4.02 18.38 -12.10
C PRO E 25 -3.42 16.99 -11.96
N ASP E 26 -4.25 15.96 -12.00
CA ASP E 26 -3.70 14.61 -11.88
C ASP E 26 -4.38 13.60 -12.79
N ALA E 27 -5.33 14.02 -13.62
CA ALA E 27 -6.01 13.13 -14.54
C ALA E 27 -6.07 13.83 -15.89
N GLY E 28 -4.93 14.36 -16.33
CA GLY E 28 -4.92 15.25 -17.46
C GLY E 28 -5.44 16.60 -17.01
N ASN E 29 -6.65 16.94 -17.41
CA ASN E 29 -7.32 18.11 -16.87
C ASN E 29 -8.80 17.83 -16.70
N MET E 30 -9.15 16.59 -16.37
CA MET E 30 -10.54 16.26 -16.10
C MET E 30 -11.10 17.16 -15.01
N PRO E 31 -12.37 17.54 -15.11
CA PRO E 31 -13.04 18.14 -13.95
C PRO E 31 -13.07 17.16 -12.80
N ARG E 32 -12.89 17.69 -11.60
CA ARG E 32 -12.80 16.84 -10.42
C ARG E 32 -14.15 16.22 -10.11
N ILE E 33 -14.16 14.90 -9.85
CA ILE E 33 -15.40 14.18 -9.58
C ILE E 33 -15.17 13.19 -8.45
N ASP E 34 -16.27 12.66 -7.94
CA ASP E 34 -16.25 11.56 -6.99
C ASP E 34 -16.37 10.25 -7.75
N PRO E 35 -15.35 9.39 -7.74
CA PRO E 35 -15.38 8.21 -8.61
C PRO E 35 -16.55 7.28 -8.35
N GLU E 36 -16.99 7.12 -7.11
CA GLU E 36 -17.93 6.06 -6.78
C GLU E 36 -19.38 6.44 -7.07
N THR E 37 -19.69 7.71 -7.29
CA THR E 37 -21.06 8.13 -7.56
C THR E 37 -21.20 9.11 -8.70
N GLY E 38 -20.12 9.71 -9.19
CA GLY E 38 -20.19 10.58 -10.34
C GLY E 38 -20.52 12.03 -10.03
N HIS E 39 -20.79 12.37 -8.77
CA HIS E 39 -21.05 13.75 -8.42
C HIS E 39 -19.78 14.58 -8.54
N GLY E 40 -19.92 15.82 -9.00
CA GLY E 40 -18.78 16.69 -9.14
C GLY E 40 -18.32 17.26 -7.82
N LEU E 41 -17.15 17.91 -7.85
CA LEU E 41 -16.57 18.49 -6.65
C LEU E 41 -15.81 19.77 -7.02
N VAL E 42 -15.61 20.62 -6.02
CA VAL E 42 -14.79 21.81 -6.14
C VAL E 42 -14.13 22.07 -4.80
N THR E 43 -12.87 22.47 -4.83
CA THR E 43 -12.12 22.71 -3.61
C THR E 43 -12.37 24.12 -3.11
N ASP E 44 -12.49 24.25 -1.78
CA ASP E 44 -12.70 25.55 -1.16
C ASP E 44 -11.56 26.51 -1.47
N VAL E 45 -10.35 25.97 -1.68
CA VAL E 45 -9.22 26.82 -2.01
C VAL E 45 -9.52 27.64 -3.26
N CYS E 46 -10.16 27.02 -4.24
CA CYS E 46 -10.53 27.75 -5.45
C CYS E 46 -11.40 28.95 -5.12
N LEU E 47 -12.42 28.76 -4.28
CA LEU E 47 -13.32 29.85 -3.95
C LEU E 47 -12.60 30.96 -3.19
N LYS E 48 -11.75 30.57 -2.23
CA LYS E 48 -11.04 31.59 -1.48
C LYS E 48 -10.11 32.38 -2.38
N ARG E 49 -9.54 31.74 -3.39
CA ARG E 49 -8.74 32.48 -4.37
C ARG E 49 -9.56 33.58 -5.02
N LYS E 50 -10.76 33.25 -5.46
CA LYS E 50 -11.59 34.24 -6.13
C LYS E 50 -11.96 35.38 -5.20
N ILE E 51 -12.25 35.06 -3.94
CA ILE E 51 -12.58 36.11 -2.99
C ILE E 51 -11.39 37.05 -2.81
N ARG E 52 -10.19 36.48 -2.67
CA ARG E 52 -9.00 37.29 -2.55
C ARG E 52 -8.87 38.22 -3.74
N ASN E 53 -9.05 37.67 -4.95
CA ASN E 53 -8.91 38.48 -6.15
C ASN E 53 -9.92 39.62 -6.16
N HIS E 54 -11.17 39.34 -5.81
CA HIS E 54 -12.18 40.38 -5.84
C HIS E 54 -11.85 41.49 -4.86
N VAL E 55 -11.43 41.15 -3.65
CA VAL E 55 -11.11 42.18 -2.67
C VAL E 55 -9.94 43.02 -3.17
N ALA E 56 -8.90 42.36 -3.68
CA ALA E 56 -7.74 43.11 -4.17
C ALA E 56 -8.15 44.06 -5.27
N LEU E 57 -8.99 43.59 -6.20
CA LEU E 57 -9.42 44.44 -7.29
C LEU E 57 -10.22 45.63 -6.80
N THR E 58 -11.16 45.41 -5.88
CA THR E 58 -12.09 46.46 -5.50
C THR E 58 -11.46 47.50 -4.57
N LYS E 59 -10.54 47.09 -3.70
CA LYS E 59 -9.97 48.03 -2.73
C LYS E 59 -8.73 48.73 -3.24
N GLU E 60 -7.97 48.10 -4.13
CA GLU E 60 -6.80 48.75 -4.74
C GLU E 60 -5.78 49.14 -3.69
N GLY E 61 -5.40 48.20 -2.84
CA GLY E 61 -4.32 48.41 -1.91
C GLY E 61 -4.58 49.44 -0.84
N ALA E 62 -5.84 49.72 -0.52
CA ALA E 62 -6.13 50.63 0.58
C ALA E 62 -5.51 50.12 1.86
N GLU E 63 -5.36 51.02 2.83
CA GLU E 63 -4.74 50.65 4.09
C GLU E 63 -5.57 49.61 4.82
N ARG E 64 -4.89 48.70 5.50
CA ARG E 64 -5.54 47.63 6.26
C ARG E 64 -6.27 46.65 5.37
N PHE E 65 -5.94 46.64 4.08
CA PHE E 65 -6.60 45.75 3.13
C PHE E 65 -5.61 45.15 2.14
N ASN E 66 -4.36 44.98 2.54
CA ASN E 66 -3.41 44.28 1.71
C ASN E 66 -3.67 42.78 1.77
N ILE E 67 -3.20 42.08 0.74
CA ILE E 67 -3.39 40.63 0.64
C ILE E 67 -2.04 39.96 0.76
N TYR E 68 -1.97 38.96 1.62
CA TYR E 68 -0.70 38.33 1.98
C TYR E 68 -0.16 37.47 0.84
N ILE E 69 -1.00 36.63 0.25
CA ILE E 69 -0.56 35.76 -0.83
C ILE E 69 -0.82 36.43 -2.16
N GLN E 70 0.12 37.23 -2.62
CA GLN E 70 0.04 37.82 -3.95
C GLN E 70 0.66 36.88 -4.97
N GLU E 71 0.45 37.21 -6.24
CA GLU E 71 0.97 36.37 -7.31
C GLU E 71 2.49 36.38 -7.30
N LYS E 72 3.08 35.18 -7.39
CA LYS E 72 4.53 34.98 -7.49
C LYS E 72 5.31 35.93 -6.58
N ALA E 73 5.10 35.81 -5.28
CA ALA E 73 5.86 36.56 -4.29
C ALA E 73 6.74 35.62 -3.47
N ILE E 74 7.43 36.19 -2.49
CA ILE E 74 8.25 35.43 -1.56
C ILE E 74 7.83 35.83 -0.16
N LEU E 75 7.37 34.85 0.63
CA LEU E 75 6.75 35.17 1.91
C LEU E 75 7.78 35.58 2.95
N ASN E 76 8.95 34.94 2.95
CA ASN E 76 9.95 35.26 3.96
C ASN E 76 10.30 36.74 3.93
N GLU E 77 10.29 37.36 2.75
CA GLU E 77 10.53 38.80 2.68
C GLU E 77 9.44 39.57 3.41
N THR E 78 8.18 39.15 3.26
CA THR E 78 7.11 39.82 3.98
C THR E 78 7.28 39.65 5.49
N HIS E 79 7.66 38.46 5.93
CA HIS E 79 7.90 38.27 7.36
C HIS E 79 9.00 39.19 7.86
N GLU E 80 10.08 39.30 7.09
CA GLU E 80 11.17 40.19 7.48
C GLU E 80 10.70 41.63 7.52
N ARG E 81 9.83 42.01 6.58
CA ARG E 81 9.27 43.35 6.60
C ARG E 81 8.48 43.58 7.88
N ALA E 82 7.71 42.60 8.32
CA ALA E 82 7.00 42.72 9.58
C ALA E 82 7.98 42.91 10.73
N TYR E 83 9.06 42.11 10.73
CA TYR E 83 10.06 42.23 11.79
C TYR E 83 10.64 43.63 11.84
N THR E 84 10.99 44.17 10.68
CA THR E 84 11.52 45.53 10.63
C THR E 84 10.49 46.54 11.10
N ALA E 85 9.22 46.35 10.73
CA ALA E 85 8.17 47.27 11.15
C ALA E 85 8.07 47.31 12.66
N CYS E 86 8.09 46.14 13.31
CA CYS E 86 8.11 46.13 14.77
C CYS E 86 9.50 46.35 15.34
N ASP E 87 10.52 46.47 14.49
CA ASP E 87 11.87 46.85 14.91
C ASP E 87 12.54 45.74 15.73
N LEU E 88 12.48 44.52 15.21
CA LEU E 88 13.13 43.37 15.82
C LEU E 88 14.04 42.68 14.82
N LYS E 89 15.09 42.05 15.33
CA LYS E 89 16.01 41.29 14.51
C LYS E 89 15.60 39.83 14.54
N PRO E 90 15.18 39.23 13.42
CA PRO E 90 14.63 37.87 13.47
C PRO E 90 15.70 36.84 13.80
N GLU E 91 15.32 35.85 14.61
CA GLU E 91 16.16 34.69 14.82
C GLU E 91 15.96 33.70 13.68
N PRO E 92 16.92 32.77 13.49
CA PRO E 92 16.81 31.86 12.35
C PRO E 92 15.54 31.02 12.34
N LYS E 93 15.01 30.62 13.49
CA LYS E 93 13.83 29.77 13.52
C LYS E 93 12.81 30.13 14.59
N LYS E 94 13.06 31.14 15.41
CA LYS E 94 12.31 31.33 16.64
C LYS E 94 11.74 32.74 16.70
N LEU E 95 10.64 32.88 17.45
CA LEU E 95 10.07 34.18 17.72
C LEU E 95 10.93 34.92 18.75
N PRO E 96 10.74 36.23 18.88
CA PRO E 96 11.47 36.97 19.91
C PRO E 96 11.17 36.38 21.29
N LYS E 97 12.21 36.34 22.13
CA LYS E 97 12.07 35.68 23.42
C LYS E 97 11.34 36.52 24.46
N LYS E 98 11.01 37.77 24.13
CA LYS E 98 10.13 38.58 24.97
C LYS E 98 8.71 38.53 24.42
N VAL E 99 7.74 38.29 25.30
CA VAL E 99 6.37 38.11 24.86
C VAL E 99 5.84 39.34 24.15
N GLU E 100 6.19 40.53 24.64
CA GLU E 100 5.64 41.75 24.06
C GLU E 100 6.06 41.92 22.60
N ASP E 101 7.32 41.62 22.30
CA ASP E 101 7.79 41.76 20.92
C ASP E 101 7.08 40.76 20.01
N ALA E 102 6.89 39.53 20.47
CA ALA E 102 6.17 38.55 19.67
C ALA E 102 4.73 39.00 19.43
N LYS E 103 4.08 39.51 20.46
CA LYS E 103 2.71 40.00 20.29
C LYS E 103 2.69 41.15 19.29
N ARG E 104 3.66 42.06 19.37
CA ARG E 104 3.70 43.18 18.45
C ARG E 104 3.85 42.71 17.02
N VAL E 105 4.79 41.80 16.78
CA VAL E 105 5.04 41.35 15.42
C VAL E 105 3.82 40.62 14.88
N THR E 106 3.18 39.79 15.71
CA THR E 106 1.99 39.07 15.24
C THR E 106 0.84 40.05 14.95
N ASP E 107 0.65 41.03 15.83
CA ASP E 107 -0.47 41.95 15.69
C ASP E 107 -0.31 42.85 14.48
N TRP E 108 0.91 43.31 14.20
CA TRP E 108 1.14 44.09 12.99
C TRP E 108 0.68 43.33 11.76
N MET E 109 1.13 42.08 11.63
CA MET E 109 0.75 41.23 10.52
C MET E 109 -0.76 41.04 10.46
N CYS E 110 -1.37 40.63 11.57
CA CYS E 110 -2.81 40.41 11.57
C CYS E 110 -3.58 41.69 11.28
N THR E 111 -2.94 42.84 11.48
CA THR E 111 -3.63 44.11 11.29
C THR E 111 -3.62 44.55 9.85
N ASN E 112 -2.43 44.59 9.25
CA ASN E 112 -2.31 45.19 7.92
C ASN E 112 -2.74 44.27 6.79
N PHE E 113 -3.10 43.03 7.09
CA PHE E 113 -3.48 42.06 6.05
C PHE E 113 -4.90 41.59 6.29
N TYR E 114 -5.70 41.56 5.23
CA TYR E 114 -7.10 41.19 5.36
C TYR E 114 -7.28 39.69 5.34
N ASP E 115 -6.68 39.02 4.36
CA ASP E 115 -6.89 37.58 4.21
C ASP E 115 -6.37 36.82 5.42
N ILE E 116 -5.28 37.29 6.03
CA ILE E 116 -4.83 36.68 7.27
C ILE E 116 -5.87 36.88 8.36
N ARG E 117 -6.42 38.10 8.44
CA ARG E 117 -7.43 38.41 9.45
C ARG E 117 -8.69 37.59 9.25
N THR E 118 -8.91 37.06 8.06
CA THR E 118 -10.18 36.39 7.74
C THR E 118 -10.06 34.87 7.70
N PHE E 119 -8.98 34.33 7.15
CA PHE E 119 -8.82 32.91 6.93
C PHE E 119 -7.70 32.29 7.73
N GLY E 120 -6.80 33.09 8.31
CA GLY E 120 -5.68 32.54 9.05
C GLY E 120 -4.55 32.11 8.13
N ALA E 121 -3.40 31.77 8.70
CA ALA E 121 -2.26 31.40 7.88
C ALA E 121 -1.26 30.65 8.72
N VAL E 122 -0.38 29.90 8.05
CA VAL E 122 0.73 29.20 8.66
C VAL E 122 2.00 29.97 8.32
N MET E 123 2.68 30.47 9.34
CA MET E 123 3.82 31.36 9.13
C MET E 123 5.00 30.99 10.03
N THR E 124 5.22 29.71 10.29
CA THR E 124 6.27 29.28 11.19
C THR E 124 7.52 28.85 10.43
N THR E 125 7.80 29.53 9.34
CA THR E 125 8.97 29.21 8.52
C THR E 125 10.21 29.80 9.18
N GLU E 126 11.32 29.82 8.43
CA GLU E 126 12.58 30.33 8.94
C GLU E 126 12.39 31.63 9.71
N VAL E 127 11.75 32.61 9.07
CA VAL E 127 11.41 33.84 9.77
C VAL E 127 10.14 33.56 10.56
N ASN E 128 10.31 33.05 11.77
CA ASN E 128 9.17 32.58 12.55
C ASN E 128 8.21 33.71 12.86
N CYS E 129 6.91 33.46 12.68
CA CYS E 129 5.91 34.50 12.83
C CYS E 129 4.63 34.02 13.51
N GLY E 130 4.54 32.75 13.90
CA GLY E 130 3.37 32.24 14.59
C GLY E 130 2.34 31.58 13.70
N GLN E 131 1.16 31.28 14.27
CA GLN E 131 0.07 30.67 13.52
C GLN E 131 -1.22 31.41 13.81
N VAL E 132 -2.22 31.20 12.95
CA VAL E 132 -3.54 31.79 13.11
C VAL E 132 -4.56 30.82 12.51
N ARG E 133 -5.78 30.84 13.05
CA ARG E 133 -6.82 29.94 12.55
C ARG E 133 -7.81 30.66 11.64
N GLY E 134 -8.38 31.77 12.08
CA GLY E 134 -9.29 32.52 11.27
C GLY E 134 -10.73 32.10 11.49
N PRO E 135 -11.64 33.08 11.63
CA PRO E 135 -13.01 32.75 12.03
C PRO E 135 -13.89 32.22 10.91
N VAL E 136 -13.43 32.22 9.66
CA VAL E 136 -14.25 31.84 8.52
C VAL E 136 -13.62 30.65 7.84
N GLN E 137 -14.45 29.71 7.38
CA GLN E 137 -13.95 28.61 6.58
C GLN E 137 -15.12 27.85 5.99
N MET E 138 -14.83 27.10 4.92
CA MET E 138 -15.84 26.50 4.08
C MET E 138 -15.46 25.06 3.77
N ALA E 139 -16.45 24.28 3.34
CA ALA E 139 -16.24 22.89 2.99
C ALA E 139 -16.24 22.71 1.48
N PHE E 140 -16.10 21.46 1.05
CA PHE E 140 -16.12 21.16 -0.38
C PHE E 140 -17.51 21.39 -0.96
N ALA E 141 -17.55 21.80 -2.22
CA ALA E 141 -18.82 21.91 -2.93
C ALA E 141 -19.12 20.61 -3.65
N ARG E 142 -20.40 20.30 -3.77
CA ARG E 142 -20.83 19.04 -4.36
C ARG E 142 -22.04 19.26 -5.24
N SER E 143 -22.05 18.62 -6.40
CA SER E 143 -23.17 18.77 -7.33
C SER E 143 -24.37 17.99 -6.82
N VAL E 144 -25.55 18.39 -7.29
CA VAL E 144 -26.78 17.74 -6.86
C VAL E 144 -27.10 16.51 -7.69
N GLU E 145 -26.60 16.41 -8.91
CA GLU E 145 -26.84 15.27 -9.77
C GLU E 145 -25.53 14.88 -10.45
N PRO E 146 -25.39 13.62 -10.87
CA PRO E 146 -24.17 13.21 -11.55
C PRO E 146 -23.93 14.03 -12.82
N VAL E 147 -22.67 14.30 -13.09
CA VAL E 147 -22.29 15.07 -14.26
C VAL E 147 -21.79 14.13 -15.35
N VAL E 148 -21.81 14.61 -16.58
CA VAL E 148 -21.39 13.80 -17.73
C VAL E 148 -20.44 14.63 -18.58
N PRO E 149 -19.15 14.69 -18.25
CA PRO E 149 -18.23 15.51 -19.03
C PRO E 149 -18.08 14.98 -20.45
N GLN E 150 -17.80 15.91 -21.37
CA GLN E 150 -17.60 15.60 -22.78
C GLN E 150 -16.21 16.03 -23.20
N GLU E 151 -15.64 15.29 -24.15
CA GLU E 151 -14.31 15.59 -24.69
C GLU E 151 -14.47 16.25 -26.05
N VAL E 152 -13.61 17.22 -26.33
CA VAL E 152 -13.64 17.96 -27.59
C VAL E 152 -12.24 17.98 -28.18
N SER E 153 -12.15 17.76 -29.48
CA SER E 153 -10.88 17.80 -30.20
C SER E 153 -10.79 19.08 -31.02
N ILE E 154 -9.57 19.61 -31.15
CA ILE E 154 -9.35 20.89 -31.81
C ILE E 154 -8.09 20.81 -32.65
N THR E 155 -7.84 21.88 -33.40
CA THR E 155 -6.75 21.94 -34.37
C THR E 155 -6.06 23.30 -34.29
N ARG E 156 -4.81 23.34 -34.76
CA ARG E 156 -4.07 24.58 -34.87
C ARG E 156 -3.26 24.57 -36.16
N MET E 157 -3.01 25.76 -36.70
CA MET E 157 -2.34 25.87 -37.98
C MET E 157 -0.82 25.74 -37.85
N ALA E 158 -0.25 26.45 -36.89
CA ALA E 158 1.20 26.57 -36.81
C ALA E 158 1.80 25.43 -35.99
N VAL E 159 3.13 25.42 -35.91
CA VAL E 159 3.87 24.44 -35.12
C VAL E 159 4.89 25.20 -34.28
N THR E 160 5.42 24.53 -33.25
CA THR E 160 6.19 25.22 -32.23
C THR E 160 7.70 25.07 -32.39
N THR E 161 8.19 23.91 -32.83
CA THR E 161 9.61 23.62 -32.77
C THR E 161 10.07 23.07 -34.10
N LYS E 162 11.37 23.18 -34.34
CA LYS E 162 11.96 22.67 -35.58
C LYS E 162 12.26 21.18 -35.48
N ALA E 163 12.02 20.47 -36.57
CA ALA E 163 12.30 19.05 -36.68
C ALA E 163 12.19 18.65 -38.15
N GLU E 164 12.21 17.35 -38.42
CA GLU E 164 12.31 16.87 -39.80
C GLU E 164 11.16 17.40 -40.65
N ALA E 165 9.93 17.29 -40.15
CA ALA E 165 8.75 17.80 -40.84
C ALA E 165 8.26 19.10 -40.24
N GLU E 166 9.04 19.69 -39.34
CA GLU E 166 8.70 20.95 -38.71
C GLU E 166 9.67 22.01 -39.19
N ASP E 171 5.27 23.26 -42.94
CA ASP E 171 4.55 22.18 -43.60
C ASP E 171 3.46 21.62 -42.70
N ASN E 172 3.62 21.84 -41.39
CA ASN E 172 2.99 20.99 -40.39
C ASN E 172 1.91 21.74 -39.63
N ARG E 173 1.37 21.05 -38.63
CA ARG E 173 0.16 21.44 -37.94
C ARG E 173 0.15 20.68 -36.61
N THR E 174 -0.99 20.70 -35.93
CA THR E 174 -1.09 19.97 -34.67
C THR E 174 -2.54 19.93 -34.22
N MET E 175 -2.79 19.19 -33.14
CA MET E 175 -4.11 19.00 -32.59
C MET E 175 -4.05 18.96 -31.08
N GLY E 176 -5.17 19.32 -30.45
CA GLY E 176 -5.28 19.32 -29.00
C GLY E 176 -6.64 18.82 -28.55
N ARG E 177 -7.07 19.18 -27.35
CA ARG E 177 -8.38 18.76 -26.89
C ARG E 177 -8.79 19.52 -25.64
N LYS E 178 -10.07 19.44 -25.31
CA LYS E 178 -10.67 20.11 -24.16
C LYS E 178 -11.71 19.21 -23.52
N HIS E 179 -12.09 19.57 -22.30
CA HIS E 179 -13.20 18.93 -21.60
C HIS E 179 -14.17 20.01 -21.14
N ILE E 180 -15.46 19.68 -21.14
CA ILE E 180 -16.49 20.63 -20.72
C ILE E 180 -17.62 19.88 -20.05
N VAL E 181 -18.31 20.57 -19.16
CA VAL E 181 -19.52 20.06 -18.51
C VAL E 181 -20.71 20.80 -19.11
N PRO E 182 -21.64 20.10 -19.78
CA PRO E 182 -22.76 20.82 -20.41
C PRO E 182 -23.57 21.64 -19.42
N TYR E 183 -23.77 21.13 -18.20
CA TYR E 183 -24.47 21.89 -17.18
C TYR E 183 -24.25 21.23 -15.84
N GLY E 184 -24.35 22.04 -14.77
CA GLY E 184 -24.20 21.53 -13.43
C GLY E 184 -24.55 22.55 -12.36
N LEU E 185 -25.07 22.08 -11.23
CA LEU E 185 -25.47 22.94 -10.13
C LEU E 185 -24.77 22.45 -8.86
N TYR E 186 -24.26 23.39 -8.06
CA TYR E 186 -23.41 23.06 -6.93
C TYR E 186 -23.92 23.72 -5.66
N VAL E 187 -23.53 23.16 -4.52
CA VAL E 187 -23.93 23.64 -3.21
C VAL E 187 -22.69 23.73 -2.32
N ALA E 188 -22.73 24.63 -1.35
CA ALA E 188 -21.60 24.84 -0.44
C ALA E 188 -22.09 25.21 0.95
N HIS E 189 -21.24 24.99 1.94
CA HIS E 189 -21.52 25.29 3.34
C HIS E 189 -20.37 26.08 3.94
N GLY E 190 -20.66 26.83 5.00
CA GLY E 190 -19.64 27.59 5.68
C GLY E 190 -20.07 27.98 7.07
N PHE E 191 -19.10 28.44 7.87
CA PHE E 191 -19.31 28.74 9.27
C PHE E 191 -18.54 30.00 9.66
N ILE E 192 -18.98 30.61 10.76
CA ILE E 192 -18.30 31.77 11.33
C ILE E 192 -18.42 31.67 12.85
N SER E 193 -17.33 31.93 13.56
CA SER E 193 -17.28 31.77 15.01
C SER E 193 -16.86 33.09 15.65
N ALA E 194 -17.69 33.59 16.56
CA ALA E 194 -17.34 34.80 17.28
C ALA E 194 -16.11 34.65 18.17
N PRO E 195 -15.96 33.58 18.94
CA PRO E 195 -14.80 33.51 19.85
C PRO E 195 -13.47 33.68 19.15
N LEU E 196 -13.30 33.08 17.98
CA LEU E 196 -12.05 33.29 17.23
C LEU E 196 -11.97 34.69 16.66
N ALA E 197 -13.09 35.22 16.16
CA ALA E 197 -13.09 36.59 15.66
C ALA E 197 -12.61 37.55 16.73
N GLU E 198 -12.86 37.25 17.99
CA GLU E 198 -12.40 38.11 19.07
C GLU E 198 -10.88 38.18 19.13
N LYS E 199 -10.18 37.16 18.65
CA LYS E 199 -8.72 37.14 18.72
C LYS E 199 -8.03 37.88 17.59
N THR E 200 -8.76 38.25 16.54
CA THR E 200 -8.17 38.91 15.38
C THR E 200 -8.83 40.23 15.02
N GLY E 201 -9.92 40.60 15.68
CA GLY E 201 -10.58 41.86 15.38
C GLY E 201 -11.50 41.82 14.20
N PHE E 202 -11.78 40.64 13.65
CA PHE E 202 -12.67 40.56 12.50
C PHE E 202 -13.96 41.32 12.78
N SER E 203 -14.18 42.40 12.05
CA SER E 203 -15.23 43.36 12.36
C SER E 203 -16.40 43.23 11.40
N ASP E 204 -17.49 43.92 11.75
CA ASP E 204 -18.73 43.82 10.98
C ASP E 204 -18.54 44.33 9.56
N GLU E 205 -17.84 45.44 9.38
CA GLU E 205 -17.62 45.95 8.03
C GLU E 205 -16.94 44.90 7.17
N ASP E 206 -16.00 44.15 7.76
CA ASP E 206 -15.44 43.01 7.04
C ASP E 206 -16.53 42.04 6.65
N LEU E 207 -17.53 41.85 7.50
CA LEU E 207 -18.60 40.90 7.18
C LEU E 207 -19.43 41.40 5.99
N THR E 208 -19.76 42.70 5.97
CA THR E 208 -20.50 43.24 4.84
C THR E 208 -19.69 43.12 3.56
N LEU E 209 -18.40 43.45 3.63
CA LEU E 209 -17.56 43.30 2.46
C LEU E 209 -17.51 41.84 2.00
N PHE E 210 -17.51 40.91 2.96
CA PHE E 210 -17.50 39.50 2.62
C PHE E 210 -18.78 39.10 1.88
N TRP E 211 -19.93 39.56 2.36
CA TRP E 211 -21.17 39.30 1.65
C TRP E 211 -21.11 39.85 0.23
N ASP E 212 -20.64 41.09 0.09
CA ASP E 212 -20.56 41.70 -1.22
C ASP E 212 -19.67 40.89 -2.15
N ALA E 213 -18.53 40.43 -1.64
CA ALA E 213 -17.65 39.61 -2.45
C ALA E 213 -18.34 38.32 -2.86
N LEU E 214 -19.06 37.68 -1.94
CA LEU E 214 -19.74 36.44 -2.27
C LEU E 214 -20.72 36.63 -3.41
N VAL E 215 -21.50 37.70 -3.36
CA VAL E 215 -22.53 37.87 -4.39
C VAL E 215 -21.90 38.15 -5.75
N ASN E 216 -20.82 38.91 -5.78
CA ASN E 216 -20.20 39.34 -7.04
C ASN E 216 -18.91 38.61 -7.35
N MET E 217 -18.80 37.34 -6.98
CA MET E 217 -17.51 36.66 -7.05
C MET E 217 -17.08 36.42 -8.49
N PHE E 218 -17.96 35.89 -9.33
CA PHE E 218 -17.57 35.40 -10.65
C PHE E 218 -17.53 36.49 -11.70
N GLU E 219 -17.84 37.74 -11.36
CA GLU E 219 -18.01 38.77 -12.36
C GLU E 219 -16.72 39.14 -13.08
N HIS E 220 -15.56 38.75 -12.56
CA HIS E 220 -14.30 39.25 -13.08
C HIS E 220 -13.37 38.20 -13.66
N ASP E 221 -13.60 36.92 -13.40
CA ASP E 221 -12.65 35.87 -13.76
C ASP E 221 -13.04 35.12 -15.03
N ARG E 222 -13.64 35.81 -16.00
CA ARG E 222 -13.92 35.18 -17.27
C ARG E 222 -12.63 34.75 -17.94
N SER E 223 -12.64 33.58 -18.58
CA SER E 223 -11.49 33.08 -19.30
C SER E 223 -11.96 32.08 -20.33
N ALA E 224 -11.03 31.63 -21.17
CA ALA E 224 -11.40 30.77 -22.29
C ALA E 224 -12.01 29.46 -21.80
N ALA E 225 -11.42 28.86 -20.76
CA ALA E 225 -11.82 27.52 -20.35
C ALA E 225 -12.97 27.49 -19.37
N ARG E 226 -13.33 28.63 -18.78
CA ARG E 226 -14.28 28.63 -17.68
C ARG E 226 -15.73 28.76 -18.11
N GLY E 227 -15.99 29.04 -19.38
CA GLY E 227 -17.38 29.17 -19.79
C GLY E 227 -18.08 30.29 -19.07
N LEU E 228 -19.34 30.04 -18.70
CA LEU E 228 -20.18 31.01 -18.02
C LEU E 228 -20.65 30.43 -16.69
N MET E 229 -20.41 31.17 -15.61
CA MET E 229 -20.81 30.75 -14.27
C MET E 229 -21.40 31.93 -13.52
N SER E 230 -22.28 31.64 -12.57
CA SER E 230 -22.96 32.70 -11.82
C SER E 230 -23.50 32.13 -10.52
N SER E 231 -23.82 33.03 -9.60
CA SER E 231 -24.44 32.66 -8.33
C SER E 231 -25.95 32.90 -8.40
N ARG E 232 -26.69 32.12 -7.62
CA ARG E 232 -28.14 32.11 -7.75
C ARG E 232 -28.85 32.35 -6.42
N LYS E 233 -28.28 31.89 -5.32
CA LYS E 233 -28.94 31.97 -4.03
C LYS E 233 -27.91 32.15 -2.93
N LEU E 234 -28.31 32.87 -1.88
CA LEU E 234 -27.48 33.05 -0.69
C LEU E 234 -28.41 33.13 0.50
N ILE E 235 -28.26 32.19 1.44
CA ILE E 235 -29.10 32.11 2.63
C ILE E 235 -28.18 32.12 3.84
N VAL E 236 -28.53 32.92 4.84
CA VAL E 236 -27.72 33.09 6.04
C VAL E 236 -28.58 32.85 7.26
N PHE E 237 -28.10 32.02 8.17
CA PHE E 237 -28.72 31.80 9.46
C PHE E 237 -27.93 32.57 10.51
N LYS E 238 -28.64 33.24 11.42
CA LYS E 238 -28.01 34.03 12.46
C LYS E 238 -28.52 33.57 13.83
N HIS E 239 -27.58 33.31 14.73
CA HIS E 239 -27.94 32.94 16.09
C HIS E 239 -28.05 34.19 16.96
N GLN E 240 -28.81 34.07 18.04
CA GLN E 240 -29.00 35.16 18.97
C GLN E 240 -28.00 35.14 20.11
N ASN E 241 -27.01 34.26 20.06
CA ASN E 241 -26.10 34.06 21.17
C ASN E 241 -24.68 33.88 20.63
N ARG E 242 -23.70 34.31 21.42
CA ARG E 242 -22.31 34.14 21.02
C ARG E 242 -21.97 32.68 20.76
N LEU E 243 -22.63 31.77 21.46
CA LEU E 243 -22.57 30.35 21.15
C LEU E 243 -23.88 29.92 20.51
N GLY E 244 -23.86 28.75 19.89
CA GLY E 244 -24.96 28.33 19.06
C GLY E 244 -26.24 28.09 19.84
N ASN E 245 -27.31 27.81 19.09
CA ASN E 245 -28.59 27.43 19.65
C ASN E 245 -29.18 26.18 19.02
N ALA E 246 -28.53 25.60 18.03
CA ALA E 246 -29.00 24.37 17.40
C ALA E 246 -27.84 23.70 16.70
N PRO E 247 -27.90 22.39 16.48
CA PRO E 247 -26.85 21.71 15.73
C PRO E 247 -26.80 22.18 14.29
N ALA E 248 -25.59 22.17 13.72
CA ALA E 248 -25.42 22.65 12.35
C ALA E 248 -26.21 21.83 11.36
N HIS E 249 -26.14 20.50 11.46
CA HIS E 249 -26.75 19.67 10.42
C HIS E 249 -28.26 19.87 10.37
N LYS E 250 -28.89 20.21 11.49
CA LYS E 250 -30.32 20.46 11.46
C LYS E 250 -30.65 21.63 10.55
N LEU E 251 -29.87 22.71 10.63
CA LEU E 251 -30.16 23.89 9.82
C LEU E 251 -30.01 23.57 8.34
N PHE E 252 -28.95 22.86 7.96
CA PHE E 252 -28.72 22.59 6.55
C PHE E 252 -29.87 21.77 5.95
N ASP E 253 -30.57 21.00 6.77
CA ASP E 253 -31.67 20.20 6.26
C ASP E 253 -32.87 21.03 5.85
N LEU E 254 -32.99 22.26 6.37
CA LEU E 254 -34.17 23.06 6.11
C LEU E 254 -34.28 23.46 4.65
N VAL E 255 -33.20 23.40 3.89
CA VAL E 255 -33.18 23.83 2.49
C VAL E 255 -33.14 22.60 1.60
N LYS E 256 -34.11 22.50 0.70
CA LYS E 256 -34.24 21.36 -0.19
C LYS E 256 -34.29 21.85 -1.64
N VAL E 257 -33.70 21.06 -2.52
CA VAL E 257 -33.69 21.35 -3.95
C VAL E 257 -34.03 20.06 -4.69
N SER E 258 -34.91 20.17 -5.69
CA SER E 258 -35.40 18.98 -6.38
C SER E 258 -35.83 19.36 -7.78
N ARG E 259 -36.16 18.34 -8.56
CA ARG E 259 -36.63 18.53 -9.93
C ARG E 259 -37.83 19.46 -9.97
N ALA E 260 -37.80 20.38 -10.93
CA ALA E 260 -38.96 21.23 -11.15
C ALA E 260 -40.11 20.39 -11.69
N GLU E 261 -41.33 20.92 -11.52
CA GLU E 261 -42.51 20.17 -11.92
C GLU E 261 -42.66 20.17 -13.44
N GLY E 262 -42.85 18.99 -14.01
CA GLY E 262 -43.00 18.85 -15.45
C GLY E 262 -41.69 18.74 -16.21
N SER E 263 -40.55 18.92 -15.55
CA SER E 263 -39.27 18.79 -16.23
C SER E 263 -38.87 17.32 -16.29
N SER E 264 -38.55 16.85 -17.49
CA SER E 264 -38.24 15.44 -17.70
C SER E 264 -36.86 15.18 -18.32
N GLY E 265 -36.43 15.97 -19.29
CA GLY E 265 -35.14 15.75 -19.90
C GLY E 265 -34.02 16.15 -18.98
N PRO E 266 -32.78 15.86 -19.38
CA PRO E 266 -31.64 16.26 -18.54
C PRO E 266 -31.62 17.77 -18.33
N ALA E 267 -31.27 18.18 -17.13
CA ALA E 267 -31.30 19.59 -16.78
C ALA E 267 -30.39 20.39 -17.70
N ARG E 268 -30.88 21.55 -18.13
CA ARG E 268 -30.09 22.42 -18.97
C ARG E 268 -30.24 23.90 -18.61
N SER E 269 -30.91 24.23 -17.52
CA SER E 269 -31.00 25.61 -17.06
C SER E 269 -31.45 25.60 -15.61
N PHE E 270 -31.25 26.72 -14.95
CA PHE E 270 -31.65 26.82 -13.55
C PHE E 270 -33.15 26.67 -13.38
N ALA E 271 -33.92 26.91 -14.45
CA ALA E 271 -35.36 26.80 -14.36
C ALA E 271 -35.82 25.36 -14.18
N ASP E 272 -34.95 24.39 -14.42
CA ASP E 272 -35.34 22.99 -14.30
C ASP E 272 -35.43 22.53 -12.85
N TYR E 273 -35.06 23.37 -11.89
CA TYR E 273 -35.03 22.99 -10.48
C TYR E 273 -35.96 23.87 -9.66
N ALA E 274 -36.38 23.35 -8.52
CA ALA E 274 -37.17 24.09 -7.54
C ALA E 274 -36.48 24.04 -6.19
N VAL E 275 -36.45 25.17 -5.50
CA VAL E 275 -35.76 25.30 -4.21
C VAL E 275 -36.75 25.83 -3.19
N THR E 276 -36.68 25.29 -1.97
CA THR E 276 -37.56 25.69 -0.89
C THR E 276 -36.78 25.75 0.41
N VAL E 277 -37.27 26.56 1.34
CA VAL E 277 -36.66 26.75 2.64
C VAL E 277 -37.72 26.56 3.71
N GLY E 278 -37.40 25.79 4.74
CA GLY E 278 -38.32 25.53 5.82
C GLY E 278 -38.35 26.66 6.82
N GLN E 279 -38.82 26.35 8.03
CA GLN E 279 -38.91 27.30 9.12
C GLN E 279 -37.87 26.99 10.17
N ALA E 280 -37.06 27.98 10.51
CA ALA E 280 -35.96 27.78 11.44
C ALA E 280 -36.47 27.65 12.87
N PRO E 281 -35.68 27.04 13.75
CA PRO E 281 -36.04 27.02 15.17
C PRO E 281 -36.19 28.43 15.73
N GLU E 282 -36.67 28.49 16.97
CA GLU E 282 -36.97 29.77 17.60
C GLU E 282 -35.74 30.65 17.73
N GLY E 283 -34.59 30.09 18.06
CA GLY E 283 -33.43 30.90 18.40
C GLY E 283 -32.61 31.38 17.25
N VAL E 284 -33.03 31.14 16.02
CA VAL E 284 -32.25 31.46 14.83
C VAL E 284 -33.11 32.23 13.85
N GLU E 285 -32.50 33.19 13.17
CA GLU E 285 -33.15 33.95 12.11
C GLU E 285 -32.58 33.53 10.76
N VAL E 286 -33.36 33.78 9.72
CA VAL E 286 -32.99 33.40 8.36
C VAL E 286 -33.25 34.56 7.42
N LYS E 287 -32.32 34.81 6.52
CA LYS E 287 -32.44 35.86 5.52
C LYS E 287 -32.04 35.31 4.16
N GLU E 288 -32.57 35.91 3.11
CA GLU E 288 -32.25 35.53 1.73
C GLU E 288 -31.65 36.76 1.06
N MET E 289 -30.34 36.93 1.22
CA MET E 289 -29.69 38.12 0.68
C MET E 289 -29.54 38.06 -0.83
N LEU E 290 -29.80 36.92 -1.44
CA LEU E 290 -29.73 36.80 -2.89
C LEU E 290 -30.55 35.61 -3.37
N MET F 1 -0.54 52.68 -25.15
CA MET F 1 -1.85 52.64 -25.87
C MET F 1 -2.99 52.80 -24.88
N THR F 2 -3.73 53.91 -24.99
CA THR F 2 -4.81 54.20 -24.08
C THR F 2 -5.76 53.01 -23.99
N ALA F 3 -6.41 52.88 -22.84
CA ALA F 3 -7.28 51.76 -22.56
C ALA F 3 -8.72 52.24 -22.45
N ILE F 4 -9.64 51.39 -22.92
CA ILE F 4 -11.05 51.68 -22.74
C ILE F 4 -11.34 51.86 -21.27
N ALA F 5 -12.42 52.59 -20.97
CA ALA F 5 -12.77 52.93 -19.60
C ALA F 5 -14.18 52.48 -19.23
N ASN F 6 -14.70 51.43 -19.85
CA ASN F 6 -16.04 50.95 -19.55
C ASN F 6 -16.12 49.45 -19.77
N ARG F 7 -17.13 48.85 -19.15
CA ARG F 7 -17.36 47.41 -19.27
C ARG F 7 -18.43 47.15 -20.31
N TYR F 8 -18.17 46.22 -21.21
CA TYR F 8 -19.04 45.94 -22.34
C TYR F 8 -19.50 44.49 -22.34
N GLU F 9 -20.63 44.25 -22.98
CA GLU F 9 -21.11 42.91 -23.26
C GLU F 9 -21.95 42.96 -24.53
N PHE F 10 -22.10 41.82 -25.19
CA PHE F 10 -22.77 41.78 -26.46
C PHE F 10 -23.27 40.37 -26.76
N VAL F 11 -24.20 40.29 -27.70
CA VAL F 11 -24.75 39.03 -28.17
C VAL F 11 -24.91 39.11 -29.68
N LEU F 12 -24.61 38.02 -30.38
CA LEU F 12 -24.58 37.98 -31.82
C LEU F 12 -25.41 36.83 -32.34
N LEU F 13 -26.07 37.04 -33.48
CA LEU F 13 -26.85 36.01 -34.15
C LEU F 13 -26.40 35.87 -35.59
N PHE F 14 -26.27 34.63 -36.05
CA PHE F 14 -25.94 34.37 -37.44
C PHE F 14 -26.61 33.06 -37.86
N ASP F 15 -26.72 32.88 -39.17
CA ASP F 15 -27.57 31.86 -39.76
C ASP F 15 -26.83 31.14 -40.86
N VAL F 16 -27.19 29.88 -41.10
CA VAL F 16 -26.55 29.05 -42.11
C VAL F 16 -27.63 28.36 -42.92
N GLU F 17 -27.31 28.01 -44.16
CA GLU F 17 -28.23 27.35 -45.07
C GLU F 17 -27.48 26.37 -45.95
N ASN F 18 -27.91 25.12 -45.93
CA ASN F 18 -27.32 24.06 -46.74
C ASN F 18 -25.80 24.10 -46.66
N GLY F 19 -25.29 23.90 -45.45
CA GLY F 19 -23.85 23.98 -45.25
C GLY F 19 -23.45 23.24 -43.98
N ASN F 20 -22.14 23.14 -43.79
CA ASN F 20 -21.57 22.50 -42.62
C ASN F 20 -20.79 23.55 -41.83
N PRO F 21 -21.39 24.18 -40.83
CA PRO F 21 -20.72 25.32 -40.19
C PRO F 21 -19.39 24.96 -39.53
N ASN F 22 -19.30 23.77 -38.95
CA ASN F 22 -18.08 23.38 -38.25
C ASN F 22 -18.07 21.87 -38.10
N GLY F 23 -17.05 21.22 -38.67
CA GLY F 23 -17.00 19.76 -38.67
C GLY F 23 -16.36 19.23 -37.40
N ASP F 24 -16.59 17.93 -37.15
CA ASP F 24 -16.08 17.27 -35.96
C ASP F 24 -15.01 16.27 -36.37
N PRO F 25 -13.76 16.42 -35.92
CA PRO F 25 -12.72 15.47 -36.34
C PRO F 25 -12.97 14.04 -35.92
N ASP F 26 -13.66 13.81 -34.81
CA ASP F 26 -13.79 12.46 -34.25
C ASP F 26 -15.07 11.76 -34.66
N ALA F 27 -15.88 12.35 -35.53
CA ALA F 27 -17.12 11.75 -36.01
C ALA F 27 -17.16 11.80 -37.52
N GLY F 28 -16.08 11.35 -38.15
CA GLY F 28 -15.95 11.57 -39.58
C GLY F 28 -15.79 13.04 -39.83
N ASN F 29 -16.81 13.68 -40.40
CA ASN F 29 -16.83 15.12 -40.49
C ASN F 29 -18.22 15.68 -40.18
N MET F 30 -19.00 14.96 -39.39
CA MET F 30 -20.33 15.43 -39.05
C MET F 30 -20.25 16.74 -38.28
N PRO F 31 -21.26 17.60 -38.39
CA PRO F 31 -21.28 18.80 -37.56
C PRO F 31 -21.36 18.45 -36.08
N ARG F 32 -20.73 19.27 -35.25
CA ARG F 32 -20.80 19.07 -33.82
C ARG F 32 -22.23 19.27 -33.33
N ILE F 33 -22.60 18.52 -32.29
CA ILE F 33 -23.92 18.60 -31.70
C ILE F 33 -23.85 18.28 -30.22
N ASP F 34 -24.92 18.63 -29.51
CA ASP F 34 -25.12 18.19 -28.15
C ASP F 34 -25.85 16.85 -28.19
N PRO F 35 -25.17 15.74 -27.87
CA PRO F 35 -25.79 14.44 -28.09
C PRO F 35 -27.08 14.23 -27.33
N GLU F 36 -27.23 14.82 -26.13
CA GLU F 36 -28.40 14.56 -25.32
C GLU F 36 -29.64 15.29 -25.81
N THR F 37 -29.48 16.36 -26.59
CA THR F 37 -30.62 17.17 -27.00
C THR F 37 -30.67 17.47 -28.50
N GLY F 38 -29.57 17.31 -29.23
CA GLY F 38 -29.58 17.55 -30.65
C GLY F 38 -29.37 18.99 -31.07
N HIS F 39 -29.05 19.87 -30.14
CA HIS F 39 -28.73 21.25 -30.51
C HIS F 39 -27.30 21.31 -31.06
N GLY F 40 -27.11 22.15 -32.06
CA GLY F 40 -25.80 22.28 -32.66
C GLY F 40 -24.85 23.10 -31.79
N LEU F 41 -23.56 22.99 -32.09
CA LEU F 41 -22.53 23.71 -31.38
C LEU F 41 -21.45 24.19 -32.33
N VAL F 42 -20.85 25.32 -32.00
CA VAL F 42 -19.72 25.88 -32.75
C VAL F 42 -18.68 26.36 -31.75
N THR F 43 -17.44 25.96 -31.96
CA THR F 43 -16.37 26.37 -31.06
C THR F 43 -15.98 27.82 -31.32
N ASP F 44 -15.67 28.53 -30.23
CA ASP F 44 -15.27 29.93 -30.34
C ASP F 44 -13.97 30.09 -31.13
N VAL F 45 -13.14 29.05 -31.13
CA VAL F 45 -11.86 29.14 -31.84
C VAL F 45 -12.10 29.43 -33.31
N CYS F 46 -13.15 28.85 -33.88
CA CYS F 46 -13.48 29.11 -35.28
C CYS F 46 -13.75 30.59 -35.52
N LEU F 47 -14.56 31.20 -34.64
CA LEU F 47 -14.88 32.62 -34.80
C LEU F 47 -13.62 33.46 -34.65
N LYS F 48 -12.76 33.12 -33.69
CA LYS F 48 -11.53 33.88 -33.53
C LYS F 48 -10.67 33.79 -34.77
N ARG F 49 -10.58 32.61 -35.37
CA ARG F 49 -9.82 32.47 -36.61
C ARG F 49 -10.41 33.35 -37.71
N LYS F 50 -11.73 33.36 -37.83
CA LYS F 50 -12.35 34.18 -38.86
C LYS F 50 -12.02 35.66 -38.66
N ILE F 51 -12.09 36.13 -37.42
CA ILE F 51 -11.78 37.53 -37.15
C ILE F 51 -10.33 37.83 -37.48
N ARG F 52 -9.42 36.92 -37.11
CA ARG F 52 -8.02 37.10 -37.45
C ARG F 52 -7.83 37.26 -38.94
N ASN F 53 -8.48 36.38 -39.71
CA ASN F 53 -8.33 36.44 -41.16
C ASN F 53 -8.85 37.77 -41.70
N HIS F 54 -10.01 38.21 -41.23
CA HIS F 54 -10.56 39.46 -41.75
C HIS F 54 -9.64 40.64 -41.43
N VAL F 55 -9.11 40.69 -40.21
CA VAL F 55 -8.22 41.79 -39.87
C VAL F 55 -6.99 41.76 -40.75
N ALA F 56 -6.40 40.58 -40.93
CA ALA F 56 -5.22 40.48 -41.78
C ALA F 56 -5.52 40.97 -43.18
N LEU F 57 -6.67 40.60 -43.73
CA LEU F 57 -7.04 41.05 -45.07
C LEU F 57 -7.20 42.56 -45.11
N THR F 58 -7.89 43.13 -44.13
CA THR F 58 -8.23 44.54 -44.20
C THR F 58 -7.02 45.45 -43.98
N LYS F 59 -6.22 45.16 -42.96
CA LYS F 59 -5.08 46.02 -42.66
C LYS F 59 -3.88 45.78 -43.56
N GLU F 60 -3.78 44.59 -44.16
CA GLU F 60 -2.75 44.30 -45.14
C GLU F 60 -1.34 44.49 -44.57
N GLY F 61 -1.12 44.03 -43.35
CA GLY F 61 0.20 44.04 -42.78
C GLY F 61 0.71 45.41 -42.37
N ALA F 62 -0.20 46.37 -42.15
CA ALA F 62 0.23 47.69 -41.73
C ALA F 62 0.97 47.61 -40.39
N GLU F 63 1.58 48.72 -40.03
CA GLU F 63 2.34 48.79 -38.78
C GLU F 63 1.42 48.56 -37.59
N ARG F 64 1.92 47.83 -36.60
CA ARG F 64 1.23 47.55 -35.34
C ARG F 64 -0.04 46.74 -35.54
N PHE F 65 -0.14 45.97 -36.62
CA PHE F 65 -1.30 45.12 -36.87
C PHE F 65 -0.87 43.78 -37.46
N ASN F 66 0.31 43.32 -37.09
CA ASN F 66 0.72 41.99 -37.52
C ASN F 66 -0.07 40.93 -36.76
N ILE F 67 -0.13 39.74 -37.33
CA ILE F 67 -0.81 38.61 -36.74
C ILE F 67 0.23 37.62 -36.27
N TYR F 68 0.10 37.18 -35.02
CA TYR F 68 1.11 36.33 -34.41
C TYR F 68 0.97 34.89 -34.85
N ILE F 69 -0.24 34.34 -34.81
CA ILE F 69 -0.48 32.96 -35.18
C ILE F 69 -0.88 32.90 -36.65
N GLN F 70 0.11 32.78 -37.53
CA GLN F 70 -0.12 32.85 -38.96
C GLN F 70 -0.29 31.45 -39.56
N GLU F 71 -0.30 31.41 -40.89
CA GLU F 71 -0.68 30.20 -41.61
C GLU F 71 0.25 29.03 -41.28
N LYS F 72 1.56 29.23 -41.40
CA LYS F 72 2.51 28.13 -41.25
C LYS F 72 3.72 28.53 -40.45
N ALA F 73 3.58 29.52 -39.57
CA ALA F 73 4.73 30.05 -38.85
C ALA F 73 5.26 29.04 -37.85
N ILE F 74 6.49 29.27 -37.41
CA ILE F 74 7.09 28.57 -36.28
C ILE F 74 7.22 29.59 -35.16
N LEU F 75 6.59 29.30 -34.03
CA LEU F 75 6.40 30.33 -33.01
C LEU F 75 7.69 30.68 -32.29
N ASN F 76 8.57 29.71 -32.07
CA ASN F 76 9.81 29.99 -31.36
C ASN F 76 10.64 31.03 -32.12
N GLU F 77 10.69 30.90 -33.45
CA GLU F 77 11.41 31.89 -34.24
C GLU F 77 10.78 33.27 -34.10
N THR F 78 9.46 33.34 -34.04
CA THR F 78 8.80 34.62 -33.81
C THR F 78 9.22 35.21 -32.47
N HIS F 79 9.22 34.40 -31.41
CA HIS F 79 9.65 34.91 -30.12
C HIS F 79 11.07 35.44 -30.19
N GLU F 80 11.97 34.71 -30.83
CA GLU F 80 13.36 35.14 -30.89
C GLU F 80 13.50 36.52 -31.51
N ARG F 81 12.54 36.90 -32.35
CA ARG F 81 12.57 38.23 -32.96
C ARG F 81 12.50 39.32 -31.90
N ALA F 82 11.64 39.13 -30.90
CA ALA F 82 11.54 40.13 -29.83
C ALA F 82 12.84 40.22 -29.05
N TYR F 83 13.45 39.08 -28.73
CA TYR F 83 14.72 39.10 -28.01
C TYR F 83 15.78 39.85 -28.78
N THR F 84 15.94 39.53 -30.07
CA THR F 84 16.95 40.23 -30.85
C THR F 84 16.62 41.71 -30.98
N ALA F 85 15.34 42.05 -31.03
CA ALA F 85 14.95 43.45 -31.12
C ALA F 85 15.41 44.25 -29.92
N CYS F 86 15.24 43.70 -28.72
CA CYS F 86 15.66 44.36 -27.49
C CYS F 86 17.13 44.16 -27.16
N ASP F 87 17.86 43.42 -28.00
CA ASP F 87 19.30 43.23 -27.85
C ASP F 87 19.65 42.31 -26.70
N LEU F 88 18.73 41.45 -26.29
CA LEU F 88 18.97 40.51 -25.20
C LEU F 88 19.45 39.18 -25.74
N LYS F 89 20.00 38.36 -24.85
CA LYS F 89 20.51 37.05 -25.21
C LYS F 89 19.58 35.98 -24.67
N PRO F 90 18.86 35.23 -25.51
CA PRO F 90 17.90 34.27 -24.99
C PRO F 90 18.55 33.21 -24.11
N GLU F 91 17.82 32.82 -23.07
CA GLU F 91 18.17 31.70 -22.19
C GLU F 91 17.35 30.48 -22.55
N PRO F 92 17.89 29.27 -22.41
CA PRO F 92 17.14 28.08 -22.85
C PRO F 92 15.67 28.05 -22.46
N LYS F 93 15.33 28.24 -21.19
CA LYS F 93 13.92 28.19 -20.79
C LYS F 93 13.47 29.28 -19.85
N LYS F 94 14.37 30.12 -19.32
CA LYS F 94 14.00 31.10 -18.32
C LYS F 94 13.91 32.50 -18.92
N LEU F 95 13.14 33.35 -18.26
CA LEU F 95 13.02 34.75 -18.64
C LEU F 95 14.30 35.50 -18.27
N PRO F 96 14.49 36.69 -18.80
CA PRO F 96 15.66 37.49 -18.41
C PRO F 96 15.68 37.69 -16.91
N LYS F 97 16.88 37.61 -16.32
CA LYS F 97 16.99 37.58 -14.87
C LYS F 97 16.68 38.92 -14.23
N LYS F 98 16.59 39.99 -15.00
CA LYS F 98 16.25 41.31 -14.50
C LYS F 98 14.84 41.68 -14.96
N VAL F 99 14.04 42.20 -14.04
CA VAL F 99 12.64 42.48 -14.34
C VAL F 99 12.51 43.43 -15.51
N GLU F 100 13.41 44.41 -15.62
CA GLU F 100 13.28 45.42 -16.66
C GLU F 100 13.33 44.78 -18.04
N ASP F 101 14.26 43.85 -18.25
CA ASP F 101 14.37 43.21 -19.56
C ASP F 101 13.12 42.41 -19.88
N ALA F 102 12.59 41.67 -18.91
CA ALA F 102 11.38 40.89 -19.16
C ALA F 102 10.22 41.80 -19.52
N LYS F 103 10.05 42.90 -18.79
CA LYS F 103 8.97 43.83 -19.10
C LYS F 103 9.16 44.42 -20.49
N ARG F 104 10.40 44.74 -20.86
CA ARG F 104 10.65 45.27 -22.20
C ARG F 104 10.25 44.27 -23.26
N VAL F 105 10.62 43.00 -23.06
CA VAL F 105 10.28 41.97 -24.04
C VAL F 105 8.77 41.86 -24.19
N THR F 106 8.06 41.77 -23.06
CA THR F 106 6.61 41.61 -23.13
C THR F 106 5.94 42.82 -23.74
N ASP F 107 6.40 44.02 -23.41
CA ASP F 107 5.83 45.23 -24.00
C ASP F 107 6.07 45.26 -25.50
N TRP F 108 7.27 44.91 -25.93
CA TRP F 108 7.55 44.85 -27.36
C TRP F 108 6.61 43.88 -28.05
N MET F 109 6.39 42.71 -27.45
CA MET F 109 5.52 41.72 -28.08
C MET F 109 4.08 42.22 -28.16
N CYS F 110 3.57 42.80 -27.07
CA CYS F 110 2.20 43.29 -27.09
C CYS F 110 2.05 44.50 -28.00
N THR F 111 3.15 45.20 -28.30
CA THR F 111 3.04 46.44 -29.05
C THR F 111 2.48 46.23 -30.44
N ASN F 112 3.05 45.29 -31.19
CA ASN F 112 2.84 45.22 -32.62
C ASN F 112 2.06 44.00 -33.09
N PHE F 113 1.48 43.21 -32.20
CA PHE F 113 0.66 42.07 -32.58
C PHE F 113 -0.76 42.29 -32.09
N TYR F 114 -1.67 42.48 -33.05
CA TYR F 114 -3.05 42.80 -32.69
C TYR F 114 -3.72 41.65 -31.97
N ASP F 115 -3.54 40.42 -32.47
CA ASP F 115 -4.26 39.29 -31.90
C ASP F 115 -3.81 39.00 -30.47
N ILE F 116 -2.52 39.14 -30.18
CA ILE F 116 -2.07 39.02 -28.80
C ILE F 116 -2.67 40.14 -27.96
N ARG F 117 -2.64 41.36 -28.49
CA ARG F 117 -3.19 42.50 -27.75
C ARG F 117 -4.67 42.33 -27.47
N THR F 118 -5.35 41.48 -28.23
CA THR F 118 -6.80 41.36 -28.11
C THR F 118 -7.22 40.12 -27.33
N PHE F 119 -6.68 38.95 -27.67
CA PHE F 119 -7.12 37.69 -27.10
C PHE F 119 -6.14 37.10 -26.10
N GLY F 120 -4.87 37.47 -26.14
CA GLY F 120 -3.89 36.88 -25.25
C GLY F 120 -3.31 35.60 -25.81
N ALA F 121 -2.22 35.12 -25.20
CA ALA F 121 -1.55 33.94 -25.72
C ALA F 121 -0.71 33.32 -24.61
N VAL F 122 -0.34 32.07 -24.81
CA VAL F 122 0.54 31.33 -23.91
C VAL F 122 1.87 31.14 -24.63
N MET F 123 2.93 31.72 -24.06
CA MET F 123 4.21 31.78 -24.75
C MET F 123 5.36 31.30 -23.87
N THR F 124 5.09 30.54 -22.81
CA THR F 124 6.17 30.03 -21.99
C THR F 124 7.12 29.17 -22.82
N THR F 125 6.56 28.18 -23.52
CA THR F 125 7.28 27.43 -24.54
C THR F 125 8.73 27.16 -24.14
N GLU F 126 9.67 27.45 -25.05
CA GLU F 126 11.08 27.24 -24.78
C GLU F 126 11.79 28.59 -24.71
N VAL F 127 11.57 29.44 -25.70
CA VAL F 127 12.01 30.82 -25.64
C VAL F 127 10.96 31.57 -24.84
N ASN F 128 11.15 31.62 -23.53
CA ASN F 128 10.11 32.12 -22.64
C ASN F 128 9.81 33.58 -22.90
N CYS F 129 8.51 33.93 -22.90
CA CYS F 129 8.08 35.31 -23.08
C CYS F 129 6.87 35.66 -22.22
N GLY F 130 6.45 34.77 -21.33
CA GLY F 130 5.37 35.10 -20.41
C GLY F 130 3.99 34.67 -20.92
N GLN F 131 2.97 35.14 -20.21
CA GLN F 131 1.59 34.80 -20.50
C GLN F 131 0.73 36.06 -20.50
N VAL F 132 -0.42 35.97 -21.15
CA VAL F 132 -1.36 37.08 -21.24
C VAL F 132 -2.78 36.51 -21.27
N ARG F 133 -3.72 37.24 -20.69
CA ARG F 133 -5.10 36.78 -20.67
C ARG F 133 -5.91 37.36 -21.82
N GLY F 134 -5.78 38.65 -22.06
CA GLY F 134 -6.51 39.30 -23.11
C GLY F 134 -7.90 39.71 -22.65
N PRO F 135 -8.29 40.96 -22.93
CA PRO F 135 -9.56 41.45 -22.37
C PRO F 135 -10.81 40.95 -23.05
N VAL F 136 -10.70 40.28 -24.20
CA VAL F 136 -11.86 39.86 -24.98
C VAL F 136 -12.01 38.36 -24.85
N GLN F 137 -13.23 37.91 -24.55
CA GLN F 137 -13.52 36.50 -24.41
C GLN F 137 -14.87 36.19 -25.05
N MET F 138 -15.04 34.94 -25.45
CA MET F 138 -16.27 34.49 -26.09
C MET F 138 -16.58 33.07 -25.64
N ALA F 139 -17.85 32.71 -25.73
CA ALA F 139 -18.30 31.38 -25.33
C ALA F 139 -18.76 30.58 -26.55
N PHE F 140 -19.14 29.33 -26.31
CA PHE F 140 -19.62 28.48 -27.39
C PHE F 140 -20.94 29.00 -27.92
N ALA F 141 -21.20 28.73 -29.20
CA ALA F 141 -22.46 29.09 -29.83
C ALA F 141 -23.38 27.89 -29.87
N ARG F 142 -24.64 28.13 -29.54
CA ARG F 142 -25.64 27.07 -29.45
C ARG F 142 -26.81 27.40 -30.36
N SER F 143 -27.36 26.37 -31.00
CA SER F 143 -28.53 26.56 -31.84
C SER F 143 -29.76 26.80 -31.00
N VAL F 144 -30.75 27.48 -31.59
CA VAL F 144 -31.97 27.79 -30.86
C VAL F 144 -32.89 26.59 -30.74
N GLU F 145 -32.75 25.60 -31.60
CA GLU F 145 -33.60 24.42 -31.55
C GLU F 145 -32.89 23.29 -32.29
N PRO F 146 -33.36 22.05 -32.12
CA PRO F 146 -32.62 20.91 -32.66
C PRO F 146 -32.49 20.97 -34.17
N VAL F 147 -31.45 20.32 -34.68
CA VAL F 147 -31.18 20.25 -36.12
C VAL F 147 -31.04 18.78 -36.50
N VAL F 148 -31.17 18.52 -37.80
CA VAL F 148 -31.14 17.17 -38.33
C VAL F 148 -30.27 17.11 -39.57
N PRO F 149 -28.97 16.80 -39.44
CA PRO F 149 -28.12 16.78 -40.63
C PRO F 149 -28.46 15.65 -41.57
N GLN F 150 -28.13 15.84 -42.84
CA GLN F 150 -28.34 14.85 -43.89
C GLN F 150 -27.03 14.56 -44.59
N GLU F 151 -26.89 13.35 -45.10
CA GLU F 151 -25.71 12.99 -45.89
C GLU F 151 -26.13 12.71 -47.32
N VAL F 152 -25.25 13.06 -48.26
CA VAL F 152 -25.52 12.96 -49.69
C VAL F 152 -24.37 12.22 -50.34
N SER F 153 -24.70 11.28 -51.23
CA SER F 153 -23.70 10.55 -51.97
C SER F 153 -23.36 11.27 -53.26
N ILE F 154 -22.11 11.12 -53.71
CA ILE F 154 -21.62 11.79 -54.90
C ILE F 154 -20.71 10.84 -55.67
N THR F 155 -20.40 11.21 -56.90
CA THR F 155 -19.64 10.38 -57.81
C THR F 155 -18.55 11.20 -58.48
N ARG F 156 -17.42 10.56 -58.76
CA ARG F 156 -16.29 11.20 -59.41
C ARG F 156 -15.77 10.29 -60.50
N MET F 157 -15.56 10.84 -61.70
CA MET F 157 -15.24 10.02 -62.85
C MET F 157 -13.82 9.47 -62.78
N ALA F 158 -12.86 10.31 -62.43
CA ALA F 158 -11.46 9.91 -62.48
C ALA F 158 -11.11 9.03 -61.28
N VAL F 159 -9.85 8.62 -61.22
CA VAL F 159 -9.32 7.81 -60.13
C VAL F 159 -8.02 8.45 -59.66
N THR F 160 -7.65 8.19 -58.40
CA THR F 160 -6.53 8.93 -57.82
C THR F 160 -5.21 8.17 -57.97
N THR F 161 -5.23 6.86 -57.75
CA THR F 161 -4.00 6.07 -57.71
C THR F 161 -4.15 4.85 -58.60
N LYS F 162 -3.02 4.32 -59.04
CA LYS F 162 -3.06 3.17 -59.94
C LYS F 162 -3.63 1.95 -59.24
N ALA F 163 -4.61 1.33 -59.88
CA ALA F 163 -5.25 0.14 -59.35
C ALA F 163 -5.48 -0.83 -60.50
N GLU F 164 -5.65 -2.10 -60.17
CA GLU F 164 -5.84 -3.15 -61.17
C GLU F 164 -7.27 -3.66 -61.22
N ALA F 165 -8.18 -3.14 -60.40
CA ALA F 165 -9.59 -3.36 -60.62
C ALA F 165 -10.13 -2.53 -61.78
N GLU F 166 -9.26 -1.92 -62.56
CA GLU F 166 -9.66 -0.97 -63.60
C GLU F 166 -9.80 -1.67 -64.95
N ASP F 171 -11.76 1.52 -67.03
CA ASP F 171 -11.30 2.22 -65.83
C ASP F 171 -12.36 2.20 -64.75
N ASN F 172 -11.93 2.45 -63.51
CA ASN F 172 -12.84 2.48 -62.38
C ASN F 172 -13.30 3.91 -62.11
N ARG F 173 -14.20 4.01 -61.13
CA ARG F 173 -14.73 5.27 -60.65
C ARG F 173 -14.78 5.20 -59.13
N THR F 174 -15.12 6.32 -58.51
CA THR F 174 -15.18 6.38 -57.05
C THR F 174 -16.44 7.14 -56.62
N MET F 175 -16.85 6.89 -55.39
CA MET F 175 -17.99 7.57 -54.80
C MET F 175 -17.65 7.99 -53.37
N GLY F 176 -18.22 9.12 -52.95
CA GLY F 176 -17.99 9.66 -51.63
C GLY F 176 -19.29 10.17 -51.04
N ARG F 177 -19.16 11.01 -50.02
CA ARG F 177 -20.34 11.54 -49.34
C ARG F 177 -20.01 12.87 -48.68
N LYS F 178 -21.06 13.60 -48.34
CA LYS F 178 -20.97 14.85 -47.61
C LYS F 178 -22.04 14.85 -46.52
N HIS F 179 -22.02 15.91 -45.71
CA HIS F 179 -23.06 16.16 -44.72
C HIS F 179 -23.47 17.62 -44.80
N ILE F 180 -24.74 17.89 -44.51
CA ILE F 180 -25.33 19.20 -44.71
C ILE F 180 -26.38 19.46 -43.65
N VAL F 181 -26.48 20.71 -43.22
CA VAL F 181 -27.53 21.15 -42.32
C VAL F 181 -28.54 21.96 -43.13
N PRO F 182 -29.79 21.50 -43.26
CA PRO F 182 -30.73 22.24 -44.10
C PRO F 182 -30.89 23.70 -43.68
N TYR F 183 -30.90 23.97 -42.37
CA TYR F 183 -31.04 25.34 -41.89
C TYR F 183 -30.83 25.35 -40.39
N GLY F 184 -30.33 26.47 -39.88
CA GLY F 184 -30.12 26.62 -38.46
C GLY F 184 -29.80 28.05 -38.04
N LEU F 185 -30.07 28.37 -36.79
CA LEU F 185 -29.84 29.71 -36.26
C LEU F 185 -29.10 29.58 -34.93
N TYR F 186 -28.08 30.41 -34.74
CA TYR F 186 -27.15 30.27 -33.62
C TYR F 186 -27.05 31.56 -32.82
N VAL F 187 -26.61 31.43 -31.57
CA VAL F 187 -26.48 32.54 -30.65
C VAL F 187 -25.15 32.43 -29.93
N ALA F 188 -24.51 33.58 -29.68
CA ALA F 188 -23.21 33.62 -29.02
C ALA F 188 -23.16 34.79 -28.05
N HIS F 189 -22.33 34.66 -27.03
CA HIS F 189 -22.15 35.71 -26.02
C HIS F 189 -20.67 36.10 -25.94
N GLY F 190 -20.42 37.25 -25.34
CA GLY F 190 -19.05 37.71 -25.16
C GLY F 190 -18.95 38.75 -24.07
N PHE F 191 -17.72 39.06 -23.70
CA PHE F 191 -17.46 40.01 -22.62
C PHE F 191 -16.22 40.82 -22.95
N ILE F 192 -16.11 41.99 -22.32
CA ILE F 192 -14.92 42.83 -22.39
C ILE F 192 -14.69 43.43 -21.00
N SER F 193 -13.44 43.46 -20.57
CA SER F 193 -13.09 43.92 -19.23
C SER F 193 -12.07 45.05 -19.32
N ALA F 194 -12.26 46.06 -18.48
CA ALA F 194 -11.39 47.22 -18.48
C ALA F 194 -10.07 46.96 -17.77
N PRO F 195 -10.06 46.27 -16.63
CA PRO F 195 -8.79 46.08 -15.92
C PRO F 195 -7.71 45.42 -16.75
N LEU F 196 -8.05 44.43 -17.57
CA LEU F 196 -7.05 43.80 -18.40
C LEU F 196 -6.64 44.68 -19.56
N ALA F 197 -7.61 45.35 -20.18
CA ALA F 197 -7.29 46.28 -21.27
C ALA F 197 -6.31 47.34 -20.79
N GLU F 198 -6.45 47.78 -19.54
CA GLU F 198 -5.50 48.73 -18.99
C GLU F 198 -4.10 48.14 -18.97
N LYS F 199 -3.99 46.84 -18.73
CA LYS F 199 -2.69 46.20 -18.67
C LYS F 199 -2.08 46.05 -20.06
N THR F 200 -2.89 45.66 -21.05
CA THR F 200 -2.36 45.41 -22.38
C THR F 200 -2.40 46.60 -23.31
N GLY F 201 -3.16 47.64 -22.97
CA GLY F 201 -3.25 48.81 -23.82
C GLY F 201 -4.23 48.68 -24.96
N PHE F 202 -5.35 47.99 -24.73
CA PHE F 202 -6.37 47.81 -25.75
C PHE F 202 -7.06 49.13 -26.01
N SER F 203 -6.94 49.66 -27.22
CA SER F 203 -7.40 51.00 -27.53
C SER F 203 -8.80 50.98 -28.14
N ASP F 204 -9.36 52.18 -28.31
CA ASP F 204 -10.73 52.31 -28.82
C ASP F 204 -10.81 52.09 -30.31
N GLU F 205 -9.81 52.57 -31.08
CA GLU F 205 -9.77 52.25 -32.49
C GLU F 205 -9.80 50.74 -32.70
N ASP F 206 -9.13 50.00 -31.83
CA ASP F 206 -9.23 48.56 -31.87
C ASP F 206 -10.66 48.10 -31.68
N LEU F 207 -11.40 48.77 -30.78
CA LEU F 207 -12.79 48.39 -30.57
C LEU F 207 -13.63 48.64 -31.80
N THR F 208 -13.43 49.77 -32.47
CA THR F 208 -14.18 50.04 -33.70
C THR F 208 -13.85 49.00 -34.76
N LEU F 209 -12.56 48.68 -34.92
CA LEU F 209 -12.17 47.66 -35.87
C LEU F 209 -12.80 46.33 -35.52
N PHE F 210 -12.92 46.04 -34.23
CA PHE F 210 -13.54 44.80 -33.79
C PHE F 210 -15.01 44.75 -34.19
N TRP F 211 -15.73 45.85 -33.98
CA TRP F 211 -17.11 45.91 -34.43
C TRP F 211 -17.19 45.66 -35.94
N ASP F 212 -16.32 46.33 -36.70
CA ASP F 212 -16.36 46.17 -38.15
C ASP F 212 -16.13 44.71 -38.53
N ALA F 213 -15.15 44.07 -37.90
CA ALA F 213 -14.86 42.68 -38.21
C ALA F 213 -16.05 41.79 -37.91
N LEU F 214 -16.71 42.02 -36.77
CA LEU F 214 -17.88 41.22 -36.45
C LEU F 214 -18.96 41.39 -37.51
N VAL F 215 -19.18 42.62 -37.97
CA VAL F 215 -20.26 42.85 -38.92
C VAL F 215 -20.00 42.09 -40.22
N ASN F 216 -18.78 42.18 -40.74
CA ASN F 216 -18.45 41.64 -42.05
C ASN F 216 -17.59 40.39 -41.99
N MET F 217 -17.83 39.52 -41.02
CA MET F 217 -16.96 38.37 -40.82
C MET F 217 -17.03 37.39 -41.99
N PHE F 218 -18.25 37.04 -42.41
CA PHE F 218 -18.43 35.90 -43.29
C PHE F 218 -18.26 36.24 -44.76
N GLU F 219 -18.18 37.52 -45.12
CA GLU F 219 -18.20 37.89 -46.52
C GLU F 219 -17.01 37.36 -47.30
N HIS F 220 -15.90 37.06 -46.63
CA HIS F 220 -14.69 36.61 -47.30
C HIS F 220 -14.44 35.12 -47.15
N ASP F 221 -15.39 34.37 -46.60
CA ASP F 221 -15.15 32.99 -46.20
C ASP F 221 -15.90 31.98 -47.07
N ARG F 222 -16.33 32.37 -48.26
CA ARG F 222 -17.05 31.43 -49.11
C ARG F 222 -16.17 30.23 -49.44
N SER F 223 -16.80 29.06 -49.49
CA SER F 223 -16.07 27.82 -49.74
C SER F 223 -17.07 26.77 -50.21
N ALA F 224 -16.53 25.69 -50.77
CA ALA F 224 -17.39 24.62 -51.28
C ALA F 224 -18.18 23.95 -50.17
N ALA F 225 -17.55 23.71 -49.02
CA ALA F 225 -18.22 22.99 -47.95
C ALA F 225 -19.31 23.79 -47.27
N ARG F 226 -19.13 25.10 -47.13
CA ARG F 226 -20.10 25.95 -46.45
C ARG F 226 -21.03 26.58 -47.47
N GLY F 227 -22.33 26.46 -47.22
CA GLY F 227 -23.30 27.12 -48.07
C GLY F 227 -23.34 28.60 -47.76
N LEU F 228 -24.49 29.23 -47.96
CA LEU F 228 -24.63 30.63 -47.61
C LEU F 228 -24.86 30.78 -46.11
N MET F 229 -24.13 31.70 -45.48
CA MET F 229 -24.32 31.99 -44.07
C MET F 229 -23.92 33.43 -43.81
N SER F 230 -24.65 34.09 -42.93
CA SER F 230 -24.47 35.52 -42.74
C SER F 230 -24.94 35.92 -41.35
N SER F 231 -24.53 37.10 -40.92
CA SER F 231 -24.92 37.63 -39.62
C SER F 231 -26.23 38.40 -39.73
N ARG F 232 -26.96 38.44 -38.62
CA ARG F 232 -28.29 39.02 -38.64
C ARG F 232 -28.51 40.11 -37.62
N LYS F 233 -27.95 39.98 -36.41
CA LYS F 233 -28.21 40.91 -35.34
C LYS F 233 -26.96 41.12 -34.51
N LEU F 234 -26.91 42.26 -33.82
CA LEU F 234 -25.78 42.56 -32.94
C LEU F 234 -26.24 43.61 -31.94
N ILE F 235 -26.23 43.24 -30.65
CA ILE F 235 -26.65 44.12 -29.57
C ILE F 235 -25.46 44.33 -28.64
N VAL F 236 -25.29 45.55 -28.15
CA VAL F 236 -24.17 45.91 -27.30
C VAL F 236 -24.70 46.59 -26.04
N PHE F 237 -24.19 46.17 -24.89
CA PHE F 237 -24.47 46.80 -23.61
C PHE F 237 -23.20 47.48 -23.11
N LYS F 238 -23.32 48.74 -22.72
CA LYS F 238 -22.19 49.49 -22.19
C LYS F 238 -22.49 49.92 -20.76
N HIS F 239 -21.56 49.62 -19.86
CA HIS F 239 -21.70 50.05 -18.48
C HIS F 239 -21.12 51.44 -18.30
N GLN F 240 -21.58 52.11 -17.24
CA GLN F 240 -21.26 53.52 -17.06
C GLN F 240 -19.99 53.74 -16.25
N ASN F 241 -19.37 52.70 -15.71
CA ASN F 241 -18.22 52.88 -14.84
C ASN F 241 -17.24 51.73 -15.07
N ARG F 242 -16.10 51.82 -14.40
CA ARG F 242 -15.01 50.87 -14.63
C ARG F 242 -15.41 49.45 -14.28
N LEU F 243 -16.46 49.28 -13.49
CA LEU F 243 -16.94 47.96 -13.09
C LEU F 243 -18.42 47.85 -13.38
N GLY F 244 -18.90 46.61 -13.37
CA GLY F 244 -20.26 46.36 -13.81
C GLY F 244 -21.29 47.07 -12.94
N ASN F 245 -22.51 47.17 -13.47
CA ASN F 245 -23.64 47.71 -12.74
C ASN F 245 -24.77 46.71 -12.56
N ALA F 246 -24.64 45.50 -13.11
CA ALA F 246 -25.68 44.49 -13.00
C ALA F 246 -25.07 43.12 -13.30
N PRO F 247 -25.71 42.04 -12.87
CA PRO F 247 -25.21 40.71 -13.22
C PRO F 247 -25.35 40.45 -14.71
N ALA F 248 -24.41 39.68 -15.25
CA ALA F 248 -24.41 39.42 -16.68
C ALA F 248 -25.65 38.65 -17.11
N HIS F 249 -25.95 37.55 -16.41
CA HIS F 249 -27.03 36.68 -16.86
C HIS F 249 -28.35 37.43 -16.95
N LYS F 250 -28.56 38.42 -16.08
CA LYS F 250 -29.79 39.20 -16.15
C LYS F 250 -29.89 39.98 -17.44
N LEU F 251 -28.75 40.42 -17.99
CA LEU F 251 -28.79 41.16 -19.24
C LEU F 251 -29.09 40.24 -20.41
N PHE F 252 -28.45 39.08 -20.47
CA PHE F 252 -28.70 38.16 -21.58
C PHE F 252 -30.16 37.74 -21.63
N ASP F 253 -30.86 37.80 -20.49
CA ASP F 253 -32.26 37.41 -20.46
C ASP F 253 -33.14 38.39 -21.22
N LEU F 254 -32.68 39.63 -21.41
CA LEU F 254 -33.51 40.62 -22.07
C LEU F 254 -33.80 40.26 -23.53
N VAL F 255 -32.84 39.65 -24.22
CA VAL F 255 -33.01 39.29 -25.62
C VAL F 255 -33.73 37.95 -25.68
N LYS F 256 -34.83 37.91 -26.41
CA LYS F 256 -35.63 36.69 -26.55
C LYS F 256 -35.96 36.46 -28.01
N VAL F 257 -35.77 35.22 -28.45
CA VAL F 257 -36.06 34.80 -29.81
C VAL F 257 -37.07 33.67 -29.75
N SER F 258 -38.16 33.80 -30.52
CA SER F 258 -39.23 32.83 -30.49
C SER F 258 -39.72 32.61 -31.91
N ARG F 259 -40.34 31.45 -32.12
CA ARG F 259 -40.85 31.12 -33.44
C ARG F 259 -41.89 32.14 -33.87
N ALA F 260 -41.77 32.62 -35.10
CA ALA F 260 -42.73 33.59 -35.62
C ALA F 260 -44.12 32.96 -35.68
N GLU F 261 -45.14 33.81 -35.57
CA GLU F 261 -46.50 33.31 -35.50
C GLU F 261 -46.91 32.57 -36.75
N GLY F 262 -46.55 33.08 -37.93
CA GLY F 262 -46.94 32.44 -39.17
C GLY F 262 -46.20 31.18 -39.51
N SER F 263 -45.13 30.85 -38.79
CA SER F 263 -44.34 29.67 -39.04
C SER F 263 -44.91 28.50 -38.24
N SER F 264 -45.14 27.38 -38.92
CA SER F 264 -45.69 26.20 -38.27
C SER F 264 -44.84 24.97 -38.55
N GLY F 265 -44.31 24.86 -39.76
CA GLY F 265 -43.49 23.72 -40.13
C GLY F 265 -42.08 23.88 -39.64
N PRO F 266 -41.17 23.05 -40.12
CA PRO F 266 -39.75 23.24 -39.81
C PRO F 266 -39.24 24.57 -40.37
N ALA F 267 -38.39 25.23 -39.60
CA ALA F 267 -37.85 26.51 -40.03
C ALA F 267 -36.98 26.34 -41.26
N ARG F 268 -37.10 27.29 -42.20
CA ARG F 268 -36.30 27.23 -43.41
C ARG F 268 -35.82 28.62 -43.83
N SER F 269 -36.09 29.64 -43.01
CA SER F 269 -35.62 30.98 -43.32
C SER F 269 -35.69 31.82 -42.06
N PHE F 270 -34.99 32.95 -42.09
CA PHE F 270 -34.98 33.86 -40.95
C PHE F 270 -36.36 34.46 -40.69
N ALA F 271 -37.26 34.41 -41.67
CA ALA F 271 -38.59 34.98 -41.48
C ALA F 271 -39.44 34.16 -40.54
N ASP F 272 -38.99 32.96 -40.16
CA ASP F 272 -39.78 32.11 -39.30
C ASP F 272 -39.61 32.42 -37.82
N TYR F 273 -38.76 33.39 -37.48
CA TYR F 273 -38.47 33.72 -36.08
C TYR F 273 -38.76 35.18 -35.81
N ALA F 274 -38.98 35.50 -34.54
CA ALA F 274 -39.20 36.86 -34.07
C ALA F 274 -38.24 37.16 -32.94
N VAL F 275 -37.71 38.38 -32.92
CA VAL F 275 -36.70 38.79 -31.95
C VAL F 275 -37.16 40.07 -31.28
N THR F 276 -36.96 40.16 -29.96
CA THR F 276 -37.34 41.33 -29.20
C THR F 276 -36.28 41.61 -28.14
N VAL F 277 -36.24 42.85 -27.68
CA VAL F 277 -35.28 43.29 -26.68
C VAL F 277 -36.01 44.08 -25.60
N GLY F 278 -35.65 43.82 -24.35
CA GLY F 278 -36.29 44.48 -23.23
C GLY F 278 -35.67 45.82 -22.89
N GLN F 279 -35.83 46.26 -21.64
CA GLN F 279 -35.30 47.54 -21.18
C GLN F 279 -34.18 47.29 -20.19
N ALA F 280 -33.01 47.85 -20.48
CA ALA F 280 -31.85 47.64 -19.63
C ALA F 280 -32.02 48.37 -18.30
N PRO F 281 -31.38 47.89 -17.24
CA PRO F 281 -31.37 48.66 -15.99
C PRO F 281 -30.79 50.05 -16.21
N GLU F 282 -31.02 50.92 -15.23
CA GLU F 282 -30.65 52.32 -15.40
C GLU F 282 -29.16 52.52 -15.60
N GLY F 283 -28.32 51.63 -15.08
CA GLY F 283 -26.89 51.82 -15.15
C GLY F 283 -26.23 51.36 -16.42
N VAL F 284 -26.99 50.88 -17.39
CA VAL F 284 -26.45 50.32 -18.62
C VAL F 284 -27.19 50.92 -19.81
N GLU F 285 -26.46 51.12 -20.90
CA GLU F 285 -27.03 51.65 -22.13
C GLU F 285 -27.01 50.57 -23.20
N VAL F 286 -28.10 50.46 -23.95
CA VAL F 286 -28.26 49.43 -24.96
C VAL F 286 -28.36 50.10 -26.32
N LYS F 287 -27.49 49.69 -27.24
CA LYS F 287 -27.50 50.20 -28.60
C LYS F 287 -27.36 49.02 -29.55
N GLU F 288 -27.97 49.15 -30.72
CA GLU F 288 -28.13 48.04 -31.65
C GLU F 288 -27.42 48.37 -32.95
N MET F 289 -26.30 47.69 -33.21
CA MET F 289 -25.55 47.89 -34.43
C MET F 289 -26.07 47.07 -35.60
N LEU F 290 -26.98 46.14 -35.35
CA LEU F 290 -27.65 45.40 -36.42
C LEU F 290 -29.03 44.96 -35.96
N MET G 1 -1.48 37.03 -66.50
CA MET G 1 -2.65 37.84 -66.98
C MET G 1 -3.34 38.55 -65.82
N THR G 2 -3.75 39.80 -66.07
CA THR G 2 -4.31 40.63 -65.01
C THR G 2 -5.57 40.00 -64.44
N ALA G 3 -5.68 40.04 -63.11
CA ALA G 3 -6.87 39.56 -62.44
C ALA G 3 -7.97 40.62 -62.47
N ILE G 4 -9.19 40.17 -62.19
CA ILE G 4 -10.33 41.07 -62.12
C ILE G 4 -10.13 42.03 -60.97
N ALA G 5 -10.93 43.10 -60.91
CA ALA G 5 -10.79 44.11 -59.87
C ALA G 5 -12.13 44.52 -59.27
N ASN G 6 -13.14 43.65 -59.28
CA ASN G 6 -14.42 43.96 -58.68
C ASN G 6 -15.08 42.67 -58.20
N ARG G 7 -15.91 42.81 -57.18
CA ARG G 7 -16.65 41.67 -56.66
C ARG G 7 -17.97 41.53 -57.38
N TYR G 8 -18.39 40.30 -57.63
CA TYR G 8 -19.59 40.01 -58.40
C TYR G 8 -20.48 39.02 -57.66
N GLU G 9 -21.78 39.13 -57.90
CA GLU G 9 -22.76 38.13 -57.53
C GLU G 9 -23.71 37.91 -58.70
N PHE G 10 -24.32 36.74 -58.74
CA PHE G 10 -25.21 36.42 -59.85
C PHE G 10 -26.24 35.40 -59.40
N VAL G 11 -27.32 35.32 -60.18
CA VAL G 11 -28.42 34.39 -59.93
C VAL G 11 -28.84 33.79 -61.25
N LEU G 12 -29.17 32.50 -61.24
CA LEU G 12 -29.51 31.77 -62.44
C LEU G 12 -30.80 31.00 -62.24
N LEU G 13 -31.59 30.86 -63.31
CA LEU G 13 -32.83 30.11 -63.30
C LEU G 13 -32.88 29.18 -64.51
N PHE G 14 -33.36 27.96 -64.30
CA PHE G 14 -33.47 26.99 -65.38
C PHE G 14 -34.63 26.05 -65.12
N ASP G 15 -35.11 25.42 -66.19
CA ASP G 15 -36.31 24.61 -66.15
C ASP G 15 -35.98 23.13 -66.37
N VAL G 16 -36.99 22.31 -66.11
CA VAL G 16 -36.95 20.88 -66.42
C VAL G 16 -38.36 20.44 -66.77
N GLU G 17 -38.48 19.48 -67.68
CA GLU G 17 -39.77 19.03 -68.17
C GLU G 17 -39.70 17.55 -68.49
N ASN G 18 -40.43 16.74 -67.73
CA ASN G 18 -40.49 15.30 -67.94
C ASN G 18 -39.09 14.70 -68.02
N GLY G 19 -38.37 14.80 -66.91
CA GLY G 19 -37.02 14.27 -66.86
C GLY G 19 -36.53 14.17 -65.44
N ASN G 20 -35.35 13.58 -65.31
CA ASN G 20 -34.69 13.44 -64.03
C ASN G 20 -33.46 14.34 -64.01
N PRO G 21 -33.50 15.48 -63.34
CA PRO G 21 -32.35 16.40 -63.40
C PRO G 21 -31.11 15.84 -62.73
N ASN G 22 -31.27 15.20 -61.58
CA ASN G 22 -30.12 14.67 -60.85
C ASN G 22 -30.63 13.56 -59.93
N GLY G 23 -30.21 12.33 -60.20
CA GLY G 23 -30.72 11.19 -59.45
C GLY G 23 -29.85 10.86 -58.25
N ASP G 24 -30.49 10.32 -57.22
CA ASP G 24 -29.78 9.95 -56.02
C ASP G 24 -29.13 8.58 -56.18
N PRO G 25 -27.82 8.44 -55.96
CA PRO G 25 -27.20 7.12 -56.09
C PRO G 25 -27.75 6.08 -55.12
N ASP G 26 -28.29 6.49 -53.98
CA ASP G 26 -28.72 5.54 -52.96
C ASP G 26 -30.18 5.14 -53.08
N ALA G 27 -31.10 6.10 -53.14
CA ALA G 27 -32.51 5.76 -53.23
C ALA G 27 -32.85 5.32 -54.65
N GLY G 28 -32.31 4.18 -55.07
CA GLY G 28 -32.51 3.75 -56.43
C GLY G 28 -31.99 4.79 -57.38
N ASN G 29 -32.90 5.49 -58.06
CA ASN G 29 -32.49 6.66 -58.82
C ASN G 29 -33.49 7.80 -58.65
N MET G 30 -34.31 7.78 -57.61
CA MET G 30 -35.20 8.87 -57.29
C MET G 30 -34.45 10.19 -57.41
N PRO G 31 -35.08 11.26 -57.89
CA PRO G 31 -34.42 12.57 -57.84
C PRO G 31 -34.17 13.00 -56.40
N ARG G 32 -33.06 13.71 -56.19
CA ARG G 32 -32.78 14.24 -54.87
C ARG G 32 -33.89 15.20 -54.44
N ILE G 33 -34.32 15.08 -53.19
CA ILE G 33 -35.37 15.94 -52.65
C ILE G 33 -35.10 16.21 -51.18
N ASP G 34 -35.75 17.24 -50.66
CA ASP G 34 -35.72 17.55 -49.24
C ASP G 34 -36.82 16.76 -48.55
N PRO G 35 -36.48 15.77 -47.72
CA PRO G 35 -37.52 14.89 -47.18
C PRO G 35 -38.56 15.62 -46.34
N GLU G 36 -38.18 16.67 -45.64
CA GLU G 36 -39.11 17.34 -44.74
C GLU G 36 -40.13 18.21 -45.48
N THR G 37 -39.74 18.82 -46.59
CA THR G 37 -40.65 19.69 -47.33
C THR G 37 -40.87 19.26 -48.78
N GLY G 38 -40.15 18.26 -49.27
CA GLY G 38 -40.39 17.77 -50.61
C GLY G 38 -39.81 18.60 -51.72
N HIS G 39 -39.07 19.67 -51.41
CA HIS G 39 -38.44 20.47 -52.45
C HIS G 39 -37.27 19.71 -53.06
N GLY G 40 -37.10 19.87 -54.37
CA GLY G 40 -36.01 19.21 -55.05
C GLY G 40 -34.69 19.94 -54.86
N LEU G 41 -33.60 19.21 -55.10
CA LEU G 41 -32.26 19.75 -54.97
C LEU G 41 -31.39 19.27 -56.11
N VAL G 42 -30.42 20.10 -56.49
CA VAL G 42 -29.41 19.74 -57.47
C VAL G 42 -28.05 20.15 -56.90
N THR G 43 -27.15 19.18 -56.79
CA THR G 43 -25.84 19.46 -56.21
C THR G 43 -25.05 20.40 -57.10
N ASP G 44 -24.27 21.28 -56.48
CA ASP G 44 -23.44 22.19 -57.25
C ASP G 44 -22.43 21.45 -58.11
N VAL G 45 -22.03 20.25 -57.67
CA VAL G 45 -21.04 19.48 -58.42
C VAL G 45 -21.55 19.16 -59.81
N CYS G 46 -22.86 18.93 -59.94
CA CYS G 46 -23.42 18.59 -61.23
C CYS G 46 -23.20 19.70 -62.26
N LEU G 47 -23.44 20.95 -61.86
CA LEU G 47 -23.33 22.05 -62.81
C LEU G 47 -21.90 22.23 -63.30
N LYS G 48 -20.93 22.15 -62.38
CA LYS G 48 -19.55 22.37 -62.75
C LYS G 48 -19.11 21.38 -63.83
N ARG G 49 -19.61 20.15 -63.77
CA ARG G 49 -19.27 19.18 -64.80
C ARG G 49 -19.78 19.66 -66.17
N LYS G 50 -20.99 20.20 -66.20
CA LYS G 50 -21.52 20.70 -67.46
C LYS G 50 -20.69 21.85 -67.99
N ILE G 51 -20.26 22.75 -67.10
CA ILE G 51 -19.42 23.86 -67.54
C ILE G 51 -18.11 23.34 -68.10
N ARG G 52 -17.50 22.38 -67.42
CA ARG G 52 -16.25 21.80 -67.92
C ARG G 52 -16.47 21.21 -69.30
N ASN G 53 -17.56 20.48 -69.48
CA ASN G 53 -17.82 19.85 -70.77
C ASN G 53 -17.98 20.90 -71.86
N HIS G 54 -18.72 21.96 -71.59
CA HIS G 54 -18.91 22.99 -72.59
C HIS G 54 -17.60 23.65 -72.97
N VAL G 55 -16.77 23.95 -71.97
CA VAL G 55 -15.48 24.58 -72.26
C VAL G 55 -14.62 23.66 -73.11
N ALA G 56 -14.56 22.39 -72.74
CA ALA G 56 -13.76 21.45 -73.52
C ALA G 56 -14.27 21.36 -74.95
N LEU G 57 -15.59 21.29 -75.12
CA LEU G 57 -16.14 21.19 -76.46
C LEU G 57 -15.80 22.42 -77.29
N THR G 58 -16.00 23.62 -76.73
CA THR G 58 -15.83 24.82 -77.53
C THR G 58 -14.37 25.14 -77.80
N LYS G 59 -13.49 25.03 -76.80
CA LYS G 59 -12.09 25.37 -77.00
C LYS G 59 -11.30 24.27 -77.71
N GLU G 60 -11.64 23.01 -77.49
CA GLU G 60 -11.00 21.90 -78.20
C GLU G 60 -9.50 21.87 -77.92
N GLY G 61 -9.15 21.87 -76.64
CA GLY G 61 -7.76 21.66 -76.26
C GLY G 61 -6.82 22.79 -76.58
N ALA G 62 -7.32 24.01 -76.73
CA ALA G 62 -6.44 25.14 -76.98
C ALA G 62 -5.48 25.33 -75.83
N GLU G 63 -4.31 25.90 -76.13
CA GLU G 63 -3.29 26.08 -75.13
C GLU G 63 -3.82 26.89 -73.96
N ARG G 64 -3.44 26.49 -72.74
CA ARG G 64 -3.92 27.09 -71.50
C ARG G 64 -5.42 26.98 -71.33
N PHE G 65 -6.04 25.95 -71.90
CA PHE G 65 -7.46 25.68 -71.71
C PHE G 65 -7.73 24.19 -71.55
N ASN G 66 -6.76 23.45 -71.03
CA ASN G 66 -6.99 22.05 -70.73
C ASN G 66 -7.78 21.92 -69.44
N ILE G 67 -8.36 20.74 -69.25
CA ILE G 67 -9.15 20.44 -68.06
C ILE G 67 -8.50 19.30 -67.32
N TYR G 68 -8.47 19.41 -66.00
CA TYR G 68 -7.71 18.51 -65.14
C TYR G 68 -8.50 17.25 -64.78
N ILE G 69 -9.81 17.39 -64.57
CA ILE G 69 -10.66 16.24 -64.29
C ILE G 69 -11.21 15.70 -65.59
N GLN G 70 -10.44 14.86 -66.27
CA GLN G 70 -10.89 14.29 -67.53
C GLN G 70 -11.48 12.90 -67.31
N GLU G 71 -12.11 12.39 -68.36
CA GLU G 71 -12.78 11.10 -68.27
C GLU G 71 -11.77 9.99 -67.99
N LYS G 72 -12.09 9.15 -67.02
CA LYS G 72 -11.31 7.97 -66.67
C LYS G 72 -9.80 8.23 -66.62
N ALA G 73 -9.41 9.40 -66.13
CA ALA G 73 -7.99 9.69 -66.00
C ALA G 73 -7.45 9.13 -64.68
N ILE G 74 -6.13 9.23 -64.53
CA ILE G 74 -5.44 8.91 -63.28
C ILE G 74 -4.75 10.17 -62.82
N LEU G 75 -5.14 10.68 -61.65
CA LEU G 75 -4.73 12.02 -61.25
C LEU G 75 -3.26 12.06 -60.83
N ASN G 76 -2.81 11.05 -60.09
CA ASN G 76 -1.44 11.09 -59.59
C ASN G 76 -0.44 11.21 -60.74
N GLU G 77 -0.65 10.47 -61.82
CA GLU G 77 0.24 10.56 -62.97
C GLU G 77 0.17 11.92 -63.64
N THR G 78 -1.00 12.57 -63.64
CA THR G 78 -1.10 13.90 -64.22
C THR G 78 -0.21 14.89 -63.48
N HIS G 79 -0.18 14.80 -62.15
CA HIS G 79 0.65 15.73 -61.37
C HIS G 79 2.11 15.60 -61.73
N GLU G 80 2.59 14.37 -61.93
CA GLU G 80 4.01 14.17 -62.20
C GLU G 80 4.47 14.95 -63.42
N ARG G 81 3.59 15.18 -64.39
CA ARG G 81 3.96 16.03 -65.52
C ARG G 81 4.49 17.37 -65.02
N ALA G 82 3.88 17.91 -63.97
CA ALA G 82 4.35 19.17 -63.41
C ALA G 82 5.77 19.04 -62.87
N TYR G 83 6.05 17.94 -62.16
CA TYR G 83 7.39 17.73 -61.64
C TYR G 83 8.39 17.60 -62.78
N THR G 84 8.04 16.82 -63.80
CA THR G 84 8.91 16.67 -64.95
C THR G 84 9.09 18.00 -65.68
N ALA G 85 8.00 18.74 -65.87
CA ALA G 85 8.09 20.02 -66.57
C ALA G 85 8.99 20.99 -65.82
N CYS G 86 8.86 21.04 -64.50
CA CYS G 86 9.70 21.94 -63.69
C CYS G 86 11.05 21.31 -63.38
N ASP G 87 11.31 20.09 -63.82
CA ASP G 87 12.59 19.43 -63.61
C ASP G 87 12.86 19.23 -62.11
N LEU G 88 11.92 18.57 -61.46
CA LEU G 88 12.03 18.21 -60.05
C LEU G 88 11.66 16.74 -59.88
N LYS G 89 12.29 16.09 -58.91
CA LYS G 89 12.04 14.68 -58.63
C LYS G 89 11.22 14.55 -57.37
N PRO G 90 10.00 14.01 -57.43
CA PRO G 90 9.08 14.12 -56.30
C PRO G 90 9.46 13.19 -55.16
N GLU G 91 9.32 13.70 -53.93
CA GLU G 91 9.37 12.85 -52.74
C GLU G 91 8.05 12.11 -52.58
N PRO G 92 8.05 11.00 -51.84
CA PRO G 92 6.82 10.20 -51.75
C PRO G 92 5.60 10.96 -51.28
N LYS G 93 5.74 11.84 -50.28
CA LYS G 93 4.60 12.65 -49.86
C LYS G 93 4.91 14.11 -49.60
N LYS G 94 6.14 14.48 -49.25
CA LYS G 94 6.44 15.87 -48.93
C LYS G 94 6.40 16.72 -50.20
N LEU G 95 6.20 18.02 -50.01
CA LEU G 95 6.34 18.99 -51.08
C LEU G 95 7.82 19.21 -51.36
N PRO G 96 8.15 19.89 -52.45
CA PRO G 96 9.56 20.20 -52.73
C PRO G 96 10.19 20.96 -51.57
N LYS G 97 11.45 20.66 -51.28
CA LYS G 97 12.09 21.22 -50.10
C LYS G 97 12.14 22.74 -50.16
N LYS G 98 12.60 23.30 -51.28
CA LYS G 98 12.62 24.74 -51.44
C LYS G 98 11.23 25.25 -51.79
N VAL G 99 10.79 26.30 -51.09
CA VAL G 99 9.45 26.83 -51.31
C VAL G 99 9.27 27.29 -52.75
N GLU G 100 10.32 27.84 -53.36
CA GLU G 100 10.20 28.35 -54.71
C GLU G 100 9.90 27.25 -55.72
N ASP G 101 10.49 26.07 -55.55
CA ASP G 101 10.14 24.96 -56.43
C ASP G 101 8.66 24.59 -56.30
N ALA G 102 8.16 24.58 -55.06
CA ALA G 102 6.74 24.30 -54.85
C ALA G 102 5.88 25.33 -55.55
N LYS G 103 6.23 26.61 -55.44
CA LYS G 103 5.45 27.63 -56.11
C LYS G 103 5.56 27.48 -57.62
N ARG G 104 6.72 27.06 -58.11
CA ARG G 104 6.87 26.85 -59.55
C ARG G 104 5.91 25.78 -60.03
N VAL G 105 5.86 24.65 -59.33
CA VAL G 105 4.97 23.56 -59.76
C VAL G 105 3.51 24.00 -59.64
N THR G 106 3.19 24.71 -58.57
CA THR G 106 1.83 25.20 -58.37
C THR G 106 1.41 26.11 -59.53
N ASP G 107 2.25 27.08 -59.87
CA ASP G 107 1.96 27.93 -61.02
C ASP G 107 1.86 27.10 -62.29
N TRP G 108 2.69 26.05 -62.40
CA TRP G 108 2.66 25.23 -63.59
C TRP G 108 1.31 24.57 -63.78
N MET G 109 0.71 24.03 -62.71
CA MET G 109 -0.67 23.56 -62.86
C MET G 109 -1.60 24.74 -63.17
N CYS G 110 -1.53 25.79 -62.36
CA CYS G 110 -2.50 26.88 -62.51
C CYS G 110 -2.40 27.53 -63.89
N THR G 111 -1.18 27.74 -64.37
CA THR G 111 -1.00 28.53 -65.58
C THR G 111 -1.63 27.88 -66.81
N ASN G 112 -1.89 26.58 -66.79
CA ASN G 112 -2.30 25.86 -67.99
C ASN G 112 -3.55 25.02 -67.85
N PHE G 113 -4.13 24.91 -66.65
CA PHE G 113 -5.37 24.18 -66.46
C PHE G 113 -6.47 25.17 -66.10
N TYR G 114 -7.44 25.31 -66.99
CA TYR G 114 -8.50 26.30 -66.78
C TYR G 114 -9.33 25.97 -65.56
N ASP G 115 -9.73 24.71 -65.41
CA ASP G 115 -10.63 24.35 -64.32
C ASP G 115 -9.97 24.56 -62.97
N ILE G 116 -8.68 24.28 -62.85
CA ILE G 116 -7.98 24.57 -61.60
C ILE G 116 -7.94 26.07 -61.38
N ARG G 117 -7.63 26.84 -62.41
CA ARG G 117 -7.57 28.28 -62.28
C ARG G 117 -8.92 28.87 -61.89
N THR G 118 -10.01 28.14 -62.13
CA THR G 118 -11.34 28.67 -61.87
C THR G 118 -11.96 28.16 -60.57
N PHE G 119 -11.87 26.87 -60.29
CA PHE G 119 -12.55 26.26 -59.16
C PHE G 119 -11.61 25.81 -58.04
N GLY G 120 -10.33 25.58 -58.33
CA GLY G 120 -9.41 25.09 -57.32
C GLY G 120 -9.39 23.57 -57.26
N ALA G 121 -8.50 23.00 -56.46
CA ALA G 121 -8.35 21.55 -56.45
C ALA G 121 -7.52 21.13 -55.24
N VAL G 122 -7.43 19.82 -55.03
CA VAL G 122 -6.67 19.22 -53.95
C VAL G 122 -5.67 18.27 -54.57
N MET G 123 -4.39 18.41 -54.18
CA MET G 123 -3.33 17.63 -54.82
C MET G 123 -2.34 17.05 -53.80
N THR G 124 -2.71 16.92 -52.54
CA THR G 124 -1.85 16.29 -51.54
C THR G 124 -2.03 14.79 -51.49
N THR G 125 -1.78 14.09 -52.59
CA THR G 125 -2.19 12.70 -52.72
C THR G 125 -1.03 11.76 -53.02
N GLU G 126 0.05 11.88 -52.25
CA GLU G 126 1.26 11.07 -52.43
C GLU G 126 2.12 11.56 -53.59
N VAL G 127 1.63 12.53 -54.34
CA VAL G 127 2.47 13.36 -55.19
C VAL G 127 2.01 14.79 -54.95
N ASN G 128 2.71 15.48 -54.08
CA ASN G 128 2.15 16.67 -53.45
C ASN G 128 2.36 17.90 -54.33
N CYS G 129 1.30 18.70 -54.48
CA CYS G 129 1.39 19.96 -55.20
C CYS G 129 0.59 21.06 -54.51
N GLY G 130 0.22 20.86 -53.24
CA GLY G 130 -0.46 21.90 -52.49
C GLY G 130 -1.96 21.91 -52.73
N GLN G 131 -2.60 22.99 -52.28
CA GLN G 131 -4.04 23.15 -52.39
C GLN G 131 -4.37 24.47 -53.05
N VAL G 132 -5.60 24.59 -53.53
CA VAL G 132 -6.11 25.82 -54.12
C VAL G 132 -7.56 25.96 -53.69
N ARG G 133 -8.01 27.21 -53.52
CA ARG G 133 -9.36 27.46 -53.03
C ARG G 133 -10.34 27.89 -54.11
N GLY G 134 -9.87 28.50 -55.18
CA GLY G 134 -10.73 28.81 -56.30
C GLY G 134 -11.52 30.08 -56.07
N PRO G 135 -11.53 30.99 -57.05
CA PRO G 135 -12.27 32.25 -56.86
C PRO G 135 -13.76 32.15 -57.08
N VAL G 136 -14.24 31.11 -57.76
CA VAL G 136 -15.66 30.99 -58.12
C VAL G 136 -16.30 29.91 -57.26
N GLN G 137 -17.42 30.25 -56.64
CA GLN G 137 -18.15 29.31 -55.80
C GLN G 137 -19.64 29.47 -56.05
N MET G 138 -20.39 28.39 -55.78
CA MET G 138 -21.83 28.40 -55.94
C MET G 138 -22.44 27.36 -55.02
N ALA G 139 -23.69 27.57 -54.65
CA ALA G 139 -24.36 26.71 -53.67
C ALA G 139 -25.41 25.84 -54.34
N PHE G 140 -26.09 25.04 -53.51
CA PHE G 140 -27.07 24.09 -54.01
C PHE G 140 -28.23 24.82 -54.67
N ALA G 141 -28.79 24.21 -55.70
CA ALA G 141 -30.00 24.72 -56.32
C ALA G 141 -31.22 24.08 -55.67
N ARG G 142 -32.26 24.87 -55.45
CA ARG G 142 -33.45 24.42 -54.77
C ARG G 142 -34.69 24.84 -55.56
N SER G 143 -35.67 23.95 -55.62
CA SER G 143 -36.89 24.24 -56.36
C SER G 143 -37.74 25.26 -55.61
N VAL G 144 -38.42 26.12 -56.36
CA VAL G 144 -39.28 27.13 -55.75
C VAL G 144 -40.51 26.51 -55.11
N GLU G 145 -40.92 25.34 -55.55
CA GLU G 145 -42.14 24.71 -55.06
C GLU G 145 -41.90 23.22 -54.94
N PRO G 146 -42.63 22.52 -54.08
CA PRO G 146 -42.43 21.07 -53.94
C PRO G 146 -42.73 20.35 -55.23
N VAL G 147 -42.03 19.24 -55.45
CA VAL G 147 -42.14 18.46 -56.67
C VAL G 147 -42.73 17.10 -56.34
N VAL G 148 -43.28 16.44 -57.36
CA VAL G 148 -43.95 15.16 -57.19
C VAL G 148 -43.41 14.17 -58.21
N PRO G 149 -42.31 13.49 -57.92
CA PRO G 149 -41.82 12.47 -58.87
C PRO G 149 -42.79 11.32 -58.98
N GLN G 150 -42.85 10.74 -60.18
CA GLN G 150 -43.73 9.62 -60.46
C GLN G 150 -42.97 8.57 -61.27
N GLU G 151 -43.21 7.31 -60.94
CA GLU G 151 -42.47 6.21 -61.55
C GLU G 151 -43.17 5.74 -62.81
N VAL G 152 -42.38 5.16 -63.72
CA VAL G 152 -42.87 4.63 -64.99
C VAL G 152 -42.18 3.30 -65.25
N SER G 153 -42.93 2.34 -65.80
CA SER G 153 -42.41 1.02 -66.08
C SER G 153 -42.31 0.79 -67.59
N ILE G 154 -41.39 -0.10 -67.98
CA ILE G 154 -41.06 -0.33 -69.38
C ILE G 154 -40.76 -1.82 -69.59
N THR G 155 -40.65 -2.20 -70.85
CA THR G 155 -40.49 -3.60 -71.25
C THR G 155 -39.39 -3.72 -72.30
N ARG G 156 -38.94 -4.96 -72.51
CA ARG G 156 -37.92 -5.26 -73.50
C ARG G 156 -38.33 -6.45 -74.34
N MET G 157 -38.07 -6.38 -75.65
CA MET G 157 -38.33 -7.46 -76.60
C MET G 157 -37.29 -8.57 -76.54
N ALA G 158 -36.44 -8.61 -75.51
CA ALA G 158 -35.31 -9.52 -75.53
C ALA G 158 -34.79 -9.71 -74.11
N VAL G 159 -33.85 -10.64 -73.99
CA VAL G 159 -33.19 -10.96 -72.72
C VAL G 159 -31.69 -10.89 -72.93
N THR G 160 -30.99 -10.33 -71.94
CA THR G 160 -29.56 -10.12 -72.09
C THR G 160 -28.78 -11.42 -71.98
N THR G 161 -29.16 -12.30 -71.06
CA THR G 161 -28.39 -13.51 -70.81
C THR G 161 -29.36 -14.69 -70.69
N LYS G 162 -28.78 -15.87 -70.52
CA LYS G 162 -29.56 -17.10 -70.46
C LYS G 162 -30.51 -17.06 -69.26
N ALA G 163 -31.77 -17.39 -69.51
CA ALA G 163 -32.79 -17.43 -68.47
C ALA G 163 -34.07 -17.98 -69.06
N GLU G 164 -34.90 -18.56 -68.19
CA GLU G 164 -36.19 -19.09 -68.62
C GLU G 164 -37.26 -18.02 -68.72
N ALA G 165 -36.95 -16.79 -68.31
CA ALA G 165 -37.96 -15.72 -68.33
C ALA G 165 -38.45 -15.45 -69.75
N GLU G 166 -37.53 -15.38 -70.73
CA GLU G 166 -37.91 -15.09 -72.11
C GLU G 166 -37.08 -15.93 -73.07
N ASP G 171 -44.27 -15.04 -68.97
CA ASP G 171 -44.94 -14.80 -70.24
C ASP G 171 -44.77 -13.35 -70.68
N ASN G 172 -44.51 -12.47 -69.72
CA ASN G 172 -44.39 -11.05 -70.02
C ASN G 172 -42.94 -10.68 -70.32
N ARG G 173 -42.76 -9.49 -70.88
CA ARG G 173 -41.44 -9.02 -71.25
C ARG G 173 -40.61 -8.65 -70.02
N THR G 174 -39.30 -8.56 -70.21
CA THR G 174 -38.42 -8.13 -69.14
C THR G 174 -38.79 -6.72 -68.71
N MET G 175 -38.91 -6.51 -67.40
CA MET G 175 -39.44 -5.27 -66.86
C MET G 175 -38.31 -4.28 -66.60
N GLY G 176 -38.69 -3.00 -66.61
CA GLY G 176 -37.80 -1.91 -66.27
C GLY G 176 -38.61 -0.77 -65.72
N ARG G 177 -37.92 0.22 -65.17
CA ARG G 177 -38.61 1.33 -64.54
C ARG G 177 -37.82 2.62 -64.72
N LYS G 178 -38.53 3.74 -64.58
CA LYS G 178 -37.93 5.06 -64.70
C LYS G 178 -38.70 6.02 -63.81
N HIS G 179 -38.08 7.16 -63.54
CA HIS G 179 -38.67 8.20 -62.72
C HIS G 179 -38.47 9.54 -63.41
N ILE G 180 -39.47 10.41 -63.30
CA ILE G 180 -39.45 11.69 -63.98
C ILE G 180 -40.16 12.74 -63.14
N VAL G 181 -39.87 13.99 -63.42
CA VAL G 181 -40.52 15.13 -62.79
C VAL G 181 -41.41 15.81 -63.84
N PRO G 182 -42.72 15.93 -63.59
CA PRO G 182 -43.57 16.60 -64.61
C PRO G 182 -43.08 17.98 -64.98
N TYR G 183 -42.74 18.82 -64.01
CA TYR G 183 -42.22 20.14 -64.30
C TYR G 183 -41.64 20.74 -63.03
N GLY G 184 -40.67 21.63 -63.19
CA GLY G 184 -40.05 22.28 -62.05
C GLY G 184 -39.20 23.48 -62.42
N LEU G 185 -38.92 24.34 -61.46
CA LEU G 185 -38.11 25.53 -61.66
C LEU G 185 -37.12 25.64 -60.51
N TYR G 186 -35.89 26.05 -60.81
CA TYR G 186 -34.81 26.02 -59.84
C TYR G 186 -34.07 27.35 -59.81
N VAL G 187 -33.42 27.61 -58.69
CA VAL G 187 -32.68 28.86 -58.46
C VAL G 187 -31.35 28.52 -57.81
N ALA G 188 -30.31 29.26 -58.16
CA ALA G 188 -28.98 29.03 -57.63
C ALA G 188 -28.27 30.37 -57.42
N HIS G 189 -27.34 30.39 -56.47
CA HIS G 189 -26.56 31.57 -56.14
C HIS G 189 -25.08 31.29 -56.31
N GLY G 190 -24.30 32.35 -56.55
CA GLY G 190 -22.87 32.20 -56.70
C GLY G 190 -22.15 33.48 -56.35
N PHE G 191 -20.83 33.36 -56.17
CA PHE G 191 -20.00 34.46 -55.75
C PHE G 191 -18.68 34.46 -56.51
N ILE G 192 -18.05 35.63 -56.57
CA ILE G 192 -16.72 35.79 -57.15
C ILE G 192 -15.96 36.78 -56.27
N SER G 193 -14.69 36.47 -55.98
CA SER G 193 -13.87 37.27 -55.09
C SER G 193 -12.60 37.69 -55.80
N ALA G 194 -12.22 38.95 -55.62
CA ALA G 194 -11.05 39.51 -56.27
C ALA G 194 -9.75 38.99 -55.67
N PRO G 195 -9.62 38.93 -54.34
CA PRO G 195 -8.34 38.55 -53.74
C PRO G 195 -7.84 37.19 -54.20
N LEU G 196 -8.73 36.21 -54.37
CA LEU G 196 -8.28 34.90 -54.83
C LEU G 196 -7.86 34.95 -56.30
N ALA G 197 -8.64 35.64 -57.13
CA ALA G 197 -8.24 35.83 -58.51
C ALA G 197 -6.86 36.45 -58.60
N GLU G 198 -6.53 37.35 -57.66
CA GLU G 198 -5.20 37.94 -57.64
C GLU G 198 -4.12 36.89 -57.44
N LYS G 199 -4.45 35.77 -56.82
CA LYS G 199 -3.49 34.68 -56.64
C LYS G 199 -3.46 33.75 -57.84
N THR G 200 -4.62 33.33 -58.34
CA THR G 200 -4.67 32.37 -59.42
C THR G 200 -4.54 33.01 -60.81
N GLY G 201 -4.66 34.33 -60.91
CA GLY G 201 -4.57 34.98 -62.20
C GLY G 201 -5.83 34.91 -63.03
N PHE G 202 -6.95 34.56 -62.43
CA PHE G 202 -8.22 34.54 -63.16
C PHE G 202 -8.49 35.88 -63.82
N SER G 203 -8.62 35.89 -65.14
CA SER G 203 -8.62 37.12 -65.91
C SER G 203 -9.99 37.35 -66.57
N ASP G 204 -10.06 38.46 -67.31
CA ASP G 204 -11.33 38.90 -67.86
C ASP G 204 -11.84 38.00 -68.97
N GLU G 205 -10.96 37.60 -69.90
CA GLU G 205 -11.40 36.69 -70.94
C GLU G 205 -12.01 35.43 -70.35
N ASP G 206 -11.45 34.96 -69.24
CA ASP G 206 -12.04 33.83 -68.55
C ASP G 206 -13.45 34.17 -68.08
N LEU G 207 -13.66 35.39 -67.61
CA LEU G 207 -14.98 35.80 -67.15
C LEU G 207 -15.98 35.80 -68.30
N THR G 208 -15.57 36.31 -69.47
CA THR G 208 -16.47 36.30 -70.61
C THR G 208 -16.80 34.88 -71.05
N LEU G 209 -15.78 34.03 -71.09
CA LEU G 209 -16.02 32.63 -71.44
C LEU G 209 -16.96 31.98 -70.44
N PHE G 210 -16.84 32.34 -69.17
CA PHE G 210 -17.71 31.79 -68.13
C PHE G 210 -19.15 32.23 -68.36
N TRP G 211 -19.35 33.52 -68.67
CA TRP G 211 -20.69 33.99 -68.99
C TRP G 211 -21.27 33.19 -70.15
N ASP G 212 -20.48 33.01 -71.21
CA ASP G 212 -20.98 32.31 -72.38
C ASP G 212 -21.36 30.87 -72.03
N ALA G 213 -20.50 30.20 -71.25
CA ALA G 213 -20.79 28.82 -70.87
C ALA G 213 -22.08 28.74 -70.07
N LEU G 214 -22.28 29.67 -69.14
CA LEU G 214 -23.53 29.69 -68.39
C LEU G 214 -24.72 29.86 -69.33
N VAL G 215 -24.59 30.75 -70.30
CA VAL G 215 -25.71 31.00 -71.20
C VAL G 215 -26.05 29.76 -72.01
N ASN G 216 -25.04 29.10 -72.56
CA ASN G 216 -25.26 28.01 -73.51
C ASN G 216 -24.92 26.63 -72.94
N MET G 217 -25.10 26.43 -71.65
CA MET G 217 -24.60 25.21 -71.02
C MET G 217 -25.35 23.98 -71.48
N PHE G 218 -26.69 24.04 -71.47
CA PHE G 218 -27.48 22.81 -71.56
C PHE G 218 -27.62 22.28 -72.98
N GLU G 219 -27.37 23.11 -74.00
CA GLU G 219 -27.73 22.71 -75.36
C GLU G 219 -26.99 21.47 -75.83
N HIS G 220 -25.87 21.11 -75.20
CA HIS G 220 -25.12 19.94 -75.61
C HIS G 220 -25.32 18.74 -74.69
N ASP G 221 -26.27 18.81 -73.76
CA ASP G 221 -26.44 17.80 -72.73
C ASP G 221 -27.72 16.99 -72.89
N ARG G 222 -28.09 16.66 -74.13
CA ARG G 222 -29.26 15.83 -74.35
C ARG G 222 -28.92 14.36 -74.14
N SER G 223 -29.83 13.63 -73.51
CA SER G 223 -29.65 12.20 -73.31
C SER G 223 -31.01 11.58 -73.07
N ALA G 224 -31.01 10.26 -72.86
CA ALA G 224 -32.28 9.53 -72.76
C ALA G 224 -33.09 9.97 -71.56
N ALA G 225 -32.47 10.11 -70.40
CA ALA G 225 -33.21 10.34 -69.16
C ALA G 225 -33.35 11.81 -68.80
N ARG G 226 -32.70 12.72 -69.52
CA ARG G 226 -32.70 14.11 -69.11
C ARG G 226 -33.97 14.84 -69.55
N GLY G 227 -34.62 14.38 -70.61
CA GLY G 227 -35.72 15.15 -71.13
C GLY G 227 -35.23 16.48 -71.65
N LEU G 228 -36.00 17.54 -71.36
CA LEU G 228 -35.69 18.88 -71.83
C LEU G 228 -35.34 19.77 -70.64
N MET G 229 -34.25 20.51 -70.77
CA MET G 229 -33.84 21.48 -69.76
C MET G 229 -33.22 22.68 -70.45
N SER G 230 -33.43 23.87 -69.90
CA SER G 230 -32.91 25.07 -70.50
C SER G 230 -32.82 26.18 -69.47
N SER G 231 -31.95 27.15 -69.74
CA SER G 231 -31.81 28.30 -68.87
C SER G 231 -32.76 29.41 -69.29
N ARG G 232 -33.20 30.20 -68.32
CA ARG G 232 -34.23 31.21 -68.54
C ARG G 232 -33.76 32.63 -68.24
N LYS G 233 -33.12 32.85 -67.10
CA LYS G 233 -32.74 34.20 -66.69
C LYS G 233 -31.37 34.18 -66.04
N LEU G 234 -30.69 35.32 -66.11
CA LEU G 234 -29.38 35.48 -65.48
C LEU G 234 -29.20 36.94 -65.12
N ILE G 235 -28.89 37.20 -63.85
CA ILE G 235 -28.70 38.55 -63.33
C ILE G 235 -27.31 38.64 -62.71
N VAL G 236 -26.64 39.76 -62.92
CA VAL G 236 -25.30 39.98 -62.42
C VAL G 236 -25.26 41.29 -61.65
N PHE G 237 -24.69 41.25 -60.45
CA PHE G 237 -24.44 42.45 -59.66
C PHE G 237 -22.94 42.68 -59.62
N LYS G 238 -22.54 43.92 -59.87
CA LYS G 238 -21.13 44.30 -59.88
C LYS G 238 -20.88 45.36 -58.82
N HIS G 239 -19.97 45.07 -57.90
CA HIS G 239 -19.55 46.05 -56.91
C HIS G 239 -18.57 47.02 -57.54
N GLN G 240 -18.45 48.19 -56.92
CA GLN G 240 -17.68 49.30 -57.49
C GLN G 240 -16.28 49.41 -56.92
N ASN G 241 -15.84 48.44 -56.12
CA ASN G 241 -14.51 48.51 -55.52
C ASN G 241 -14.04 47.10 -55.21
N ARG G 242 -12.79 47.00 -54.75
CA ARG G 242 -12.17 45.69 -54.56
C ARG G 242 -12.90 44.86 -53.53
N LEU G 243 -13.65 45.50 -52.63
CA LEU G 243 -14.42 44.79 -51.61
C LEU G 243 -15.86 45.25 -51.68
N GLY G 244 -16.77 44.38 -51.29
CA GLY G 244 -18.19 44.66 -51.46
C GLY G 244 -18.61 45.96 -50.82
N ASN G 245 -19.84 46.36 -51.11
CA ASN G 245 -20.46 47.54 -50.54
C ASN G 245 -21.82 47.26 -49.93
N ALA G 246 -22.27 46.02 -49.92
CA ALA G 246 -23.53 45.64 -49.31
C ALA G 246 -23.50 44.16 -48.98
N PRO G 247 -24.27 43.71 -48.00
CA PRO G 247 -24.31 42.29 -47.68
C PRO G 247 -24.92 41.49 -48.82
N ALA G 248 -24.45 40.26 -48.99
CA ALA G 248 -24.93 39.43 -50.08
C ALA G 248 -26.41 39.13 -49.94
N HIS G 249 -26.86 38.75 -48.74
CA HIS G 249 -28.25 38.34 -48.58
C HIS G 249 -29.20 39.47 -48.96
N LYS G 250 -28.79 40.71 -48.73
CA LYS G 250 -29.64 41.83 -49.13
C LYS G 250 -29.84 41.88 -50.63
N LEU G 251 -28.77 41.63 -51.40
CA LEU G 251 -28.90 41.68 -52.85
C LEU G 251 -29.81 40.58 -53.38
N PHE G 252 -29.62 39.36 -52.91
CA PHE G 252 -30.47 38.26 -53.38
C PHE G 252 -31.93 38.53 -53.07
N ASP G 253 -32.22 39.39 -52.09
CA ASP G 253 -33.60 39.72 -51.79
C ASP G 253 -34.27 40.49 -52.90
N LEU G 254 -33.51 41.21 -53.71
CA LEU G 254 -34.10 42.04 -54.76
C LEU G 254 -34.77 41.21 -55.85
N VAL G 255 -34.42 39.93 -55.97
CA VAL G 255 -35.00 39.04 -56.98
C VAL G 255 -36.10 38.22 -56.31
N LYS G 256 -37.29 38.25 -56.91
CA LYS G 256 -38.45 37.61 -56.33
C LYS G 256 -39.21 36.84 -57.41
N VAL G 257 -39.75 35.69 -57.03
CA VAL G 257 -40.48 34.82 -57.94
C VAL G 257 -41.81 34.46 -57.31
N SER G 258 -42.88 34.57 -58.09
CA SER G 258 -44.21 34.23 -57.63
C SER G 258 -45.02 33.71 -58.79
N ARG G 259 -46.02 32.89 -58.47
CA ARG G 259 -46.86 32.31 -59.52
C ARG G 259 -47.68 33.39 -60.20
N ALA G 260 -47.73 33.32 -61.52
CA ALA G 260 -48.59 34.23 -62.26
C ALA G 260 -50.03 34.04 -61.84
N GLU G 261 -50.72 35.14 -61.55
CA GLU G 261 -52.09 35.07 -61.05
C GLU G 261 -53.01 34.31 -61.98
N GLY G 262 -52.75 34.33 -63.29
CA GLY G 262 -53.62 33.64 -64.22
C GLY G 262 -53.55 32.13 -64.12
N SER G 263 -52.48 31.59 -63.55
CA SER G 263 -52.31 30.14 -63.45
C SER G 263 -53.00 29.62 -62.20
N SER G 264 -53.47 28.38 -62.29
CA SER G 264 -54.09 27.69 -61.17
C SER G 264 -53.73 26.21 -61.24
N GLY G 265 -53.77 25.56 -60.10
CA GLY G 265 -53.38 24.18 -60.01
C GLY G 265 -51.89 24.04 -60.23
N PRO G 266 -51.42 22.81 -60.42
CA PRO G 266 -49.98 22.61 -60.63
C PRO G 266 -49.49 23.34 -61.86
N ALA G 267 -48.30 23.92 -61.74
CA ALA G 267 -47.71 24.63 -62.86
C ALA G 267 -47.20 23.66 -63.92
N ARG G 268 -47.22 24.11 -65.16
CA ARG G 268 -46.72 23.27 -66.25
C ARG G 268 -45.88 24.02 -67.26
N SER G 269 -45.66 25.32 -67.11
CA SER G 269 -44.85 26.07 -68.06
C SER G 269 -44.24 27.27 -67.34
N PHE G 270 -43.18 27.81 -67.96
CA PHE G 270 -42.56 29.00 -67.40
C PHE G 270 -43.54 30.16 -67.31
N ALA G 271 -44.61 30.12 -68.12
CA ALA G 271 -45.60 31.18 -68.07
C ALA G 271 -46.33 31.21 -66.74
N ASP G 272 -46.34 30.12 -65.98
CA ASP G 272 -47.07 30.06 -64.73
C ASP G 272 -46.48 30.95 -63.65
N TYR G 273 -45.29 31.51 -63.85
CA TYR G 273 -44.62 32.30 -62.83
C TYR G 273 -44.35 33.71 -63.34
N ALA G 274 -43.99 34.58 -62.42
CA ALA G 274 -43.59 35.94 -62.72
C ALA G 274 -42.30 36.26 -61.99
N VAL G 275 -41.47 37.10 -62.60
CA VAL G 275 -40.16 37.45 -62.08
C VAL G 275 -40.04 38.95 -61.99
N THR G 276 -39.46 39.44 -60.89
CA THR G 276 -39.31 40.86 -60.64
C THR G 276 -37.91 41.13 -60.10
N VAL G 277 -37.33 42.26 -60.51
CA VAL G 277 -36.02 42.69 -60.06
C VAL G 277 -36.14 44.11 -59.52
N GLY G 278 -35.61 44.34 -58.33
CA GLY G 278 -35.68 45.64 -57.69
C GLY G 278 -34.57 46.56 -58.12
N GLN G 279 -34.25 47.51 -57.25
CA GLN G 279 -33.22 48.51 -57.51
C GLN G 279 -32.08 48.32 -56.52
N ALA G 280 -30.86 48.24 -57.02
CA ALA G 280 -29.71 47.99 -56.17
C ALA G 280 -29.24 49.28 -55.50
N PRO G 281 -28.52 49.16 -54.38
CA PRO G 281 -27.94 50.33 -53.74
C PRO G 281 -26.98 51.06 -54.68
N GLU G 282 -26.52 52.22 -54.21
CA GLU G 282 -25.65 53.06 -55.04
C GLU G 282 -24.32 52.39 -55.32
N GLY G 283 -23.81 51.61 -54.39
CA GLY G 283 -22.49 51.02 -54.55
C GLY G 283 -22.44 49.84 -55.48
N VAL G 284 -23.58 49.37 -55.97
CA VAL G 284 -23.67 48.20 -56.82
C VAL G 284 -24.52 48.54 -58.03
N GLU G 285 -24.09 48.08 -59.20
CA GLU G 285 -24.82 48.27 -60.43
C GLU G 285 -25.35 46.93 -60.93
N VAL G 286 -26.55 46.95 -61.49
CA VAL G 286 -27.24 45.75 -61.93
C VAL G 286 -27.24 45.71 -63.45
N LYS G 287 -26.63 44.68 -64.01
CA LYS G 287 -26.78 44.34 -65.41
C LYS G 287 -27.54 43.03 -65.50
N GLU G 288 -28.65 43.05 -66.22
CA GLU G 288 -29.56 41.92 -66.23
C GLU G 288 -29.87 41.39 -67.62
N MET G 289 -29.45 42.05 -68.69
CA MET G 289 -29.84 41.62 -70.02
C MET G 289 -29.38 40.20 -70.34
N LEU G 290 -28.39 39.68 -69.62
CA LEU G 290 -27.97 38.31 -69.82
C LEU G 290 -29.17 37.38 -69.71
N MET H 1 -17.60 7.11 -94.31
CA MET H 1 -19.00 7.50 -94.01
C MET H 1 -19.03 8.84 -93.30
N THR H 2 -19.11 9.93 -94.06
CA THR H 2 -19.08 11.26 -93.50
C THR H 2 -20.27 11.50 -92.59
N ALA H 3 -20.01 12.01 -91.40
CA ALA H 3 -21.09 12.41 -90.51
C ALA H 3 -21.69 13.72 -90.98
N ILE H 4 -22.96 13.93 -90.63
CA ILE H 4 -23.62 15.17 -91.00
C ILE H 4 -22.86 16.35 -90.41
N ALA H 5 -23.10 17.53 -90.98
CA ALA H 5 -22.38 18.74 -90.59
C ALA H 5 -23.28 19.87 -90.12
N ASN H 6 -24.53 19.57 -89.77
CA ASN H 6 -25.45 20.60 -89.30
C ASN H 6 -26.31 20.06 -88.17
N ARG H 7 -26.78 20.98 -87.33
CA ARG H 7 -27.64 20.63 -86.21
C ARG H 7 -29.10 20.78 -86.60
N TYR H 8 -29.93 19.86 -86.12
CA TYR H 8 -31.33 19.79 -86.51
C TYR H 8 -32.23 19.66 -85.30
N GLU H 9 -33.43 20.24 -85.42
CA GLU H 9 -34.54 19.98 -84.52
C GLU H 9 -35.79 19.75 -85.34
N PHE H 10 -36.69 18.92 -84.83
CA PHE H 10 -37.89 18.56 -85.56
C PHE H 10 -39.05 18.37 -84.60
N VAL H 11 -40.26 18.49 -85.14
CA VAL H 11 -41.49 18.35 -84.38
C VAL H 11 -42.46 17.48 -85.17
N LEU H 12 -43.22 16.64 -84.46
CA LEU H 12 -44.15 15.71 -85.09
C LEU H 12 -45.51 15.80 -84.43
N LEU H 13 -46.56 15.60 -85.22
CA LEU H 13 -47.92 15.55 -84.72
C LEU H 13 -48.64 14.36 -85.32
N PHE H 14 -49.42 13.66 -84.50
CA PHE H 14 -50.12 12.48 -84.96
C PHE H 14 -51.39 12.30 -84.12
N ASP H 15 -52.34 11.56 -84.68
CA ASP H 15 -53.63 11.35 -84.04
C ASP H 15 -53.81 9.91 -83.64
N VAL H 16 -54.58 9.71 -82.56
CA VAL H 16 -55.01 8.39 -82.12
C VAL H 16 -56.51 8.45 -81.88
N GLU H 17 -57.23 7.47 -82.41
CA GLU H 17 -58.69 7.50 -82.38
C GLU H 17 -59.24 6.12 -82.10
N ASN H 18 -60.02 6.02 -81.04
CA ASN H 18 -60.73 4.78 -80.69
C ASN H 18 -59.74 3.60 -80.61
N GLY H 19 -58.69 3.80 -79.82
CA GLY H 19 -57.71 2.74 -79.62
C GLY H 19 -56.78 3.11 -78.48
N ASN H 20 -55.95 2.14 -78.12
CA ASN H 20 -54.96 2.34 -77.07
C ASN H 20 -53.61 2.62 -77.69
N PRO H 21 -53.12 3.85 -77.69
CA PRO H 21 -51.81 4.11 -78.31
C PRO H 21 -50.69 3.35 -77.64
N ASN H 22 -50.77 3.17 -76.32
CA ASN H 22 -49.74 2.45 -75.57
C ASN H 22 -50.30 2.14 -74.20
N GLY H 23 -50.26 0.86 -73.81
CA GLY H 23 -50.90 0.43 -72.59
C GLY H 23 -49.95 0.42 -71.40
N ASP H 24 -50.51 0.66 -70.22
CA ASP H 24 -49.77 0.58 -68.98
C ASP H 24 -49.94 -0.81 -68.38
N PRO H 25 -48.88 -1.60 -68.21
CA PRO H 25 -49.05 -2.92 -67.61
C PRO H 25 -49.62 -2.88 -66.20
N ASP H 26 -49.32 -1.84 -65.42
CA ASP H 26 -49.71 -1.83 -64.01
C ASP H 26 -51.22 -1.77 -63.84
N ALA H 27 -51.89 -0.82 -64.49
CA ALA H 27 -53.33 -0.70 -64.35
C ALA H 27 -54.04 -1.51 -65.42
N GLY H 28 -53.60 -2.76 -65.61
CA GLY H 28 -54.22 -3.67 -66.54
C GLY H 28 -53.84 -3.35 -67.97
N ASN H 29 -54.53 -2.36 -68.57
CA ASN H 29 -54.08 -1.82 -69.84
C ASN H 29 -54.39 -0.33 -70.00
N MET H 30 -54.58 0.41 -68.91
CA MET H 30 -54.94 1.81 -69.03
C MET H 30 -53.89 2.55 -69.87
N PRO H 31 -54.30 3.34 -70.85
CA PRO H 31 -53.32 4.19 -71.53
C PRO H 31 -52.65 5.14 -70.53
N ARG H 32 -51.37 5.40 -70.74
CA ARG H 32 -50.62 6.22 -69.80
C ARG H 32 -51.10 7.67 -69.87
N ILE H 33 -51.55 8.19 -68.73
CA ILE H 33 -52.09 9.53 -68.64
C ILE H 33 -51.52 10.22 -67.40
N ASP H 34 -51.61 11.54 -67.38
CA ASP H 34 -51.15 12.31 -66.25
C ASP H 34 -52.25 12.37 -65.19
N PRO H 35 -52.05 11.82 -64.00
CA PRO H 35 -53.12 11.88 -62.98
C PRO H 35 -53.46 13.29 -62.56
N GLU H 36 -52.51 14.22 -62.60
CA GLU H 36 -52.75 15.58 -62.15
C GLU H 36 -53.62 16.37 -63.11
N THR H 37 -53.53 16.09 -64.41
CA THR H 37 -54.31 16.83 -65.40
C THR H 37 -55.01 15.95 -66.42
N GLY H 38 -54.76 14.64 -66.44
CA GLY H 38 -55.43 13.77 -67.37
C GLY H 38 -54.88 13.79 -68.77
N HIS H 39 -53.83 14.56 -69.02
CA HIS H 39 -53.25 14.62 -70.35
C HIS H 39 -52.59 13.30 -70.70
N GLY H 40 -52.64 12.94 -71.98
CA GLY H 40 -52.06 11.69 -72.44
C GLY H 40 -50.55 11.74 -72.51
N LEU H 41 -49.93 10.57 -72.39
CA LEU H 41 -48.48 10.45 -72.49
C LEU H 41 -48.13 9.17 -73.20
N VAL H 42 -47.15 9.25 -74.10
CA VAL H 42 -46.62 8.10 -74.81
C VAL H 42 -45.12 8.08 -74.62
N THR H 43 -44.61 6.96 -74.10
CA THR H 43 -43.17 6.85 -73.91
C THR H 43 -42.46 6.89 -75.25
N ASP H 44 -41.39 7.67 -75.31
CA ASP H 44 -40.57 7.69 -76.52
C ASP H 44 -40.07 6.30 -76.84
N VAL H 45 -39.96 5.44 -75.83
CA VAL H 45 -39.50 4.08 -76.05
C VAL H 45 -40.40 3.37 -77.04
N CYS H 46 -41.71 3.61 -76.96
CA CYS H 46 -42.64 2.97 -77.89
C CYS H 46 -42.33 3.35 -79.33
N LEU H 47 -42.08 4.63 -79.59
CA LEU H 47 -41.82 5.06 -80.95
C LEU H 47 -40.58 4.38 -81.52
N LYS H 48 -39.53 4.27 -80.71
CA LYS H 48 -38.31 3.66 -81.20
C LYS H 48 -38.55 2.22 -81.66
N ARG H 49 -39.39 1.49 -80.94
CA ARG H 49 -39.71 0.13 -81.34
C ARG H 49 -40.36 0.13 -82.72
N LYS H 50 -41.29 1.05 -82.94
CA LYS H 50 -41.96 1.13 -84.24
C LYS H 50 -40.97 1.43 -85.33
N ILE H 51 -40.06 2.38 -85.09
CA ILE H 51 -39.07 2.75 -86.10
C ILE H 51 -38.18 1.56 -86.42
N ARG H 52 -37.72 0.86 -85.39
CA ARG H 52 -36.89 -0.32 -85.59
C ARG H 52 -37.61 -1.33 -86.45
N ASN H 53 -38.88 -1.59 -86.13
CA ASN H 53 -39.65 -2.57 -86.89
C ASN H 53 -39.77 -2.15 -88.35
N HIS H 54 -40.07 -0.88 -88.59
CA HIS H 54 -40.23 -0.42 -89.97
C HIS H 54 -38.93 -0.54 -90.73
N VAL H 55 -37.81 -0.16 -90.11
CA VAL H 55 -36.53 -0.23 -90.80
C VAL H 55 -36.18 -1.67 -91.14
N ALA H 56 -36.38 -2.57 -90.19
CA ALA H 56 -36.11 -3.99 -90.47
C ALA H 56 -37.02 -4.50 -91.57
N LEU H 57 -38.29 -4.10 -91.54
CA LEU H 57 -39.24 -4.58 -92.54
C LEU H 57 -38.89 -4.09 -93.93
N THR H 58 -38.42 -2.85 -94.06
CA THR H 58 -38.15 -2.27 -95.36
C THR H 58 -36.78 -2.64 -95.92
N LYS H 59 -35.72 -2.53 -95.12
CA LYS H 59 -34.39 -2.89 -95.62
C LYS H 59 -34.24 -4.38 -95.82
N GLU H 60 -34.79 -5.19 -94.93
CA GLU H 60 -34.87 -6.64 -95.15
C GLU H 60 -33.48 -7.25 -95.28
N GLY H 61 -32.67 -7.09 -94.24
CA GLY H 61 -31.39 -7.75 -94.17
C GLY H 61 -30.26 -7.10 -94.94
N ALA H 62 -30.43 -5.86 -95.39
CA ALA H 62 -29.32 -5.16 -96.05
C ALA H 62 -28.09 -5.20 -95.15
N GLU H 63 -26.92 -5.28 -95.78
CA GLU H 63 -25.71 -5.62 -95.05
C GLU H 63 -25.47 -4.69 -93.88
N ARG H 64 -25.48 -3.38 -94.11
CA ARG H 64 -25.22 -2.41 -93.06
C ARG H 64 -26.49 -1.87 -92.42
N PHE H 65 -27.55 -2.68 -92.37
CA PHE H 65 -28.83 -2.25 -91.81
C PHE H 65 -29.44 -3.34 -90.97
N ASN H 66 -28.64 -4.00 -90.15
CA ASN H 66 -29.15 -4.95 -89.18
C ASN H 66 -29.53 -4.23 -87.89
N ILE H 67 -30.45 -4.83 -87.14
CA ILE H 67 -30.91 -4.26 -85.89
C ILE H 67 -30.52 -5.19 -84.74
N TYR H 68 -30.02 -4.59 -83.67
CA TYR H 68 -29.41 -5.34 -82.58
C TYR H 68 -30.44 -5.89 -81.61
N ILE H 69 -31.50 -5.13 -81.32
CA ILE H 69 -32.55 -5.57 -80.42
C ILE H 69 -33.60 -6.31 -81.22
N GLN H 70 -33.37 -7.60 -81.46
CA GLN H 70 -34.29 -8.40 -82.26
C GLN H 70 -35.29 -9.10 -81.34
N GLU H 71 -36.33 -9.65 -81.97
CA GLU H 71 -37.36 -10.36 -81.24
C GLU H 71 -36.79 -11.54 -80.48
N LYS H 72 -36.84 -11.47 -79.15
CA LYS H 72 -36.40 -12.55 -78.27
C LYS H 72 -34.93 -12.91 -78.47
N ALA H 73 -34.11 -11.97 -78.91
CA ALA H 73 -32.69 -12.23 -79.08
C ALA H 73 -31.99 -12.31 -77.74
N ILE H 74 -30.93 -13.12 -77.69
CA ILE H 74 -30.05 -13.18 -76.52
C ILE H 74 -28.92 -12.21 -76.80
N LEU H 75 -29.01 -11.03 -76.17
CA LEU H 75 -28.14 -9.92 -76.55
C LEU H 75 -26.68 -10.22 -76.26
N ASN H 76 -26.37 -10.89 -75.15
CA ASN H 76 -24.98 -11.14 -74.79
C ASN H 76 -24.24 -11.91 -75.88
N GLU H 77 -24.96 -12.75 -76.63
CA GLU H 77 -24.30 -13.51 -77.69
C GLU H 77 -23.79 -12.62 -78.80
N THR H 78 -24.55 -11.59 -79.17
CA THR H 78 -24.12 -10.72 -80.26
C THR H 78 -22.80 -10.02 -79.95
N HIS H 79 -22.61 -9.58 -78.71
CA HIS H 79 -21.32 -9.03 -78.32
C HIS H 79 -20.21 -10.05 -78.54
N GLU H 80 -20.47 -11.32 -78.22
CA GLU H 80 -19.50 -12.36 -78.50
C GLU H 80 -19.23 -12.45 -79.99
N ARG H 81 -20.28 -12.37 -80.81
CA ARG H 81 -20.08 -12.31 -82.25
C ARG H 81 -19.23 -11.10 -82.62
N ALA H 82 -19.41 -9.99 -81.91
CA ALA H 82 -18.59 -8.81 -82.16
C ALA H 82 -17.12 -9.13 -81.90
N TYR H 83 -16.82 -9.71 -80.74
CA TYR H 83 -15.45 -10.12 -80.45
C TYR H 83 -15.03 -11.24 -81.38
N THR H 84 -15.93 -12.19 -81.64
CA THR H 84 -15.62 -13.28 -82.56
C THR H 84 -15.36 -12.74 -83.96
N ALA H 85 -16.19 -11.83 -84.43
CA ALA H 85 -15.99 -11.24 -85.75
C ALA H 85 -14.69 -10.45 -85.80
N CYS H 86 -14.35 -9.74 -84.73
CA CYS H 86 -13.11 -9.00 -84.66
C CYS H 86 -11.99 -9.89 -84.12
N ASP H 87 -12.14 -11.20 -84.28
CA ASP H 87 -11.12 -12.18 -83.90
C ASP H 87 -10.57 -11.93 -82.50
N LEU H 88 -11.46 -11.75 -81.52
CA LEU H 88 -11.07 -11.43 -80.16
C LEU H 88 -11.76 -12.35 -79.16
N LYS H 89 -11.04 -12.62 -78.07
CA LYS H 89 -11.62 -13.37 -76.97
C LYS H 89 -12.70 -12.52 -76.30
N PRO H 90 -13.92 -13.05 -76.13
CA PRO H 90 -14.96 -12.26 -75.45
C PRO H 90 -14.54 -11.90 -74.03
N GLU H 91 -14.94 -10.70 -73.62
CA GLU H 91 -14.61 -10.22 -72.28
C GLU H 91 -15.35 -11.05 -71.23
N PRO H 92 -14.65 -11.65 -70.27
CA PRO H 92 -15.35 -12.45 -69.25
C PRO H 92 -16.00 -11.61 -68.17
N LYS H 93 -17.33 -11.49 -68.23
CA LYS H 93 -18.12 -10.84 -67.18
C LYS H 93 -17.56 -9.47 -66.80
N LYS H 94 -17.00 -8.75 -67.77
CA LYS H 94 -16.40 -7.45 -67.48
C LYS H 94 -16.39 -6.59 -68.74
N LEU H 95 -15.84 -5.39 -68.58
CA LEU H 95 -15.82 -4.35 -69.60
C LEU H 95 -14.86 -4.70 -70.72
N PRO H 96 -14.98 -4.08 -71.90
CA PRO H 96 -13.91 -4.19 -72.88
C PRO H 96 -12.61 -3.66 -72.30
N LYS H 97 -11.53 -4.43 -72.46
CA LYS H 97 -10.30 -4.11 -71.74
C LYS H 97 -9.36 -3.25 -72.57
N LYS H 98 -9.14 -3.58 -73.83
CA LYS H 98 -8.20 -2.86 -74.68
C LYS H 98 -8.95 -1.84 -75.53
N VAL H 99 -8.40 -0.64 -75.61
CA VAL H 99 -9.07 0.45 -76.34
C VAL H 99 -9.21 0.11 -77.81
N GLU H 100 -8.14 -0.40 -78.43
CA GLU H 100 -8.19 -0.69 -79.86
C GLU H 100 -9.22 -1.77 -80.16
N ASP H 101 -9.22 -2.85 -79.38
CA ASP H 101 -10.17 -3.93 -79.61
C ASP H 101 -11.60 -3.50 -79.27
N ALA H 102 -11.76 -2.68 -78.24
CA ALA H 102 -13.08 -2.13 -77.92
C ALA H 102 -13.59 -1.31 -79.10
N LYS H 103 -12.73 -0.48 -79.68
CA LYS H 103 -13.13 0.30 -80.85
C LYS H 103 -13.45 -0.63 -82.02
N ARG H 104 -12.67 -1.69 -82.20
CA ARG H 104 -12.93 -2.60 -83.31
C ARG H 104 -14.30 -3.24 -83.19
N VAL H 105 -14.63 -3.78 -82.02
CA VAL H 105 -15.95 -4.36 -81.84
C VAL H 105 -17.02 -3.28 -81.99
N THR H 106 -16.83 -2.13 -81.35
CA THR H 106 -17.81 -1.06 -81.40
C THR H 106 -18.12 -0.69 -82.84
N ASP H 107 -17.08 -0.53 -83.66
CA ASP H 107 -17.29 -0.30 -85.08
C ASP H 107 -18.01 -1.47 -85.71
N TRP H 108 -17.64 -2.70 -85.33
CA TRP H 108 -18.29 -3.87 -85.88
C TRP H 108 -19.80 -3.77 -85.77
N MET H 109 -20.32 -3.28 -84.65
CA MET H 109 -21.76 -2.99 -84.63
C MET H 109 -22.07 -1.73 -85.42
N CYS H 110 -21.46 -0.61 -85.05
CA CYS H 110 -21.77 0.66 -85.69
C CYS H 110 -21.67 0.56 -87.21
N THR H 111 -20.67 -0.17 -87.69
CA THR H 111 -20.48 -0.28 -89.14
C THR H 111 -21.72 -0.84 -89.82
N ASN H 112 -22.47 -1.72 -89.14
CA ASN H 112 -23.58 -2.40 -89.78
C ASN H 112 -24.87 -2.41 -88.99
N PHE H 113 -24.84 -2.24 -87.66
CA PHE H 113 -26.06 -2.21 -86.87
C PHE H 113 -26.60 -0.78 -86.90
N TYR H 114 -27.65 -0.58 -87.68
CA TYR H 114 -28.19 0.76 -87.86
C TYR H 114 -28.72 1.34 -86.54
N ASP H 115 -29.43 0.52 -85.77
CA ASP H 115 -30.03 1.03 -84.54
C ASP H 115 -28.96 1.46 -83.55
N ILE H 116 -27.88 0.70 -83.43
CA ILE H 116 -26.77 1.12 -82.58
C ILE H 116 -26.17 2.42 -83.10
N ARG H 117 -25.96 2.48 -84.42
CA ARG H 117 -25.35 3.68 -85.00
C ARG H 117 -26.22 4.90 -84.81
N THR H 118 -27.52 4.71 -84.57
CA THR H 118 -28.46 5.82 -84.46
C THR H 118 -28.75 6.22 -83.02
N PHE H 119 -29.08 5.27 -82.15
CA PHE H 119 -29.47 5.56 -80.79
C PHE H 119 -28.41 5.18 -79.75
N GLY H 120 -27.54 4.23 -80.05
CA GLY H 120 -26.58 3.76 -79.07
C GLY H 120 -27.22 2.79 -78.11
N ALA H 121 -26.42 2.10 -77.29
CA ALA H 121 -26.97 1.11 -76.39
C ALA H 121 -26.01 0.88 -75.23
N VAL H 122 -26.55 0.37 -74.13
CA VAL H 122 -25.77 -0.07 -72.99
C VAL H 122 -25.40 -1.52 -73.30
N MET H 123 -24.14 -1.73 -73.67
CA MET H 123 -23.70 -3.00 -74.22
C MET H 123 -22.92 -3.75 -73.15
N THR H 124 -23.35 -3.61 -71.90
CA THR H 124 -22.59 -4.05 -70.73
C THR H 124 -23.01 -5.43 -70.23
N THR H 125 -23.28 -6.37 -71.12
CA THR H 125 -23.55 -7.74 -70.70
C THR H 125 -22.26 -8.38 -70.19
N GLU H 126 -22.35 -9.67 -69.87
CA GLU H 126 -21.19 -10.39 -69.36
C GLU H 126 -19.99 -10.18 -70.28
N VAL H 127 -20.19 -10.38 -71.58
CA VAL H 127 -19.23 -9.93 -72.59
C VAL H 127 -19.61 -8.50 -72.96
N ASN H 128 -18.67 -7.58 -72.76
CA ASN H 128 -18.95 -6.15 -72.84
C ASN H 128 -18.20 -5.53 -74.01
N CYS H 129 -18.92 -4.77 -74.83
CA CYS H 129 -18.35 -4.07 -75.96
C CYS H 129 -18.34 -2.56 -75.77
N GLY H 130 -18.65 -2.08 -74.56
CA GLY H 130 -18.56 -0.67 -74.26
C GLY H 130 -19.90 0.03 -74.19
N GLN H 131 -19.91 1.34 -74.39
CA GLN H 131 -21.12 2.15 -74.35
C GLN H 131 -21.15 3.09 -75.55
N VAL H 132 -22.35 3.47 -75.96
CA VAL H 132 -22.56 4.42 -77.03
C VAL H 132 -23.70 5.35 -76.62
N ARG H 133 -23.54 6.65 -76.88
CA ARG H 133 -24.53 7.61 -76.45
C ARG H 133 -25.61 7.90 -77.49
N GLY H 134 -25.27 7.82 -78.77
CA GLY H 134 -26.25 7.99 -79.82
C GLY H 134 -26.51 9.46 -80.13
N PRO H 135 -26.46 9.83 -81.42
CA PRO H 135 -26.67 11.24 -81.77
C PRO H 135 -28.12 11.65 -81.84
N VAL H 136 -29.07 10.73 -81.81
CA VAL H 136 -30.49 11.03 -81.97
C VAL H 136 -31.20 10.79 -80.65
N GLN H 137 -32.02 11.75 -80.23
CA GLN H 137 -32.75 11.65 -78.98
C GLN H 137 -34.15 12.20 -79.17
N MET H 138 -35.08 11.75 -78.33
CA MET H 138 -36.47 12.17 -78.41
C MET H 138 -37.05 12.26 -77.00
N ALA H 139 -38.11 13.05 -76.86
CA ALA H 139 -38.76 13.25 -75.58
C ALA H 139 -40.15 12.64 -75.58
N PHE H 140 -40.77 12.64 -74.40
CA PHE H 140 -42.10 12.06 -74.25
C PHE H 140 -43.12 12.87 -75.03
N ALA H 141 -44.01 12.18 -75.73
CA ALA H 141 -45.11 12.84 -76.41
C ALA H 141 -46.28 13.03 -75.46
N ARG H 142 -46.92 14.19 -75.56
CA ARG H 142 -48.01 14.54 -74.66
C ARG H 142 -49.19 15.06 -75.46
N SER H 143 -50.39 14.77 -74.96
CA SER H 143 -51.61 15.21 -75.61
C SER H 143 -51.79 16.71 -75.42
N VAL H 144 -52.30 17.38 -76.46
CA VAL H 144 -52.49 18.82 -76.40
C VAL H 144 -53.55 19.20 -75.38
N GLU H 145 -54.60 18.41 -75.24
CA GLU H 145 -55.71 18.71 -74.35
C GLU H 145 -55.98 17.51 -73.46
N PRO H 146 -56.54 17.72 -72.28
CA PRO H 146 -56.81 16.59 -71.39
C PRO H 146 -57.83 15.64 -71.97
N VAL H 147 -57.71 14.38 -71.59
CA VAL H 147 -58.60 13.33 -72.06
C VAL H 147 -58.86 12.35 -70.92
N VAL H 148 -59.80 11.45 -71.14
CA VAL H 148 -60.13 10.41 -70.18
C VAL H 148 -60.45 9.13 -70.94
N PRO H 149 -59.70 8.04 -70.74
CA PRO H 149 -60.01 6.81 -71.47
C PRO H 149 -61.38 6.27 -71.09
N GLN H 150 -62.10 5.75 -72.08
CA GLN H 150 -63.41 5.15 -71.85
C GLN H 150 -63.27 3.64 -71.78
N GLU H 151 -63.81 3.05 -70.72
CA GLU H 151 -63.73 1.61 -70.53
C GLU H 151 -64.75 0.94 -71.43
N VAL H 152 -64.28 0.39 -72.54
CA VAL H 152 -65.13 -0.43 -73.41
C VAL H 152 -65.20 -1.81 -72.78
N SER H 153 -66.18 -2.04 -71.91
CA SER H 153 -66.35 -3.34 -71.31
C SER H 153 -66.66 -4.37 -72.40
N ILE H 154 -65.91 -5.47 -72.38
CA ILE H 154 -66.03 -6.50 -73.40
C ILE H 154 -66.09 -7.86 -72.73
N THR H 155 -66.55 -8.85 -73.48
CA THR H 155 -66.51 -10.24 -73.07
C THR H 155 -65.98 -11.06 -74.24
N ARG H 156 -65.05 -11.96 -73.94
CA ARG H 156 -64.42 -12.79 -74.96
C ARG H 156 -65.10 -14.15 -75.01
N MET H 157 -65.18 -14.72 -76.22
CA MET H 157 -65.77 -16.03 -76.40
C MET H 157 -64.79 -17.13 -76.01
N ALA H 158 -63.69 -16.77 -75.35
CA ALA H 158 -62.67 -17.73 -74.98
C ALA H 158 -61.86 -17.16 -73.83
N VAL H 159 -61.12 -18.05 -73.16
CA VAL H 159 -60.28 -17.68 -72.03
C VAL H 159 -58.89 -18.23 -72.27
N THR H 160 -57.88 -17.38 -72.06
CA THR H 160 -56.49 -17.78 -72.25
C THR H 160 -56.00 -18.74 -71.17
N THR H 161 -56.66 -18.78 -70.03
CA THR H 161 -56.36 -19.74 -68.97
C THR H 161 -57.61 -20.56 -68.69
N LYS H 162 -57.46 -21.88 -68.69
CA LYS H 162 -58.62 -22.77 -68.55
C LYS H 162 -59.40 -22.42 -67.28
N ALA H 163 -60.71 -22.30 -67.43
CA ALA H 163 -61.59 -21.99 -66.31
C ALA H 163 -63.02 -22.02 -66.82
N GLU H 164 -63.97 -22.01 -65.88
CA GLU H 164 -65.38 -22.02 -66.24
C GLU H 164 -65.86 -20.62 -66.57
N ALA H 165 -65.15 -19.93 -67.47
CA ALA H 165 -65.61 -18.62 -67.93
C ALA H 165 -66.79 -18.74 -68.88
N GLU H 166 -66.91 -19.88 -69.56
CA GLU H 166 -68.01 -20.11 -70.49
C GLU H 166 -68.42 -21.58 -70.47
N ASP H 171 -72.56 -18.31 -67.24
CA ASP H 171 -73.03 -18.32 -68.62
C ASP H 171 -72.49 -17.12 -69.39
N ASN H 172 -72.16 -16.06 -68.66
CA ASN H 172 -71.61 -14.86 -69.28
C ASN H 172 -70.32 -15.19 -70.01
N ARG H 173 -70.16 -14.61 -71.20
CA ARG H 173 -68.92 -14.80 -71.94
C ARG H 173 -67.73 -14.38 -71.09
N THR H 174 -66.55 -14.87 -71.46
CA THR H 174 -65.36 -14.65 -70.65
C THR H 174 -65.18 -13.16 -70.34
N MET H 175 -64.96 -12.86 -69.07
CA MET H 175 -64.91 -11.47 -68.63
C MET H 175 -63.68 -10.78 -69.22
N GLY H 176 -63.76 -9.46 -69.30
CA GLY H 176 -62.68 -8.66 -69.85
C GLY H 176 -63.14 -7.22 -69.99
N ARG H 177 -62.19 -6.38 -70.39
CA ARG H 177 -62.47 -4.97 -70.56
C ARG H 177 -61.39 -4.34 -71.43
N LYS H 178 -61.81 -3.41 -72.29
CA LYS H 178 -60.91 -2.66 -73.15
C LYS H 178 -61.15 -1.18 -72.93
N HIS H 179 -60.07 -0.43 -72.75
CA HIS H 179 -60.12 1.01 -72.53
C HIS H 179 -59.44 1.68 -73.72
N ILE H 180 -60.14 2.60 -74.37
CA ILE H 180 -59.65 3.21 -75.60
C ILE H 180 -59.85 4.72 -75.52
N VAL H 181 -58.97 5.45 -76.20
CA VAL H 181 -59.13 6.90 -76.32
C VAL H 181 -60.12 7.21 -77.43
N PRO H 182 -61.14 8.04 -77.18
CA PRO H 182 -62.06 8.40 -78.28
C PRO H 182 -61.33 9.05 -79.43
N TYR H 183 -60.61 10.13 -79.13
CA TYR H 183 -59.82 10.84 -80.12
C TYR H 183 -58.78 11.68 -79.40
N GLY H 184 -57.62 11.82 -80.03
CA GLY H 184 -56.53 12.56 -79.40
C GLY H 184 -55.47 13.03 -80.36
N LEU H 185 -54.80 14.13 -80.01
CA LEU H 185 -53.71 14.68 -80.79
C LEU H 185 -52.49 14.81 -79.88
N TYR H 186 -51.31 14.50 -80.42
CA TYR H 186 -50.09 14.43 -79.64
C TYR H 186 -48.99 15.24 -80.32
N VAL H 187 -48.00 15.63 -79.51
CA VAL H 187 -46.85 16.39 -79.99
C VAL H 187 -45.59 15.79 -79.39
N ALA H 188 -44.49 15.89 -80.13
CA ALA H 188 -43.22 15.33 -79.69
C ALA H 188 -42.07 16.20 -80.20
N HIS H 189 -40.93 16.10 -79.52
CA HIS H 189 -39.73 16.85 -79.88
C HIS H 189 -38.55 15.90 -80.00
N GLY H 190 -37.54 16.34 -80.75
CA GLY H 190 -36.32 15.56 -80.90
C GLY H 190 -35.17 16.43 -81.32
N PHE H 191 -33.96 15.89 -81.18
CA PHE H 191 -32.74 16.64 -81.45
C PHE H 191 -31.75 15.77 -82.22
N ILE H 192 -30.85 16.42 -82.93
CA ILE H 192 -29.77 15.75 -83.65
C ILE H 192 -28.52 16.60 -83.48
N SER H 193 -27.43 15.98 -83.06
CA SER H 193 -26.18 16.68 -82.76
C SER H 193 -25.07 16.15 -83.65
N ALA H 194 -24.42 17.05 -84.37
CA ALA H 194 -23.33 16.64 -85.26
C ALA H 194 -22.16 16.01 -84.52
N PRO H 195 -21.68 16.55 -83.41
CA PRO H 195 -20.47 15.98 -82.79
C PRO H 195 -20.58 14.49 -82.47
N LEU H 196 -21.74 14.03 -82.01
CA LEU H 196 -21.88 12.61 -81.73
C LEU H 196 -21.89 11.79 -83.00
N ALA H 197 -22.57 12.28 -84.04
CA ALA H 197 -22.51 11.62 -85.33
C ALA H 197 -21.07 11.48 -85.82
N GLU H 198 -20.24 12.49 -85.54
CA GLU H 198 -18.84 12.41 -85.91
C GLU H 198 -18.16 11.20 -85.26
N LYS H 199 -18.68 10.72 -84.14
CA LYS H 199 -18.17 9.50 -83.53
C LYS H 199 -18.81 8.25 -84.12
N THR H 200 -20.14 8.24 -84.22
CA THR H 200 -20.82 7.04 -84.69
C THR H 200 -20.82 6.91 -86.21
N GLY H 201 -20.52 7.98 -86.94
CA GLY H 201 -20.55 7.92 -88.38
C GLY H 201 -21.91 8.08 -89.01
N PHE H 202 -22.92 8.43 -88.22
CA PHE H 202 -24.26 8.64 -88.75
C PHE H 202 -24.22 9.58 -89.96
N SER H 203 -24.73 9.12 -91.09
CA SER H 203 -24.56 9.82 -92.37
C SER H 203 -25.90 10.25 -92.93
N ASP H 204 -25.82 10.96 -94.06
CA ASP H 204 -27.00 11.59 -94.65
C ASP H 204 -28.00 10.57 -95.16
N GLU H 205 -27.54 9.49 -95.80
CA GLU H 205 -28.44 8.45 -96.23
C GLU H 205 -29.31 7.98 -95.06
N ASP H 206 -28.69 7.85 -93.88
CA ASP H 206 -29.45 7.48 -92.70
C ASP H 206 -30.49 8.53 -92.38
N LEU H 207 -30.15 9.81 -92.55
CA LEU H 207 -31.12 10.87 -92.30
C LEU H 207 -32.33 10.78 -93.23
N THR H 208 -32.08 10.52 -94.52
CA THR H 208 -33.17 10.39 -95.46
C THR H 208 -34.04 9.18 -95.10
N LEU H 209 -33.40 8.05 -94.81
CA LEU H 209 -34.16 6.88 -94.40
C LEU H 209 -34.98 7.17 -93.15
N PHE H 210 -34.42 7.97 -92.23
CA PHE H 210 -35.13 8.32 -91.01
C PHE H 210 -36.37 9.14 -91.31
N TRP H 211 -36.24 10.12 -92.21
CA TRP H 211 -37.41 10.90 -92.60
C TRP H 211 -38.47 9.99 -93.21
N ASP H 212 -38.05 9.09 -94.10
CA ASP H 212 -39.02 8.19 -94.74
C ASP H 212 -39.71 7.33 -93.69
N ALA H 213 -38.95 6.80 -92.73
CA ALA H 213 -39.54 5.96 -91.69
C ALA H 213 -40.56 6.74 -90.88
N LEU H 214 -40.22 7.98 -90.52
CA LEU H 214 -41.20 8.81 -89.82
C LEU H 214 -42.46 8.98 -90.64
N VAL H 215 -42.30 9.21 -91.95
CA VAL H 215 -43.47 9.41 -92.80
C VAL H 215 -44.35 8.17 -92.80
N ASN H 216 -43.74 6.99 -92.94
CA ASN H 216 -44.48 5.77 -93.18
C ASN H 216 -44.62 4.90 -91.94
N MET H 217 -44.49 5.46 -90.75
CA MET H 217 -44.37 4.64 -89.55
C MET H 217 -45.66 3.86 -89.31
N PHE H 218 -46.79 4.57 -89.17
CA PHE H 218 -47.99 3.96 -88.62
C PHE H 218 -48.61 2.90 -89.53
N GLU H 219 -48.16 2.80 -90.77
CA GLU H 219 -48.83 1.96 -91.75
C GLU H 219 -48.79 0.48 -91.38
N HIS H 220 -47.65 0.00 -90.90
CA HIS H 220 -47.46 -1.44 -90.71
C HIS H 220 -48.04 -1.98 -89.42
N ASP H 221 -48.35 -1.11 -88.45
CA ASP H 221 -48.67 -1.54 -87.09
C ASP H 221 -50.17 -1.57 -86.82
N ARG H 222 -50.98 -1.93 -87.81
CA ARG H 222 -52.43 -1.89 -87.66
C ARG H 222 -52.92 -3.05 -86.80
N SER H 223 -53.81 -2.75 -85.87
CA SER H 223 -54.46 -3.76 -85.05
C SER H 223 -55.75 -3.18 -84.50
N ALA H 224 -56.70 -4.07 -84.20
CA ALA H 224 -58.00 -3.62 -83.73
C ALA H 224 -57.88 -2.85 -82.41
N ALA H 225 -57.13 -3.39 -81.46
CA ALA H 225 -56.97 -2.71 -80.18
C ALA H 225 -56.32 -1.34 -80.35
N ARG H 226 -55.37 -1.22 -81.27
CA ARG H 226 -54.72 0.06 -81.51
C ARG H 226 -55.64 1.06 -82.17
N GLY H 227 -56.81 0.64 -82.66
CA GLY H 227 -57.69 1.54 -83.34
C GLY H 227 -57.06 2.05 -84.63
N LEU H 228 -56.66 3.31 -84.64
CA LEU H 228 -55.98 3.88 -85.79
C LEU H 228 -55.14 5.07 -85.36
N MET H 229 -53.91 5.11 -85.87
CA MET H 229 -53.02 6.24 -85.69
C MET H 229 -52.60 6.77 -87.06
N SER H 230 -52.31 8.06 -87.13
CA SER H 230 -51.92 8.67 -88.38
C SER H 230 -51.07 9.90 -88.11
N SER H 231 -49.98 10.03 -88.86
CA SER H 231 -49.16 11.23 -88.80
C SER H 231 -49.84 12.36 -89.54
N ARG H 232 -49.68 13.58 -89.05
CA ARG H 232 -50.33 14.75 -89.61
C ARG H 232 -49.37 15.80 -90.12
N LYS H 233 -48.38 16.18 -89.32
CA LYS H 233 -47.46 17.24 -89.68
C LYS H 233 -46.05 16.87 -89.27
N LEU H 234 -45.07 17.43 -89.97
CA LEU H 234 -43.66 17.21 -89.64
C LEU H 234 -42.88 18.43 -90.11
N ILE H 235 -42.16 19.05 -89.18
CA ILE H 235 -41.37 20.25 -89.47
C ILE H 235 -39.94 20.01 -89.03
N VAL H 236 -39.00 20.54 -89.80
CA VAL H 236 -37.57 20.35 -89.54
C VAL H 236 -36.90 21.71 -89.56
N PHE H 237 -36.10 21.98 -88.52
CA PHE H 237 -35.27 23.17 -88.45
C PHE H 237 -33.83 22.77 -88.65
N LYS H 238 -33.13 23.47 -89.54
CA LYS H 238 -31.73 23.17 -89.84
C LYS H 238 -30.88 24.39 -89.51
N HIS H 239 -29.93 24.20 -88.61
CA HIS H 239 -28.96 25.25 -88.31
C HIS H 239 -27.96 25.36 -89.45
N GLN H 240 -27.28 26.50 -89.51
CA GLN H 240 -26.40 26.80 -90.63
C GLN H 240 -24.93 26.62 -90.30
N ASN H 241 -24.60 25.96 -89.20
CA ASN H 241 -23.20 25.70 -88.87
C ASN H 241 -23.13 24.53 -87.90
N ARG H 242 -21.90 24.12 -87.60
CA ARG H 242 -21.70 22.91 -86.80
C ARG H 242 -22.39 23.00 -85.45
N LEU H 243 -22.58 24.21 -84.93
CA LEU H 243 -23.24 24.42 -83.66
C LEU H 243 -24.44 25.32 -83.85
N GLY H 244 -25.43 25.19 -82.97
CA GLY H 244 -26.68 25.89 -83.14
C GLY H 244 -26.48 27.41 -83.26
N ASN H 245 -27.58 28.08 -83.58
CA ASN H 245 -27.60 29.53 -83.69
C ASN H 245 -28.70 30.18 -82.87
N ALA H 246 -29.55 29.41 -82.22
CA ALA H 246 -30.60 29.95 -81.37
C ALA H 246 -30.99 28.90 -80.35
N PRO H 247 -31.50 29.31 -79.19
CA PRO H 247 -31.94 28.32 -78.19
C PRO H 247 -33.08 27.46 -78.73
N ALA H 248 -33.06 26.18 -78.36
CA ALA H 248 -34.06 25.26 -78.87
C ALA H 248 -35.47 25.66 -78.45
N HIS H 249 -35.64 26.03 -77.18
CA HIS H 249 -36.99 26.32 -76.69
C HIS H 249 -37.62 27.43 -77.51
N LYS H 250 -36.82 28.39 -77.97
CA LYS H 250 -37.36 29.45 -78.80
C LYS H 250 -37.94 28.90 -80.09
N LEU H 251 -37.22 27.97 -80.73
CA LEU H 251 -37.69 27.44 -82.01
C LEU H 251 -39.03 26.74 -81.87
N PHE H 252 -39.17 25.91 -80.83
CA PHE H 252 -40.42 25.17 -80.66
C PHE H 252 -41.60 26.11 -80.44
N ASP H 253 -41.35 27.32 -79.97
CA ASP H 253 -42.44 28.28 -79.78
C ASP H 253 -43.06 28.71 -81.10
N LEU H 254 -42.29 28.68 -82.19
CA LEU H 254 -42.81 29.12 -83.48
C LEU H 254 -43.94 28.25 -83.98
N VAL H 255 -44.10 27.05 -83.44
CA VAL H 255 -45.20 26.15 -83.79
C VAL H 255 -46.31 26.34 -82.77
N LYS H 256 -47.52 26.53 -83.25
CA LYS H 256 -48.68 26.79 -82.40
C LYS H 256 -49.87 25.98 -82.87
N VAL H 257 -50.61 25.44 -81.91
CA VAL H 257 -51.79 24.61 -82.19
C VAL H 257 -52.96 25.20 -81.42
N SER H 258 -54.08 25.41 -82.12
CA SER H 258 -55.29 25.93 -81.50
C SER H 258 -56.50 25.21 -82.10
N ARG H 259 -57.54 25.08 -81.29
CA ARG H 259 -58.76 24.46 -81.78
C ARG H 259 -59.42 25.35 -82.81
N ALA H 260 -59.79 24.74 -83.94
CA ALA H 260 -60.58 25.44 -84.93
C ALA H 260 -61.84 25.99 -84.27
N GLU H 261 -62.02 27.31 -84.36
CA GLU H 261 -63.12 27.96 -83.66
C GLU H 261 -64.47 27.35 -83.99
N GLY H 262 -64.64 26.84 -85.22
CA GLY H 262 -65.87 26.14 -85.55
C GLY H 262 -66.11 24.91 -84.71
N SER H 263 -65.05 24.21 -84.31
CA SER H 263 -65.19 23.03 -83.48
C SER H 263 -65.56 23.42 -82.06
N SER H 264 -66.33 22.55 -81.41
CA SER H 264 -66.76 22.78 -80.04
C SER H 264 -66.93 21.43 -79.35
N GLY H 265 -66.92 21.46 -78.02
CA GLY H 265 -67.00 20.25 -77.24
C GLY H 265 -65.76 19.41 -77.45
N PRO H 266 -65.82 18.14 -77.05
CA PRO H 266 -64.66 17.26 -77.26
C PRO H 266 -64.40 17.07 -78.75
N ALA H 267 -63.23 17.52 -79.20
CA ALA H 267 -62.87 17.39 -80.60
C ALA H 267 -62.76 15.92 -80.98
N ARG H 268 -63.08 15.63 -82.23
CA ARG H 268 -63.06 14.25 -82.71
C ARG H 268 -62.42 14.11 -84.09
N SER H 269 -61.89 15.19 -84.65
CA SER H 269 -61.26 15.12 -85.96
C SER H 269 -60.09 16.08 -85.99
N PHE H 270 -59.11 15.77 -86.84
CA PHE H 270 -57.97 16.66 -87.00
C PHE H 270 -58.41 18.03 -87.48
N ALA H 271 -59.56 18.11 -88.16
CA ALA H 271 -60.07 19.40 -88.61
C ALA H 271 -60.45 20.30 -87.44
N ASP H 272 -60.65 19.73 -86.25
CA ASP H 272 -61.02 20.53 -85.09
C ASP H 272 -59.91 21.45 -84.64
N TYR H 273 -58.69 21.27 -85.14
CA TYR H 273 -57.54 22.03 -84.70
C TYR H 273 -56.94 22.81 -85.85
N ALA H 274 -56.28 23.91 -85.52
CA ALA H 274 -55.53 24.72 -86.48
C ALA H 274 -54.07 24.72 -86.09
N VAL H 275 -53.19 24.72 -87.09
CA VAL H 275 -51.76 24.62 -86.88
C VAL H 275 -51.09 25.79 -87.59
N THR H 276 -50.14 26.44 -86.92
CA THR H 276 -49.45 27.60 -87.45
C THR H 276 -47.95 27.46 -87.23
N VAL H 277 -47.18 27.99 -88.17
CA VAL H 277 -45.72 28.02 -88.08
C VAL H 277 -45.27 29.46 -88.27
N GLY H 278 -44.43 29.93 -87.36
CA GLY H 278 -43.90 31.28 -87.44
C GLY H 278 -42.70 31.37 -88.35
N GLN H 279 -41.93 32.43 -88.16
CA GLN H 279 -40.72 32.67 -88.95
C GLN H 279 -39.48 32.45 -88.07
N ALA H 280 -38.56 31.64 -88.58
CA ALA H 280 -37.35 31.34 -87.82
C ALA H 280 -36.33 32.47 -87.96
N PRO H 281 -35.43 32.61 -87.00
CA PRO H 281 -34.35 33.59 -87.15
C PRO H 281 -33.48 33.24 -88.34
N GLU H 282 -32.76 34.26 -88.83
CA GLU H 282 -31.95 34.09 -90.04
C GLU H 282 -30.97 32.94 -89.90
N GLY H 283 -30.49 32.66 -88.70
CA GLY H 283 -29.50 31.62 -88.51
C GLY H 283 -30.02 30.22 -88.71
N VAL H 284 -31.33 30.05 -88.88
CA VAL H 284 -31.94 28.74 -89.07
C VAL H 284 -32.86 28.80 -90.28
N GLU H 285 -33.00 27.67 -90.95
CA GLU H 285 -33.90 27.51 -92.08
C GLU H 285 -34.91 26.43 -91.78
N VAL H 286 -36.11 26.60 -92.33
CA VAL H 286 -37.25 25.74 -91.99
C VAL H 286 -37.73 25.02 -93.24
N LYS H 287 -38.26 23.83 -93.05
CA LYS H 287 -38.88 23.05 -94.12
C LYS H 287 -39.86 22.07 -93.50
N GLU H 288 -40.75 21.54 -94.33
CA GLU H 288 -41.82 20.68 -93.86
C GLU H 288 -41.91 19.43 -94.73
N MET H 289 -41.99 18.27 -94.08
CA MET H 289 -42.29 17.02 -94.77
C MET H 289 -43.78 16.76 -94.83
N LEU H 290 -44.51 17.10 -93.78
CA LEU H 290 -45.97 16.97 -93.76
C LEU H 290 -46.60 18.27 -93.30
N LEU I 3 48.92 -27.81 44.59
CA LEU I 3 49.65 -28.07 43.32
C LEU I 3 51.15 -27.96 43.55
N GLN I 4 51.89 -28.97 43.08
CA GLN I 4 53.34 -28.95 43.23
C GLN I 4 53.98 -27.82 42.47
N ALA I 5 53.27 -27.22 41.51
CA ALA I 5 53.82 -26.09 40.79
C ALA I 5 54.14 -24.94 41.74
N LEU I 6 53.25 -24.66 42.68
CA LEU I 6 53.51 -23.60 43.65
C LEU I 6 54.72 -23.94 44.50
N HIS I 7 54.84 -25.20 44.93
CA HIS I 7 55.99 -25.60 45.72
C HIS I 7 57.28 -25.38 44.95
N GLY I 8 57.31 -25.79 43.69
CA GLY I 8 58.50 -25.57 42.87
C GLY I 8 58.81 -24.10 42.69
N TYR I 9 57.76 -23.30 42.46
CA TYR I 9 57.97 -21.87 42.26
C TYR I 9 58.58 -21.24 43.50
N TYR I 10 58.05 -21.58 44.67
CA TYR I 10 58.62 -21.06 45.91
C TYR I 10 60.06 -21.51 46.06
N GLN I 11 60.32 -22.80 45.86
CA GLN I 11 61.67 -23.30 46.04
C GLN I 11 62.65 -22.56 45.13
N ARG I 12 62.24 -22.31 43.89
CA ARG I 12 63.12 -21.61 42.96
C ARG I 12 63.33 -20.16 43.37
N MET I 13 62.24 -19.43 43.63
CA MET I 13 62.36 -17.99 43.79
C MET I 13 62.95 -17.62 45.15
N SER I 14 62.75 -18.47 46.16
CA SER I 14 63.37 -18.21 47.46
C SER I 14 64.88 -18.25 47.37
N ALA I 15 65.43 -18.97 46.39
CA ALA I 15 66.88 -18.99 46.19
C ALA I 15 67.43 -17.63 45.81
N ASP I 16 66.57 -16.70 45.37
CA ASP I 16 66.99 -15.34 45.06
C ASP I 16 66.88 -14.50 46.31
N PRO I 17 67.98 -13.95 46.84
CA PRO I 17 67.90 -13.21 48.11
C PRO I 17 66.99 -12.01 48.08
N ASP I 18 66.88 -11.30 46.95
CA ASP I 18 66.14 -10.05 46.87
C ASP I 18 64.72 -10.22 46.34
N ALA I 19 64.28 -11.45 46.08
CA ALA I 19 62.96 -11.66 45.52
C ALA I 19 61.85 -11.25 46.48
N GLY I 20 62.11 -11.27 47.78
CA GLY I 20 61.09 -10.97 48.77
C GLY I 20 60.42 -12.17 49.40
N MET I 21 60.90 -13.39 49.14
CA MET I 21 60.35 -14.58 49.78
C MET I 21 60.68 -14.54 51.28
N PRO I 22 59.68 -14.58 52.16
CA PRO I 22 59.98 -14.69 53.58
C PRO I 22 60.77 -15.96 53.86
N PRO I 23 61.78 -15.90 54.72
CA PRO I 23 62.51 -17.12 55.07
C PRO I 23 61.61 -18.11 55.78
N TYR I 24 62.07 -19.35 55.85
CA TYR I 24 61.29 -20.40 56.48
C TYR I 24 60.90 -20.00 57.90
N GLY I 25 59.63 -20.22 58.24
CA GLY I 25 59.15 -19.93 59.57
C GLY I 25 58.77 -18.48 59.83
N THR I 26 58.70 -17.66 58.79
CA THR I 26 58.38 -16.25 58.94
C THR I 26 57.39 -15.83 57.86
N SER I 27 56.65 -14.76 58.16
CA SER I 27 55.64 -14.25 57.25
C SER I 27 55.49 -12.75 57.44
N MET I 28 54.84 -12.11 56.48
CA MET I 28 54.65 -10.67 56.48
C MET I 28 53.27 -10.34 57.01
N GLU I 29 53.20 -9.42 57.98
CA GLU I 29 51.96 -9.10 58.66
C GLU I 29 51.82 -7.59 58.80
N ASN I 30 50.70 -7.19 59.38
CA ASN I 30 50.41 -5.77 59.61
C ASN I 30 50.82 -5.38 61.02
N ILE I 31 51.58 -4.30 61.15
CA ILE I 31 52.01 -3.77 62.43
C ILE I 31 51.72 -2.28 62.47
N SER I 32 51.34 -1.80 63.65
CA SER I 32 50.95 -0.40 63.82
C SER I 32 51.88 0.40 64.73
N PHE I 33 52.36 -0.20 65.82
CA PHE I 33 53.17 0.50 66.79
C PHE I 33 54.29 -0.39 67.27
N ALA I 34 55.31 0.24 67.86
CA ALA I 34 56.41 -0.47 68.51
C ALA I 34 56.71 0.19 69.84
N LEU I 35 56.97 -0.63 70.85
CA LEU I 35 57.23 -0.15 72.20
C LEU I 35 58.74 -0.09 72.43
N VAL I 36 59.17 0.95 73.14
CA VAL I 36 60.58 1.17 73.44
C VAL I 36 60.75 1.11 74.96
N LEU I 37 61.62 0.23 75.43
CA LEU I 37 61.90 0.08 76.84
C LEU I 37 63.41 -0.07 77.03
N ASP I 38 63.90 0.44 78.15
CA ASP I 38 65.32 0.40 78.44
C ASP I 38 65.75 -1.02 78.80
N ALA I 39 67.07 -1.24 78.79
CA ALA I 39 67.60 -2.56 79.10
C ALA I 39 67.29 -2.98 80.53
N LYS I 40 66.91 -2.04 81.40
CA LYS I 40 66.61 -2.37 82.79
C LYS I 40 65.21 -2.92 82.97
N GLY I 41 64.37 -2.89 81.94
CA GLY I 41 63.03 -3.42 82.04
C GLY I 41 61.97 -2.40 82.38
N THR I 42 62.15 -1.16 81.97
CA THR I 42 61.18 -0.10 82.21
C THR I 42 60.75 0.49 80.88
N LEU I 43 59.44 0.62 80.68
CA LEU I 43 58.92 1.07 79.40
C LEU I 43 58.95 2.59 79.30
N ARG I 44 59.53 3.09 78.22
CA ARG I 44 59.49 4.52 77.92
C ARG I 44 59.73 4.70 76.43
N GLY I 45 58.75 5.28 75.75
CA GLY I 45 58.86 5.52 74.32
C GLY I 45 57.98 4.59 73.49
N ILE I 46 57.22 5.17 72.57
CA ILE I 46 56.34 4.41 71.69
C ILE I 46 56.55 4.90 70.26
N GLU I 47 56.80 3.98 69.34
CA GLU I 47 56.99 4.28 67.93
C GLU I 47 55.78 3.83 67.15
N ASP I 48 55.13 4.76 66.46
CA ASP I 48 53.97 4.46 65.63
C ASP I 48 54.41 4.43 64.17
N LEU I 49 54.31 3.25 63.56
CA LEU I 49 54.76 3.05 62.19
C LEU I 49 53.63 3.08 61.18
N ARG I 50 52.40 3.36 61.62
CA ARG I 50 51.27 3.43 60.70
C ARG I 50 51.48 4.55 59.70
N GLU I 51 50.92 4.36 58.50
CA GLU I 51 51.14 5.26 57.38
C GLU I 51 49.80 5.72 56.83
N GLN I 52 49.75 7.00 56.45
CA GLN I 52 48.55 7.56 55.82
C GLN I 52 48.56 7.18 54.35
N GLU I 53 47.61 6.35 53.94
CA GLU I 53 47.50 5.89 52.57
C GLU I 53 46.64 6.81 51.72
N GLY I 54 46.55 8.08 52.08
CA GLY I 54 45.66 9.01 51.39
C GLY I 54 44.22 8.84 51.79
N LYS I 55 43.67 7.64 51.60
CA LYS I 55 42.30 7.39 52.05
C LYS I 55 42.22 7.31 53.56
N LYS I 56 43.17 6.61 54.19
CA LYS I 56 43.12 6.37 55.62
C LYS I 56 44.51 6.14 56.16
N LEU I 57 44.64 6.23 57.49
CA LEU I 57 45.86 5.85 58.17
C LEU I 57 45.84 4.35 58.46
N ARG I 58 46.71 3.60 57.82
CA ARG I 58 46.70 2.15 57.87
C ARG I 58 48.07 1.63 58.29
N PRO I 59 48.13 0.42 58.85
CA PRO I 59 49.40 -0.11 59.35
C PRO I 59 50.39 -0.37 58.22
N ARG I 60 51.55 -0.89 58.60
CA ARG I 60 52.63 -1.17 57.68
C ARG I 60 52.96 -2.65 57.70
N LYS I 61 53.52 -3.14 56.59
CA LYS I 61 53.86 -4.54 56.44
C LYS I 61 55.22 -4.80 57.08
N MET I 62 55.30 -5.84 57.90
CA MET I 62 56.54 -6.22 58.57
C MET I 62 56.72 -7.72 58.48
N LEU I 63 57.98 -8.15 58.40
CA LEU I 63 58.29 -9.57 58.37
C LEU I 63 58.52 -10.07 59.79
N VAL I 64 57.72 -11.05 60.22
CA VAL I 64 57.73 -11.51 61.60
C VAL I 64 57.54 -13.02 61.64
N PRO I 65 57.75 -13.67 62.79
CA PRO I 65 57.45 -15.10 62.88
C PRO I 65 55.99 -15.38 62.59
N ILE I 66 55.73 -16.52 61.96
CA ILE I 66 54.37 -16.84 61.52
C ILE I 66 53.43 -16.88 62.72
N ALA I 67 52.14 -16.73 62.43
CA ALA I 67 51.12 -16.68 63.47
C ALA I 67 50.30 -17.97 63.48
N GLU I 68 49.79 -18.32 64.66
CA GLU I 68 48.94 -19.48 64.80
C GLU I 68 47.55 -19.22 64.24
N LYS I 69 46.86 -20.29 63.88
CA LYS I 69 45.47 -20.20 63.44
C LYS I 69 44.59 -20.33 64.66
N LYS I 70 44.08 -19.21 65.15
CA LYS I 70 43.38 -19.15 66.43
C LYS I 70 41.91 -19.49 66.23
N GLY I 71 41.49 -20.64 66.74
CA GLY I 71 40.08 -20.96 66.83
C GLY I 71 39.48 -20.32 68.05
N ASN I 72 38.60 -21.06 68.74
CA ASN I 72 38.11 -20.61 70.03
C ASN I 72 39.16 -20.80 71.12
N GLY I 73 40.15 -21.65 70.87
CA GLY I 73 41.17 -21.91 71.87
C GLY I 73 42.16 -20.77 71.96
N ILE I 74 42.93 -20.77 73.06
CA ILE I 74 43.94 -19.74 73.30
C ILE I 74 45.29 -20.28 72.85
N LYS I 75 45.91 -19.59 71.90
CA LYS I 75 47.26 -19.90 71.46
C LYS I 75 48.10 -18.63 71.51
N PRO I 76 49.21 -18.61 72.26
CA PRO I 76 50.01 -17.40 72.33
C PRO I 76 51.00 -17.27 71.19
N ASN I 77 51.08 -16.08 70.60
CA ASN I 77 52.10 -15.84 69.59
C ASN I 77 53.46 -15.70 70.25
N PHE I 78 54.52 -15.82 69.44
CA PHE I 78 55.86 -15.92 70.00
C PHE I 78 56.30 -14.62 70.66
N LEU I 79 56.43 -13.55 69.87
CA LEU I 79 56.99 -12.31 70.40
C LEU I 79 56.20 -11.06 70.02
N TRP I 80 55.26 -11.15 69.09
CA TRP I 80 54.44 -10.01 68.71
C TRP I 80 52.98 -10.39 68.84
N GLU I 81 52.18 -9.48 69.37
CA GLU I 81 50.79 -9.79 69.71
C GLU I 81 50.01 -8.50 69.74
N ASN I 82 48.73 -8.62 70.08
CA ASN I 82 47.87 -7.47 70.32
C ASN I 82 47.84 -7.16 71.81
N THR I 83 47.10 -6.11 72.16
CA THR I 83 47.10 -5.63 73.55
C THR I 83 46.57 -6.68 74.50
N SER I 84 45.55 -7.44 74.10
CA SER I 84 44.94 -8.40 75.01
C SER I 84 45.97 -9.34 75.61
N TYR I 85 46.85 -9.90 74.79
CA TYR I 85 47.88 -10.81 75.29
C TYR I 85 48.96 -10.07 76.05
N ILE I 86 49.33 -8.87 75.59
CA ILE I 86 50.47 -8.17 76.16
C ILE I 86 50.05 -7.31 77.35
N LEU I 87 49.14 -6.38 77.12
CA LEU I 87 48.74 -5.44 78.18
C LEU I 87 47.67 -6.01 79.10
N GLY I 88 47.19 -7.21 78.84
CA GLY I 88 46.13 -7.77 79.67
C GLY I 88 44.88 -6.92 79.69
N VAL I 89 44.68 -6.09 78.67
CA VAL I 89 43.53 -5.20 78.59
C VAL I 89 42.88 -5.37 77.23
N ASP I 90 41.59 -5.07 77.16
CA ASP I 90 40.84 -5.22 75.92
C ASP I 90 39.51 -4.51 76.07
N ALA I 91 38.69 -4.60 75.02
CA ALA I 91 37.34 -4.04 75.01
C ALA I 91 36.27 -5.11 75.02
N LYS I 92 36.64 -6.39 75.19
CA LYS I 92 35.69 -7.49 75.15
C LYS I 92 34.97 -7.70 76.47
N GLY I 93 35.36 -7.00 77.54
CA GLY I 93 34.65 -7.10 78.80
C GLY I 93 35.05 -8.29 79.63
N LYS I 94 35.22 -9.45 79.00
CA LYS I 94 35.56 -10.67 79.72
C LYS I 94 37.03 -10.64 80.13
N GLN I 95 37.31 -10.05 81.30
CA GLN I 95 38.69 -9.81 81.70
C GLN I 95 39.45 -11.12 81.90
N GLU I 96 38.83 -12.11 82.55
CA GLU I 96 39.53 -13.35 82.84
C GLU I 96 40.14 -13.98 81.58
N ARG I 97 39.45 -13.87 80.44
CA ARG I 97 40.01 -14.36 79.19
C ARG I 97 41.32 -13.64 78.88
N THR I 98 41.33 -12.32 79.02
CA THR I 98 42.53 -11.55 78.76
C THR I 98 43.64 -11.94 79.74
N ASP I 99 43.29 -12.16 81.00
CA ASP I 99 44.29 -12.54 81.99
C ASP I 99 44.91 -13.89 81.64
N LYS I 100 44.08 -14.85 81.22
CA LYS I 100 44.62 -16.14 80.81
C LYS I 100 45.52 -16.00 79.59
N CYS I 101 45.12 -15.16 78.62
CA CYS I 101 45.96 -14.93 77.46
C CYS I 101 47.30 -14.35 77.88
N HIS I 102 47.29 -13.38 78.78
CA HIS I 102 48.52 -12.76 79.24
C HIS I 102 49.42 -13.78 79.94
N ALA I 103 48.81 -14.62 80.79
CA ALA I 103 49.58 -15.63 81.49
C ALA I 103 50.23 -16.60 80.51
N ALA I 104 49.47 -17.07 79.52
CA ALA I 104 50.04 -17.97 78.53
C ALA I 104 51.15 -17.29 77.74
N PHE I 105 50.95 -16.03 77.39
CA PHE I 105 51.96 -15.30 76.63
C PHE I 105 53.27 -15.23 77.41
N ILE I 106 53.20 -14.85 78.69
CA ILE I 106 54.42 -14.77 79.47
C ILE I 106 55.03 -16.15 79.66
N ALA I 107 54.20 -17.18 79.84
CA ALA I 107 54.73 -18.52 80.05
C ALA I 107 55.51 -19.01 78.84
N HIS I 108 54.98 -18.78 77.64
CA HIS I 108 55.64 -19.30 76.44
C HIS I 108 57.06 -18.78 76.28
N ILE I 109 57.35 -17.63 76.89
CA ILE I 109 58.66 -17.00 76.68
C ILE I 109 59.77 -17.85 77.28
N LYS I 110 59.49 -18.47 78.43
CA LYS I 110 60.56 -19.08 79.22
C LYS I 110 61.22 -20.25 78.48
N ALA I 111 60.49 -20.92 77.59
CA ALA I 111 61.04 -22.03 76.84
C ALA I 111 62.26 -21.58 76.04
N ALA I 116 67.90 -16.47 78.62
CA ALA I 116 69.16 -16.03 79.21
C ALA I 116 69.62 -14.72 78.60
N ASP I 117 69.09 -14.38 77.43
CA ASP I 117 69.45 -13.14 76.75
C ASP I 117 69.02 -11.95 77.59
N GLN I 118 69.85 -10.91 77.60
CA GLN I 118 69.55 -9.72 78.41
C GLN I 118 68.32 -9.00 77.88
N ASP I 119 68.10 -9.00 76.56
CA ASP I 119 66.91 -8.34 76.02
C ASP I 119 65.63 -9.03 76.50
N LEU I 120 65.57 -10.35 76.35
CA LEU I 120 64.39 -11.06 76.84
C LEU I 120 64.31 -11.00 78.35
N ALA I 121 65.44 -10.91 79.04
CA ALA I 121 65.41 -10.70 80.48
C ALA I 121 64.73 -9.37 80.81
N ALA I 122 65.06 -8.32 80.06
CA ALA I 122 64.46 -7.01 80.30
C ALA I 122 62.97 -7.05 80.03
N VAL I 123 62.57 -7.59 78.88
CA VAL I 123 61.15 -7.61 78.55
C VAL I 123 60.39 -8.45 79.58
N LEU I 124 61.00 -9.54 80.06
CA LEU I 124 60.41 -10.30 81.15
C LEU I 124 60.25 -9.42 82.39
N GLN I 125 61.26 -8.61 82.69
CA GLN I 125 61.17 -7.71 83.83
C GLN I 125 60.01 -6.74 83.67
N PHE I 126 59.85 -6.18 82.47
CA PHE I 126 58.73 -5.26 82.25
C PHE I 126 57.41 -5.97 82.45
N LEU I 127 57.31 -7.23 82.03
CA LEU I 127 56.06 -7.97 82.17
C LEU I 127 55.62 -8.15 83.60
N GLU I 128 56.45 -7.77 84.58
CA GLU I 128 56.00 -7.76 85.96
C GLU I 128 54.80 -6.84 86.16
N HIS I 129 54.62 -5.88 85.26
CA HIS I 129 53.48 -4.98 85.28
C HIS I 129 52.73 -4.95 83.95
N GLY I 130 53.44 -5.05 82.84
CA GLY I 130 52.80 -5.04 81.53
C GLY I 130 51.98 -3.78 81.29
N SER I 140 48.49 6.39 73.03
CA SER I 140 47.07 6.70 73.09
C SER I 140 46.23 5.44 72.96
N GLU I 141 44.91 5.62 72.95
CA GLU I 141 44.00 4.48 72.91
C GLU I 141 44.14 3.68 71.62
N GLU I 142 44.65 4.27 70.55
CA GLU I 142 44.69 3.59 69.26
C GLU I 142 45.51 2.31 69.33
N VAL I 143 46.41 2.18 70.31
CA VAL I 143 47.15 0.94 70.47
C VAL I 143 46.21 -0.21 70.79
N ILE I 144 45.06 0.09 71.39
CA ILE I 144 44.13 -0.96 71.77
C ILE I 144 43.68 -1.72 70.52
N GLY I 145 43.89 -3.03 70.52
CA GLY I 145 43.46 -3.88 69.43
C GLY I 145 44.42 -3.98 68.27
N SER I 146 45.52 -3.24 68.27
CA SER I 146 46.47 -3.28 67.16
C SER I 146 47.63 -4.22 67.48
N ASN I 147 48.44 -4.49 66.46
CA ASN I 147 49.62 -5.32 66.64
C ASN I 147 50.83 -4.45 66.98
N ILE I 148 51.61 -4.89 67.96
CA ILE I 148 52.74 -4.13 68.47
C ILE I 148 53.97 -5.02 68.53
N VAL I 149 55.15 -4.38 68.47
CA VAL I 149 56.43 -5.06 68.53
C VAL I 149 57.31 -4.34 69.55
N PHE I 150 58.37 -5.01 69.97
CA PHE I 150 59.25 -4.52 71.02
C PHE I 150 60.59 -4.09 70.46
N ARG I 151 61.10 -2.96 70.97
CA ARG I 151 62.42 -2.45 70.63
C ARG I 151 63.10 -1.97 71.90
N ILE I 152 64.41 -2.23 71.99
CA ILE I 152 65.19 -1.77 73.12
C ILE I 152 65.58 -0.31 72.91
N GLU I 153 65.59 0.46 73.99
CA GLU I 153 65.91 1.87 73.93
C GLU I 153 67.18 2.13 73.13
N GLY I 154 67.05 2.87 72.04
CA GLY I 154 68.20 3.19 71.21
C GLY I 154 68.85 2.01 70.52
N GLU I 155 68.12 0.92 70.33
CA GLU I 155 68.69 -0.27 69.72
C GLU I 155 68.17 -0.44 68.30
N PRO I 156 69.04 -0.70 67.32
CA PRO I 156 68.54 -0.91 65.95
C PRO I 156 67.79 -2.22 65.81
N GLY I 157 66.94 -2.29 64.79
CA GLY I 157 66.17 -3.48 64.57
C GLY I 157 65.13 -3.69 65.66
N PHE I 158 64.84 -4.96 65.94
CA PHE I 158 63.86 -5.32 66.95
C PHE I 158 64.33 -6.57 67.68
N VAL I 159 63.77 -6.75 68.88
CA VAL I 159 64.20 -7.87 69.73
C VAL I 159 64.01 -9.19 69.00
N HIS I 160 62.88 -9.37 68.33
CA HIS I 160 62.63 -10.63 67.64
C HIS I 160 63.64 -10.89 66.53
N GLU I 161 64.36 -9.87 66.10
CA GLU I 161 65.35 -10.03 65.05
C GLU I 161 66.71 -10.50 65.57
N ARG I 162 66.91 -10.50 66.87
CA ARG I 162 68.21 -10.88 67.42
C ARG I 162 68.47 -12.36 67.16
N PRO I 163 69.72 -12.76 66.91
CA PRO I 163 69.99 -14.16 66.58
C PRO I 163 69.51 -15.14 67.64
N ALA I 164 69.65 -14.79 68.92
CA ALA I 164 69.22 -15.70 69.98
C ALA I 164 67.73 -16.00 69.89
N ALA I 165 66.93 -14.97 69.56
CA ALA I 165 65.51 -15.19 69.37
C ALA I 165 65.26 -16.18 68.23
N ARG I 166 66.04 -16.06 67.15
CA ARG I 166 65.89 -16.98 66.03
C ARG I 166 66.25 -18.40 66.44
N GLN I 167 67.30 -18.56 67.25
CA GLN I 167 67.66 -19.88 67.75
C GLN I 167 66.53 -20.47 68.59
N ALA I 168 65.95 -19.63 69.47
CA ALA I 168 64.84 -20.11 70.29
C ALA I 168 63.65 -20.52 69.43
N TRP I 169 63.36 -19.74 68.39
CA TRP I 169 62.26 -20.06 67.51
C TRP I 169 62.50 -21.39 66.79
N ALA I 170 63.72 -21.60 66.31
CA ALA I 170 64.05 -22.86 65.66
C ALA I 170 63.93 -24.02 66.64
N ASN I 171 64.36 -23.80 67.89
CA ASN I 171 64.21 -24.83 68.90
C ASN I 171 62.75 -25.18 69.14
N CYS I 172 61.89 -24.16 69.22
CA CYS I 172 60.47 -24.41 69.39
C CYS I 172 59.90 -25.19 68.22
N LEU I 173 60.28 -24.81 67.00
CA LEU I 173 59.82 -25.53 65.82
C LEU I 173 60.24 -26.99 65.87
N ASN I 174 61.49 -27.24 66.26
CA ASN I 174 61.94 -28.61 66.40
C ASN I 174 61.14 -29.35 67.47
N ARG I 175 60.83 -28.68 68.57
CA ARG I 175 60.02 -29.29 69.62
C ARG I 175 58.67 -29.75 69.07
N ARG I 176 58.02 -28.89 68.30
CA ARG I 176 56.67 -29.19 67.84
C ARG I 176 56.64 -30.28 66.78
N GLU I 177 57.62 -30.28 65.88
CA GLU I 177 57.65 -31.24 64.77
C GLU I 177 58.25 -32.56 65.26
N GLN I 178 57.37 -33.39 65.83
CA GLN I 178 57.77 -34.69 66.35
C GLN I 178 56.58 -35.63 66.32
N GLY I 179 56.87 -36.91 66.37
CA GLY I 179 55.83 -37.94 66.50
C GLY I 179 55.59 -38.66 65.17
N LEU I 180 54.36 -38.53 64.66
CA LEU I 180 53.94 -39.32 63.52
C LEU I 180 54.76 -38.98 62.28
N CYS I 181 54.92 -39.97 61.40
CA CYS I 181 55.64 -39.78 60.15
C CYS I 181 54.98 -40.64 59.08
N GLY I 182 55.12 -40.20 57.84
CA GLY I 182 54.48 -40.89 56.73
C GLY I 182 55.03 -40.42 55.40
N GLN I 183 54.32 -40.80 54.34
CA GLN I 183 54.74 -40.49 52.98
C GLN I 183 54.11 -39.17 52.54
N CYS I 184 54.93 -38.25 52.05
CA CYS I 184 54.46 -36.96 51.57
C CYS I 184 53.96 -37.09 50.14
N LEU I 185 52.70 -36.71 49.91
CA LEU I 185 52.11 -36.91 48.59
C LEU I 185 52.70 -35.97 47.54
N ILE I 186 53.02 -34.74 47.90
CA ILE I 186 53.56 -33.80 46.92
C ILE I 186 54.95 -34.23 46.46
N THR I 187 55.77 -34.66 47.41
CA THR I 187 57.13 -35.08 47.08
C THR I 187 57.26 -36.58 46.85
N GLY I 188 56.43 -37.39 47.50
CA GLY I 188 56.54 -38.82 47.39
C GLY I 188 57.57 -39.45 48.30
N GLU I 189 58.20 -38.66 49.18
CA GLU I 189 59.21 -39.19 50.08
C GLU I 189 58.55 -39.89 51.26
N ARG I 190 59.35 -40.72 51.95
CA ARG I 190 58.83 -41.49 53.06
C ARG I 190 59.21 -40.85 54.40
N GLN I 191 58.51 -41.28 55.45
CA GLN I 191 58.88 -40.96 56.82
C GLN I 191 59.00 -39.47 57.04
N LYS I 192 58.04 -38.70 56.54
CA LYS I 192 58.04 -37.27 56.80
C LYS I 192 56.98 -36.93 57.85
N PRO I 193 57.25 -36.00 58.77
CA PRO I 193 56.19 -35.57 59.68
C PRO I 193 55.01 -34.99 58.90
N ILE I 194 53.81 -35.35 59.33
CA ILE I 194 52.59 -34.96 58.64
C ILE I 194 51.96 -33.79 59.36
N ALA I 195 51.39 -32.87 58.59
CA ALA I 195 50.82 -31.65 59.15
C ALA I 195 49.39 -31.92 59.60
N GLN I 196 49.11 -31.62 60.88
CA GLN I 196 47.76 -31.76 61.39
C GLN I 196 46.88 -30.57 61.02
N LEU I 197 47.47 -29.45 60.64
CA LEU I 197 46.72 -28.26 60.27
C LEU I 197 47.55 -27.45 59.29
N HIS I 198 46.85 -26.74 58.40
CA HIS I 198 47.53 -25.94 57.40
C HIS I 198 47.43 -24.46 57.74
N PRO I 199 48.45 -23.65 57.43
CA PRO I 199 48.34 -22.22 57.68
C PRO I 199 47.28 -21.58 56.78
N SER I 200 46.76 -20.45 57.25
CA SER I 200 45.66 -19.81 56.57
C SER I 200 46.13 -19.02 55.35
N ILE I 201 45.16 -18.48 54.61
CA ILE I 201 45.42 -17.67 53.43
C ILE I 201 44.62 -16.38 53.56
N LYS I 202 45.25 -15.27 53.17
CA LYS I 202 44.64 -13.96 53.33
C LYS I 202 43.43 -13.82 52.41
N GLY I 203 42.33 -13.30 52.95
CA GLY I 203 41.17 -12.99 52.16
C GLY I 203 40.73 -11.54 52.33
N GLY I 204 39.94 -11.06 51.37
CA GLY I 204 39.43 -9.72 51.42
C GLY I 204 40.12 -8.78 50.45
N ARG I 205 40.31 -7.54 50.91
CA ARG I 205 40.82 -6.48 50.03
C ARG I 205 42.16 -6.85 49.42
N ASP I 206 43.10 -7.31 50.23
CA ASP I 206 44.46 -7.59 49.80
C ASP I 206 44.67 -9.08 49.53
N GLY I 207 43.60 -9.86 49.52
CA GLY I 207 43.69 -11.27 49.20
C GLY I 207 42.61 -11.68 48.22
N VAL I 208 42.10 -12.89 48.36
CA VAL I 208 40.97 -13.32 47.54
C VAL I 208 39.78 -12.43 47.87
N ARG I 209 39.17 -11.86 46.85
CA ARG I 209 38.11 -10.88 47.06
C ARG I 209 36.80 -11.58 47.40
N GLY I 210 36.16 -11.14 48.48
CA GLY I 210 34.86 -11.64 48.87
C GLY I 210 34.87 -12.84 49.80
N ALA I 211 36.04 -13.36 50.16
CA ALA I 211 36.10 -14.53 51.01
C ALA I 211 36.20 -14.15 52.48
N GLN I 212 36.16 -15.17 53.34
CA GLN I 212 36.29 -14.95 54.77
C GLN I 212 37.68 -14.40 55.09
N ALA I 213 37.81 -13.78 56.25
CA ALA I 213 39.08 -13.19 56.64
C ALA I 213 40.23 -14.18 56.49
N VAL I 214 40.04 -15.40 56.99
CA VAL I 214 41.01 -16.47 56.82
C VAL I 214 40.32 -17.65 56.16
N ALA I 215 40.88 -18.12 55.05
CA ALA I 215 40.32 -19.23 54.30
C ALA I 215 41.42 -20.25 54.07
N SER I 216 41.01 -21.43 53.58
CA SER I 216 41.95 -22.51 53.36
C SER I 216 41.48 -23.35 52.19
N ILE I 217 42.42 -24.09 51.60
CA ILE I 217 42.09 -24.99 50.50
C ILE I 217 41.69 -26.36 51.04
N VAL I 218 42.39 -26.83 52.07
CA VAL I 218 42.16 -28.15 52.63
C VAL I 218 41.59 -27.99 54.04
N SER I 219 40.49 -28.69 54.30
CA SER I 219 39.85 -28.67 55.61
C SER I 219 38.79 -29.76 55.62
N PHE I 220 38.63 -30.39 56.80
CA PHE I 220 37.77 -31.56 56.95
C PHE I 220 36.96 -31.40 58.24
N ASN I 221 36.32 -30.23 58.38
CA ASN I 221 35.65 -29.87 59.62
C ASN I 221 34.40 -30.70 59.92
N ASN I 222 33.78 -31.33 58.92
CA ASN I 222 32.52 -32.03 59.11
C ASN I 222 32.71 -33.52 58.89
N THR I 223 31.92 -34.32 59.62
CA THR I 223 32.06 -35.77 59.56
C THR I 223 31.75 -36.33 58.19
N ALA I 224 30.82 -35.73 57.45
CA ALA I 224 30.45 -36.26 56.15
C ALA I 224 31.62 -36.27 55.19
N PHE I 225 32.67 -35.51 55.46
CA PHE I 225 33.80 -35.40 54.56
C PHE I 225 34.95 -36.34 54.90
N GLU I 226 34.79 -37.19 55.91
CA GLU I 226 35.87 -38.07 56.34
C GLU I 226 35.67 -39.47 55.77
N SER I 227 36.75 -40.25 55.79
CA SER I 227 36.72 -41.60 55.24
C SER I 227 37.75 -42.46 55.94
N TYR I 228 37.55 -43.78 55.86
CA TYR I 228 38.49 -44.76 56.36
C TYR I 228 38.91 -44.49 57.80
N GLY I 229 38.10 -43.79 58.58
CA GLY I 229 38.42 -43.55 59.96
C GLY I 229 39.47 -42.51 60.22
N LYS I 230 39.89 -41.76 59.21
CA LYS I 230 40.84 -40.68 59.42
C LYS I 230 40.10 -39.44 59.90
N GLU I 231 40.86 -38.38 60.19
CA GLU I 231 40.28 -37.17 60.73
C GLU I 231 41.20 -35.98 60.48
N GLN I 232 40.61 -34.80 60.53
CA GLN I 232 41.34 -33.54 60.44
C GLN I 232 42.19 -33.54 59.17
N SER I 233 43.30 -32.80 59.17
CA SER I 233 44.14 -32.73 57.99
C SER I 233 44.84 -34.05 57.71
N ILE I 234 44.99 -34.90 58.72
CA ILE I 234 45.62 -36.19 58.51
C ILE I 234 44.88 -36.99 57.45
N ASN I 235 43.69 -36.56 57.07
CA ASN I 235 42.96 -37.20 55.99
C ASN I 235 43.70 -37.09 54.65
N ALA I 236 44.67 -36.19 54.53
CA ALA I 236 45.50 -36.06 53.34
C ALA I 236 46.92 -35.66 53.75
N PRO I 237 47.89 -36.57 53.68
CA PRO I 237 49.21 -36.31 54.28
C PRO I 237 50.07 -35.41 53.42
N VAL I 238 50.66 -34.40 54.04
CA VAL I 238 51.65 -33.52 53.40
C VAL I 238 52.65 -33.07 54.45
N SER I 239 53.92 -33.05 54.07
CA SER I 239 54.96 -32.64 55.00
C SER I 239 54.76 -31.18 55.40
N GLN I 240 55.14 -30.87 56.64
CA GLN I 240 54.82 -29.57 57.20
C GLN I 240 55.47 -28.44 56.41
N GLU I 241 56.79 -28.53 56.20
CA GLU I 241 57.47 -27.47 55.46
C GLU I 241 56.88 -27.31 54.07
N ALA I 242 56.51 -28.43 53.43
CA ALA I 242 55.89 -28.32 52.11
C ALA I 242 54.58 -27.56 52.19
N ALA I 243 53.78 -27.82 53.23
CA ALA I 243 52.56 -27.06 53.42
C ALA I 243 52.84 -25.58 53.60
N PHE I 244 53.87 -25.25 54.37
CA PHE I 244 54.22 -23.85 54.57
C PHE I 244 54.62 -23.18 53.26
N SER I 245 55.39 -23.89 52.45
CA SER I 245 55.98 -23.28 51.26
C SER I 245 54.91 -22.73 50.32
N TYR I 246 54.03 -23.61 49.83
CA TYR I 246 53.07 -23.17 48.83
C TYR I 246 52.10 -22.15 49.40
N VAL I 247 51.78 -22.24 50.69
CA VAL I 247 50.92 -21.23 51.30
C VAL I 247 51.58 -19.87 51.24
N THR I 248 52.87 -19.80 51.59
CA THR I 248 53.57 -18.53 51.52
C THR I 248 53.63 -18.01 50.09
N ALA I 249 53.89 -18.90 49.14
CA ALA I 249 53.96 -18.48 47.74
C ALA I 249 52.63 -17.90 47.29
N LEU I 250 51.53 -18.58 47.63
CA LEU I 250 50.21 -18.10 47.24
C LEU I 250 49.92 -16.75 47.88
N ASN I 251 50.28 -16.59 49.15
CA ASN I 251 50.07 -15.31 49.80
C ASN I 251 50.87 -14.21 49.10
N TYR I 252 52.11 -14.51 48.73
CA TYR I 252 52.95 -13.52 48.05
C TYR I 252 52.31 -13.10 46.73
N LEU I 253 51.92 -14.07 45.91
CA LEU I 253 51.32 -13.73 44.62
C LEU I 253 50.07 -12.88 44.78
N LEU I 254 49.33 -13.07 45.87
CA LEU I 254 48.11 -12.29 46.08
C LEU I 254 48.40 -10.84 46.41
N ASN I 255 49.64 -10.50 46.74
CA ASN I 255 49.95 -9.15 47.16
C ASN I 255 49.69 -8.18 46.02
N PRO I 256 48.85 -7.16 46.20
CA PRO I 256 48.59 -6.21 45.11
C PRO I 256 49.83 -5.45 44.66
N SER I 257 50.80 -5.23 45.55
CA SER I 257 51.99 -4.49 45.18
C SER I 257 52.71 -5.12 44.00
N ASN I 258 52.70 -6.45 43.91
CA ASN I 258 53.29 -7.16 42.78
C ASN I 258 52.23 -7.28 41.70
N ARG I 259 52.55 -6.83 40.49
CA ARG I 259 51.58 -6.81 39.39
C ARG I 259 51.49 -8.18 38.73
N GLN I 260 50.86 -9.11 39.46
CA GLN I 260 50.61 -10.45 38.94
C GLN I 260 49.22 -10.94 39.32
N LYS I 261 48.30 -10.03 39.66
CA LYS I 261 46.95 -10.37 40.08
C LYS I 261 45.97 -9.48 39.35
N VAL I 262 44.79 -10.03 39.05
CA VAL I 262 43.75 -9.28 38.34
C VAL I 262 42.41 -9.92 38.65
N THR I 263 41.37 -9.09 38.72
CA THR I 263 40.03 -9.54 39.01
C THR I 263 39.16 -9.51 37.77
N ILE I 264 38.57 -10.65 37.44
CA ILE I 264 37.65 -10.77 36.31
C ILE I 264 36.37 -11.40 36.82
N ALA I 265 35.24 -10.75 36.53
CA ALA I 265 33.95 -11.27 36.97
C ALA I 265 34.00 -11.55 38.47
N ASP I 266 33.78 -12.81 38.87
CA ASP I 266 33.83 -13.17 40.27
C ASP I 266 35.17 -13.77 40.68
N ALA I 267 35.91 -14.34 39.74
CA ALA I 267 37.13 -15.05 40.07
C ALA I 267 38.34 -14.15 40.00
N THR I 268 39.23 -14.30 40.97
CA THR I 268 40.52 -13.62 40.93
C THR I 268 41.52 -14.51 40.20
N VAL I 269 42.33 -13.91 39.34
CA VAL I 269 43.23 -14.63 38.45
C VAL I 269 44.66 -14.29 38.83
N VAL I 270 45.49 -15.32 38.93
CA VAL I 270 46.92 -15.16 39.20
C VAL I 270 47.70 -15.91 38.14
N PHE I 271 48.82 -15.33 37.75
CA PHE I 271 49.67 -15.91 36.72
C PHE I 271 51.12 -15.62 37.07
N TRP I 272 52.03 -16.43 36.55
CA TRP I 272 53.43 -16.18 36.80
C TRP I 272 54.29 -16.82 35.72
N ALA I 273 55.42 -16.17 35.46
CA ALA I 273 56.47 -16.63 34.58
C ALA I 273 57.75 -15.91 35.03
N GLU I 274 58.78 -15.95 34.21
CA GLU I 274 59.96 -15.13 34.48
C GLU I 274 59.74 -13.67 34.09
N ARG I 275 58.67 -13.38 33.35
CA ARG I 275 58.28 -12.01 33.05
C ARG I 275 56.76 -11.96 32.92
N SER I 276 56.20 -10.79 33.25
CA SER I 276 54.75 -10.67 33.37
C SER I 276 54.16 -9.44 32.70
N SER I 277 54.98 -8.51 32.19
CA SER I 277 54.42 -7.29 31.61
C SER I 277 53.40 -7.55 30.52
N PRO I 278 53.63 -8.44 29.55
CA PRO I 278 52.60 -8.64 28.51
C PRO I 278 51.32 -9.23 29.05
N ALA I 279 51.42 -10.30 29.85
CA ALA I 279 50.21 -10.89 30.41
C ALA I 279 49.45 -9.88 31.26
N GLU I 280 50.16 -8.96 31.91
CA GLU I 280 49.51 -7.93 32.69
C GLU I 280 48.57 -7.08 31.84
N ASP I 281 48.80 -7.02 30.53
CA ASP I 281 47.93 -6.25 29.66
C ASP I 281 46.54 -6.85 29.53
N ILE I 282 46.33 -8.08 30.00
CA ILE I 282 44.99 -8.65 30.04
C ILE I 282 44.06 -7.79 30.89
N PHE I 283 44.62 -6.89 31.71
CA PHE I 283 43.81 -5.88 32.38
C PHE I 283 42.92 -5.16 31.38
N ALA I 284 43.51 -4.72 30.25
CA ALA I 284 42.70 -4.15 29.19
C ALA I 284 41.91 -5.22 28.46
N GLY I 285 42.31 -6.48 28.58
CA GLY I 285 41.58 -7.57 27.96
C GLY I 285 40.16 -7.65 28.45
N MET I 286 39.88 -7.07 29.62
CA MET I 286 38.52 -6.94 30.12
C MET I 286 38.13 -5.52 30.50
N PHE I 287 39.03 -4.72 31.08
CA PHE I 287 38.67 -3.36 31.47
C PHE I 287 38.34 -2.51 30.26
N ASP I 288 39.13 -2.62 29.20
CA ASP I 288 38.93 -1.86 27.96
C ASP I 288 39.31 -2.74 26.78
N PRO I 289 38.41 -3.61 26.35
CA PRO I 289 38.78 -4.61 25.35
C PRO I 289 39.33 -3.97 24.09
N PRO I 290 40.33 -4.60 23.44
CA PRO I 290 40.91 -4.05 22.21
C PRO I 290 40.00 -4.23 21.00
N GLU I 348 65.94 -20.03 32.41
CA GLU I 348 64.85 -20.93 32.02
C GLU I 348 63.84 -21.04 33.15
N SER I 349 62.56 -20.82 32.83
CA SER I 349 61.51 -20.93 33.81
C SER I 349 60.19 -21.22 33.10
N VAL I 350 59.25 -21.78 33.87
CA VAL I 350 57.95 -22.11 33.31
C VAL I 350 57.25 -20.83 32.84
N ARG I 351 56.55 -20.94 31.72
CA ARG I 351 55.92 -19.80 31.06
C ARG I 351 54.42 -19.83 31.29
N PHE I 352 53.93 -18.87 32.07
CA PHE I 352 52.52 -18.53 32.11
C PHE I 352 51.66 -19.71 32.58
N HIS I 353 51.88 -20.12 33.83
CA HIS I 353 50.84 -20.83 34.55
C HIS I 353 49.74 -19.86 34.90
N VAL I 354 48.49 -20.26 34.63
CA VAL I 354 47.33 -19.42 34.90
C VAL I 354 46.39 -20.20 35.80
N LEU I 355 45.98 -19.57 36.90
CA LEU I 355 45.09 -20.19 37.87
C LEU I 355 43.98 -19.21 38.21
N GLY I 356 42.73 -19.69 38.13
CA GLY I 356 41.57 -18.90 38.48
C GLY I 356 40.71 -19.66 39.48
N LEU I 357 40.43 -19.01 40.61
CA LEU I 357 39.68 -19.63 41.69
C LEU I 357 38.62 -18.67 42.19
N SER I 358 37.57 -19.24 42.78
CA SER I 358 36.42 -18.49 43.25
C SER I 358 36.18 -18.83 44.70
N PRO I 359 35.64 -17.89 45.49
CA PRO I 359 35.51 -18.12 46.93
C PRO I 359 34.18 -18.72 47.34
N ASN I 360 34.21 -19.68 48.24
CA ASN I 360 33.02 -20.08 48.96
C ASN I 360 32.88 -19.22 50.21
N ALA I 361 32.01 -19.66 51.13
CA ALA I 361 31.79 -18.88 52.34
C ALA I 361 33.09 -18.68 53.12
N ALA I 362 33.81 -19.78 53.37
CA ALA I 362 35.08 -19.69 54.09
C ALA I 362 36.13 -20.62 53.50
N ARG I 363 35.88 -21.18 52.32
CA ARG I 363 36.84 -22.06 51.66
C ARG I 363 36.82 -21.75 50.18
N LEU I 364 37.90 -22.13 49.50
CA LEU I 364 38.14 -21.74 48.12
C LEU I 364 37.98 -22.93 47.18
N SER I 365 37.60 -22.64 45.94
CA SER I 365 37.40 -23.65 44.91
C SER I 365 38.11 -23.20 43.64
N VAL I 366 38.58 -24.17 42.87
CA VAL I 366 39.31 -23.89 41.64
C VAL I 366 38.32 -23.82 40.48
N ARG I 367 38.37 -22.71 39.73
CA ARG I 367 37.46 -22.54 38.61
C ARG I 367 38.02 -23.17 37.35
N PHE I 368 39.24 -22.82 36.97
CA PHE I 368 39.87 -23.36 35.78
C PHE I 368 41.38 -23.30 35.96
N TRP I 369 42.09 -23.96 35.05
CA TRP I 369 43.52 -24.13 35.19
C TRP I 369 44.14 -24.37 33.82
N GLU I 370 45.06 -23.49 33.41
CA GLU I 370 45.67 -23.57 32.10
C GLU I 370 47.17 -23.33 32.22
N VAL I 371 47.91 -23.88 31.26
CA VAL I 371 49.36 -23.71 31.21
C VAL I 371 49.79 -23.34 29.80
N ASP I 372 48.85 -22.89 28.97
CA ASP I 372 49.14 -22.59 27.59
C ASP I 372 50.02 -21.35 27.46
N THR I 373 50.65 -21.22 26.30
CA THR I 373 51.49 -20.07 26.01
C THR I 373 50.67 -18.98 25.32
N VAL I 374 51.36 -17.90 24.93
CA VAL I 374 50.76 -16.79 24.21
C VAL I 374 49.81 -16.01 25.11
N GLY I 375 48.94 -16.70 25.83
CA GLY I 375 47.88 -16.04 26.57
C GLY I 375 46.67 -15.72 25.75
N HIS I 376 46.56 -16.29 24.55
CA HIS I 376 45.45 -15.98 23.66
C HIS I 376 44.12 -16.41 24.26
N MET I 377 43.13 -15.53 24.13
CA MET I 377 41.73 -15.86 24.41
C MET I 377 40.88 -15.68 23.16
N LEU I 378 41.49 -15.76 21.98
CA LEU I 378 40.80 -15.46 20.75
C LEU I 378 39.62 -16.40 20.52
N ASP I 379 39.61 -17.54 21.21
CA ASP I 379 38.57 -18.54 21.01
C ASP I 379 37.19 -17.89 21.11
N LYS I 380 36.99 -17.06 22.13
CA LYS I 380 35.75 -16.32 22.31
C LYS I 380 35.86 -14.89 21.80
N VAL I 381 36.90 -14.17 22.21
CA VAL I 381 37.06 -12.79 21.76
C VAL I 381 37.21 -12.74 20.25
N GLY I 382 38.05 -13.60 19.68
CA GLY I 382 38.21 -13.62 18.24
C GLY I 382 36.91 -13.87 17.52
N ARG I 383 36.15 -14.87 17.97
CA ARG I 383 34.82 -15.09 17.42
C ARG I 383 33.94 -13.87 17.67
N HIS I 384 33.99 -13.33 18.88
CA HIS I 384 33.15 -12.19 19.22
C HIS I 384 33.41 -11.03 18.27
N TYR I 385 34.68 -10.76 17.97
CA TYR I 385 35.00 -9.65 17.10
C TYR I 385 34.65 -9.96 15.65
N ARG I 386 34.96 -11.16 15.19
CA ARG I 386 34.67 -11.48 13.79
C ARG I 386 33.18 -11.47 13.51
N GLU I 387 32.35 -11.70 14.53
CA GLU I 387 30.91 -11.59 14.32
C GLU I 387 30.48 -10.15 14.12
N LEU I 388 31.29 -9.19 14.59
CA LEU I 388 30.91 -7.80 14.55
C LEU I 388 31.46 -7.06 13.33
N GLU I 389 32.05 -7.76 12.37
CA GLU I 389 32.72 -7.10 11.26
C GLU I 389 31.72 -6.44 10.32
N ILE I 390 31.99 -5.19 9.97
CA ILE I 390 31.20 -4.43 9.01
C ILE I 390 32.09 -3.37 8.41
N ILE I 391 31.88 -3.08 7.13
CA ILE I 391 32.67 -2.02 6.49
C ILE I 391 32.26 -0.67 7.07
N PRO I 392 33.18 0.26 7.27
CA PRO I 392 32.82 1.55 7.89
C PRO I 392 32.24 2.52 6.86
N GLN I 393 31.72 3.63 7.38
CA GLN I 393 31.19 4.71 6.54
C GLN I 393 32.27 5.73 6.22
N PHE I 394 32.84 6.36 7.24
CA PHE I 394 33.96 7.26 7.06
C PHE I 394 35.26 6.46 6.91
N ASN I 395 36.31 7.17 6.50
CA ASN I 395 37.63 6.56 6.41
C ASN I 395 38.44 6.72 7.68
N ASN I 396 37.96 7.54 8.63
CA ASN I 396 38.68 7.81 9.86
C ASN I 396 38.13 7.06 11.06
N GLU I 397 37.23 6.10 10.85
CA GLU I 397 36.66 5.37 11.96
C GLU I 397 37.65 4.35 12.52
N GLN I 398 37.33 3.83 13.69
CA GLN I 398 38.18 2.88 14.39
C GLN I 398 37.56 1.49 14.33
N GLU I 399 38.41 0.49 14.08
CA GLU I 399 37.90 -0.87 13.81
C GLU I 399 37.33 -1.53 15.06
N PHE I 400 37.97 -1.34 16.22
CA PHE I 400 37.65 -2.09 17.43
C PHE I 400 37.00 -1.15 18.44
N PRO I 401 35.67 -1.08 18.47
CA PRO I 401 35.01 -0.25 19.48
C PRO I 401 35.00 -0.93 20.84
N SER I 402 35.02 -0.11 21.89
CA SER I 402 34.94 -0.64 23.25
C SER I 402 33.48 -0.87 23.65
N LEU I 403 33.29 -1.82 24.56
CA LEU I 403 31.93 -2.11 25.01
C LEU I 403 31.24 -0.86 25.54
N SER I 404 32.01 0.02 26.19
CA SER I 404 31.41 1.25 26.72
C SER I 404 30.79 2.07 25.60
N THR I 405 31.51 2.23 24.49
CA THR I 405 30.98 3.00 23.37
C THR I 405 29.73 2.33 22.81
N LEU I 406 29.76 1.02 22.63
CA LEU I 406 28.59 0.32 22.08
C LEU I 406 27.38 0.52 22.97
N LEU I 407 27.53 0.29 24.27
CA LEU I 407 26.40 0.43 25.18
C LEU I 407 25.85 1.84 25.14
N ARG I 408 26.73 2.84 25.16
CA ARG I 408 26.26 4.22 25.17
C ARG I 408 25.41 4.53 23.96
N GLN I 409 25.55 3.73 22.89
CA GLN I 409 24.76 3.97 21.68
C GLN I 409 23.29 3.67 21.89
N THR I 410 22.95 2.79 22.85
CA THR I 410 21.57 2.41 23.09
C THR I 410 20.89 3.26 24.16
N ALA I 411 21.61 4.16 24.81
CA ALA I 411 20.99 5.01 25.83
C ALA I 411 19.93 5.89 25.19
N VAL I 412 18.93 6.26 25.98
CA VAL I 412 17.85 7.11 25.50
C VAL I 412 18.48 8.35 24.87
N LEU I 413 19.18 9.12 25.68
CA LEU I 413 20.12 10.09 25.15
C LEU I 413 21.52 9.52 25.28
N ASN I 414 22.40 9.90 24.35
CA ASN I 414 23.72 9.27 24.28
C ASN I 414 24.54 9.72 25.49
N LYS I 415 24.15 9.16 26.65
CA LYS I 415 24.82 9.45 27.90
C LYS I 415 24.78 8.20 28.77
N THR I 416 25.88 7.97 29.49
CA THR I 416 26.04 6.71 30.21
C THR I 416 24.99 6.53 31.29
N GLU I 417 24.40 7.62 31.77
CA GLU I 417 23.50 7.54 32.92
C GLU I 417 22.30 6.62 32.67
N ASN I 418 21.92 6.39 31.42
CA ASN I 418 20.69 5.70 31.10
C ASN I 418 20.91 4.24 30.69
N ILE I 419 22.10 3.68 30.90
CA ILE I 419 22.38 2.33 30.45
C ILE I 419 21.71 1.34 31.38
N SER I 420 20.97 0.39 30.79
CA SER I 420 20.23 -0.58 31.59
C SER I 420 21.19 -1.59 32.21
N PRO I 421 21.09 -1.85 33.52
CA PRO I 421 22.01 -2.82 34.13
C PRO I 421 21.94 -4.20 33.49
N VAL I 422 20.76 -4.62 33.07
CA VAL I 422 20.61 -5.97 32.53
C VAL I 422 21.51 -6.15 31.31
N LEU I 423 21.47 -5.19 30.39
CA LEU I 423 22.36 -5.26 29.23
C LEU I 423 23.81 -5.19 29.66
N ALA I 424 24.12 -4.30 30.59
CA ALA I 424 25.50 -4.17 31.05
C ALA I 424 26.06 -5.51 31.48
N GLY I 425 25.31 -6.26 32.28
CA GLY I 425 25.78 -7.57 32.71
C GLY I 425 25.78 -8.59 31.59
N GLY I 426 24.68 -8.63 30.82
CA GLY I 426 24.51 -9.69 29.84
C GLY I 426 25.52 -9.64 28.72
N LEU I 427 25.80 -8.44 28.21
CA LEU I 427 26.77 -8.34 27.12
C LEU I 427 28.13 -8.83 27.56
N PHE I 428 28.57 -8.42 28.74
CA PHE I 428 29.88 -8.85 29.23
C PHE I 428 29.91 -10.35 29.44
N ARG I 429 28.85 -10.91 30.04
CA ARG I 429 28.80 -12.34 30.25
C ARG I 429 28.90 -13.09 28.93
N ALA I 430 28.09 -12.69 27.96
CA ALA I 430 28.10 -13.37 26.67
C ALA I 430 29.45 -13.24 26.00
N MET I 431 30.06 -12.06 26.06
CA MET I 431 31.37 -11.86 25.48
C MET I 431 32.37 -12.84 26.06
N LEU I 432 32.40 -12.95 27.39
CA LEU I 432 33.37 -13.84 28.02
C LEU I 432 33.08 -15.30 27.71
N THR I 433 31.81 -15.70 27.72
CA THR I 433 31.45 -17.11 27.65
C THR I 433 31.06 -17.58 26.26
N GLY I 434 30.65 -16.68 25.38
CA GLY I 434 30.19 -17.09 24.08
C GLY I 434 28.76 -17.59 24.02
N GLY I 435 27.97 -17.32 25.06
CA GLY I 435 26.57 -17.72 25.05
C GLY I 435 25.71 -16.73 24.31
N PRO I 436 24.42 -17.04 24.24
CA PRO I 436 23.49 -16.15 23.52
C PRO I 436 23.41 -14.78 24.17
N TYR I 437 23.15 -13.78 23.33
CA TYR I 437 22.98 -12.42 23.83
C TYR I 437 21.63 -12.28 24.54
N PRO I 438 21.48 -11.25 25.36
CA PRO I 438 20.16 -10.98 25.95
C PRO I 438 19.13 -10.74 24.86
N GLN I 439 17.91 -11.21 25.09
CA GLN I 439 16.89 -11.12 24.07
C GLN I 439 16.35 -9.71 23.90
N SER I 440 16.59 -8.82 24.86
CA SER I 440 16.04 -7.47 24.79
C SER I 440 16.88 -6.52 23.94
N LEU I 441 18.02 -6.98 23.43
CA LEU I 441 18.93 -6.08 22.73
C LEU I 441 18.31 -5.53 21.45
N LEU I 442 17.78 -6.42 20.62
CA LEU I 442 17.27 -6.01 19.31
C LEU I 442 16.17 -4.97 19.41
N PRO I 443 15.11 -5.19 20.19
CA PRO I 443 14.11 -4.12 20.36
C PRO I 443 14.69 -2.86 20.95
N ALA I 444 15.68 -2.97 21.83
CA ALA I 444 16.28 -1.78 22.41
C ALA I 444 16.90 -0.91 21.32
N VAL I 445 17.66 -1.53 20.41
CA VAL I 445 18.28 -0.73 19.34
C VAL I 445 17.23 -0.24 18.37
N LEU I 446 16.22 -1.07 18.06
CA LEU I 446 15.21 -0.66 17.10
C LEU I 446 14.44 0.56 17.59
N GLY I 447 14.14 0.61 18.89
CA GLY I 447 13.45 1.77 19.41
C GLY I 447 14.23 3.05 19.19
N ARG I 448 15.52 3.02 19.50
CA ARG I 448 16.35 4.21 19.29
C ARG I 448 16.38 4.59 17.82
N ILE I 449 16.47 3.60 16.93
CA ILE I 449 16.49 3.91 15.50
C ILE I 449 15.19 4.59 15.10
N ARG I 450 14.06 4.06 15.59
CA ARG I 450 12.78 4.53 15.10
C ARG I 450 12.34 5.82 15.76
N ALA I 451 12.97 6.21 16.87
CA ALA I 451 12.52 7.38 17.60
C ALA I 451 13.29 8.64 17.22
N GLU I 452 14.56 8.50 16.85
CA GLU I 452 15.42 9.67 16.66
C GLU I 452 15.01 10.46 15.43
N HIS I 453 15.05 11.80 15.53
CA HIS I 453 14.84 12.70 14.40
C HIS I 453 15.83 13.86 14.51
N ALA I 454 17.00 13.68 13.91
CA ALA I 454 17.96 14.77 13.86
C ALA I 454 17.53 15.81 12.83
N ARG I 455 18.02 17.04 13.01
CA ARG I 455 17.63 18.14 12.15
C ARG I 455 18.86 18.92 11.73
N PRO I 456 18.75 19.71 10.67
CA PRO I 456 19.94 20.40 10.13
C PRO I 456 20.59 21.37 11.11
N GLU I 457 19.87 21.79 12.15
CA GLU I 457 20.42 22.78 13.07
C GLU I 457 21.70 22.31 13.74
N ASP I 458 21.97 21.02 13.78
CA ASP I 458 23.22 20.53 14.33
C ASP I 458 24.40 21.22 13.65
N LYS I 459 25.53 21.23 14.35
CA LYS I 459 26.69 21.96 13.86
C LYS I 459 27.16 21.43 12.51
N SER I 460 27.27 20.12 12.38
CA SER I 460 27.63 19.53 11.09
C SER I 460 26.51 19.79 10.09
N ARG I 461 26.84 20.51 9.01
CA ARG I 461 25.82 20.95 8.08
C ARG I 461 25.05 19.76 7.49
N TYR I 462 25.75 18.71 7.08
CA TYR I 462 25.05 17.51 6.63
C TYR I 462 24.36 16.84 7.80
N ARG I 463 23.11 16.44 7.58
CA ARG I 463 22.27 15.97 8.66
C ARG I 463 22.80 14.66 9.22
N LEU I 464 22.50 14.42 10.49
CA LEU I 464 23.03 13.25 11.18
C LEU I 464 22.39 11.98 10.67
N GLU I 465 23.20 10.93 10.58
CA GLU I 465 22.68 9.60 10.28
C GLU I 465 22.17 8.94 11.55
N VAL I 466 21.13 8.11 11.39
CA VAL I 466 20.60 7.35 12.51
C VAL I 466 20.99 5.87 12.43
N VAL I 467 21.19 5.33 11.23
CA VAL I 467 21.70 3.96 11.08
C VAL I 467 23.22 4.03 11.07
N THR I 468 23.83 4.04 12.25
CA THR I 468 25.26 4.24 12.35
C THR I 468 26.00 2.90 12.28
N TYR I 469 27.33 3.00 12.23
CA TYR I 469 28.18 1.83 12.13
C TYR I 469 27.95 0.87 13.30
N TYR I 470 27.93 1.41 14.52
CA TYR I 470 27.85 0.55 15.70
C TYR I 470 26.54 -0.21 15.74
N ARG I 471 25.42 0.46 15.45
CA ARG I 471 24.13 -0.20 15.52
C ARG I 471 24.03 -1.33 14.50
N ALA I 472 24.52 -1.08 13.29
CA ALA I 472 24.51 -2.14 12.28
C ALA I 472 25.36 -3.32 12.72
N ALA I 473 26.54 -3.05 13.29
CA ALA I 473 27.37 -4.14 13.78
C ALA I 473 26.64 -4.95 14.83
N LEU I 474 25.96 -4.27 15.76
CA LEU I 474 25.24 -4.97 16.81
C LEU I 474 24.15 -5.85 16.22
N ILE I 475 23.38 -5.31 15.27
CA ILE I 475 22.29 -6.10 14.68
C ILE I 475 22.85 -7.32 13.98
N LYS I 476 23.94 -7.14 13.23
CA LYS I 476 24.55 -8.27 12.54
C LYS I 476 24.96 -9.35 13.54
N ALA I 477 25.64 -8.94 14.61
CA ALA I 477 26.07 -9.93 15.59
C ALA I 477 24.89 -10.66 16.19
N TYR I 478 23.85 -9.93 16.57
CA TYR I 478 22.68 -10.56 17.19
C TYR I 478 22.05 -11.57 16.23
N LEU I 479 21.86 -11.19 14.97
CA LEU I 479 21.26 -12.11 14.02
C LEU I 479 22.11 -13.34 13.82
N ILE I 480 23.44 -13.17 13.73
CA ILE I 480 24.31 -14.32 13.52
C ILE I 480 24.21 -15.29 14.71
N ARG I 481 24.33 -14.77 15.93
CA ARG I 481 24.43 -15.65 17.09
C ARG I 481 23.09 -16.32 17.39
N ASN I 482 22.07 -15.51 17.74
CA ASN I 482 20.85 -16.09 18.27
C ASN I 482 20.01 -16.77 17.20
N ARG I 483 19.84 -16.13 16.05
CA ARG I 483 18.88 -16.59 15.05
C ARG I 483 19.48 -17.54 14.03
N LYS I 484 20.82 -17.63 13.96
CA LYS I 484 21.49 -18.59 13.10
C LYS I 484 21.28 -18.28 11.61
N LEU I 485 21.25 -17.00 11.27
CA LEU I 485 21.15 -16.61 9.87
C LEU I 485 22.55 -16.38 9.30
N GLU I 486 22.60 -15.82 8.09
CA GLU I 486 23.86 -15.47 7.43
C GLU I 486 23.77 -14.06 6.88
N VAL I 487 24.83 -13.29 7.08
CA VAL I 487 24.85 -11.89 6.66
C VAL I 487 26.23 -11.57 6.08
N PRO I 488 26.31 -10.93 4.92
CA PRO I 488 27.61 -10.56 4.37
C PRO I 488 28.16 -9.30 5.04
N VAL I 489 29.48 -9.12 4.90
CA VAL I 489 30.13 -7.93 5.44
C VAL I 489 29.98 -6.72 4.53
N SER I 490 29.46 -6.91 3.32
CA SER I 490 29.19 -5.80 2.41
C SER I 490 28.07 -6.23 1.47
N LEU I 491 27.67 -5.32 0.60
CA LEU I 491 26.53 -5.57 -0.28
C LEU I 491 26.76 -6.83 -1.09
N ASP I 492 25.72 -7.66 -1.16
CA ASP I 492 25.75 -8.87 -1.97
C ASP I 492 24.63 -8.81 -3.00
N PRO I 493 24.92 -8.69 -4.29
CA PRO I 493 23.85 -8.50 -5.28
C PRO I 493 23.05 -9.75 -5.62
N ALA I 494 23.28 -10.87 -4.94
CA ALA I 494 22.57 -12.11 -5.22
C ALA I 494 21.86 -12.66 -3.99
N ARG I 495 21.31 -11.81 -3.13
CA ARG I 495 20.73 -12.29 -1.88
C ARG I 495 19.32 -12.83 -2.10
N THR I 496 18.41 -11.99 -2.58
CA THR I 496 17.03 -12.35 -2.89
C THR I 496 16.17 -12.62 -1.66
N ASP I 497 16.38 -11.90 -0.56
CA ASP I 497 15.47 -11.95 0.57
C ASP I 497 14.59 -10.71 0.57
N ARG I 498 13.29 -10.91 0.72
CA ARG I 498 12.35 -9.79 0.60
C ARG I 498 12.71 -8.63 1.51
N PRO I 499 12.96 -8.83 2.81
CA PRO I 499 13.37 -7.68 3.63
C PRO I 499 14.63 -7.02 3.12
N TYR I 500 15.61 -7.83 2.71
CA TYR I 500 16.85 -7.28 2.18
C TYR I 500 16.60 -6.48 0.92
N LEU I 501 15.76 -7.00 0.03
CA LEU I 501 15.47 -6.31 -1.22
C LEU I 501 14.78 -4.98 -0.95
N LEU I 502 13.81 -4.98 -0.03
CA LEU I 502 13.12 -3.72 0.28
C LEU I 502 14.08 -2.70 0.87
N GLY I 503 14.95 -3.15 1.77
CA GLY I 503 15.95 -2.24 2.29
C GLY I 503 16.82 -1.66 1.20
N ARG I 504 17.19 -2.48 0.22
CA ARG I 504 17.98 -1.96 -0.89
C ARG I 504 17.20 -0.91 -1.67
N LEU I 505 15.93 -1.18 -1.95
CA LEU I 505 15.14 -0.29 -2.79
C LEU I 505 14.96 1.07 -2.14
N PHE I 506 14.74 1.09 -0.82
CA PHE I 506 14.56 2.37 -0.12
C PHE I 506 15.72 3.31 -0.39
N ALA I 507 16.95 2.79 -0.39
CA ALA I 507 18.11 3.64 -0.56
C ALA I 507 18.11 4.32 -1.93
N VAL I 508 17.82 3.56 -2.99
CA VAL I 508 17.82 4.17 -4.31
C VAL I 508 16.71 5.21 -4.42
N LEU I 509 15.56 4.95 -3.80
CA LEU I 509 14.50 5.96 -3.85
C LEU I 509 14.96 7.25 -3.20
N GLU I 510 15.59 7.16 -2.02
CA GLU I 510 16.06 8.37 -1.35
C GLU I 510 17.11 9.07 -2.19
N LYS I 511 18.02 8.31 -2.79
CA LYS I 511 19.06 8.90 -3.62
C LYS I 511 18.45 9.68 -4.77
N ALA I 512 17.45 9.12 -5.43
CA ALA I 512 16.81 9.83 -6.53
C ALA I 512 16.16 11.11 -6.04
N GLN I 513 15.41 11.04 -4.93
CA GLN I 513 14.74 12.24 -4.45
C GLN I 513 15.74 13.35 -4.15
N GLU I 514 16.77 13.05 -3.36
CA GLU I 514 17.68 14.10 -2.94
C GLU I 514 18.41 14.73 -4.11
N ASP I 515 18.56 14.00 -5.22
CA ASP I 515 19.10 14.60 -6.44
C ASP I 515 18.08 15.49 -7.13
N ALA I 516 16.82 15.07 -7.16
CA ALA I 516 15.81 15.85 -7.87
C ALA I 516 15.60 17.22 -7.22
N VAL I 517 15.54 17.27 -5.89
CA VAL I 517 15.19 18.50 -5.17
C VAL I 517 16.28 18.82 -4.16
N PRO I 518 17.33 19.54 -4.53
CA PRO I 518 18.43 19.78 -3.59
C PRO I 518 17.98 20.53 -2.35
N GLY I 519 18.55 20.16 -1.21
CA GLY I 519 18.40 20.93 0.01
C GLY I 519 17.05 20.84 0.68
N ALA I 520 16.27 19.81 0.40
CA ALA I 520 14.96 19.69 1.02
C ALA I 520 15.10 19.43 2.52
N ASN I 521 14.18 20.01 3.30
CA ASN I 521 14.17 19.77 4.73
C ASN I 521 13.64 18.39 5.07
N ALA I 522 12.57 17.96 4.39
CA ALA I 522 11.84 16.75 4.75
C ALA I 522 11.97 15.73 3.64
N THR I 523 12.92 14.80 3.80
CA THR I 523 13.05 13.70 2.87
C THR I 523 12.17 12.54 3.30
N ILE I 524 12.04 11.54 2.42
CA ILE I 524 11.21 10.40 2.73
C ILE I 524 11.73 9.67 3.96
N LYS I 525 13.04 9.72 4.19
CA LYS I 525 13.58 9.11 5.40
C LYS I 525 13.05 9.79 6.65
N ASP I 526 12.60 11.05 6.53
CA ASP I 526 12.10 11.77 7.69
C ASP I 526 10.63 11.50 7.94
N ARG I 527 9.93 10.85 7.02
CA ARG I 527 8.49 10.69 7.13
C ARG I 527 7.99 9.27 7.00
N TYR I 528 8.80 8.34 6.50
CA TYR I 528 8.30 7.01 6.18
C TYR I 528 9.21 5.88 6.66
N LEU I 529 10.28 6.17 7.40
CA LEU I 529 11.21 5.10 7.77
C LEU I 529 10.54 4.07 8.65
N ALA I 530 9.73 4.52 9.62
CA ALA I 530 9.15 3.58 10.58
C ALA I 530 8.05 2.74 9.94
N SER I 531 7.01 3.39 9.40
CA SER I 531 5.89 2.64 8.88
C SER I 531 6.32 1.72 7.74
N ALA I 532 7.19 2.20 6.85
CA ALA I 532 7.62 1.37 5.74
C ALA I 532 8.24 0.07 6.23
N SER I 533 9.11 0.15 7.23
CA SER I 533 9.69 -1.07 7.79
C SER I 533 8.63 -1.91 8.49
N ALA I 534 7.65 -1.27 9.12
CA ALA I 534 6.66 -2.03 9.88
C ALA I 534 5.60 -2.64 8.97
N ASN I 535 4.99 -1.83 8.10
CA ASN I 535 3.89 -2.27 7.24
C ASN I 535 4.20 -1.88 5.81
N PRO I 536 5.05 -2.66 5.12
CA PRO I 536 5.44 -2.28 3.77
C PRO I 536 4.27 -2.11 2.82
N GLY I 537 3.24 -2.93 2.96
CA GLY I 537 2.15 -2.93 2.00
C GLY I 537 1.29 -1.69 2.04
N GLN I 538 1.51 -0.81 3.01
CA GLN I 538 0.63 0.33 3.21
C GLN I 538 1.17 1.63 2.65
N VAL I 539 2.46 1.72 2.34
CA VAL I 539 3.06 3.01 1.99
C VAL I 539 3.81 2.97 0.68
N PHE I 540 4.25 1.78 0.26
CA PHE I 540 5.22 1.72 -0.83
C PHE I 540 4.65 2.27 -2.12
N HIS I 541 3.34 2.15 -2.34
CA HIS I 541 2.78 2.64 -3.60
C HIS I 541 2.98 4.13 -3.74
N MET I 542 2.83 4.89 -2.65
CA MET I 542 3.05 6.33 -2.73
C MET I 542 4.50 6.65 -3.07
N LEU I 543 5.43 5.95 -2.45
CA LEU I 543 6.84 6.19 -2.73
C LEU I 543 7.13 5.94 -4.21
N LEU I 544 6.61 4.83 -4.73
CA LEU I 544 6.81 4.52 -6.14
C LEU I 544 6.21 5.62 -7.01
N LYS I 545 5.01 6.08 -6.67
CA LYS I 545 4.36 7.11 -7.48
C LYS I 545 5.18 8.39 -7.50
N ASN I 546 5.72 8.80 -6.36
CA ASN I 546 6.53 10.02 -6.32
C ASN I 546 7.83 9.84 -7.08
N ALA I 547 8.38 8.62 -7.08
CA ALA I 547 9.61 8.38 -7.81
C ALA I 547 9.46 8.78 -9.27
N SER I 548 8.26 8.65 -9.83
CA SER I 548 8.04 9.05 -11.21
C SER I 548 8.31 10.53 -11.40
N ASN I 549 7.68 11.37 -10.57
CA ASN I 549 7.93 12.80 -10.67
C ASN I 549 9.39 13.11 -10.49
N HIS I 550 10.04 12.44 -9.54
CA HIS I 550 11.44 12.73 -9.27
C HIS I 550 12.31 12.41 -10.48
N THR I 551 12.09 11.24 -11.09
CA THR I 551 12.92 10.83 -12.22
C THR I 551 12.67 11.69 -13.45
N ALA I 552 11.40 11.96 -13.75
CA ALA I 552 11.07 12.68 -14.97
C ALA I 552 11.79 14.03 -15.02
N LYS I 553 11.95 14.68 -13.87
CA LYS I 553 12.62 15.97 -13.85
C LYS I 553 14.05 15.85 -14.37
N LEU I 554 14.75 14.80 -13.98
CA LEU I 554 16.12 14.60 -14.46
C LEU I 554 16.15 14.35 -15.96
N ARG I 555 15.20 13.57 -16.48
CA ARG I 555 15.20 13.23 -17.89
C ARG I 555 15.22 14.48 -18.76
N LYS I 556 14.39 15.46 -18.43
CA LYS I 556 14.30 16.67 -19.23
C LYS I 556 15.51 17.57 -19.08
N ASP I 557 16.41 17.27 -18.15
CA ASP I 557 17.62 18.06 -18.03
C ASP I 557 18.41 17.99 -19.32
N PRO I 558 19.06 19.08 -19.74
CA PRO I 558 19.83 19.03 -20.98
C PRO I 558 20.86 17.92 -20.98
N GLU I 559 21.53 17.70 -19.87
CA GLU I 559 22.51 16.63 -19.75
C GLU I 559 21.87 15.27 -19.49
N ARG I 560 20.60 15.24 -19.09
CA ARG I 560 20.00 14.02 -18.56
C ARG I 560 20.82 13.48 -17.40
N LYS I 561 21.64 14.34 -16.80
CA LYS I 561 22.49 13.99 -15.68
C LYS I 561 23.18 12.64 -15.88
N SER I 563 22.24 9.70 -14.95
CA SER I 563 21.59 9.29 -13.73
C SER I 563 20.22 8.67 -14.02
N ALA I 564 19.42 9.37 -14.82
CA ALA I 564 18.03 8.96 -15.00
C ALA I 564 17.93 7.51 -15.42
N ILE I 565 18.65 7.12 -16.48
CA ILE I 565 18.59 5.74 -16.93
C ILE I 565 19.15 4.80 -15.87
N HIS I 566 20.23 5.21 -15.20
CA HIS I 566 20.88 4.33 -14.26
C HIS I 566 19.96 3.94 -13.12
N TYR I 567 19.29 4.92 -12.52
CA TYR I 567 18.41 4.64 -11.40
C TYR I 567 17.27 3.72 -11.82
N GLU I 568 16.69 3.96 -12.99
CA GLU I 568 15.60 3.11 -13.45
C GLU I 568 16.09 1.69 -13.70
N ILE I 569 17.32 1.55 -14.20
CA ILE I 569 17.87 0.21 -14.41
C ILE I 569 18.00 -0.51 -13.07
N MET I 570 18.53 0.20 -12.05
CA MET I 570 18.58 -0.40 -10.72
C MET I 570 17.20 -0.83 -10.25
N MET I 571 16.21 0.05 -10.38
CA MET I 571 14.89 -0.26 -9.87
C MET I 571 14.30 -1.48 -10.57
N GLN I 572 14.49 -1.56 -11.89
CA GLN I 572 14.00 -2.73 -12.62
C GLN I 572 14.67 -3.99 -12.13
N GLU I 573 16.00 -3.99 -12.07
CA GLU I 573 16.71 -5.23 -11.74
C GLU I 573 16.39 -5.70 -10.32
N ILE I 574 16.29 -4.78 -9.36
CA ILE I 574 16.00 -5.21 -8.00
C ILE I 574 14.59 -5.79 -7.90
N ILE I 575 13.61 -5.10 -8.49
CA ILE I 575 12.22 -5.49 -8.31
C ILE I 575 11.96 -6.87 -8.91
N ASP I 576 12.79 -7.31 -9.84
CA ASP I 576 12.48 -8.51 -10.60
C ASP I 576 12.42 -9.76 -9.72
N ASN I 577 12.95 -9.70 -8.51
CA ASN I 577 13.00 -10.87 -7.64
C ASN I 577 11.90 -10.90 -6.59
N ILE I 578 10.97 -9.95 -6.62
CA ILE I 578 9.89 -9.86 -5.63
C ILE I 578 8.60 -10.30 -6.28
N SER I 579 7.65 -10.74 -5.46
CA SER I 579 6.34 -11.13 -5.96
C SER I 579 5.21 -10.30 -5.36
N ASP I 580 5.26 -10.02 -4.06
CA ASP I 580 4.23 -9.23 -3.41
C ASP I 580 4.82 -8.52 -2.21
N PHE I 581 4.18 -7.41 -1.83
CA PHE I 581 4.58 -6.70 -0.63
C PHE I 581 3.93 -7.33 0.60
N PRO I 582 4.72 -7.69 1.61
CA PRO I 582 4.12 -8.28 2.82
C PRO I 582 3.33 -7.25 3.60
N VAL I 583 2.34 -7.74 4.33
CA VAL I 583 1.49 -6.84 5.12
C VAL I 583 2.18 -6.46 6.42
N THR I 584 2.87 -7.39 7.06
CA THR I 584 3.52 -7.14 8.33
C THR I 584 4.84 -7.92 8.38
N MET I 585 5.73 -7.48 9.27
CA MET I 585 7.04 -8.08 9.41
C MET I 585 7.37 -8.22 10.89
N SER I 586 8.22 -9.21 11.20
CA SER I 586 8.68 -9.41 12.56
C SER I 586 9.91 -8.54 12.84
N SER I 587 10.42 -8.66 14.07
CA SER I 587 11.57 -7.85 14.46
C SER I 587 12.80 -8.20 13.63
N ASP I 588 13.15 -9.47 13.55
CA ASP I 588 14.33 -9.87 12.78
C ASP I 588 14.20 -9.45 11.32
N GLU I 589 12.99 -9.50 10.77
CA GLU I 589 12.79 -9.01 9.43
C GLU I 589 13.13 -7.53 9.32
N GLN I 590 12.75 -6.74 10.33
CA GLN I 590 13.14 -5.34 10.34
C GLN I 590 14.64 -5.17 10.45
N GLY I 591 15.31 -6.04 11.21
CA GLY I 591 16.76 -5.98 11.26
C GLY I 591 17.38 -6.22 9.90
N LEU I 592 16.88 -7.23 9.18
CA LEU I 592 17.36 -7.47 7.83
C LEU I 592 17.11 -6.26 6.94
N PHE I 593 15.95 -5.63 7.08
CA PHE I 593 15.64 -4.43 6.32
C PHE I 593 16.70 -3.36 6.58
N MET I 594 17.04 -3.13 7.85
CA MET I 594 18.04 -2.13 8.17
C MET I 594 19.39 -2.48 7.57
N ILE I 595 19.79 -3.74 7.66
CA ILE I 595 21.07 -4.14 7.09
C ILE I 595 21.10 -3.89 5.60
N GLY I 596 20.03 -4.30 4.91
CA GLY I 596 19.97 -4.08 3.47
C GLY I 596 20.08 -2.61 3.13
N TYR I 597 19.37 -1.77 3.88
CA TYR I 597 19.48 -0.32 3.64
C TYR I 597 20.91 0.15 3.83
N TYR I 598 21.56 -0.31 4.89
CA TYR I 598 22.91 0.17 5.18
C TYR I 598 23.89 -0.21 4.08
N HIS I 599 23.83 -1.47 3.64
CA HIS I 599 24.78 -1.92 2.62
C HIS I 599 24.63 -1.11 1.33
N GLN I 600 23.39 -1.00 0.83
CA GLN I 600 23.17 -0.32 -0.43
C GLN I 600 23.66 1.12 -0.39
N ARG I 601 23.37 1.82 0.71
CA ARG I 601 23.81 3.21 0.83
C ARG I 601 25.30 3.33 0.55
N LYS I 602 26.10 2.44 1.12
CA LYS I 602 27.54 2.51 0.93
C LYS I 602 27.94 2.12 -0.48
N ALA I 603 27.18 1.28 -1.16
CA ALA I 603 27.51 0.92 -2.54
C ALA I 603 27.54 2.14 -3.43
N LEU I 604 26.57 3.04 -3.31
CA LEU I 604 26.67 4.33 -3.95
C LEU I 604 27.85 5.10 -3.35
N PHE I 605 28.13 6.27 -3.89
CA PHE I 605 29.21 7.12 -3.40
C PHE I 605 30.56 6.44 -3.48
N THR I 606 30.66 5.28 -4.14
CA THR I 606 31.86 4.46 -4.04
C THR I 606 32.30 3.95 -5.40
N LYS I 607 32.21 4.82 -6.42
CA LYS I 607 32.97 4.60 -7.65
C LYS I 607 34.28 5.39 -7.64
N LYS I 608 34.23 6.61 -7.13
CA LYS I 608 35.40 7.47 -7.05
C LYS I 608 35.64 7.94 -5.63
N VAL J 1 12.41 -15.00 -9.99
CA VAL J 1 11.12 -14.34 -10.29
C VAL J 1 11.24 -13.48 -11.54
N SER J 2 10.21 -13.46 -12.35
CA SER J 2 10.18 -12.66 -13.57
C SER J 2 8.73 -12.60 -14.06
N LEU J 3 8.54 -12.06 -15.26
CA LEU J 3 7.21 -11.94 -15.80
C LEU J 3 6.56 -13.31 -15.91
N ASP J 4 5.40 -13.47 -15.27
CA ASP J 4 4.67 -14.72 -15.31
C ASP J 4 3.43 -14.55 -16.19
N PRO J 5 3.42 -15.10 -17.41
CA PRO J 5 2.28 -14.86 -18.30
C PRO J 5 1.03 -15.64 -17.94
N ALA J 6 0.97 -16.29 -16.78
CA ALA J 6 -0.18 -17.09 -16.40
C ALA J 6 -0.72 -16.73 -15.02
N ARG J 7 -0.32 -15.59 -14.45
CA ARG J 7 -0.73 -15.28 -13.09
C ARG J 7 -2.22 -14.97 -13.01
N THR J 8 -2.72 -14.14 -13.91
CA THR J 8 -4.15 -13.81 -14.01
C THR J 8 -4.69 -13.09 -12.79
N ASP J 9 -3.88 -12.26 -12.13
CA ASP J 9 -4.40 -11.36 -11.10
C ASP J 9 -4.69 -10.01 -11.72
N ARG J 10 -5.94 -9.57 -11.61
CA ARG J 10 -6.38 -8.42 -12.39
C ARG J 10 -5.47 -7.21 -12.25
N PRO J 11 -5.05 -6.79 -11.05
CA PRO J 11 -4.09 -5.69 -10.97
C PRO J 11 -2.81 -5.97 -11.73
N TYR J 12 -2.33 -7.21 -11.69
CA TYR J 12 -1.12 -7.56 -12.41
C TYR J 12 -1.29 -7.33 -13.91
N LEU J 13 -2.43 -7.78 -14.46
CA LEU J 13 -2.68 -7.61 -15.87
C LEU J 13 -2.78 -6.14 -16.23
N LEU J 14 -3.46 -5.35 -15.40
CA LEU J 14 -3.57 -3.92 -15.68
C LEU J 14 -2.18 -3.28 -15.71
N GLY J 15 -1.33 -3.65 -14.75
CA GLY J 15 0.02 -3.13 -14.75
C GLY J 15 0.76 -3.44 -16.03
N ARG J 16 0.63 -4.67 -16.52
CA ARG J 16 1.28 -5.03 -17.78
C ARG J 16 0.75 -4.18 -18.93
N LEU J 17 -0.57 -4.01 -18.98
CA LEU J 17 -1.18 -3.28 -20.07
C LEU J 17 -0.68 -1.84 -20.11
N PHE J 18 -0.55 -1.21 -18.95
CA PHE J 18 -0.08 0.16 -18.92
C PHE J 18 1.31 0.27 -19.54
N ALA J 19 2.21 -0.66 -19.20
CA ALA J 19 3.56 -0.61 -19.73
C ALA J 19 3.55 -0.76 -21.24
N VAL J 20 2.76 -1.69 -21.77
CA VAL J 20 2.76 -1.86 -23.21
C VAL J 20 2.22 -0.60 -23.91
N LEU J 21 1.19 0.04 -23.34
CA LEU J 21 0.70 1.27 -23.93
C LEU J 21 1.77 2.35 -23.95
N GLU J 22 2.49 2.50 -22.84
CA GLU J 22 3.55 3.49 -22.81
C GLU J 22 4.59 3.21 -23.88
N LYS J 23 4.95 1.94 -24.05
CA LYS J 23 5.93 1.59 -25.06
C LYS J 23 5.44 1.98 -26.45
N ALA J 24 4.18 1.70 -26.74
CA ALA J 24 3.63 2.07 -28.05
C ALA J 24 3.72 3.58 -28.26
N GLN J 25 3.30 4.35 -27.27
CA GLN J 25 3.38 5.80 -27.44
C GLN J 25 4.80 6.24 -27.70
N GLU J 26 5.76 5.75 -26.91
CA GLU J 26 7.14 6.15 -27.12
C GLU J 26 7.58 5.85 -28.54
N ASP J 27 7.20 4.69 -29.07
CA ASP J 27 7.56 4.37 -30.45
C ASP J 27 6.93 5.35 -31.42
N ALA J 28 5.70 5.76 -31.18
CA ALA J 28 4.97 6.58 -32.15
C ALA J 28 5.54 7.99 -32.27
N VAL J 29 5.79 8.67 -31.14
CA VAL J 29 6.22 10.07 -31.17
C VAL J 29 7.53 10.21 -30.42
N PRO J 30 8.68 10.09 -31.09
CA PRO J 30 9.95 10.14 -30.37
C PRO J 30 10.18 11.49 -29.70
N GLY J 31 10.81 11.46 -28.54
CA GLY J 31 11.26 12.68 -27.89
C GLY J 31 10.17 13.55 -27.33
N ALA J 32 9.01 13.00 -27.02
CA ALA J 32 7.93 13.81 -26.48
C ALA J 32 8.33 14.41 -25.15
N ASN J 33 7.99 15.69 -24.96
CA ASN J 33 8.28 16.34 -23.69
C ASN J 33 7.49 15.71 -22.55
N ALA J 34 6.21 15.42 -22.77
CA ALA J 34 5.34 14.83 -21.77
C ALA J 34 4.84 13.49 -22.24
N THR J 35 4.69 12.55 -21.31
CA THR J 35 4.29 11.19 -21.62
C THR J 35 3.15 10.78 -20.71
N ILE J 36 2.41 9.76 -21.15
CA ILE J 36 1.24 9.33 -20.39
C ILE J 36 1.63 8.94 -18.98
N LYS J 37 2.84 8.44 -18.78
CA LYS J 37 3.27 8.06 -17.44
C LYS J 37 3.23 9.27 -16.51
N ASP J 38 3.65 10.42 -17.00
CA ASP J 38 3.61 11.63 -16.19
C ASP J 38 2.19 12.13 -15.97
N ARG J 39 1.35 12.03 -16.99
CA ARG J 39 0.02 12.62 -16.96
C ARG J 39 -0.97 11.80 -16.15
N TYR J 40 -0.85 10.48 -16.16
CA TYR J 40 -1.94 9.61 -15.71
C TYR J 40 -1.54 8.57 -14.69
N LEU J 41 -0.25 8.34 -14.44
CA LEU J 41 0.12 7.20 -13.61
C LEU J 41 -0.58 7.24 -12.26
N ALA J 42 -0.68 8.42 -11.65
CA ALA J 42 -1.32 8.52 -10.35
C ALA J 42 -2.79 8.12 -10.42
N SER J 43 -3.49 8.58 -11.46
CA SER J 43 -4.94 8.39 -11.52
C SER J 43 -5.28 6.93 -11.82
N ALA J 44 -4.59 6.33 -12.79
CA ALA J 44 -4.98 5.01 -13.24
C ALA J 44 -4.88 3.98 -12.11
N SER J 45 -3.79 4.03 -11.34
CA SER J 45 -3.59 3.03 -10.30
C SER J 45 -4.69 3.10 -9.25
N ALA J 46 -5.28 4.27 -9.04
CA ALA J 46 -6.28 4.41 -7.99
C ALA J 46 -7.67 4.07 -8.49
N ASN J 47 -8.04 4.58 -9.66
CA ASN J 47 -9.40 4.43 -10.20
C ASN J 47 -9.31 4.00 -11.65
N PRO J 48 -9.06 2.72 -11.89
CA PRO J 48 -8.87 2.27 -13.30
C PRO J 48 -10.05 2.58 -14.18
N GLY J 49 -11.28 2.55 -13.64
CA GLY J 49 -12.45 2.68 -14.48
C GLY J 49 -12.62 4.03 -15.13
N GLN J 50 -11.81 5.01 -14.74
CA GLN J 50 -12.03 6.38 -15.20
C GLN J 50 -11.17 6.78 -16.38
N VAL J 51 -10.05 6.12 -16.63
CA VAL J 51 -9.04 6.67 -17.55
C VAL J 51 -8.70 5.71 -18.67
N PHE J 52 -8.88 4.41 -18.43
CA PHE J 52 -8.44 3.44 -19.43
C PHE J 52 -9.21 3.60 -20.73
N HIS J 53 -10.50 3.92 -20.64
CA HIS J 53 -11.27 4.17 -21.85
C HIS J 53 -10.69 5.32 -22.65
N MET J 54 -9.95 6.22 -22.00
CA MET J 54 -9.27 7.28 -22.75
C MET J 54 -7.94 6.82 -23.29
N LEU J 55 -7.16 6.10 -22.49
CA LEU J 55 -5.85 5.67 -22.96
C LEU J 55 -5.98 4.81 -24.21
N LEU J 56 -7.01 3.96 -24.26
CA LEU J 56 -7.15 3.05 -25.39
C LEU J 56 -7.40 3.79 -26.70
N LYS J 57 -8.01 4.98 -26.66
CA LYS J 57 -8.19 5.74 -27.89
C LYS J 57 -6.84 6.16 -28.47
N ASN J 58 -6.02 6.80 -27.65
CA ASN J 58 -4.71 7.21 -28.12
C ASN J 58 -3.87 6.02 -28.55
N ALA J 59 -4.13 4.85 -27.94
CA ALA J 59 -3.42 3.66 -28.38
C ALA J 59 -3.62 3.42 -29.87
N SER J 60 -4.89 3.38 -30.30
CA SER J 60 -5.17 3.20 -31.72
C SER J 60 -4.64 4.35 -32.54
N ASN J 61 -4.76 5.57 -32.01
CA ASN J 61 -4.27 6.72 -32.75
C ASN J 61 -2.79 6.58 -33.06
N HIS J 62 -2.02 6.08 -32.09
CA HIS J 62 -0.59 5.89 -32.31
C HIS J 62 -0.33 4.75 -33.27
N THR J 63 -0.99 3.61 -33.08
CA THR J 63 -0.73 2.47 -33.95
C THR J 63 -1.07 2.79 -35.39
N ALA J 64 -1.99 3.73 -35.62
CA ALA J 64 -2.34 4.08 -36.99
C ALA J 64 -1.14 4.63 -37.75
N LYS J 65 -0.34 5.49 -37.11
CA LYS J 65 0.85 6.01 -37.79
C LYS J 65 1.76 4.89 -38.22
N LEU J 66 2.09 3.98 -37.30
CA LEU J 66 3.03 2.92 -37.61
C LEU J 66 2.49 2.03 -38.73
N ARG J 67 1.25 1.57 -38.61
CA ARG J 67 0.73 0.64 -39.60
C ARG J 67 0.65 1.29 -40.97
N LYS J 68 0.74 2.61 -41.06
CA LYS J 68 0.67 3.30 -42.33
C LYS J 68 2.04 3.52 -42.97
N ASP J 69 3.10 3.06 -42.32
CA ASP J 69 4.45 3.12 -42.86
C ASP J 69 4.89 1.74 -43.31
N PRO J 70 6.08 1.64 -43.92
CA PRO J 70 6.68 0.32 -44.13
C PRO J 70 7.32 -0.24 -42.86
N GLU J 71 6.98 0.37 -41.72
CA GLU J 71 7.49 -0.06 -40.41
C GLU J 71 6.57 -1.14 -39.88
N ARG J 72 7.05 -2.38 -39.92
CA ARG J 72 6.25 -3.54 -39.49
C ARG J 72 6.76 -3.99 -38.12
N LYS J 73 6.24 -3.34 -37.08
CA LYS J 73 6.65 -3.64 -35.72
C LYS J 73 5.50 -3.45 -34.75
N ALA J 76 2.55 -3.08 -38.07
CA ALA J 76 2.82 -2.84 -36.67
C ALA J 76 1.79 -3.53 -35.80
N ILE J 77 1.68 -4.86 -35.97
CA ILE J 77 0.63 -5.62 -35.29
C ILE J 77 1.12 -6.36 -34.06
N HIS J 78 2.41 -6.27 -33.75
CA HIS J 78 2.92 -6.92 -32.55
C HIS J 78 2.20 -6.40 -31.32
N TYR J 79 2.04 -5.07 -31.23
CA TYR J 79 1.37 -4.48 -30.08
C TYR J 79 -0.09 -4.91 -30.00
N GLU J 80 -0.77 -4.97 -31.14
CA GLU J 80 -2.16 -5.42 -31.14
C GLU J 80 -2.25 -6.85 -30.65
N ILE J 81 -1.32 -7.71 -31.08
CA ILE J 81 -1.35 -9.09 -30.63
C ILE J 81 -1.16 -9.15 -29.13
N MET J 82 -0.18 -8.41 -28.60
CA MET J 82 0.03 -8.40 -27.14
C MET J 82 -1.22 -7.94 -26.41
N MET J 83 -1.85 -6.87 -26.90
CA MET J 83 -3.03 -6.36 -26.23
C MET J 83 -4.15 -7.39 -26.25
N GLN J 84 -4.32 -8.08 -27.37
CA GLN J 84 -5.32 -9.14 -27.43
C GLN J 84 -5.03 -10.22 -26.39
N GLU J 85 -3.76 -10.61 -26.26
CA GLU J 85 -3.45 -11.63 -25.25
C GLU J 85 -3.81 -11.14 -23.86
N ILE J 86 -3.39 -9.94 -23.51
CA ILE J 86 -3.53 -9.48 -22.13
C ILE J 86 -5.01 -9.28 -21.78
N ILE J 87 -5.75 -8.57 -22.65
CA ILE J 87 -7.14 -8.31 -22.31
C ILE J 87 -7.95 -9.59 -22.29
N ASP J 88 -7.44 -10.66 -22.89
CA ASP J 88 -8.23 -11.89 -23.00
C ASP J 88 -8.60 -12.45 -21.63
N ASN J 89 -7.86 -12.10 -20.59
CA ASN J 89 -8.13 -12.63 -19.26
C ASN J 89 -8.96 -11.70 -18.39
N ILE J 90 -9.06 -10.43 -18.75
CA ILE J 90 -9.82 -9.46 -17.96
C ILE J 90 -11.31 -9.70 -18.19
N SER J 91 -12.12 -9.28 -17.21
CA SER J 91 -13.56 -9.33 -17.34
C SER J 91 -14.19 -7.95 -17.22
N ASP J 92 -13.74 -7.14 -16.26
CA ASP J 92 -14.26 -5.79 -16.07
C ASP J 92 -13.20 -4.94 -15.41
N PHE J 93 -13.37 -3.62 -15.50
CA PHE J 93 -12.46 -2.69 -14.86
C PHE J 93 -12.96 -2.34 -13.45
N PRO J 94 -12.13 -2.51 -12.43
CA PRO J 94 -12.54 -2.09 -11.09
C PRO J 94 -12.79 -0.60 -11.02
N VAL J 95 -13.76 -0.20 -10.20
CA VAL J 95 -14.03 1.21 -10.00
C VAL J 95 -13.03 1.82 -9.03
N THR J 96 -12.58 1.05 -8.05
CA THR J 96 -11.60 1.51 -7.09
C THR J 96 -10.82 0.30 -6.57
N MET J 97 -9.62 0.55 -6.08
CA MET J 97 -8.72 -0.50 -5.67
C MET J 97 -8.06 -0.15 -4.34
N SER J 98 -7.69 -1.18 -3.59
CA SER J 98 -7.05 -1.00 -2.30
C SER J 98 -5.56 -0.73 -2.45
N SER J 99 -4.90 -0.45 -1.33
CA SER J 99 -3.48 -0.13 -1.37
C SER J 99 -2.64 -1.30 -1.86
N ASP J 100 -2.81 -2.47 -1.25
CA ASP J 100 -2.05 -3.64 -1.67
C ASP J 100 -2.29 -3.96 -3.14
N GLU J 101 -3.51 -3.75 -3.61
CA GLU J 101 -3.80 -3.95 -5.02
C GLU J 101 -2.97 -3.00 -5.87
N GLN J 102 -2.83 -1.76 -5.42
CA GLN J 102 -1.97 -0.82 -6.14
C GLN J 102 -0.51 -1.27 -6.14
N GLY J 103 -0.04 -1.81 -5.01
CA GLY J 103 1.31 -2.33 -4.99
C GLY J 103 1.49 -3.43 -6.01
N LEU J 104 0.52 -4.35 -6.09
CA LEU J 104 0.58 -5.41 -7.08
C LEU J 104 0.56 -4.84 -8.50
N PHE J 105 -0.24 -3.79 -8.71
CA PHE J 105 -0.27 -3.13 -10.01
C PHE J 105 1.12 -2.64 -10.40
N MET J 106 1.80 -1.96 -9.48
CA MET J 106 3.14 -1.47 -9.78
C MET J 106 4.09 -2.61 -10.05
N ILE J 107 3.99 -3.69 -9.27
CA ILE J 107 4.87 -4.83 -9.49
C ILE J 107 4.68 -5.38 -10.90
N GLY J 108 3.43 -5.56 -11.31
CA GLY J 108 3.17 -6.06 -12.65
C GLY J 108 3.72 -5.14 -13.72
N TYR J 109 3.54 -3.83 -13.53
CA TYR J 109 4.08 -2.88 -14.49
C TYR J 109 5.57 -3.07 -14.65
N TYR J 110 6.31 -3.10 -13.55
CA TYR J 110 7.75 -3.19 -13.64
C TYR J 110 8.19 -4.52 -14.24
N HIS J 111 7.51 -5.62 -13.87
CA HIS J 111 7.83 -6.90 -14.49
C HIS J 111 7.67 -6.82 -16.00
N GLN J 112 6.54 -6.27 -16.46
CA GLN J 112 6.31 -6.18 -17.89
C GLN J 112 7.38 -5.35 -18.57
N ARG J 113 7.74 -4.21 -17.98
CA ARG J 113 8.63 -3.29 -18.67
C ARG J 113 9.98 -3.95 -18.96
N LYS J 114 10.50 -4.72 -18.01
CA LYS J 114 11.82 -5.30 -18.20
C LYS J 114 11.86 -6.23 -19.40
N ALA J 115 10.80 -7.01 -19.61
CA ALA J 115 10.81 -7.97 -20.70
C ALA J 115 10.96 -7.29 -22.05
N LEU J 116 10.31 -6.13 -22.23
CA LEU J 116 10.31 -5.47 -23.52
C LEU J 116 11.71 -5.12 -24.00
N PHE J 117 12.66 -4.95 -23.09
CA PHE J 117 13.99 -4.49 -23.45
C PHE J 117 15.01 -5.63 -23.54
N THR J 118 14.57 -6.87 -23.44
CA THR J 118 15.47 -7.99 -23.67
C THR J 118 15.70 -8.17 -25.17
N LYS J 119 16.73 -8.95 -25.49
CA LYS J 119 17.05 -9.21 -26.89
C LYS J 119 15.98 -10.07 -27.55
N VAL K 1 -10.55 -16.68 -19.28
CA VAL K 1 -11.58 -15.75 -19.82
C VAL K 1 -11.40 -15.59 -21.32
N SER K 2 -12.51 -15.41 -22.02
CA SER K 2 -12.51 -15.21 -23.46
C SER K 2 -13.89 -14.71 -23.85
N LEU K 3 -14.16 -14.65 -25.15
CA LEU K 3 -15.46 -14.20 -25.62
C LEU K 3 -16.57 -15.05 -25.02
N ASP K 4 -17.52 -14.39 -24.38
CA ASP K 4 -18.68 -15.07 -23.79
C ASP K 4 -19.90 -14.83 -24.68
N PRO K 5 -20.40 -15.84 -25.37
CA PRO K 5 -21.51 -15.60 -26.31
C PRO K 5 -22.88 -15.48 -25.65
N ALA K 6 -22.95 -15.30 -24.33
CA ALA K 6 -24.24 -15.19 -23.65
C ALA K 6 -24.23 -14.10 -22.58
N ARG K 7 -23.37 -13.09 -22.71
CA ARG K 7 -23.30 -12.06 -21.67
C ARG K 7 -24.54 -11.16 -21.70
N THR K 8 -24.95 -10.73 -22.89
CA THR K 8 -26.16 -9.93 -23.04
C THR K 8 -26.05 -8.54 -22.43
N ASP K 9 -24.84 -8.14 -22.06
CA ASP K 9 -24.63 -6.77 -21.60
C ASP K 9 -24.51 -5.85 -22.80
N ARG K 10 -25.35 -4.82 -22.84
CA ARG K 10 -25.51 -4.02 -24.06
C ARG K 10 -24.19 -3.45 -24.58
N PRO K 11 -23.36 -2.82 -23.76
CA PRO K 11 -22.06 -2.35 -24.29
C PRO K 11 -21.22 -3.49 -24.84
N TYR K 12 -21.26 -4.65 -24.22
CA TYR K 12 -20.51 -5.80 -24.71
C TYR K 12 -20.95 -6.16 -26.12
N LEU K 13 -22.27 -6.22 -26.35
CA LEU K 13 -22.79 -6.55 -27.66
C LEU K 13 -22.40 -5.48 -28.67
N LEU K 14 -22.46 -4.21 -28.27
CA LEU K 14 -22.08 -3.14 -29.19
C LEU K 14 -20.62 -3.28 -29.62
N GLY K 15 -19.75 -3.57 -28.67
CA GLY K 15 -18.35 -3.79 -29.03
C GLY K 15 -18.19 -4.93 -30.02
N ARG K 16 -18.89 -6.04 -29.78
CA ARG K 16 -18.80 -7.16 -30.71
C ARG K 16 -19.25 -6.74 -32.11
N LEU K 17 -20.36 -6.00 -32.17
CA LEU K 17 -20.89 -5.58 -33.46
C LEU K 17 -19.88 -4.70 -34.19
N PHE K 18 -19.26 -3.76 -33.48
CA PHE K 18 -18.27 -2.91 -34.12
C PHE K 18 -17.11 -3.72 -34.66
N ALA K 19 -16.65 -4.71 -33.89
CA ALA K 19 -15.55 -5.54 -34.36
C ALA K 19 -15.91 -6.24 -35.66
N VAL K 20 -17.10 -6.83 -35.73
CA VAL K 20 -17.46 -7.57 -36.94
C VAL K 20 -17.60 -6.61 -38.11
N LEU K 21 -18.15 -5.41 -37.88
CA LEU K 21 -18.29 -4.45 -38.97
C LEU K 21 -16.93 -4.07 -39.55
N GLU K 22 -15.96 -3.79 -38.67
CA GLU K 22 -14.65 -3.41 -39.17
C GLU K 22 -13.99 -4.56 -39.92
N LYS K 23 -14.15 -5.80 -39.43
CA LYS K 23 -13.62 -6.93 -40.17
C LYS K 23 -14.23 -7.01 -41.56
N ALA K 24 -15.54 -6.80 -41.67
CA ALA K 24 -16.20 -6.85 -42.96
C ALA K 24 -15.59 -5.81 -43.91
N GLN K 25 -15.49 -4.57 -43.45
CA GLN K 25 -14.90 -3.55 -44.33
C GLN K 25 -13.50 -3.97 -44.75
N GLU K 26 -12.67 -4.39 -43.79
CA GLU K 26 -11.32 -4.79 -44.13
C GLU K 26 -11.32 -5.80 -45.26
N ASP K 27 -12.17 -6.83 -45.18
CA ASP K 27 -12.24 -7.79 -46.27
C ASP K 27 -12.68 -7.15 -47.57
N ALA K 28 -13.64 -6.23 -47.52
CA ALA K 28 -14.19 -5.66 -48.76
C ALA K 28 -13.19 -4.79 -49.52
N VAL K 29 -12.45 -3.93 -48.83
CA VAL K 29 -11.60 -2.94 -49.49
C VAL K 29 -10.18 -3.06 -48.96
N PRO K 30 -9.36 -3.96 -49.49
CA PRO K 30 -8.02 -4.14 -48.93
C PRO K 30 -7.16 -2.90 -49.08
N GLY K 31 -6.29 -2.68 -48.09
CA GLY K 31 -5.32 -1.61 -48.17
C GLY K 31 -5.88 -0.22 -48.05
N ALA K 32 -7.05 -0.06 -47.44
CA ALA K 32 -7.65 1.26 -47.32
C ALA K 32 -6.77 2.18 -46.48
N ASN K 33 -6.68 3.44 -46.90
CA ASN K 33 -5.90 4.42 -46.16
C ASN K 33 -6.56 4.74 -44.82
N ALA K 34 -7.86 5.04 -44.83
CA ALA K 34 -8.60 5.44 -43.65
C ALA K 34 -9.73 4.45 -43.41
N THR K 35 -9.65 3.70 -42.32
CA THR K 35 -10.67 2.72 -41.99
C THR K 35 -11.75 3.34 -41.12
N ILE K 36 -12.83 2.60 -40.93
CA ILE K 36 -13.96 3.12 -40.17
C ILE K 36 -13.56 3.42 -38.74
N LYS K 37 -12.71 2.60 -38.13
CA LYS K 37 -12.35 2.86 -36.75
C LYS K 37 -11.47 4.09 -36.61
N ASP K 38 -10.63 4.38 -37.60
CA ASP K 38 -9.89 5.63 -37.58
C ASP K 38 -10.83 6.82 -37.67
N ARG K 39 -12.03 6.61 -38.20
CA ARG K 39 -12.93 7.73 -38.45
C ARG K 39 -13.92 7.93 -37.30
N TYR K 40 -14.35 6.85 -36.67
CA TYR K 40 -15.53 6.89 -35.81
C TYR K 40 -15.34 6.28 -34.43
N LEU K 41 -14.14 5.82 -34.07
CA LEU K 41 -14.00 5.04 -32.85
C LEU K 41 -14.48 5.81 -31.63
N ALA K 42 -14.08 7.08 -31.52
CA ALA K 42 -14.45 7.86 -30.34
C ALA K 42 -15.96 8.03 -30.24
N SER K 43 -16.58 8.50 -31.32
CA SER K 43 -18.01 8.75 -31.28
C SER K 43 -18.79 7.47 -31.05
N ALA K 44 -18.37 6.37 -31.67
CA ALA K 44 -19.09 5.11 -31.52
C ALA K 44 -19.16 4.71 -30.06
N SER K 45 -18.05 4.84 -29.34
CA SER K 45 -18.05 4.47 -27.92
C SER K 45 -18.77 5.50 -27.07
N ALA K 46 -18.71 6.79 -27.44
CA ALA K 46 -19.30 7.81 -26.60
C ALA K 46 -20.81 7.93 -26.81
N ASN K 47 -21.25 8.02 -28.06
CA ASN K 47 -22.65 8.27 -28.39
C ASN K 47 -23.11 7.28 -29.44
N PRO K 48 -23.42 6.05 -29.04
CA PRO K 48 -23.79 5.03 -30.03
C PRO K 48 -24.94 5.44 -30.93
N GLY K 49 -25.96 6.10 -30.38
CA GLY K 49 -27.14 6.44 -31.17
C GLY K 49 -26.86 7.39 -32.31
N GLN K 50 -25.72 8.07 -32.30
CA GLN K 50 -25.46 9.09 -33.30
C GLN K 50 -25.07 8.50 -34.66
N VAL K 51 -24.33 7.39 -34.67
CA VAL K 51 -23.63 6.98 -35.89
C VAL K 51 -23.99 5.56 -36.32
N PHE K 52 -24.41 4.73 -35.38
CA PHE K 52 -24.46 3.30 -35.65
C PHE K 52 -25.39 2.98 -36.82
N HIS K 53 -26.48 3.73 -36.98
CA HIS K 53 -27.42 3.41 -38.04
C HIS K 53 -26.77 3.51 -39.41
N MET K 54 -26.01 4.59 -39.65
CA MET K 54 -25.37 4.75 -40.95
C MET K 54 -24.23 3.78 -41.14
N LEU K 55 -23.53 3.41 -40.06
CA LEU K 55 -22.52 2.37 -40.18
C LEU K 55 -23.17 1.06 -40.63
N LEU K 56 -24.32 0.72 -40.05
CA LEU K 56 -25.04 -0.47 -40.48
C LEU K 56 -25.45 -0.35 -41.94
N LYS K 57 -25.93 0.82 -42.34
CA LYS K 57 -26.36 1.02 -43.72
C LYS K 57 -25.22 0.70 -44.69
N ASN K 58 -24.04 1.29 -44.45
CA ASN K 58 -22.93 1.08 -45.36
C ASN K 58 -22.50 -0.38 -45.42
N ALA K 59 -22.69 -1.11 -44.32
CA ALA K 59 -22.22 -2.50 -44.28
C ALA K 59 -22.78 -3.30 -45.44
N SER K 60 -24.04 -3.07 -45.80
CA SER K 60 -24.65 -3.82 -46.89
C SER K 60 -23.80 -3.78 -48.15
N ASN K 61 -23.23 -2.63 -48.48
CA ASN K 61 -22.42 -2.52 -49.68
C ASN K 61 -21.22 -3.45 -49.62
N HIS K 62 -20.54 -3.49 -48.49
CA HIS K 62 -19.36 -4.34 -48.38
C HIS K 62 -19.73 -5.81 -48.57
N THR K 63 -20.79 -6.26 -47.88
CA THR K 63 -21.22 -7.65 -48.05
C THR K 63 -21.68 -7.91 -49.47
N ALA K 64 -22.45 -6.99 -50.04
CA ALA K 64 -22.94 -7.19 -51.40
C ALA K 64 -21.79 -7.38 -52.37
N LYS K 65 -20.75 -6.56 -52.24
CA LYS K 65 -19.60 -6.70 -53.14
C LYS K 65 -18.93 -8.06 -52.97
N LEU K 66 -18.75 -8.51 -51.73
CA LEU K 66 -18.06 -9.77 -51.51
C LEU K 66 -18.82 -10.94 -52.12
N ARG K 67 -20.10 -11.07 -51.79
CA ARG K 67 -20.87 -12.24 -52.22
C ARG K 67 -21.16 -12.25 -53.70
N LYS K 68 -20.66 -11.27 -54.46
CA LYS K 68 -20.86 -11.25 -55.90
C LYS K 68 -19.86 -12.13 -56.64
N ASP K 69 -18.91 -12.73 -55.95
CA ASP K 69 -17.87 -13.55 -56.54
C ASP K 69 -17.75 -14.85 -55.77
N PRO K 70 -17.10 -15.87 -56.35
CA PRO K 70 -17.00 -17.17 -55.65
C PRO K 70 -16.11 -17.11 -54.41
N GLU K 71 -16.53 -16.31 -53.44
CA GLU K 71 -15.93 -16.26 -52.12
C GLU K 71 -17.03 -16.14 -51.09
N ARG K 72 -16.89 -16.85 -49.98
CA ARG K 72 -17.92 -16.87 -48.95
C ARG K 72 -17.25 -16.99 -47.59
N LYS K 73 -18.08 -16.96 -46.56
CA LYS K 73 -17.60 -17.08 -45.20
C LYS K 73 -18.48 -18.05 -44.42
N ALA K 76 -19.54 -14.46 -46.65
CA ALA K 76 -20.23 -13.25 -46.24
C ALA K 76 -21.49 -13.59 -45.46
N ILE K 77 -22.09 -14.72 -45.83
CA ILE K 77 -23.28 -15.17 -45.12
C ILE K 77 -22.97 -15.34 -43.64
N HIS K 78 -21.76 -15.81 -43.33
CA HIS K 78 -21.37 -15.97 -41.93
C HIS K 78 -21.35 -14.63 -41.21
N TYR K 79 -20.79 -13.60 -41.85
CA TYR K 79 -20.74 -12.28 -41.23
C TYR K 79 -22.13 -11.73 -40.99
N GLU K 80 -22.99 -11.78 -42.01
CA GLU K 80 -24.33 -11.26 -41.82
C GLU K 80 -25.10 -12.07 -40.78
N ILE K 81 -24.82 -13.37 -40.67
CA ILE K 81 -25.46 -14.18 -39.64
C ILE K 81 -25.06 -13.68 -38.27
N MET K 82 -23.76 -13.45 -38.06
CA MET K 82 -23.34 -12.88 -36.78
C MET K 82 -24.03 -11.55 -36.52
N MET K 83 -24.07 -10.68 -37.52
CA MET K 83 -24.65 -9.37 -37.32
C MET K 83 -26.12 -9.49 -36.92
N GLN K 84 -26.87 -10.34 -37.60
CA GLN K 84 -28.29 -10.47 -37.31
C GLN K 84 -28.51 -11.05 -35.92
N GLU K 85 -27.78 -12.12 -35.59
CA GLU K 85 -27.98 -12.73 -34.28
C GLU K 85 -27.60 -11.77 -33.16
N ILE K 86 -26.60 -10.93 -33.37
CA ILE K 86 -26.22 -9.96 -32.34
C ILE K 86 -27.29 -8.88 -32.21
N ILE K 87 -27.67 -8.26 -33.32
CA ILE K 87 -28.67 -7.19 -33.26
C ILE K 87 -30.03 -7.69 -32.85
N ASP K 88 -30.24 -9.01 -32.83
CA ASP K 88 -31.49 -9.53 -32.31
C ASP K 88 -31.65 -9.22 -30.83
N ASN K 89 -30.56 -9.30 -30.06
CA ASN K 89 -30.64 -9.13 -28.62
C ASN K 89 -30.64 -7.67 -28.18
N ILE K 90 -30.05 -6.77 -28.96
CA ILE K 90 -30.01 -5.37 -28.57
C ILE K 90 -31.41 -4.80 -28.60
N SER K 91 -31.78 -4.09 -27.54
CA SER K 91 -33.11 -3.48 -27.47
C SER K 91 -33.13 -2.13 -28.18
N ASP K 92 -32.20 -1.25 -27.84
CA ASP K 92 -32.14 0.07 -28.44
C ASP K 92 -30.76 0.66 -28.23
N PHE K 93 -30.36 1.53 -29.15
CA PHE K 93 -29.08 2.20 -29.04
C PHE K 93 -29.16 3.33 -28.02
N PRO K 94 -28.35 3.32 -26.97
CA PRO K 94 -28.39 4.43 -26.01
C PRO K 94 -27.90 5.72 -26.65
N VAL K 95 -28.39 6.84 -26.13
CA VAL K 95 -27.92 8.14 -26.61
C VAL K 95 -26.56 8.46 -26.03
N THR K 96 -26.28 8.02 -24.80
CA THR K 96 -25.01 8.30 -24.16
C THR K 96 -24.68 7.18 -23.19
N MET K 97 -23.39 7.06 -22.85
CA MET K 97 -22.89 6.01 -21.99
C MET K 97 -21.92 6.59 -20.97
N SER K 98 -21.82 5.92 -19.82
CA SER K 98 -20.90 6.32 -18.77
C SER K 98 -19.49 5.78 -19.06
N SER K 99 -18.55 6.16 -18.19
CA SER K 99 -17.16 5.79 -18.41
C SER K 99 -16.95 4.28 -18.31
N ASP K 100 -17.42 3.68 -17.23
CA ASP K 100 -17.28 2.23 -17.06
C ASP K 100 -17.94 1.49 -18.21
N GLU K 101 -19.08 1.98 -18.68
CA GLU K 101 -19.72 1.38 -19.84
C GLU K 101 -18.82 1.47 -21.06
N GLN K 102 -18.12 2.60 -21.23
CA GLN K 102 -17.19 2.71 -22.34
C GLN K 102 -16.05 1.71 -22.20
N GLY K 103 -15.56 1.47 -20.99
CA GLY K 103 -14.54 0.45 -20.82
C GLY K 103 -15.04 -0.93 -21.18
N LEU K 104 -16.26 -1.24 -20.76
CA LEU K 104 -16.86 -2.52 -21.12
C LEU K 104 -16.99 -2.65 -22.62
N PHE K 105 -17.30 -1.56 -23.31
CA PHE K 105 -17.36 -1.56 -24.76
C PHE K 105 -16.03 -2.04 -25.36
N MET K 106 -14.92 -1.48 -24.88
CA MET K 106 -13.62 -1.87 -25.41
C MET K 106 -13.31 -3.33 -25.10
N ILE K 107 -13.66 -3.77 -23.88
CA ILE K 107 -13.40 -5.16 -23.53
C ILE K 107 -14.14 -6.09 -24.50
N GLY K 108 -15.42 -5.81 -24.74
CA GLY K 108 -16.16 -6.62 -25.68
C GLY K 108 -15.56 -6.59 -27.06
N TYR K 109 -15.15 -5.40 -27.51
CA TYR K 109 -14.54 -5.29 -28.83
C TYR K 109 -13.34 -6.20 -28.95
N TYR K 110 -12.44 -6.16 -27.97
CA TYR K 110 -11.22 -6.95 -28.08
C TYR K 110 -11.52 -8.44 -27.98
N HIS K 111 -12.40 -8.83 -27.06
CA HIS K 111 -12.78 -10.23 -26.97
C HIS K 111 -13.31 -10.74 -28.30
N GLN K 112 -14.20 -9.96 -28.92
CA GLN K 112 -14.75 -10.38 -30.20
C GLN K 112 -13.66 -10.47 -31.26
N ARG K 113 -12.77 -9.49 -31.32
CA ARG K 113 -11.79 -9.46 -32.39
C ARG K 113 -10.82 -10.62 -32.28
N LYS K 114 -10.43 -11.00 -31.07
CA LYS K 114 -9.49 -12.11 -30.94
C LYS K 114 -10.07 -13.38 -31.55
N ALA K 115 -11.36 -13.61 -31.37
CA ALA K 115 -11.96 -14.84 -31.86
C ALA K 115 -11.84 -14.97 -33.37
N LEU K 116 -12.07 -13.87 -34.09
CA LEU K 116 -12.13 -13.94 -35.54
C LEU K 116 -10.84 -14.47 -36.16
N PHE K 117 -9.70 -14.27 -35.53
CA PHE K 117 -8.43 -14.71 -36.07
C PHE K 117 -8.02 -16.09 -35.56
N THR K 118 -8.87 -16.73 -34.75
CA THR K 118 -8.56 -18.05 -34.26
C THR K 118 -8.65 -19.09 -35.38
N LYS K 119 -8.13 -20.28 -35.10
CA LYS K 119 -8.21 -21.38 -36.05
C LYS K 119 -7.45 -21.06 -37.32
#